data_9JO6
#
_entry.id   9JO6
#
loop_
_entity.id
_entity.type
_entity.pdbx_description
1 polymer Alpha-synuclein
2 polymer PD6
#
loop_
_entity_poly.entity_id
_entity_poly.type
_entity_poly.pdbx_seq_one_letter_code
_entity_poly.pdbx_strand_id
1 'polypeptide(L)'
;MDVFMKGLSKAKEGVVAAAEKTKQGVAEAAGKTKEGVLYVGSKTKEGVVHGVATVAEKTKEQVTNVGGAVVTGVTAVAQK
TVEGAGSIAAATGFVKKDQLGKNEEGAPQEGILEDMPVDPDNEAYEMPSEEGYQDYEPEA
;
A
2 'polypeptide(L)' HVNELSRIKLRVCQPSRSEIHFKVKMTTHLKKLKESYCQRQ B
#
# COMPACT_ATOMS: atom_id res chain seq x y z
N MET A 1 -23.71 -7.55 8.81
CA MET A 1 -22.30 -7.25 8.57
C MET A 1 -21.84 -7.87 7.25
N ASP A 2 -22.09 -7.13 6.16
CA ASP A 2 -21.74 -7.55 4.81
C ASP A 2 -20.23 -7.78 4.63
N VAL A 3 -19.89 -8.87 3.92
CA VAL A 3 -18.50 -9.28 3.66
C VAL A 3 -17.53 -9.00 4.80
N PHE A 4 -17.42 -9.94 5.73
CA PHE A 4 -16.52 -9.79 6.86
C PHE A 4 -15.67 -11.03 7.07
N MET A 5 -14.35 -10.85 7.02
CA MET A 5 -13.40 -11.94 7.20
C MET A 5 -11.99 -11.39 7.38
N LYS A 6 -11.09 -12.21 7.89
CA LYS A 6 -9.71 -11.82 8.09
C LYS A 6 -8.79 -12.79 7.36
N GLY A 7 -8.24 -12.36 6.23
CA GLY A 7 -7.35 -13.21 5.47
C GLY A 7 -6.07 -13.54 6.21
N LEU A 8 -5.75 -12.72 7.21
CA LEU A 8 -4.54 -12.90 8.00
C LEU A 8 -4.77 -13.80 9.21
N SER A 9 -5.88 -14.55 9.22
CA SER A 9 -6.18 -15.44 10.33
C SER A 9 -5.38 -16.75 10.25
N LYS A 10 -5.21 -17.26 9.03
CA LYS A 10 -4.46 -18.49 8.83
C LYS A 10 -4.16 -18.72 7.34
N ALA A 11 -3.10 -18.08 6.87
CA ALA A 11 -2.70 -18.22 5.48
C ALA A 11 -1.31 -18.82 5.38
N LYS A 12 -1.23 -20.03 4.81
CA LYS A 12 0.03 -20.75 4.64
C LYS A 12 0.60 -21.23 5.98
N GLU A 13 1.89 -21.52 5.98
CA GLU A 13 2.58 -21.99 7.17
C GLU A 13 3.95 -21.33 7.24
N GLY A 14 4.75 -21.72 8.23
CA GLY A 14 6.07 -21.14 8.38
C GLY A 14 6.44 -20.94 9.83
N VAL A 15 7.67 -20.50 10.06
CA VAL A 15 8.16 -20.25 11.41
C VAL A 15 8.50 -18.77 11.57
N VAL A 16 7.79 -18.11 12.48
CA VAL A 16 8.02 -16.70 12.74
C VAL A 16 8.24 -16.46 14.22
N ALA A 17 8.82 -15.33 14.57
CA ALA A 17 9.09 -15.01 15.96
C ALA A 17 7.94 -14.20 16.56
N ALA A 18 7.48 -14.61 17.73
CA ALA A 18 6.39 -13.92 18.41
C ALA A 18 6.82 -12.54 18.89
N ALA A 19 8.12 -12.39 19.14
CA ALA A 19 8.67 -11.13 19.60
C ALA A 19 8.95 -10.21 18.42
N GLU A 20 9.28 -10.81 17.28
CA GLU A 20 9.57 -10.04 16.07
C GLU A 20 8.28 -9.68 15.35
N LYS A 21 7.45 -8.90 16.02
CA LYS A 21 6.19 -8.48 15.46
C LYS A 21 6.02 -6.97 15.56
N THR A 22 6.25 -6.29 14.45
CA THR A 22 6.12 -4.84 14.39
C THR A 22 4.64 -4.44 14.41
N LYS A 23 4.38 -3.19 14.73
CA LYS A 23 3.01 -2.68 14.78
C LYS A 23 2.90 -1.38 14.00
N GLN A 24 3.77 -1.23 13.02
CA GLN A 24 3.80 -0.04 12.18
C GLN A 24 4.52 -0.33 10.88
N GLY A 25 4.38 0.55 9.91
CA GLY A 25 5.05 0.37 8.64
C GLY A 25 4.13 -0.15 7.55
N VAL A 26 2.87 -0.37 7.90
CA VAL A 26 1.89 -0.85 6.94
C VAL A 26 1.55 0.22 5.92
N ALA A 27 2.18 0.13 4.75
CA ALA A 27 1.96 1.10 3.69
C ALA A 27 0.77 0.71 2.82
N GLU A 28 -0.40 0.71 3.42
CA GLU A 28 -1.63 0.37 2.71
C GLU A 28 -2.30 1.62 2.17
N ALA A 29 -3.46 1.46 1.54
CA ALA A 29 -4.18 2.58 0.97
C ALA A 29 -4.84 3.43 2.06
N ALA A 30 -4.03 4.25 2.71
CA ALA A 30 -4.53 5.11 3.78
C ALA A 30 -3.97 6.53 3.62
N GLY A 31 -3.87 6.98 2.38
CA GLY A 31 -3.34 8.31 2.12
C GLY A 31 -3.75 8.83 0.76
N LYS A 32 -3.78 10.16 0.63
CA LYS A 32 -4.14 10.81 -0.62
C LYS A 32 -2.98 10.76 -1.59
N THR A 33 -2.88 9.64 -2.32
CA THR A 33 -1.80 9.44 -3.28
C THR A 33 -2.01 10.27 -4.55
N LYS A 34 -0.91 10.67 -5.18
CA LYS A 34 -0.95 11.47 -6.39
C LYS A 34 0.12 10.97 -7.36
N GLU A 35 0.06 11.42 -8.60
CA GLU A 35 1.05 11.04 -9.60
C GLU A 35 2.36 11.76 -9.30
N GLY A 36 2.30 13.08 -9.26
CA GLY A 36 3.47 13.87 -8.97
C GLY A 36 4.12 14.43 -10.20
N VAL A 37 5.44 14.35 -10.28
CA VAL A 37 6.20 14.85 -11.41
C VAL A 37 7.63 14.31 -11.33
N LEU A 38 8.27 14.17 -12.48
CA LEU A 38 9.63 13.67 -12.52
C LEU A 38 10.63 14.82 -12.50
N TYR A 39 11.41 14.88 -11.44
CA TYR A 39 12.40 15.94 -11.31
C TYR A 39 13.82 15.37 -11.37
N VAL A 40 14.59 15.86 -12.32
CA VAL A 40 15.97 15.43 -12.48
C VAL A 40 16.89 16.59 -12.13
N GLY A 41 18.14 16.30 -11.82
CA GLY A 41 19.07 17.36 -11.47
C GLY A 41 20.25 17.44 -12.40
N SER A 42 21.16 18.37 -12.12
CA SER A 42 22.35 18.56 -12.93
C SER A 42 23.33 17.40 -12.73
N LYS A 43 23.08 16.62 -11.70
CA LYS A 43 23.91 15.47 -11.39
C LYS A 43 23.13 14.21 -11.68
N THR A 44 23.69 13.33 -12.50
CA THR A 44 23.05 12.09 -12.89
C THR A 44 22.65 11.25 -11.68
N LYS A 45 23.64 10.87 -10.86
CA LYS A 45 23.41 10.05 -9.67
C LYS A 45 23.04 8.62 -10.09
N GLU A 46 23.59 7.63 -9.41
CA GLU A 46 23.31 6.23 -9.73
C GLU A 46 21.82 5.95 -9.52
N GLY A 47 21.29 6.46 -8.42
CA GLY A 47 19.89 6.27 -8.10
C GLY A 47 19.67 5.03 -7.28
N VAL A 48 20.77 4.36 -6.93
CA VAL A 48 20.75 3.14 -6.14
C VAL A 48 20.31 1.95 -6.99
N VAL A 49 21.03 0.84 -6.84
CA VAL A 49 20.73 -0.39 -7.58
C VAL A 49 19.26 -0.77 -7.46
N HIS A 50 18.56 -0.72 -8.58
CA HIS A 50 17.14 -1.05 -8.62
C HIS A 50 16.94 -2.55 -8.42
N GLY A 51 15.86 -2.91 -7.74
CA GLY A 51 15.57 -4.30 -7.48
C GLY A 51 14.21 -4.71 -8.01
N VAL A 52 13.73 -5.86 -7.56
CA VAL A 52 12.45 -6.38 -7.98
C VAL A 52 11.41 -6.24 -6.88
N ALA A 53 10.15 -6.51 -7.22
CA ALA A 53 9.06 -6.40 -6.26
C ALA A 53 8.83 -7.74 -5.54
N THR A 54 9.35 -8.80 -6.12
CA THR A 54 9.20 -10.13 -5.54
C THR A 54 10.22 -10.36 -4.41
N VAL A 55 10.18 -9.46 -3.43
CA VAL A 55 11.09 -9.54 -2.28
C VAL A 55 10.60 -10.60 -1.31
N ALA A 56 11.48 -11.54 -0.99
CA ALA A 56 11.15 -12.62 -0.07
C ALA A 56 10.88 -12.10 1.35
N GLU A 57 11.95 -11.78 2.05
CA GLU A 57 11.83 -11.27 3.41
C GLU A 57 11.70 -9.75 3.39
N LYS A 58 10.47 -9.27 3.52
CA LYS A 58 10.21 -7.83 3.51
C LYS A 58 9.86 -7.35 4.91
N THR A 59 10.88 -7.01 5.68
CA THR A 59 10.69 -6.52 7.04
C THR A 59 10.80 -5.00 7.09
N LYS A 60 10.52 -4.43 8.27
CA LYS A 60 10.58 -2.99 8.48
C LYS A 60 10.32 -2.66 9.94
N GLU A 61 11.36 -2.77 10.77
CA GLU A 61 11.22 -2.48 12.20
C GLU A 61 11.03 -1.00 12.46
N GLN A 62 11.92 -0.18 11.88
CA GLN A 62 11.88 1.28 12.04
C GLN A 62 12.30 1.65 13.45
N VAL A 63 13.56 2.05 13.62
CA VAL A 63 14.08 2.41 14.93
C VAL A 63 13.45 3.70 15.48
N THR A 64 12.22 3.56 15.95
CA THR A 64 11.48 4.68 16.52
C THR A 64 11.85 4.87 17.98
N ASN A 65 13.12 5.14 18.22
CA ASN A 65 13.63 5.34 19.58
C ASN A 65 14.63 6.47 19.63
N VAL A 66 15.74 6.30 18.90
CA VAL A 66 16.79 7.30 18.87
C VAL A 66 16.45 8.43 17.89
N GLY A 67 15.49 9.25 18.27
CA GLY A 67 15.09 10.37 17.44
C GLY A 67 13.99 10.01 16.46
N GLY A 68 13.50 11.01 15.75
CA GLY A 68 12.44 10.80 14.78
C GLY A 68 11.98 12.11 14.19
N ALA A 69 11.05 12.06 13.26
CA ALA A 69 10.53 13.26 12.63
C ALA A 69 9.02 13.19 12.48
N VAL A 70 8.31 14.09 13.12
CA VAL A 70 6.85 14.13 13.04
C VAL A 70 6.41 15.07 11.93
N VAL A 71 5.64 14.55 10.98
CA VAL A 71 5.18 15.35 9.85
C VAL A 71 3.65 15.33 9.76
N THR A 72 3.06 16.51 9.67
CA THR A 72 1.62 16.65 9.56
C THR A 72 1.20 16.59 8.09
N GLY A 73 2.17 16.81 7.21
CA GLY A 73 1.90 16.81 5.77
C GLY A 73 1.63 15.42 5.22
N VAL A 74 1.41 15.36 3.92
CA VAL A 74 1.12 14.10 3.24
C VAL A 74 2.35 13.21 3.13
N THR A 75 3.52 13.84 3.13
CA THR A 75 4.79 13.12 3.03
C THR A 75 5.12 12.30 4.28
N ALA A 76 4.20 12.30 5.24
CA ALA A 76 4.40 11.55 6.48
C ALA A 76 4.16 10.06 6.25
N VAL A 77 3.65 9.73 5.07
CA VAL A 77 3.38 8.35 4.70
C VAL A 77 3.84 8.12 3.27
N ALA A 78 4.43 6.97 3.00
CA ALA A 78 4.90 6.65 1.66
C ALA A 78 4.68 5.17 1.34
N GLN A 79 3.68 4.92 0.50
CA GLN A 79 3.36 3.55 0.10
C GLN A 79 4.43 3.00 -0.83
N LYS A 80 4.74 1.73 -0.67
CA LYS A 80 5.73 1.06 -1.50
C LYS A 80 5.19 -0.26 -2.02
N THR A 81 5.63 -0.63 -3.21
CA THR A 81 5.20 -1.87 -3.87
C THR A 81 3.68 -1.94 -4.09
N VAL A 82 3.14 -0.89 -4.69
CA VAL A 82 1.71 -0.84 -4.98
C VAL A 82 1.49 -0.74 -6.50
N GLU A 83 2.60 -0.87 -7.24
CA GLU A 83 2.57 -0.82 -8.71
C GLU A 83 2.67 -2.24 -9.27
N GLY A 84 2.56 -3.21 -8.37
CA GLY A 84 2.64 -4.60 -8.78
C GLY A 84 2.39 -5.53 -7.60
N ALA A 85 2.77 -6.80 -7.75
CA ALA A 85 2.57 -7.78 -6.70
C ALA A 85 3.48 -7.52 -5.50
N GLY A 86 2.93 -6.86 -4.50
CA GLY A 86 3.67 -6.54 -3.29
C GLY A 86 3.17 -7.31 -2.08
N SER A 87 4.10 -7.87 -1.33
CA SER A 87 3.78 -8.65 -0.14
C SER A 87 3.15 -7.79 0.96
N ILE A 88 3.37 -6.48 0.88
CA ILE A 88 2.85 -5.55 1.87
C ILE A 88 1.49 -4.99 1.46
N ALA A 89 1.06 -5.30 0.24
CA ALA A 89 -0.22 -4.80 -0.28
C ALA A 89 -1.38 -5.71 0.11
N ALA A 90 -1.12 -6.62 1.05
CA ALA A 90 -2.15 -7.54 1.51
C ALA A 90 -2.19 -7.54 3.03
N ALA A 91 -1.56 -6.54 3.62
CA ALA A 91 -1.51 -6.42 5.07
C ALA A 91 -2.76 -5.69 5.57
N THR A 92 -3.71 -5.49 4.66
CA THR A 92 -4.97 -4.80 4.94
C THR A 92 -5.65 -5.33 6.21
N GLY A 93 -6.23 -4.41 6.97
CA GLY A 93 -6.92 -4.81 8.19
C GLY A 93 -8.31 -5.33 7.88
N PHE A 94 -9.07 -4.53 7.16
CA PHE A 94 -10.43 -4.92 6.81
C PHE A 94 -10.42 -5.80 5.58
N VAL A 95 -11.36 -6.72 5.52
CA VAL A 95 -11.48 -7.64 4.40
C VAL A 95 -11.75 -6.93 3.08
N LYS A 96 -12.35 -5.74 3.16
CA LYS A 96 -12.66 -4.97 1.96
C LYS A 96 -11.72 -3.77 1.80
N LYS A 97 -10.70 -3.95 0.96
CA LYS A 97 -9.72 -2.90 0.70
C LYS A 97 -8.79 -3.36 -0.41
N ASP A 98 -9.37 -3.61 -1.57
CA ASP A 98 -8.64 -4.08 -2.74
C ASP A 98 -7.93 -2.94 -3.48
N GLN A 99 -7.77 -1.80 -2.81
CA GLN A 99 -7.12 -0.65 -3.42
C GLN A 99 -5.61 -0.71 -3.23
N LEU A 100 -5.00 -1.81 -3.68
CA LEU A 100 -3.55 -2.00 -3.55
C LEU A 100 -3.02 -2.91 -4.66
N GLY A 101 -3.02 -2.41 -5.89
CA GLY A 101 -2.53 -3.19 -6.99
C GLY A 101 -2.72 -2.52 -8.33
N LYS A 102 -2.16 -3.10 -9.37
CA LYS A 102 -2.27 -2.57 -10.72
C LYS A 102 -2.31 -3.71 -11.73
N ASN A 103 -3.32 -3.71 -12.58
CA ASN A 103 -3.47 -4.76 -13.57
C ASN A 103 -3.21 -4.22 -14.98
N GLU A 104 -2.21 -4.79 -15.64
CA GLU A 104 -1.85 -4.40 -16.99
C GLU A 104 -2.37 -5.47 -17.96
N GLU A 105 -2.13 -5.28 -19.24
CA GLU A 105 -2.58 -6.26 -20.23
C GLU A 105 -1.42 -7.17 -20.66
N GLY A 106 -1.68 -8.05 -21.62
CA GLY A 106 -0.65 -8.97 -22.07
C GLY A 106 -0.49 -8.96 -23.58
N ALA A 107 0.77 -8.98 -24.02
CA ALA A 107 1.07 -8.98 -25.44
C ALA A 107 1.27 -10.41 -25.95
N PRO A 108 0.91 -10.67 -27.23
CA PRO A 108 1.06 -11.99 -27.84
C PRO A 108 2.52 -12.48 -27.78
N GLN A 109 2.70 -13.78 -27.92
CA GLN A 109 4.04 -14.36 -27.84
C GLN A 109 4.66 -14.57 -29.23
N GLU A 110 6.00 -14.45 -29.26
CA GLU A 110 6.78 -14.61 -30.48
C GLU A 110 6.76 -16.06 -30.98
N GLY A 111 7.03 -16.25 -32.27
CA GLY A 111 7.05 -17.58 -32.85
C GLY A 111 5.71 -17.96 -33.44
N ILE A 112 5.10 -17.03 -34.18
CA ILE A 112 3.81 -17.26 -34.78
C ILE A 112 3.80 -16.83 -36.25
N LEU A 113 3.02 -17.53 -37.06
CA LEU A 113 2.90 -17.19 -38.47
C LEU A 113 1.65 -16.32 -38.63
N GLU A 114 1.79 -15.24 -39.40
CA GLU A 114 0.72 -14.28 -39.64
C GLU A 114 0.70 -13.22 -38.54
N ASP A 115 1.05 -11.99 -38.91
CA ASP A 115 1.11 -10.87 -37.97
C ASP A 115 -0.28 -10.33 -37.67
N MET A 116 -1.02 -11.05 -36.84
CA MET A 116 -2.38 -10.66 -36.46
C MET A 116 -2.39 -9.86 -35.16
N PRO A 117 -2.63 -8.55 -35.24
CA PRO A 117 -2.68 -7.67 -34.08
C PRO A 117 -4.12 -7.29 -33.71
N VAL A 118 -4.23 -6.24 -32.91
CA VAL A 118 -5.54 -5.72 -32.50
C VAL A 118 -5.87 -4.51 -33.35
N ASP A 119 -7.15 -4.33 -33.66
CA ASP A 119 -7.58 -3.21 -34.49
C ASP A 119 -7.20 -1.87 -33.85
N PRO A 120 -6.70 -0.92 -34.65
CA PRO A 120 -6.30 0.40 -34.17
C PRO A 120 -7.48 1.21 -33.67
N ASP A 121 -8.69 0.79 -34.08
CA ASP A 121 -9.96 1.43 -33.70
C ASP A 121 -9.88 2.97 -33.75
N ASN A 122 -10.14 3.52 -34.91
CA ASN A 122 -10.07 4.96 -35.09
C ASN A 122 -11.44 5.58 -35.27
N GLU A 123 -12.03 6.02 -34.15
CA GLU A 123 -13.32 6.67 -34.19
C GLU A 123 -13.24 7.91 -35.06
N ALA A 124 -14.26 8.15 -35.87
CA ALA A 124 -14.28 9.30 -36.76
C ALA A 124 -15.63 10.01 -36.74
N TYR A 125 -15.90 10.72 -35.64
CA TYR A 125 -17.14 11.49 -35.46
C TYR A 125 -18.35 10.58 -35.28
N GLU A 126 -18.17 9.52 -34.51
CA GLU A 126 -19.25 8.57 -34.23
C GLU A 126 -19.96 8.93 -32.94
N MET A 127 -19.16 9.22 -31.91
CA MET A 127 -19.64 9.59 -30.58
C MET A 127 -20.49 8.51 -29.94
N PRO A 128 -19.82 7.50 -29.34
CA PRO A 128 -20.52 6.39 -28.68
C PRO A 128 -21.21 6.86 -27.40
N SER A 129 -22.26 6.16 -27.01
CA SER A 129 -23.00 6.50 -25.81
C SER A 129 -22.36 5.81 -24.60
N GLU A 130 -21.06 5.58 -24.71
CA GLU A 130 -20.29 4.92 -23.68
C GLU A 130 -18.96 5.66 -23.52
N GLU A 131 -18.95 6.66 -22.65
CA GLU A 131 -17.75 7.46 -22.40
C GLU A 131 -17.14 7.14 -21.05
N GLY A 132 -15.98 7.72 -20.79
CA GLY A 132 -15.30 7.50 -19.53
C GLY A 132 -14.34 6.34 -19.60
N TYR A 133 -13.59 6.13 -18.53
CA TYR A 133 -12.63 5.04 -18.45
C TYR A 133 -12.61 4.46 -17.04
N GLN A 134 -12.17 3.22 -16.93
CA GLN A 134 -12.11 2.55 -15.64
C GLN A 134 -10.76 1.87 -15.46
N ASP A 135 -10.32 1.81 -14.23
CA ASP A 135 -9.07 1.15 -13.89
C ASP A 135 -9.36 -0.29 -13.51
N TYR A 136 -8.38 -0.98 -12.93
CA TYR A 136 -8.57 -2.36 -12.52
C TYR A 136 -7.94 -2.62 -11.17
N GLU A 137 -8.76 -2.87 -10.18
CA GLU A 137 -8.29 -3.17 -8.83
C GLU A 137 -8.20 -4.68 -8.63
N PRO A 138 -6.98 -5.24 -8.67
CA PRO A 138 -6.76 -6.67 -8.50
C PRO A 138 -6.30 -7.01 -7.08
N GLU A 139 -6.31 -8.29 -6.75
CA GLU A 139 -5.86 -8.73 -5.43
C GLU A 139 -4.36 -8.53 -5.32
N ALA A 140 -3.93 -7.77 -4.30
CA ALA A 140 -2.51 -7.48 -4.04
C ALA A 140 -1.78 -7.02 -5.30
N HIS B 1 -12.23 -14.29 9.73
CA HIS B 1 -13.19 -13.30 10.17
C HIS B 1 -12.54 -12.34 11.16
N VAL B 2 -13.06 -11.11 11.22
CA VAL B 2 -12.52 -10.11 12.12
C VAL B 2 -13.11 -10.32 13.52
N ASN B 3 -12.34 -11.00 14.37
CA ASN B 3 -12.75 -11.30 15.74
C ASN B 3 -13.08 -10.05 16.55
N GLU B 4 -12.46 -8.91 16.21
CA GLU B 4 -12.72 -7.66 16.94
C GLU B 4 -14.10 -7.07 16.60
N LEU B 5 -14.79 -7.70 15.65
CA LEU B 5 -16.12 -7.24 15.26
C LEU B 5 -17.17 -8.08 15.98
N SER B 6 -16.73 -9.21 16.51
CA SER B 6 -17.60 -10.13 17.21
C SER B 6 -17.31 -10.13 18.71
N ARG B 7 -16.15 -9.61 19.09
CA ARG B 7 -15.75 -9.56 20.49
C ARG B 7 -15.76 -8.14 21.01
N ILE B 8 -15.00 -7.28 20.36
CA ILE B 8 -14.91 -5.87 20.73
C ILE B 8 -14.18 -5.67 22.06
N LYS B 9 -12.85 -5.76 22.01
CA LYS B 9 -12.03 -5.57 23.20
C LYS B 9 -12.05 -4.10 23.60
N LEU B 10 -12.25 -3.25 22.58
CA LEU B 10 -12.33 -1.80 22.76
C LEU B 10 -11.07 -1.25 23.44
N ARG B 11 -9.92 -1.71 22.99
CA ARG B 11 -8.66 -1.26 23.55
C ARG B 11 -8.30 0.13 23.03
N VAL B 12 -8.01 1.04 23.97
CA VAL B 12 -7.64 2.40 23.62
C VAL B 12 -6.13 2.54 23.79
N CYS B 13 -5.47 3.15 22.82
CA CYS B 13 -4.03 3.33 22.88
C CYS B 13 -3.68 4.79 23.13
N GLN B 14 -3.22 5.08 24.34
CA GLN B 14 -2.84 6.43 24.73
C GLN B 14 -1.49 6.43 25.41
N PRO B 15 -0.46 6.96 24.74
CA PRO B 15 0.89 7.03 25.30
C PRO B 15 1.02 8.13 26.35
N SER B 16 2.01 7.98 27.22
CA SER B 16 2.25 8.94 28.27
C SER B 16 2.98 10.17 27.72
N ARG B 17 3.51 10.02 26.52
CA ARG B 17 4.24 11.09 25.85
C ARG B 17 4.03 10.97 24.34
N SER B 18 3.26 11.90 23.78
CA SER B 18 2.99 11.89 22.36
C SER B 18 3.74 13.02 21.66
N GLU B 19 4.83 12.67 20.99
CA GLU B 19 5.64 13.65 20.28
C GLU B 19 5.83 13.20 18.83
N ILE B 20 6.91 12.46 18.59
CA ILE B 20 7.20 11.96 17.25
C ILE B 20 6.40 10.68 17.00
N HIS B 21 5.23 10.82 16.40
CA HIS B 21 4.37 9.69 16.11
C HIS B 21 3.48 9.99 14.92
N PHE B 22 2.76 8.97 14.45
CA PHE B 22 1.86 9.11 13.31
C PHE B 22 0.51 8.49 13.63
N LYS B 23 -0.35 8.39 12.63
CA LYS B 23 -1.67 7.81 12.80
C LYS B 23 -2.26 7.46 11.44
N VAL B 24 -3.25 6.57 11.45
CA VAL B 24 -3.91 6.15 10.21
C VAL B 24 -4.72 7.32 9.65
N LYS B 25 -4.38 7.75 8.45
CA LYS B 25 -5.06 8.86 7.81
C LYS B 25 -6.33 8.38 7.10
N MET B 26 -7.18 7.70 7.86
CA MET B 26 -8.43 7.17 7.36
C MET B 26 -9.32 6.83 8.55
N THR B 27 -10.34 7.65 8.78
CA THR B 27 -11.26 7.45 9.89
C THR B 27 -11.98 6.11 9.78
N THR B 28 -12.22 5.67 8.55
CA THR B 28 -12.89 4.41 8.30
C THR B 28 -12.05 3.23 8.75
N HIS B 29 -10.74 3.30 8.49
CA HIS B 29 -9.82 2.23 8.84
C HIS B 29 -9.07 2.53 10.14
N LEU B 30 -9.59 3.46 10.92
CA LEU B 30 -8.96 3.81 12.18
C LEU B 30 -9.16 2.69 13.19
N LYS B 31 -10.07 1.78 12.87
CA LYS B 31 -10.38 0.65 13.73
C LYS B 31 -9.24 -0.35 13.78
N LYS B 32 -8.31 -0.26 12.84
CA LYS B 32 -7.16 -1.16 12.82
C LYS B 32 -6.23 -0.87 13.98
N LEU B 33 -6.39 0.33 14.55
CA LEU B 33 -5.58 0.74 15.70
C LEU B 33 -6.07 0.03 16.95
N LYS B 34 -7.33 -0.39 16.92
CA LYS B 34 -7.94 -1.09 18.04
C LYS B 34 -8.21 -2.53 17.65
N GLU B 35 -7.54 -2.96 16.58
CA GLU B 35 -7.68 -4.33 16.06
C GLU B 35 -6.36 -5.07 16.25
N SER B 36 -5.34 -4.30 16.62
CA SER B 36 -4.01 -4.84 16.82
C SER B 36 -3.47 -4.36 18.17
N TYR B 37 -2.14 -4.32 18.29
CA TYR B 37 -1.51 -3.88 19.52
C TYR B 37 -0.55 -2.74 19.24
N CYS B 38 -0.10 -2.06 20.29
CA CYS B 38 0.82 -0.93 20.15
C CYS B 38 2.25 -1.34 20.50
N GLN B 39 3.12 -0.34 20.58
CA GLN B 39 4.52 -0.56 20.91
C GLN B 39 4.94 0.37 22.03
N ARG B 40 5.96 -0.02 22.78
CA ARG B 40 6.45 0.80 23.89
C ARG B 40 7.88 1.26 23.62
N GLN B 41 8.08 2.57 23.63
CA GLN B 41 9.39 3.15 23.40
C GLN B 41 10.19 3.21 24.69
N MET A 1 -22.85 -12.08 8.92
CA MET A 1 -21.43 -12.19 8.56
C MET A 1 -21.27 -13.00 7.28
N ASP A 2 -21.63 -12.39 6.16
CA ASP A 2 -21.53 -13.05 4.87
C ASP A 2 -20.08 -13.09 4.39
N VAL A 3 -19.58 -14.31 4.19
CA VAL A 3 -18.21 -14.55 3.73
C VAL A 3 -17.17 -13.79 4.57
N PHE A 4 -17.25 -13.93 5.89
CA PHE A 4 -16.31 -13.26 6.77
C PHE A 4 -15.10 -14.13 7.05
N MET A 5 -14.02 -13.89 6.34
CA MET A 5 -12.79 -14.65 6.52
C MET A 5 -11.57 -13.75 6.35
N LYS A 6 -10.57 -13.96 7.20
CA LYS A 6 -9.35 -13.18 7.14
C LYS A 6 -8.12 -14.09 7.25
N GLY A 7 -7.17 -13.93 6.35
CA GLY A 7 -5.97 -14.74 6.37
C GLY A 7 -4.91 -14.19 7.31
N LEU A 8 -5.30 -13.88 8.54
CA LEU A 8 -4.37 -13.36 9.53
C LEU A 8 -4.25 -14.30 10.71
N SER A 9 -4.89 -15.46 10.58
CA SER A 9 -4.85 -16.46 11.63
C SER A 9 -3.94 -17.62 11.23
N LYS A 10 -4.14 -18.12 10.02
CA LYS A 10 -3.34 -19.23 9.51
C LYS A 10 -3.34 -19.23 7.99
N ALA A 11 -2.42 -18.48 7.41
CA ALA A 11 -2.31 -18.39 5.96
C ALA A 11 -0.86 -18.64 5.54
N LYS A 12 -0.67 -19.62 4.67
CA LYS A 12 0.65 -19.98 4.17
C LYS A 12 1.49 -20.63 5.27
N GLU A 13 2.80 -20.69 5.05
CA GLU A 13 3.72 -21.28 6.01
C GLU A 13 5.01 -20.48 6.02
N GLY A 14 5.93 -20.86 6.90
CA GLY A 14 7.20 -20.16 7.00
C GLY A 14 7.76 -20.19 8.39
N VAL A 15 8.94 -19.61 8.58
CA VAL A 15 9.58 -19.56 9.88
C VAL A 15 9.75 -18.12 10.34
N VAL A 16 9.14 -17.78 11.45
CA VAL A 16 9.22 -16.43 11.99
C VAL A 16 9.69 -16.47 13.44
N ALA A 17 10.23 -15.36 13.91
CA ALA A 17 10.71 -15.26 15.28
C ALA A 17 9.62 -14.69 16.18
N ALA A 18 9.28 -15.43 17.24
CA ALA A 18 8.26 -14.99 18.18
C ALA A 18 8.72 -13.78 19.00
N ALA A 19 10.02 -13.50 18.94
CA ALA A 19 10.58 -12.37 19.68
C ALA A 19 10.64 -11.14 18.80
N GLU A 20 10.37 -11.32 17.52
CA GLU A 20 10.39 -10.22 16.56
C GLU A 20 8.98 -9.92 16.09
N LYS A 21 8.34 -8.97 16.73
CA LYS A 21 6.97 -8.61 16.39
C LYS A 21 6.80 -7.09 16.34
N THR A 22 6.94 -6.53 15.16
CA THR A 22 6.80 -5.09 14.96
C THR A 22 5.37 -4.76 14.54
N LYS A 23 4.72 -3.89 15.31
CA LYS A 23 3.35 -3.47 15.01
C LYS A 23 3.35 -2.08 14.40
N GLN A 24 4.40 -1.76 13.67
CA GLN A 24 4.54 -0.47 13.01
C GLN A 24 5.35 -0.61 11.73
N GLY A 25 5.38 0.45 10.94
CA GLY A 25 6.13 0.41 9.70
C GLY A 25 5.24 0.04 8.52
N VAL A 26 4.04 -0.41 8.83
CA VAL A 26 3.07 -0.82 7.82
C VAL A 26 2.48 0.41 7.13
N ALA A 27 1.92 0.21 5.95
CA ALA A 27 1.31 1.30 5.20
C ALA A 27 0.01 0.83 4.56
N GLU A 28 -0.70 1.77 3.95
CA GLU A 28 -1.96 1.48 3.28
C GLU A 28 -2.44 2.70 2.52
N ALA A 29 -3.55 2.57 1.82
CA ALA A 29 -4.10 3.66 1.06
C ALA A 29 -4.88 4.60 1.97
N ALA A 30 -4.20 5.62 2.47
CA ALA A 30 -4.81 6.59 3.35
C ALA A 30 -4.65 7.99 2.80
N GLY A 31 -3.42 8.36 2.48
CA GLY A 31 -3.14 9.67 1.95
C GLY A 31 -3.70 9.87 0.55
N LYS A 32 -3.90 11.13 0.18
CA LYS A 32 -4.42 11.47 -1.13
C LYS A 32 -3.35 11.34 -2.20
N THR A 33 -3.12 10.10 -2.60
CA THR A 33 -2.13 9.76 -3.62
C THR A 33 -2.33 10.52 -4.92
N LYS A 34 -1.27 11.14 -5.40
CA LYS A 34 -1.29 11.89 -6.64
C LYS A 34 -0.18 11.39 -7.55
N GLU A 35 -0.29 11.69 -8.85
CA GLU A 35 0.73 11.27 -9.81
C GLU A 35 2.03 12.03 -9.56
N GLY A 36 1.93 13.34 -9.51
CA GLY A 36 3.10 14.17 -9.26
C GLY A 36 3.72 14.69 -10.53
N VAL A 37 5.03 14.73 -10.56
CA VAL A 37 5.77 15.21 -11.72
C VAL A 37 7.21 14.73 -11.66
N LEU A 38 7.82 14.51 -12.82
CA LEU A 38 9.19 14.05 -12.87
C LEU A 38 10.14 15.23 -12.92
N TYR A 39 10.99 15.33 -11.90
CA TYR A 39 11.95 16.42 -11.83
C TYR A 39 13.38 15.88 -11.88
N VAL A 40 14.15 16.37 -12.84
CA VAL A 40 15.53 15.96 -13.01
C VAL A 40 16.43 17.16 -12.76
N GLY A 41 17.65 16.92 -12.32
CA GLY A 41 18.57 18.00 -12.04
C GLY A 41 19.70 18.07 -13.05
N SER A 42 20.60 19.02 -12.86
CA SER A 42 21.73 19.19 -13.75
C SER A 42 22.74 18.05 -13.55
N LYS A 43 22.63 17.38 -12.42
CA LYS A 43 23.50 16.26 -12.10
C LYS A 43 22.75 14.96 -12.34
N THR A 44 23.34 14.09 -13.13
CA THR A 44 22.72 12.81 -13.47
C THR A 44 22.31 12.03 -12.23
N LYS A 45 23.30 11.71 -11.38
CA LYS A 45 23.08 10.96 -10.15
C LYS A 45 22.74 9.50 -10.48
N GLU A 46 23.36 8.56 -9.76
CA GLU A 46 23.12 7.14 -10.02
C GLU A 46 21.65 6.81 -9.76
N GLY A 47 21.12 7.38 -8.69
CA GLY A 47 19.74 7.15 -8.32
C GLY A 47 19.57 5.91 -7.48
N VAL A 48 20.69 5.29 -7.12
CA VAL A 48 20.69 4.07 -6.30
C VAL A 48 20.31 2.86 -7.13
N VAL A 49 21.00 1.75 -6.90
CA VAL A 49 20.75 0.51 -7.62
C VAL A 49 19.30 0.07 -7.47
N HIS A 50 18.58 0.07 -8.59
CA HIS A 50 17.17 -0.32 -8.61
C HIS A 50 17.03 -1.81 -8.34
N GLY A 51 15.99 -2.17 -7.61
CA GLY A 51 15.75 -3.56 -7.30
C GLY A 51 14.43 -4.05 -7.82
N VAL A 52 13.94 -5.16 -7.27
CA VAL A 52 12.68 -5.73 -7.71
C VAL A 52 11.61 -5.56 -6.63
N ALA A 53 10.37 -5.84 -6.98
CA ALA A 53 9.26 -5.72 -6.03
C ALA A 53 9.12 -6.98 -5.19
N THR A 54 9.64 -8.09 -5.71
CA THR A 54 9.57 -9.36 -5.02
C THR A 54 10.64 -9.48 -3.94
N VAL A 55 10.45 -8.74 -2.86
CA VAL A 55 11.39 -8.75 -1.75
C VAL A 55 11.02 -9.87 -0.78
N ALA A 56 11.99 -10.75 -0.52
CA ALA A 56 11.79 -11.87 0.39
C ALA A 56 11.46 -11.38 1.80
N GLU A 57 12.46 -10.86 2.49
CA GLU A 57 12.27 -10.33 3.83
C GLU A 57 12.15 -8.82 3.79
N LYS A 58 10.92 -8.33 3.93
CA LYS A 58 10.66 -6.91 3.88
C LYS A 58 10.33 -6.39 5.28
N THR A 59 11.29 -5.74 5.90
CA THR A 59 11.09 -5.20 7.22
C THR A 59 11.10 -3.66 7.18
N LYS A 60 10.92 -3.04 8.34
CA LYS A 60 10.91 -1.58 8.46
C LYS A 60 10.74 -1.19 9.93
N GLU A 61 11.72 -1.56 10.73
CA GLU A 61 11.72 -1.28 12.17
C GLU A 61 11.45 0.19 12.46
N GLN A 62 12.23 1.07 11.83
CA GLN A 62 12.10 2.52 12.00
C GLN A 62 12.55 2.96 13.38
N VAL A 63 13.79 3.44 13.49
CA VAL A 63 14.33 3.90 14.76
C VAL A 63 13.56 5.12 15.29
N THR A 64 12.73 4.87 16.28
CA THR A 64 11.92 5.92 16.88
C THR A 64 12.42 6.27 18.28
N ASN A 65 13.63 5.83 18.59
CA ASN A 65 14.23 6.10 19.90
C ASN A 65 15.24 7.25 19.83
N VAL A 66 15.83 7.45 18.66
CA VAL A 66 16.81 8.50 18.48
C VAL A 66 16.43 9.40 17.31
N GLY A 67 15.82 10.53 17.62
CA GLY A 67 15.43 11.47 16.58
C GLY A 67 13.92 11.65 16.53
N GLY A 68 13.45 12.32 15.50
CA GLY A 68 12.04 12.57 15.33
C GLY A 68 11.75 13.28 14.03
N ALA A 69 10.64 12.94 13.39
CA ALA A 69 10.27 13.55 12.13
C ALA A 69 8.95 14.29 12.26
N VAL A 70 9.01 15.61 12.13
CA VAL A 70 7.81 16.44 12.21
C VAL A 70 7.52 17.11 10.87
N VAL A 71 6.57 16.56 10.13
CA VAL A 71 6.20 17.10 8.83
C VAL A 71 4.69 17.29 8.72
N THR A 72 4.27 18.53 8.50
CA THR A 72 2.87 18.85 8.34
C THR A 72 2.49 18.86 6.86
N GLY A 73 2.70 17.72 6.21
CA GLY A 73 2.39 17.63 4.79
C GLY A 73 2.32 16.19 4.32
N VAL A 74 2.20 16.02 3.01
CA VAL A 74 2.10 14.69 2.40
C VAL A 74 3.41 13.90 2.53
N THR A 75 4.50 14.60 2.78
CA THR A 75 5.81 13.99 2.90
C THR A 75 6.01 13.31 4.26
N ALA A 76 4.95 13.25 5.07
CA ALA A 76 5.02 12.63 6.38
C ALA A 76 4.76 11.13 6.27
N VAL A 77 4.05 10.73 5.23
CA VAL A 77 3.74 9.33 5.01
C VAL A 77 4.14 8.91 3.60
N ALA A 78 4.65 7.70 3.47
CA ALA A 78 5.08 7.19 2.18
C ALA A 78 4.78 5.71 2.04
N GLN A 79 4.08 5.34 0.98
CA GLN A 79 3.73 3.95 0.73
C GLN A 79 4.77 3.32 -0.18
N LYS A 80 5.20 2.12 0.18
CA LYS A 80 6.19 1.42 -0.61
C LYS A 80 5.61 0.11 -1.11
N THR A 81 6.08 -0.34 -2.28
CA THR A 81 5.63 -1.58 -2.90
C THR A 81 4.12 -1.63 -3.13
N VAL A 82 3.61 -0.67 -3.90
CA VAL A 82 2.20 -0.61 -4.24
C VAL A 82 2.04 -0.79 -5.74
N GLU A 83 3.18 -1.01 -6.40
CA GLU A 83 3.24 -1.20 -7.85
C GLU A 83 2.93 -2.67 -8.16
N GLY A 84 3.24 -3.53 -7.19
CA GLY A 84 3.01 -4.94 -7.37
C GLY A 84 2.72 -5.59 -6.04
N ALA A 85 2.71 -6.91 -6.01
CA ALA A 85 2.43 -7.68 -4.81
C ALA A 85 3.41 -7.35 -3.69
N GLY A 86 2.94 -6.61 -2.71
CA GLY A 86 3.77 -6.24 -1.59
C GLY A 86 3.25 -6.79 -0.29
N SER A 87 4.15 -7.33 0.52
CA SER A 87 3.79 -7.91 1.81
C SER A 87 3.23 -6.85 2.76
N ILE A 88 3.60 -5.60 2.54
CA ILE A 88 3.15 -4.49 3.37
C ILE A 88 1.71 -4.09 3.05
N ALA A 89 1.28 -4.40 1.83
CA ALA A 89 -0.07 -4.06 1.40
C ALA A 89 -1.08 -5.09 1.90
N ALA A 90 -0.60 -6.34 2.03
CA ALA A 90 -1.44 -7.42 2.51
C ALA A 90 -1.81 -7.23 3.98
N ALA A 91 -0.89 -6.65 4.72
CA ALA A 91 -1.12 -6.38 6.14
C ALA A 91 -2.06 -5.20 6.30
N THR A 92 -3.32 -5.48 6.57
CA THR A 92 -4.31 -4.44 6.73
C THR A 92 -5.43 -4.88 7.67
N GLY A 93 -6.29 -3.94 8.03
CA GLY A 93 -7.39 -4.21 8.94
C GLY A 93 -8.40 -5.20 8.40
N PHE A 94 -9.48 -4.70 7.85
CA PHE A 94 -10.53 -5.56 7.33
C PHE A 94 -10.28 -5.93 5.87
N VAL A 95 -11.11 -6.81 5.34
CA VAL A 95 -10.99 -7.24 3.96
C VAL A 95 -11.76 -6.27 3.05
N LYS A 96 -11.14 -5.13 2.77
CA LYS A 96 -11.73 -4.12 1.92
C LYS A 96 -10.71 -3.03 1.60
N LYS A 97 -9.49 -3.46 1.29
CA LYS A 97 -8.43 -2.52 0.97
C LYS A 97 -7.91 -2.79 -0.42
N ASP A 98 -8.84 -2.85 -1.36
CA ASP A 98 -8.55 -3.10 -2.76
C ASP A 98 -7.75 -1.96 -3.37
N GLN A 99 -7.76 -0.81 -2.68
CA GLN A 99 -7.04 0.39 -3.13
C GLN A 99 -5.53 0.25 -2.93
N LEU A 100 -5.00 -0.96 -3.02
CA LEU A 100 -3.58 -1.19 -2.83
C LEU A 100 -3.03 -2.19 -3.85
N GLY A 101 -2.69 -1.69 -5.03
CA GLY A 101 -2.15 -2.53 -6.08
C GLY A 101 -2.37 -1.91 -7.44
N LYS A 102 -1.74 -2.50 -8.45
CA LYS A 102 -1.86 -2.01 -9.82
C LYS A 102 -1.86 -3.19 -10.77
N ASN A 103 -2.79 -3.20 -11.72
CA ASN A 103 -2.89 -4.28 -12.67
C ASN A 103 -2.54 -3.81 -14.07
N GLU A 104 -1.41 -4.27 -14.57
CA GLU A 104 -0.97 -3.92 -15.91
C GLU A 104 -1.38 -5.04 -16.87
N GLU A 105 -1.18 -4.83 -18.16
CA GLU A 105 -1.53 -5.84 -19.14
C GLU A 105 -0.33 -6.70 -19.49
N GLY A 106 -0.52 -7.67 -20.37
CA GLY A 106 0.56 -8.56 -20.75
C GLY A 106 0.79 -8.57 -22.25
N ALA A 107 2.04 -8.76 -22.64
CA ALA A 107 2.42 -8.78 -24.05
C ALA A 107 2.62 -10.22 -24.53
N PRO A 108 2.33 -10.48 -25.83
CA PRO A 108 2.50 -11.81 -26.41
C PRO A 108 3.93 -12.31 -26.25
N GLN A 109 4.10 -13.62 -26.26
CA GLN A 109 5.43 -14.22 -26.08
C GLN A 109 6.15 -14.44 -27.41
N GLU A 110 7.48 -14.34 -27.36
CA GLU A 110 8.31 -14.53 -28.54
C GLU A 110 8.30 -16.00 -28.99
N GLY A 111 8.60 -16.22 -30.26
CA GLY A 111 8.63 -17.56 -30.80
C GLY A 111 7.34 -17.94 -31.50
N ILE A 112 6.81 -17.00 -32.28
CA ILE A 112 5.57 -17.24 -33.00
C ILE A 112 5.67 -16.82 -34.47
N LEU A 113 4.99 -17.56 -35.34
CA LEU A 113 4.98 -17.24 -36.77
C LEU A 113 3.78 -16.36 -37.06
N GLU A 114 4.03 -15.30 -37.83
CA GLU A 114 2.99 -14.32 -38.20
C GLU A 114 2.83 -13.30 -37.08
N ASP A 115 3.26 -12.07 -37.35
CA ASP A 115 3.21 -11.00 -36.37
C ASP A 115 1.81 -10.44 -36.24
N MET A 116 1.02 -11.04 -35.36
CA MET A 116 -0.35 -10.60 -35.15
C MET A 116 -0.47 -9.74 -33.89
N PRO A 117 -0.52 -8.41 -34.06
CA PRO A 117 -0.65 -7.48 -32.96
C PRO A 117 -2.10 -7.03 -32.76
N VAL A 118 -2.30 -6.07 -31.88
CA VAL A 118 -3.62 -5.53 -31.64
C VAL A 118 -3.85 -4.32 -32.55
N ASP A 119 -5.09 -4.15 -33.00
CA ASP A 119 -5.44 -3.03 -33.87
C ASP A 119 -5.12 -1.70 -33.20
N PRO A 120 -4.60 -0.74 -33.98
CA PRO A 120 -4.25 0.60 -33.47
C PRO A 120 -5.47 1.40 -33.04
N ASP A 121 -6.65 0.97 -33.53
CA ASP A 121 -7.93 1.62 -33.22
C ASP A 121 -7.86 3.14 -33.28
N ASN A 122 -7.94 3.67 -34.48
CA ASN A 122 -7.85 5.11 -34.68
C ASN A 122 -9.21 5.74 -34.94
N GLU A 123 -9.79 6.34 -33.91
CA GLU A 123 -11.07 7.00 -34.04
C GLU A 123 -10.91 8.22 -34.94
N ALA A 124 -11.88 8.44 -35.82
CA ALA A 124 -11.84 9.56 -36.74
C ALA A 124 -13.18 10.27 -36.80
N TYR A 125 -13.47 11.05 -35.76
CA TYR A 125 -14.71 11.82 -35.67
C TYR A 125 -15.93 10.92 -35.44
N GLU A 126 -15.72 9.81 -34.74
CA GLU A 126 -16.80 8.87 -34.46
C GLU A 126 -17.61 9.34 -33.26
N MET A 127 -16.89 9.67 -32.18
CA MET A 127 -17.49 10.12 -30.94
C MET A 127 -18.41 9.07 -30.32
N PRO A 128 -17.83 8.04 -29.69
CA PRO A 128 -18.59 6.96 -29.06
C PRO A 128 -19.37 7.45 -27.85
N SER A 129 -20.49 6.79 -27.54
CA SER A 129 -21.31 7.17 -26.39
C SER A 129 -20.72 6.60 -25.10
N GLU A 130 -19.49 6.13 -25.20
CA GLU A 130 -18.78 5.55 -24.07
C GLU A 130 -17.48 6.32 -23.86
N GLU A 131 -17.48 7.22 -22.90
CA GLU A 131 -16.29 8.02 -22.61
C GLU A 131 -15.78 7.76 -21.20
N GLY A 132 -14.61 8.31 -20.90
CA GLY A 132 -14.01 8.13 -19.60
C GLY A 132 -13.08 6.93 -19.57
N TYR A 133 -12.38 6.76 -18.45
CA TYR A 133 -11.45 5.64 -18.29
C TYR A 133 -11.53 5.14 -16.86
N GLN A 134 -11.21 3.87 -16.67
CA GLN A 134 -11.23 3.26 -15.35
C GLN A 134 -9.90 2.57 -15.07
N ASP A 135 -9.52 2.55 -13.81
CA ASP A 135 -8.29 1.90 -13.39
C ASP A 135 -8.59 0.46 -12.98
N TYR A 136 -7.63 -0.19 -12.32
CA TYR A 136 -7.81 -1.57 -11.90
C TYR A 136 -7.27 -1.78 -10.50
N GLU A 137 -8.17 -2.06 -9.56
CA GLU A 137 -7.79 -2.31 -8.18
C GLU A 137 -7.79 -3.83 -7.93
N PRO A 138 -6.61 -4.45 -7.94
CA PRO A 138 -6.47 -5.89 -7.70
C PRO A 138 -6.00 -6.19 -6.28
N GLU A 139 -6.09 -7.45 -5.88
CA GLU A 139 -5.65 -7.85 -4.55
C GLU A 139 -4.13 -7.69 -4.44
N ALA A 140 -3.68 -6.85 -3.51
CA ALA A 140 -2.26 -6.60 -3.29
C ALA A 140 -1.55 -6.20 -4.57
N HIS B 1 -7.61 -13.40 11.29
CA HIS B 1 -8.55 -12.33 11.55
C HIS B 1 -7.86 -11.17 12.25
N VAL B 2 -8.60 -10.10 12.53
CA VAL B 2 -8.04 -8.94 13.20
C VAL B 2 -8.05 -9.15 14.70
N ASN B 3 -6.87 -9.25 15.29
CA ASN B 3 -6.74 -9.46 16.72
C ASN B 3 -7.39 -8.32 17.51
N GLU B 4 -7.25 -7.10 16.99
CA GLU B 4 -7.81 -5.92 17.64
C GLU B 4 -9.33 -5.90 17.52
N LEU B 5 -9.86 -6.75 16.66
CA LEU B 5 -11.30 -6.86 16.45
C LEU B 5 -11.88 -7.89 17.42
N SER B 6 -11.00 -8.69 18.00
CA SER B 6 -11.41 -9.72 18.95
C SER B 6 -11.15 -9.27 20.39
N ARG B 7 -10.12 -8.44 20.58
CA ARG B 7 -9.78 -7.95 21.90
C ARG B 7 -10.39 -6.57 22.16
N ILE B 8 -10.63 -5.85 21.07
CA ILE B 8 -11.22 -4.51 21.13
C ILE B 8 -10.36 -3.54 21.94
N LYS B 9 -9.27 -3.08 21.31
CA LYS B 9 -8.36 -2.14 21.95
C LYS B 9 -9.07 -0.84 22.30
N LEU B 10 -9.86 -0.33 21.35
CA LEU B 10 -10.63 0.91 21.53
C LEU B 10 -9.72 2.07 21.93
N ARG B 11 -8.84 2.46 21.03
CA ARG B 11 -7.93 3.57 21.30
C ARG B 11 -8.29 4.78 20.45
N VAL B 12 -8.45 5.92 21.10
CA VAL B 12 -8.77 7.16 20.41
C VAL B 12 -7.50 7.98 20.25
N CYS B 13 -7.26 8.46 19.04
CA CYS B 13 -6.06 9.26 18.76
C CYS B 13 -6.44 10.71 18.57
N GLN B 14 -6.18 11.51 19.60
CA GLN B 14 -6.47 12.93 19.55
C GLN B 14 -5.24 13.74 19.94
N PRO B 15 -4.64 14.45 18.97
CA PRO B 15 -3.47 15.28 19.20
C PRO B 15 -3.83 16.58 19.91
N SER B 16 -2.88 17.11 20.68
CA SER B 16 -3.10 18.35 21.41
C SER B 16 -3.10 19.55 20.46
N ARG B 17 -2.57 19.36 19.26
CA ARG B 17 -2.52 20.41 18.26
C ARG B 17 -2.71 19.83 16.86
N SER B 18 -3.82 20.19 16.22
CA SER B 18 -4.11 19.72 14.88
C SER B 18 -4.04 20.86 13.88
N GLU B 19 -3.11 20.75 12.94
CA GLU B 19 -2.92 21.75 11.90
C GLU B 19 -3.17 21.12 10.54
N ILE B 20 -2.12 20.55 9.97
CA ILE B 20 -2.23 19.90 8.67
C ILE B 20 -2.05 18.39 8.82
N HIS B 21 -3.09 17.65 8.52
CA HIS B 21 -3.06 16.19 8.61
C HIS B 21 -4.08 15.58 7.65
N PHE B 22 -4.15 14.25 7.65
CA PHE B 22 -5.07 13.55 6.77
C PHE B 22 -5.86 12.48 7.53
N LYS B 23 -6.24 11.43 6.83
CA LYS B 23 -7.01 10.33 7.42
C LYS B 23 -6.99 9.15 6.46
N VAL B 24 -7.81 8.13 6.74
CA VAL B 24 -7.87 6.95 5.91
C VAL B 24 -8.69 7.24 4.65
N LYS B 25 -8.35 6.57 3.55
CA LYS B 25 -9.03 6.76 2.27
C LYS B 25 -10.36 6.00 2.20
N MET B 26 -10.96 5.75 3.36
CA MET B 26 -12.24 5.05 3.45
C MET B 26 -12.65 4.87 4.90
N THR B 27 -13.94 5.04 5.18
CA THR B 27 -14.45 4.90 6.53
C THR B 27 -14.47 3.44 6.96
N THR B 28 -14.55 2.53 5.99
CA THR B 28 -14.57 1.11 6.27
C THR B 28 -13.24 0.65 6.86
N HIS B 29 -12.17 1.36 6.51
CA HIS B 29 -10.85 1.02 6.99
C HIS B 29 -10.34 2.02 8.03
N LEU B 30 -11.26 2.85 8.52
CA LEU B 30 -10.90 3.85 9.53
C LEU B 30 -10.47 3.15 10.82
N LYS B 31 -10.81 1.88 10.90
CA LYS B 31 -10.47 1.07 12.07
C LYS B 31 -9.02 0.59 12.03
N LYS B 32 -8.33 0.78 10.91
CA LYS B 32 -6.92 0.36 10.82
C LYS B 32 -6.05 1.33 11.62
N LEU B 33 -6.63 2.47 11.96
CA LEU B 33 -5.94 3.48 12.75
C LEU B 33 -5.63 2.92 14.15
N LYS B 34 -6.46 1.98 14.59
CA LYS B 34 -6.27 1.35 15.90
C LYS B 34 -5.45 0.07 15.74
N GLU B 35 -5.33 -0.40 14.51
CA GLU B 35 -4.55 -1.59 14.21
C GLU B 35 -3.08 -1.20 14.24
N SER B 36 -2.80 -0.04 13.68
CA SER B 36 -1.47 0.51 13.63
C SER B 36 -1.24 1.38 14.86
N TYR B 37 -0.35 2.36 14.77
CA TYR B 37 -0.07 3.25 15.88
C TYR B 37 0.12 4.67 15.40
N CYS B 38 -0.23 5.63 16.24
CA CYS B 38 -0.10 7.04 15.91
C CYS B 38 1.37 7.45 15.91
N GLN B 39 1.88 7.78 14.72
CA GLN B 39 3.27 8.18 14.58
C GLN B 39 3.53 9.52 15.27
N ARG B 40 4.41 9.50 16.25
CA ARG B 40 4.76 10.71 17.00
C ARG B 40 5.78 11.52 16.24
N GLN B 41 5.43 12.76 15.95
CA GLN B 41 6.32 13.66 15.22
C GLN B 41 7.31 14.33 16.17
N MET A 1 -22.32 -8.85 6.24
CA MET A 1 -20.88 -9.05 6.10
C MET A 1 -20.58 -9.85 4.84
N ASP A 2 -20.53 -9.17 3.71
CA ASP A 2 -20.25 -9.82 2.43
C ASP A 2 -18.76 -10.13 2.27
N VAL A 3 -18.49 -11.29 1.68
CA VAL A 3 -17.13 -11.78 1.42
C VAL A 3 -16.10 -11.42 2.51
N PHE A 4 -16.27 -11.98 3.69
CA PHE A 4 -15.33 -11.70 4.77
C PHE A 4 -14.25 -12.78 4.82
N MET A 5 -13.24 -12.59 3.98
CA MET A 5 -12.13 -13.54 3.92
C MET A 5 -10.86 -12.85 4.41
N LYS A 6 -10.06 -13.57 5.17
CA LYS A 6 -8.83 -13.01 5.70
C LYS A 6 -7.66 -13.98 5.49
N GLY A 7 -6.72 -13.57 4.65
CA GLY A 7 -5.56 -14.40 4.36
C GLY A 7 -4.46 -14.26 5.39
N LEU A 8 -4.83 -14.04 6.64
CA LEU A 8 -3.84 -13.90 7.70
C LEU A 8 -3.95 -15.06 8.68
N SER A 9 -4.84 -15.98 8.39
CA SER A 9 -5.04 -17.15 9.23
C SER A 9 -4.08 -18.25 8.82
N LYS A 10 -3.90 -18.41 7.51
CA LYS A 10 -3.00 -19.42 6.98
C LYS A 10 -2.81 -19.22 5.48
N ALA A 11 -1.86 -18.38 5.12
CA ALA A 11 -1.56 -18.12 3.72
C ALA A 11 -0.09 -18.38 3.46
N LYS A 12 0.18 -19.27 2.49
CA LYS A 12 1.55 -19.63 2.12
C LYS A 12 2.22 -20.43 3.23
N GLU A 13 3.55 -20.51 3.15
CA GLU A 13 4.33 -21.24 4.13
C GLU A 13 5.65 -20.50 4.37
N GLY A 14 6.48 -21.04 5.25
CA GLY A 14 7.75 -20.41 5.54
C GLY A 14 8.15 -20.59 6.98
N VAL A 15 9.33 -20.09 7.34
CA VAL A 15 9.84 -20.21 8.69
C VAL A 15 10.04 -18.82 9.28
N VAL A 16 9.31 -18.54 10.36
CA VAL A 16 9.41 -17.25 11.03
C VAL A 16 9.70 -17.44 12.51
N ALA A 17 10.23 -16.41 13.14
CA ALA A 17 10.56 -16.45 14.55
C ALA A 17 9.39 -15.95 15.39
N ALA A 18 8.96 -16.76 16.35
CA ALA A 18 7.85 -16.40 17.22
C ALA A 18 8.28 -15.37 18.25
N ALA A 19 9.56 -15.03 18.24
CA ALA A 19 10.11 -14.06 19.17
C ALA A 19 10.35 -12.73 18.48
N GLU A 20 9.93 -12.64 17.22
CA GLU A 20 10.10 -11.42 16.45
C GLU A 20 8.78 -11.05 15.79
N LYS A 21 8.33 -9.82 16.01
CA LYS A 21 7.07 -9.37 15.44
C LYS A 21 7.04 -7.85 15.35
N THR A 22 7.18 -7.33 14.15
CA THR A 22 7.15 -5.89 13.92
C THR A 22 5.71 -5.42 13.73
N LYS A 23 5.03 -5.15 14.85
CA LYS A 23 3.63 -4.68 14.79
C LYS A 23 3.59 -3.16 14.64
N GLN A 24 4.75 -2.54 14.50
CA GLN A 24 4.83 -1.09 14.34
C GLN A 24 5.52 -0.73 13.04
N GLY A 25 5.25 0.46 12.55
CA GLY A 25 5.84 0.91 11.31
C GLY A 25 5.06 0.43 10.11
N VAL A 26 3.91 -0.18 10.38
CA VAL A 26 3.03 -0.70 9.35
C VAL A 26 2.45 0.44 8.53
N ALA A 27 2.30 0.22 7.22
CA ALA A 27 1.76 1.23 6.33
C ALA A 27 0.37 0.83 5.85
N GLU A 28 -0.40 1.79 5.39
CA GLU A 28 -1.75 1.54 4.90
C GLU A 28 -2.24 2.69 4.04
N ALA A 29 -3.45 2.55 3.50
CA ALA A 29 -4.04 3.57 2.66
C ALA A 29 -4.72 4.64 3.52
N ALA A 30 -3.91 5.40 4.25
CA ALA A 30 -4.41 6.46 5.11
C ALA A 30 -3.87 7.81 4.65
N GLY A 31 -3.32 7.83 3.44
CA GLY A 31 -2.77 9.04 2.89
C GLY A 31 -3.33 9.35 1.51
N LYS A 32 -3.16 10.59 1.08
CA LYS A 32 -3.64 11.01 -0.22
C LYS A 32 -2.54 10.90 -1.27
N THR A 33 -2.48 9.74 -1.91
CA THR A 33 -1.48 9.46 -2.93
C THR A 33 -1.66 10.33 -4.17
N LYS A 34 -0.54 10.82 -4.69
CA LYS A 34 -0.55 11.66 -5.88
C LYS A 34 0.58 11.22 -6.81
N GLU A 35 0.55 11.70 -8.05
CA GLU A 35 1.59 11.36 -9.02
C GLU A 35 2.88 12.10 -8.67
N GLY A 36 2.80 13.43 -8.66
CA GLY A 36 3.95 14.24 -8.33
C GLY A 36 4.61 14.83 -9.55
N VAL A 37 5.94 14.82 -9.55
CA VAL A 37 6.72 15.35 -10.65
C VAL A 37 8.16 14.87 -10.54
N LEU A 38 8.83 14.75 -11.66
CA LEU A 38 10.20 14.30 -11.67
C LEU A 38 11.16 15.48 -11.63
N TYR A 39 11.96 15.55 -10.57
CA TYR A 39 12.90 16.64 -10.40
C TYR A 39 14.34 16.12 -10.42
N VAL A 40 15.13 16.65 -11.34
CA VAL A 40 16.53 16.27 -11.46
C VAL A 40 17.41 17.47 -11.09
N GLY A 41 18.62 17.22 -10.66
CA GLY A 41 19.51 18.28 -10.28
C GLY A 41 20.70 18.41 -11.21
N SER A 42 21.57 19.36 -10.93
CA SER A 42 22.77 19.58 -11.73
C SER A 42 23.77 18.45 -11.54
N LYS A 43 23.59 17.71 -10.45
CA LYS A 43 24.44 16.57 -10.14
C LYS A 43 23.70 15.29 -10.47
N THR A 44 24.34 14.45 -11.28
CA THR A 44 23.74 13.18 -11.71
C THR A 44 23.31 12.33 -10.53
N LYS A 45 24.27 11.98 -9.67
CA LYS A 45 24.01 11.15 -8.50
C LYS A 45 23.72 9.70 -8.92
N GLU A 46 24.29 8.73 -8.22
CA GLU A 46 24.07 7.33 -8.56
C GLU A 46 22.59 6.98 -8.39
N GLY A 47 22.01 7.49 -7.31
CA GLY A 47 20.61 7.24 -7.04
C GLY A 47 20.41 5.96 -6.24
N VAL A 48 21.52 5.34 -5.86
CA VAL A 48 21.51 4.09 -5.10
C VAL A 48 21.16 2.90 -5.99
N VAL A 49 21.87 1.80 -5.80
CA VAL A 49 21.67 0.58 -6.58
C VAL A 49 20.21 0.13 -6.51
N HIS A 50 19.55 0.20 -7.66
CA HIS A 50 18.16 -0.20 -7.76
C HIS A 50 18.01 -1.72 -7.59
N GLY A 51 16.97 -2.12 -6.88
CA GLY A 51 16.73 -3.52 -6.65
C GLY A 51 15.45 -4.00 -7.30
N VAL A 52 14.89 -5.08 -6.78
CA VAL A 52 13.65 -5.64 -7.33
C VAL A 52 12.52 -5.52 -6.32
N ALA A 53 11.29 -5.71 -6.80
CA ALA A 53 10.12 -5.62 -5.94
C ALA A 53 9.91 -6.92 -5.17
N THR A 54 10.51 -8.00 -5.66
CA THR A 54 10.38 -9.31 -5.04
C THR A 54 11.44 -9.49 -3.94
N VAL A 55 11.16 -8.91 -2.79
CA VAL A 55 12.08 -9.00 -1.65
C VAL A 55 11.67 -10.16 -0.75
N ALA A 56 12.62 -11.03 -0.43
CA ALA A 56 12.35 -12.17 0.44
C ALA A 56 12.01 -11.71 1.86
N GLU A 57 13.02 -11.34 2.62
CA GLU A 57 12.82 -10.87 3.99
C GLU A 57 12.75 -9.35 4.00
N LYS A 58 11.54 -8.83 4.08
CA LYS A 58 11.33 -7.39 4.08
C LYS A 58 10.88 -6.93 5.45
N THR A 59 11.82 -6.44 6.24
CA THR A 59 11.51 -5.97 7.58
C THR A 59 11.39 -4.44 7.61
N LYS A 60 11.24 -3.89 8.83
CA LYS A 60 11.11 -2.45 9.03
C LYS A 60 10.96 -2.14 10.51
N GLU A 61 12.00 -2.46 11.27
CA GLU A 61 12.05 -2.26 12.72
C GLU A 61 11.63 -0.83 13.09
N GLN A 62 12.27 0.16 12.47
CA GLN A 62 11.96 1.57 12.71
C GLN A 62 12.33 1.99 14.12
N VAL A 63 13.60 2.34 14.33
CA VAL A 63 14.08 2.74 15.64
C VAL A 63 13.38 3.99 16.14
N THR A 64 12.52 3.80 17.13
CA THR A 64 11.76 4.89 17.72
C THR A 64 12.22 5.17 19.15
N ASN A 65 13.35 4.59 19.51
CA ASN A 65 13.90 4.78 20.85
C ASN A 65 14.93 5.90 20.88
N VAL A 66 15.51 6.20 19.72
CA VAL A 66 16.51 7.26 19.62
C VAL A 66 16.18 8.19 18.47
N GLY A 67 15.58 9.33 18.78
CA GLY A 67 15.23 10.29 17.76
C GLY A 67 13.74 10.39 17.55
N GLY A 68 13.33 11.25 16.62
CA GLY A 68 11.93 11.43 16.34
C GLY A 68 11.71 12.47 15.25
N ALA A 69 10.62 12.35 14.53
CA ALA A 69 10.31 13.29 13.46
C ALA A 69 8.81 13.45 13.32
N VAL A 70 8.39 14.61 12.83
CA VAL A 70 6.98 14.91 12.63
C VAL A 70 6.80 15.85 11.45
N VAL A 71 5.90 15.48 10.55
CA VAL A 71 5.63 16.29 9.37
C VAL A 71 4.13 16.52 9.23
N THR A 72 3.75 17.72 8.83
CA THR A 72 2.35 18.07 8.64
C THR A 72 1.96 17.87 7.18
N GLY A 73 2.88 17.30 6.40
CA GLY A 73 2.62 17.06 5.01
C GLY A 73 2.58 15.59 4.66
N VAL A 74 2.55 15.30 3.37
CA VAL A 74 2.49 13.92 2.88
C VAL A 74 3.77 13.14 3.21
N THR A 75 4.84 13.86 3.52
CA THR A 75 6.12 13.25 3.84
C THR A 75 6.15 12.60 5.23
N ALA A 76 5.00 12.55 5.89
CA ALA A 76 4.91 11.96 7.22
C ALA A 76 4.67 10.45 7.11
N VAL A 77 4.19 10.02 5.95
CA VAL A 77 3.92 8.62 5.70
C VAL A 77 4.44 8.22 4.32
N ALA A 78 5.16 7.11 4.27
CA ALA A 78 5.72 6.64 3.01
C ALA A 78 5.57 5.13 2.89
N GLN A 79 4.76 4.70 1.93
CA GLN A 79 4.53 3.28 1.70
C GLN A 79 5.65 2.70 0.85
N LYS A 80 6.13 1.53 1.24
CA LYS A 80 7.20 0.87 0.51
C LYS A 80 6.75 -0.48 -0.02
N THR A 81 7.24 -0.82 -1.22
CA THR A 81 6.91 -2.08 -1.89
C THR A 81 5.40 -2.25 -2.12
N VAL A 82 4.85 -1.38 -2.93
CA VAL A 82 3.42 -1.43 -3.26
C VAL A 82 3.25 -1.69 -4.75
N GLU A 83 4.35 -2.08 -5.37
CA GLU A 83 4.38 -2.37 -6.79
C GLU A 83 4.51 -3.88 -6.98
N GLY A 84 4.90 -4.55 -5.91
CA GLY A 84 5.08 -5.98 -5.92
C GLY A 84 4.56 -6.59 -4.63
N ALA A 85 4.48 -7.91 -4.60
CA ALA A 85 4.00 -8.62 -3.42
C ALA A 85 4.95 -8.48 -2.23
N GLY A 86 4.78 -7.41 -1.47
CA GLY A 86 5.63 -7.16 -0.32
C GLY A 86 4.99 -7.67 0.96
N SER A 87 5.83 -8.04 1.92
CA SER A 87 5.36 -8.56 3.20
C SER A 87 4.57 -7.50 3.98
N ILE A 88 4.95 -6.24 3.82
CA ILE A 88 4.28 -5.15 4.53
C ILE A 88 2.93 -4.80 3.90
N ALA A 89 2.68 -5.31 2.70
CA ALA A 89 1.43 -5.03 2.02
C ALA A 89 0.30 -5.90 2.58
N ALA A 90 0.69 -7.03 3.18
CA ALA A 90 -0.27 -7.94 3.77
C ALA A 90 -0.57 -7.57 5.22
N ALA A 91 0.28 -6.71 5.79
CA ALA A 91 0.11 -6.26 7.16
C ALA A 91 -1.05 -5.28 7.26
N THR A 92 -2.25 -5.82 7.37
CA THR A 92 -3.44 -5.01 7.47
C THR A 92 -4.55 -5.75 8.21
N GLY A 93 -5.12 -5.10 9.22
CA GLY A 93 -6.21 -5.71 9.95
C GLY A 93 -7.42 -5.75 9.06
N PHE A 94 -7.98 -4.56 8.80
CA PHE A 94 -9.12 -4.44 7.91
C PHE A 94 -8.73 -5.00 6.54
N VAL A 95 -9.15 -6.24 6.29
CA VAL A 95 -8.82 -6.94 5.06
C VAL A 95 -9.41 -6.29 3.81
N LYS A 96 -10.50 -5.56 3.96
CA LYS A 96 -11.15 -4.90 2.82
C LYS A 96 -10.44 -3.61 2.42
N LYS A 97 -9.15 -3.52 2.71
CA LYS A 97 -8.35 -2.36 2.38
C LYS A 97 -7.38 -2.73 1.27
N ASP A 98 -7.95 -3.15 0.14
CA ASP A 98 -7.20 -3.59 -1.04
C ASP A 98 -6.44 -2.44 -1.71
N GLN A 99 -6.55 -1.24 -1.16
CA GLN A 99 -5.88 -0.06 -1.71
C GLN A 99 -4.38 -0.05 -1.40
N LEU A 100 -3.74 -1.18 -1.64
CA LEU A 100 -2.30 -1.34 -1.40
C LEU A 100 -1.70 -2.29 -2.43
N GLY A 101 -1.37 -1.76 -3.61
CA GLY A 101 -0.77 -2.58 -4.65
C GLY A 101 -0.85 -1.90 -6.00
N LYS A 102 -0.22 -2.49 -7.00
CA LYS A 102 -0.24 -1.94 -8.35
C LYS A 102 -0.28 -3.06 -9.38
N ASN A 103 -1.14 -2.92 -10.37
CA ASN A 103 -1.27 -3.93 -11.40
C ASN A 103 -0.86 -3.38 -12.75
N GLU A 104 0.28 -3.85 -13.24
CA GLU A 104 0.81 -3.44 -14.52
C GLU A 104 0.42 -4.46 -15.57
N GLU A 105 0.77 -4.20 -16.82
CA GLU A 105 0.46 -5.12 -17.90
C GLU A 105 1.67 -6.01 -18.22
N GLY A 106 1.53 -6.88 -19.21
CA GLY A 106 2.62 -7.77 -19.55
C GLY A 106 2.98 -7.72 -21.03
N ALA A 107 4.27 -7.86 -21.33
CA ALA A 107 4.74 -7.83 -22.71
C ALA A 107 4.94 -9.23 -23.24
N PRO A 108 4.75 -9.43 -24.57
CA PRO A 108 4.93 -10.74 -25.21
C PRO A 108 6.33 -11.29 -24.97
N GLN A 109 6.49 -12.58 -25.10
CA GLN A 109 7.79 -13.22 -24.86
C GLN A 109 8.61 -13.38 -26.13
N GLU A 110 9.94 -13.34 -25.97
CA GLU A 110 10.88 -13.49 -27.08
C GLU A 110 10.85 -14.93 -27.63
N GLY A 111 11.29 -15.08 -28.87
CA GLY A 111 11.33 -16.38 -29.50
C GLY A 111 10.08 -16.67 -30.31
N ILE A 112 9.62 -15.68 -31.06
CA ILE A 112 8.42 -15.85 -31.88
C ILE A 112 8.63 -15.35 -33.30
N LEU A 113 7.98 -15.99 -34.26
CA LEU A 113 8.07 -15.60 -35.66
C LEU A 113 6.90 -14.67 -35.98
N GLU A 114 7.21 -13.58 -36.71
CA GLU A 114 6.22 -12.55 -37.08
C GLU A 114 6.04 -11.58 -35.92
N ASP A 115 6.49 -10.35 -36.13
CA ASP A 115 6.43 -9.31 -35.10
C ASP A 115 5.03 -8.73 -35.01
N MET A 116 4.16 -9.40 -34.28
CA MET A 116 2.78 -8.95 -34.10
C MET A 116 2.59 -8.18 -32.80
N PRO A 117 2.52 -6.85 -32.87
CA PRO A 117 2.33 -5.99 -31.71
C PRO A 117 0.88 -5.55 -31.56
N VAL A 118 0.66 -4.57 -30.69
CA VAL A 118 -0.67 -4.02 -30.48
C VAL A 118 -0.82 -2.76 -31.33
N ASP A 119 -2.02 -2.51 -31.82
CA ASP A 119 -2.29 -1.34 -32.66
C ASP A 119 -1.98 -0.07 -31.89
N PRO A 120 -1.37 0.92 -32.58
CA PRO A 120 -1.00 2.20 -31.97
C PRO A 120 -2.24 3.03 -31.59
N ASP A 121 -3.37 2.68 -32.19
CA ASP A 121 -4.67 3.34 -31.96
C ASP A 121 -4.55 4.87 -31.91
N ASN A 122 -4.57 5.48 -33.07
CA ASN A 122 -4.42 6.93 -33.19
C ASN A 122 -5.75 7.61 -33.52
N GLU A 123 -6.42 8.09 -32.49
CA GLU A 123 -7.68 8.79 -32.67
C GLU A 123 -7.43 10.07 -33.48
N ALA A 124 -8.31 10.36 -34.42
CA ALA A 124 -8.16 11.54 -35.26
C ALA A 124 -9.48 12.28 -35.39
N TYR A 125 -9.85 13.00 -34.33
CA TYR A 125 -11.08 13.79 -34.29
C TYR A 125 -12.33 12.91 -34.22
N GLU A 126 -12.23 11.77 -33.55
CA GLU A 126 -13.36 10.85 -33.43
C GLU A 126 -14.25 11.25 -32.25
N MET A 127 -13.61 11.49 -31.11
CA MET A 127 -14.28 11.88 -29.88
C MET A 127 -15.25 10.80 -29.39
N PRO A 128 -14.72 9.73 -28.78
CA PRO A 128 -15.54 8.63 -28.27
C PRO A 128 -16.40 9.07 -27.09
N SER A 129 -17.55 8.42 -26.91
CA SER A 129 -18.45 8.76 -25.80
C SER A 129 -17.98 8.05 -24.52
N GLU A 130 -16.72 7.65 -24.51
CA GLU A 130 -16.14 6.96 -23.38
C GLU A 130 -14.82 7.65 -23.02
N GLU A 131 -14.88 8.53 -22.04
CA GLU A 131 -13.71 9.27 -21.61
C GLU A 131 -13.31 8.89 -20.19
N GLY A 132 -12.17 9.42 -19.75
CA GLY A 132 -11.68 9.13 -18.42
C GLY A 132 -10.77 7.92 -18.40
N TYR A 133 -10.16 7.66 -17.25
CA TYR A 133 -9.27 6.52 -17.10
C TYR A 133 -9.45 5.90 -15.73
N GLN A 134 -9.16 4.60 -15.62
CA GLN A 134 -9.30 3.90 -14.35
C GLN A 134 -8.01 3.18 -14.00
N ASP A 135 -7.73 3.10 -12.70
CA ASP A 135 -6.55 2.43 -12.20
C ASP A 135 -6.89 0.99 -11.83
N TYR A 136 -5.94 0.26 -11.24
CA TYR A 136 -6.18 -1.13 -10.87
C TYR A 136 -5.65 -1.44 -9.48
N GLU A 137 -6.56 -1.61 -8.53
CA GLU A 137 -6.19 -1.96 -7.17
C GLU A 137 -6.35 -3.47 -6.97
N PRO A 138 -5.25 -4.23 -6.98
CA PRO A 138 -5.28 -5.68 -6.81
C PRO A 138 -4.90 -6.10 -5.39
N GLU A 139 -4.96 -7.40 -5.12
CA GLU A 139 -4.61 -7.92 -3.80
C GLU A 139 -3.11 -7.85 -3.58
N ALA A 140 -2.65 -6.74 -2.99
CA ALA A 140 -1.24 -6.52 -2.70
C ALA A 140 -0.36 -6.71 -3.93
N HIS B 1 -6.89 -14.04 10.33
CA HIS B 1 -7.98 -13.10 10.55
C HIS B 1 -7.49 -11.85 11.28
N VAL B 2 -8.41 -11.14 11.91
CA VAL B 2 -8.06 -9.91 12.63
C VAL B 2 -8.28 -10.07 14.12
N ASN B 3 -7.21 -9.92 14.90
CA ASN B 3 -7.31 -10.05 16.35
C ASN B 3 -8.12 -8.90 16.94
N GLU B 4 -7.93 -7.71 16.39
CA GLU B 4 -8.64 -6.52 16.87
C GLU B 4 -10.13 -6.62 16.56
N LEU B 5 -10.48 -7.50 15.63
CA LEU B 5 -11.87 -7.69 15.23
C LEU B 5 -12.58 -8.61 16.21
N SER B 6 -11.80 -9.38 16.98
CA SER B 6 -12.35 -10.31 17.94
C SER B 6 -12.14 -9.83 19.39
N ARG B 7 -11.08 -9.07 19.62
CA ARG B 7 -10.78 -8.57 20.95
C ARG B 7 -11.32 -7.17 21.16
N ILE B 8 -11.41 -6.42 20.06
CA ILE B 8 -11.95 -5.06 20.08
C ILE B 8 -11.23 -4.15 21.09
N LYS B 9 -9.97 -3.82 20.78
CA LYS B 9 -9.17 -2.95 21.65
C LYS B 9 -9.88 -1.63 21.90
N LEU B 10 -10.57 -1.14 20.87
CA LEU B 10 -11.32 0.11 20.93
C LEU B 10 -10.47 1.28 21.41
N ARG B 11 -9.50 1.67 20.60
CA ARG B 11 -8.63 2.78 20.95
C ARG B 11 -8.93 3.99 20.08
N VAL B 12 -9.10 5.14 20.72
CA VAL B 12 -9.35 6.38 20.00
C VAL B 12 -8.06 7.19 19.90
N CYS B 13 -7.78 7.68 18.72
CA CYS B 13 -6.57 8.47 18.50
C CYS B 13 -6.91 9.95 18.37
N GLN B 14 -6.69 10.69 19.45
CA GLN B 14 -6.97 12.11 19.45
C GLN B 14 -5.76 12.90 19.97
N PRO B 15 -5.12 13.69 19.10
CA PRO B 15 -3.96 14.50 19.49
C PRO B 15 -4.38 15.77 20.24
N SER B 16 -3.46 16.31 21.03
CA SER B 16 -3.73 17.51 21.80
C SER B 16 -3.63 18.76 20.92
N ARG B 17 -3.06 18.60 19.73
CA ARG B 17 -2.89 19.69 18.79
C ARG B 17 -3.00 19.19 17.35
N SER B 18 -4.13 19.46 16.70
CA SER B 18 -4.35 19.04 15.33
C SER B 18 -4.26 20.23 14.37
N GLU B 19 -3.17 20.31 13.65
CA GLU B 19 -2.97 21.39 12.68
C GLU B 19 -3.26 20.86 11.29
N ILE B 20 -2.23 20.33 10.64
CA ILE B 20 -2.37 19.77 9.30
C ILE B 20 -2.08 18.27 9.37
N HIS B 21 -3.04 17.48 8.92
CA HIS B 21 -2.89 16.03 8.93
C HIS B 21 -3.84 15.39 7.91
N PHE B 22 -3.82 14.07 7.85
CA PHE B 22 -4.67 13.34 6.93
C PHE B 22 -5.62 12.40 7.65
N LYS B 23 -6.11 11.41 6.91
CA LYS B 23 -7.04 10.42 7.44
C LYS B 23 -7.29 9.38 6.36
N VAL B 24 -7.95 8.29 6.74
CA VAL B 24 -8.26 7.23 5.80
C VAL B 24 -9.27 7.73 4.76
N LYS B 25 -9.09 7.28 3.51
CA LYS B 25 -9.95 7.67 2.41
C LYS B 25 -11.41 7.33 2.67
N MET B 26 -11.65 6.26 3.42
CA MET B 26 -13.01 5.82 3.72
C MET B 26 -13.21 5.65 5.22
N THR B 27 -14.35 6.11 5.71
CA THR B 27 -14.69 6.01 7.13
C THR B 27 -14.85 4.56 7.55
N THR B 28 -15.36 3.73 6.64
CA THR B 28 -15.57 2.32 6.91
C THR B 28 -14.24 1.60 7.11
N HIS B 29 -13.20 2.08 6.44
CA HIS B 29 -11.87 1.48 6.51
C HIS B 29 -11.02 2.09 7.61
N LEU B 30 -11.46 3.23 8.12
CA LEU B 30 -10.76 3.95 9.18
C LEU B 30 -10.40 3.05 10.37
N LYS B 31 -11.16 1.98 10.55
CA LYS B 31 -10.92 1.06 11.65
C LYS B 31 -9.51 0.45 11.63
N LYS B 32 -8.88 0.39 10.46
CA LYS B 32 -7.52 -0.15 10.37
C LYS B 32 -6.51 0.78 11.02
N LEU B 33 -6.85 2.05 11.11
CA LEU B 33 -5.97 3.05 11.70
C LEU B 33 -5.81 2.81 13.20
N LYS B 34 -6.76 2.09 13.78
CA LYS B 34 -6.71 1.79 15.21
C LYS B 34 -5.94 0.49 15.44
N GLU B 35 -5.75 -0.26 14.36
CA GLU B 35 -5.02 -1.52 14.40
C GLU B 35 -3.54 -1.22 14.21
N SER B 36 -3.28 -0.13 13.48
CA SER B 36 -1.93 0.34 13.23
C SER B 36 -1.47 1.17 14.43
N TYR B 37 -0.50 2.06 14.23
CA TYR B 37 -0.02 2.88 15.33
C TYR B 37 0.12 4.34 14.96
N CYS B 38 -0.42 5.20 15.82
CA CYS B 38 -0.37 6.65 15.60
C CYS B 38 1.03 7.17 15.88
N GLN B 39 1.48 8.10 15.04
CA GLN B 39 2.80 8.70 15.20
C GLN B 39 2.80 9.70 16.35
N ARG B 40 3.33 9.28 17.49
CA ARG B 40 3.39 10.14 18.66
C ARG B 40 4.61 11.03 18.61
N GLN B 41 4.37 12.33 18.59
CA GLN B 41 5.45 13.31 18.53
C GLN B 41 5.48 14.16 19.81
N MET A 1 -21.79 -10.91 7.99
CA MET A 1 -20.40 -10.81 7.52
C MET A 1 -20.29 -11.30 6.08
N ASP A 2 -20.70 -10.44 5.15
CA ASP A 2 -20.64 -10.79 3.73
C ASP A 2 -19.22 -10.70 3.20
N VAL A 3 -18.80 -11.77 2.51
CA VAL A 3 -17.46 -11.88 1.93
C VAL A 3 -16.36 -11.45 2.91
N PHE A 4 -16.41 -12.01 4.11
CA PHE A 4 -15.41 -11.68 5.12
C PHE A 4 -14.28 -12.69 5.16
N MET A 5 -13.19 -12.37 4.48
CA MET A 5 -12.04 -13.25 4.44
C MET A 5 -10.75 -12.43 4.56
N LYS A 6 -9.81 -12.93 5.34
CA LYS A 6 -8.55 -12.24 5.53
C LYS A 6 -7.37 -13.21 5.48
N GLY A 7 -6.43 -12.93 4.59
CA GLY A 7 -5.27 -13.79 4.45
C GLY A 7 -4.18 -13.44 5.45
N LEU A 8 -4.58 -13.18 6.69
CA LEU A 8 -3.63 -12.84 7.74
C LEU A 8 -3.60 -13.90 8.83
N SER A 9 -4.49 -14.88 8.70
CA SER A 9 -4.57 -15.96 9.68
C SER A 9 -3.61 -17.09 9.29
N LYS A 10 -3.43 -17.29 7.98
CA LYS A 10 -2.55 -18.32 7.46
C LYS A 10 -2.43 -18.22 5.94
N ALA A 11 -1.50 -17.40 5.49
CA ALA A 11 -1.27 -17.24 4.06
C ALA A 11 0.21 -17.41 3.77
N LYS A 12 0.52 -18.29 2.83
CA LYS A 12 1.90 -18.58 2.44
C LYS A 12 2.65 -19.32 3.55
N GLU A 13 3.97 -19.32 3.46
CA GLU A 13 4.82 -19.97 4.44
C GLU A 13 6.08 -19.15 4.65
N GLY A 14 6.98 -19.61 5.51
CA GLY A 14 8.20 -18.88 5.75
C GLY A 14 8.64 -19.02 7.19
N VAL A 15 9.79 -18.42 7.51
CA VAL A 15 10.33 -18.46 8.85
C VAL A 15 10.42 -17.05 9.43
N VAL A 16 9.73 -16.83 10.54
CA VAL A 16 9.74 -15.52 11.19
C VAL A 16 10.08 -15.67 12.66
N ALA A 17 10.61 -14.62 13.24
CA ALA A 17 10.98 -14.64 14.65
C ALA A 17 9.80 -14.24 15.53
N ALA A 18 9.45 -15.10 16.47
CA ALA A 18 8.34 -14.83 17.38
C ALA A 18 8.69 -13.69 18.34
N ALA A 19 9.96 -13.34 18.39
CA ALA A 19 10.44 -12.26 19.25
C ALA A 19 10.62 -10.97 18.46
N GLU A 20 10.36 -11.05 17.15
CA GLU A 20 10.49 -9.89 16.28
C GLU A 20 9.13 -9.55 15.69
N LYS A 21 8.44 -8.61 16.33
CA LYS A 21 7.12 -8.21 15.88
C LYS A 21 6.89 -6.72 16.09
N THR A 22 7.01 -5.96 15.02
CA THR A 22 6.80 -4.52 15.06
C THR A 22 5.36 -4.19 14.69
N LYS A 23 4.63 -3.54 15.60
CA LYS A 23 3.24 -3.18 15.35
C LYS A 23 3.13 -1.71 14.93
N GLN A 24 4.25 -1.12 14.55
CA GLN A 24 4.27 0.28 14.15
C GLN A 24 4.87 0.43 12.76
N GLY A 25 4.65 1.58 12.14
CA GLY A 25 5.19 1.83 10.82
C GLY A 25 4.23 1.48 9.71
N VAL A 26 3.18 0.75 10.05
CA VAL A 26 2.17 0.36 9.08
C VAL A 26 1.21 1.51 8.78
N ALA A 27 0.87 1.66 7.52
CA ALA A 27 -0.04 2.72 7.10
C ALA A 27 -1.17 2.15 6.23
N GLU A 28 -2.13 2.99 5.89
CA GLU A 28 -3.25 2.55 5.07
C GLU A 28 -3.67 3.64 4.08
N ALA A 29 -4.84 3.45 3.47
CA ALA A 29 -5.35 4.40 2.50
C ALA A 29 -5.93 5.64 3.20
N ALA A 30 -5.05 6.47 3.72
CA ALA A 30 -5.43 7.69 4.39
C ALA A 30 -4.74 8.89 3.75
N GLY A 31 -3.59 8.64 3.15
CA GLY A 31 -2.83 9.69 2.51
C GLY A 31 -3.39 10.09 1.15
N LYS A 32 -3.31 11.39 0.85
CA LYS A 32 -3.80 11.91 -0.42
C LYS A 32 -2.67 11.89 -1.44
N THR A 33 -2.45 10.73 -2.03
CA THR A 33 -1.40 10.53 -3.02
C THR A 33 -1.60 11.39 -4.27
N LYS A 34 -0.49 11.86 -4.82
CA LYS A 34 -0.49 12.69 -6.02
C LYS A 34 0.61 12.20 -6.95
N GLU A 35 0.58 12.64 -8.20
CA GLU A 35 1.61 12.28 -9.17
C GLU A 35 2.91 12.98 -8.82
N GLY A 36 2.84 14.31 -8.75
CA GLY A 36 4.01 15.10 -8.41
C GLY A 36 4.68 15.69 -9.63
N VAL A 37 6.00 15.57 -9.67
CA VAL A 37 6.79 16.09 -10.77
C VAL A 37 8.22 15.55 -10.69
N LEU A 38 8.88 15.43 -11.83
CA LEU A 38 10.25 14.93 -11.85
C LEU A 38 11.23 16.08 -11.81
N TYR A 39 12.02 16.16 -10.74
CA TYR A 39 13.00 17.22 -10.59
C TYR A 39 14.42 16.66 -10.64
N VAL A 40 15.20 17.15 -11.58
CA VAL A 40 16.59 16.72 -11.74
C VAL A 40 17.50 17.90 -11.37
N GLY A 41 18.74 17.61 -11.03
CA GLY A 41 19.65 18.67 -10.66
C GLY A 41 20.85 18.76 -11.58
N SER A 42 21.74 19.69 -11.29
CA SER A 42 22.95 19.89 -12.09
C SER A 42 23.91 18.72 -11.89
N LYS A 43 23.68 17.96 -10.83
CA LYS A 43 24.51 16.81 -10.53
C LYS A 43 23.72 15.55 -10.83
N THR A 44 24.31 14.69 -11.66
CA THR A 44 23.68 13.44 -12.07
C THR A 44 23.25 12.59 -10.87
N LYS A 45 24.24 12.20 -10.05
CA LYS A 45 24.00 11.37 -8.88
C LYS A 45 23.64 9.94 -9.29
N GLU A 46 24.20 8.94 -8.60
CA GLU A 46 23.91 7.55 -8.95
C GLU A 46 22.43 7.26 -8.78
N GLY A 47 21.88 7.74 -7.67
CA GLY A 47 20.48 7.54 -7.39
C GLY A 47 20.26 6.30 -6.57
N VAL A 48 21.37 5.64 -6.21
CA VAL A 48 21.33 4.40 -5.42
C VAL A 48 20.93 3.21 -6.29
N VAL A 49 21.65 2.12 -6.15
CA VAL A 49 21.39 0.89 -6.90
C VAL A 49 19.92 0.50 -6.80
N HIS A 50 19.22 0.57 -7.93
CA HIS A 50 17.81 0.23 -7.99
C HIS A 50 17.61 -1.27 -7.81
N GLY A 51 16.53 -1.62 -7.13
CA GLY A 51 16.24 -3.02 -6.87
C GLY A 51 14.90 -3.45 -7.43
N VAL A 52 14.41 -4.60 -6.99
CA VAL A 52 13.14 -5.12 -7.45
C VAL A 52 12.07 -4.98 -6.37
N ALA A 53 10.82 -5.22 -6.74
CA ALA A 53 9.70 -5.12 -5.80
C ALA A 53 9.47 -6.45 -5.10
N THR A 54 10.00 -7.53 -5.67
CA THR A 54 9.84 -8.86 -5.11
C THR A 54 10.85 -9.10 -3.98
N VAL A 55 10.79 -8.25 -2.96
CA VAL A 55 11.68 -8.36 -1.81
C VAL A 55 11.20 -9.46 -0.88
N ALA A 56 12.08 -10.41 -0.57
CA ALA A 56 11.74 -11.52 0.30
C ALA A 56 11.44 -11.04 1.73
N GLU A 57 12.49 -10.71 2.47
CA GLU A 57 12.32 -10.25 3.85
C GLU A 57 12.25 -8.73 3.87
N LYS A 58 11.05 -8.20 4.09
CA LYS A 58 10.83 -6.76 4.12
C LYS A 58 10.42 -6.31 5.51
N THR A 59 11.40 -5.93 6.31
CA THR A 59 11.16 -5.46 7.66
C THR A 59 11.08 -3.94 7.70
N LYS A 60 10.87 -3.41 8.90
CA LYS A 60 10.82 -1.97 9.15
C LYS A 60 10.63 -1.71 10.64
N GLU A 61 11.74 -1.73 11.35
CA GLU A 61 11.76 -1.53 12.79
C GLU A 61 11.51 -0.07 13.15
N GLN A 62 12.20 0.84 12.44
CA GLN A 62 12.08 2.28 12.69
C GLN A 62 12.55 2.65 14.10
N VAL A 63 13.81 3.04 14.21
CA VAL A 63 14.37 3.44 15.50
C VAL A 63 13.67 4.69 16.04
N THR A 64 12.77 4.48 16.98
CA THR A 64 12.02 5.58 17.58
C THR A 64 12.47 5.85 19.00
N ASN A 65 13.62 5.29 19.36
CA ASN A 65 14.16 5.45 20.70
C ASN A 65 15.24 6.52 20.72
N VAL A 66 15.82 6.80 19.56
CA VAL A 66 16.88 7.80 19.46
C VAL A 66 16.54 8.81 18.36
N GLY A 67 15.85 9.88 18.75
CA GLY A 67 15.50 10.90 17.79
C GLY A 67 13.99 11.03 17.62
N GLY A 68 13.58 11.88 16.69
CA GLY A 68 12.16 12.09 16.43
C GLY A 68 11.96 13.17 15.40
N ALA A 69 10.79 13.17 14.76
CA ALA A 69 10.48 14.15 13.74
C ALA A 69 9.00 14.49 13.77
N VAL A 70 8.67 15.69 13.29
CA VAL A 70 7.28 16.13 13.26
C VAL A 70 6.97 16.83 11.93
N VAL A 71 6.16 16.19 11.11
CA VAL A 71 5.79 16.74 9.81
C VAL A 71 4.27 16.85 9.71
N THR A 72 3.79 18.04 9.40
CA THR A 72 2.36 18.30 9.26
C THR A 72 1.96 18.25 7.78
N GLY A 73 2.92 17.89 6.93
CA GLY A 73 2.65 17.82 5.50
C GLY A 73 2.50 16.39 5.01
N VAL A 74 2.32 16.23 3.70
CA VAL A 74 2.15 14.91 3.10
C VAL A 74 3.44 14.09 3.14
N THR A 75 4.55 14.74 3.44
CA THR A 75 5.84 14.08 3.51
C THR A 75 6.03 13.32 4.83
N ALA A 76 4.96 13.20 5.61
CA ALA A 76 5.02 12.50 6.89
C ALA A 76 4.77 11.01 6.70
N VAL A 77 3.98 10.67 5.68
CA VAL A 77 3.66 9.27 5.41
C VAL A 77 3.95 8.92 3.95
N ALA A 78 4.66 7.82 3.74
CA ALA A 78 5.00 7.40 2.39
C ALA A 78 4.74 5.91 2.19
N GLN A 79 3.72 5.60 1.41
CA GLN A 79 3.38 4.22 1.13
C GLN A 79 4.35 3.62 0.13
N LYS A 80 4.80 2.41 0.40
CA LYS A 80 5.73 1.73 -0.49
C LYS A 80 5.13 0.41 -0.94
N THR A 81 5.43 0.01 -2.16
CA THR A 81 4.93 -1.24 -2.76
C THR A 81 3.41 -1.26 -2.94
N VAL A 82 2.89 -0.30 -3.71
CA VAL A 82 1.46 -0.21 -3.99
C VAL A 82 1.24 -0.24 -5.50
N GLU A 83 2.31 -0.53 -6.22
CA GLU A 83 2.29 -0.61 -7.68
C GLU A 83 2.13 -2.08 -8.07
N GLY A 84 2.46 -2.95 -7.12
CA GLY A 84 2.36 -4.38 -7.33
C GLY A 84 2.11 -5.10 -6.02
N ALA A 85 2.07 -6.43 -6.06
CA ALA A 85 1.83 -7.24 -4.86
C ALA A 85 2.84 -6.96 -3.75
N GLY A 86 2.47 -6.08 -2.82
CA GLY A 86 3.35 -5.75 -1.73
C GLY A 86 2.88 -6.38 -0.42
N SER A 87 3.84 -6.86 0.34
CA SER A 87 3.56 -7.52 1.61
C SER A 87 2.85 -6.60 2.62
N ILE A 88 3.12 -5.31 2.55
CA ILE A 88 2.52 -4.34 3.46
C ILE A 88 1.07 -4.00 3.08
N ALA A 89 0.72 -4.23 1.82
CA ALA A 89 -0.64 -3.95 1.34
C ALA A 89 -1.61 -4.97 1.92
N ALA A 90 -1.12 -6.20 2.09
CA ALA A 90 -1.93 -7.29 2.64
C ALA A 90 -2.22 -7.07 4.12
N ALA A 91 -1.35 -6.31 4.78
CA ALA A 91 -1.51 -6.00 6.18
C ALA A 91 -2.59 -4.94 6.35
N THR A 92 -3.79 -5.38 6.70
CA THR A 92 -4.92 -4.48 6.87
C THR A 92 -5.97 -5.14 7.75
N GLY A 93 -6.96 -4.37 8.19
CA GLY A 93 -8.01 -4.90 9.04
C GLY A 93 -9.03 -5.72 8.28
N PHE A 94 -9.79 -5.06 7.43
CA PHE A 94 -10.79 -5.73 6.63
C PHE A 94 -10.29 -5.87 5.19
N VAL A 95 -11.16 -6.30 4.30
CA VAL A 95 -10.78 -6.46 2.90
C VAL A 95 -11.42 -5.37 2.03
N LYS A 96 -12.21 -4.51 2.66
CA LYS A 96 -12.90 -3.44 1.94
C LYS A 96 -12.06 -2.16 1.86
N LYS A 97 -10.97 -2.24 1.10
CA LYS A 97 -10.07 -1.11 0.91
C LYS A 97 -9.08 -1.43 -0.20
N ASP A 98 -9.61 -1.58 -1.39
CA ASP A 98 -8.83 -1.92 -2.58
C ASP A 98 -8.10 -0.70 -3.17
N GLN A 99 -7.87 0.30 -2.33
CA GLN A 99 -7.19 1.53 -2.76
C GLN A 99 -5.68 1.39 -2.66
N LEU A 100 -5.17 0.19 -2.88
CA LEU A 100 -3.74 -0.08 -2.81
C LEU A 100 -3.31 -1.09 -3.86
N GLY A 101 -3.21 -0.63 -5.11
CA GLY A 101 -2.81 -1.50 -6.20
C GLY A 101 -3.03 -0.84 -7.55
N LYS A 102 -2.45 -1.42 -8.59
CA LYS A 102 -2.61 -0.89 -9.94
C LYS A 102 -2.62 -2.02 -10.95
N ASN A 103 -3.54 -1.96 -11.92
CA ASN A 103 -3.64 -2.99 -12.92
C ASN A 103 -3.41 -2.44 -14.31
N GLU A 104 -2.31 -2.86 -14.94
CA GLU A 104 -1.97 -2.42 -16.28
C GLU A 104 -2.44 -3.48 -17.28
N GLU A 105 -2.16 -3.25 -18.56
CA GLU A 105 -2.54 -4.21 -19.59
C GLU A 105 -1.35 -5.09 -19.99
N GLY A 106 -1.55 -5.96 -20.97
CA GLY A 106 -0.48 -6.85 -21.40
C GLY A 106 -0.28 -6.85 -22.89
N ALA A 107 0.98 -6.83 -23.31
CA ALA A 107 1.31 -6.81 -24.74
C ALA A 107 1.53 -8.24 -25.27
N PRO A 108 1.20 -8.48 -26.56
CA PRO A 108 1.38 -9.79 -27.20
C PRO A 108 2.83 -10.26 -27.14
N GLN A 109 3.03 -11.55 -27.28
CA GLN A 109 4.37 -12.12 -27.20
C GLN A 109 5.05 -12.31 -28.57
N GLU A 110 6.36 -12.17 -28.56
CA GLU A 110 7.20 -12.32 -29.75
C GLU A 110 7.20 -13.76 -30.29
N GLY A 111 7.53 -13.91 -31.57
CA GLY A 111 7.58 -15.23 -32.19
C GLY A 111 6.26 -15.61 -32.80
N ILE A 112 5.67 -14.68 -33.53
CA ILE A 112 4.39 -14.90 -34.16
C ILE A 112 4.42 -14.42 -35.61
N LEU A 113 3.66 -15.09 -36.46
CA LEU A 113 3.56 -14.70 -37.86
C LEU A 113 2.33 -13.84 -38.03
N GLU A 114 2.46 -12.78 -38.84
CA GLU A 114 1.38 -11.82 -39.09
C GLU A 114 1.32 -10.79 -37.97
N ASP A 115 1.67 -9.56 -38.30
CA ASP A 115 1.71 -8.46 -37.33
C ASP A 115 0.31 -7.93 -37.06
N MET A 116 -0.44 -8.67 -36.25
CA MET A 116 -1.81 -8.30 -35.90
C MET A 116 -1.87 -7.53 -34.57
N PRO A 117 -2.15 -6.23 -34.62
CA PRO A 117 -2.24 -5.38 -33.45
C PRO A 117 -3.69 -5.00 -33.11
N VAL A 118 -3.84 -3.98 -32.28
CA VAL A 118 -5.16 -3.48 -31.90
C VAL A 118 -5.48 -2.26 -32.74
N ASP A 119 -6.75 -2.06 -33.08
CA ASP A 119 -7.16 -0.93 -33.91
C ASP A 119 -6.81 0.39 -33.23
N PRO A 120 -6.29 1.36 -34.00
CA PRO A 120 -5.91 2.67 -33.47
C PRO A 120 -7.11 3.47 -33.00
N ASP A 121 -8.30 3.06 -33.46
CA ASP A 121 -9.58 3.69 -33.11
C ASP A 121 -9.52 5.21 -33.12
N ASN A 122 -9.77 5.80 -34.27
CA ASN A 122 -9.71 7.24 -34.41
C ASN A 122 -11.08 7.86 -34.59
N GLU A 123 -11.73 8.19 -33.48
CA GLU A 123 -13.02 8.85 -33.52
C GLU A 123 -12.92 10.11 -34.38
N ALA A 124 -13.93 10.36 -35.20
CA ALA A 124 -13.92 11.53 -36.07
C ALA A 124 -15.27 12.23 -36.09
N TYR A 125 -15.58 12.93 -35.00
CA TYR A 125 -16.84 13.67 -34.87
C TYR A 125 -18.05 12.74 -34.75
N GLU A 126 -17.88 11.69 -33.96
CA GLU A 126 -18.94 10.71 -33.75
C GLU A 126 -19.68 11.03 -32.45
N MET A 127 -18.90 11.34 -31.42
CA MET A 127 -19.41 11.69 -30.10
C MET A 127 -20.26 10.57 -29.49
N PRO A 128 -19.61 9.55 -28.89
CA PRO A 128 -20.31 8.43 -28.28
C PRO A 128 -21.06 8.87 -27.02
N SER A 129 -22.12 8.14 -26.68
CA SER A 129 -22.91 8.44 -25.49
C SER A 129 -22.28 7.76 -24.27
N GLU A 130 -20.98 7.49 -24.37
CA GLU A 130 -20.22 6.83 -23.32
C GLU A 130 -18.92 7.59 -23.11
N GLU A 131 -18.95 8.55 -22.20
CA GLU A 131 -17.77 9.37 -21.92
C GLU A 131 -17.20 9.04 -20.54
N GLY A 132 -16.05 9.64 -20.23
CA GLY A 132 -15.41 9.41 -18.96
C GLY A 132 -14.42 8.27 -19.02
N TYR A 133 -13.70 8.05 -17.93
CA TYR A 133 -12.73 6.97 -17.87
C TYR A 133 -12.73 6.36 -16.47
N GLN A 134 -12.30 5.11 -16.38
CA GLN A 134 -12.28 4.41 -15.11
C GLN A 134 -10.93 3.72 -14.91
N ASP A 135 -10.51 3.64 -13.66
CA ASP A 135 -9.27 2.98 -13.30
C ASP A 135 -9.58 1.54 -12.91
N TYR A 136 -8.62 0.85 -12.29
CA TYR A 136 -8.83 -0.53 -11.90
C TYR A 136 -8.27 -0.82 -10.52
N GLU A 137 -9.16 -1.10 -9.57
CA GLU A 137 -8.77 -1.44 -8.21
C GLU A 137 -8.70 -2.96 -8.07
N PRO A 138 -7.49 -3.54 -8.04
CA PRO A 138 -7.28 -4.97 -7.93
C PRO A 138 -6.82 -5.39 -6.53
N GLU A 139 -6.73 -6.70 -6.30
CA GLU A 139 -6.28 -7.22 -5.01
C GLU A 139 -4.77 -6.97 -4.85
N ALA A 140 -4.42 -5.79 -4.35
CA ALA A 140 -3.01 -5.41 -4.14
C ALA A 140 -2.21 -5.56 -5.43
N HIS B 1 -6.90 -12.59 9.58
CA HIS B 1 -7.81 -11.67 10.27
C HIS B 1 -7.03 -10.76 11.21
N VAL B 2 -7.74 -9.93 11.97
CA VAL B 2 -7.09 -9.03 12.91
C VAL B 2 -7.59 -9.27 14.32
N ASN B 3 -6.65 -9.45 15.25
CA ASN B 3 -6.98 -9.71 16.64
C ASN B 3 -7.78 -8.58 17.26
N GLU B 4 -7.58 -7.36 16.77
CA GLU B 4 -8.28 -6.20 17.29
C GLU B 4 -9.78 -6.27 17.00
N LEU B 5 -10.15 -7.07 16.02
CA LEU B 5 -11.54 -7.23 15.64
C LEU B 5 -12.21 -8.27 16.54
N SER B 6 -11.40 -9.01 17.29
CA SER B 6 -11.91 -10.05 18.17
C SER B 6 -11.68 -9.71 19.64
N ARG B 7 -10.65 -8.92 19.93
CA ARG B 7 -10.37 -8.54 21.31
C ARG B 7 -10.94 -7.17 21.62
N ILE B 8 -11.20 -6.40 20.55
CA ILE B 8 -11.76 -5.06 20.65
C ILE B 8 -10.94 -4.16 21.57
N LYS B 9 -9.73 -3.81 21.11
CA LYS B 9 -8.85 -2.93 21.88
C LYS B 9 -9.54 -1.62 22.19
N LEU B 10 -10.38 -1.17 21.25
CA LEU B 10 -11.14 0.07 21.37
C LEU B 10 -10.30 1.25 21.81
N ARG B 11 -9.22 1.50 21.08
CA ARG B 11 -8.34 2.61 21.40
C ARG B 11 -8.71 3.84 20.57
N VAL B 12 -8.76 4.99 21.24
CA VAL B 12 -9.08 6.26 20.59
C VAL B 12 -7.82 7.11 20.51
N CYS B 13 -7.57 7.72 19.35
CA CYS B 13 -6.40 8.55 19.17
C CYS B 13 -6.80 10.01 19.06
N GLN B 14 -6.55 10.77 20.11
CA GLN B 14 -6.86 12.18 20.13
C GLN B 14 -5.66 13.00 20.61
N PRO B 15 -5.06 13.78 19.70
CA PRO B 15 -3.91 14.62 20.03
C PRO B 15 -4.31 15.86 20.81
N SER B 16 -3.41 16.35 21.64
CA SER B 16 -3.66 17.53 22.44
C SER B 16 -3.56 18.79 21.58
N ARG B 17 -2.94 18.66 20.41
CA ARG B 17 -2.79 19.77 19.48
C ARG B 17 -2.92 19.25 18.05
N SER B 18 -4.11 19.35 17.49
CA SER B 18 -4.36 18.91 16.14
C SER B 18 -4.37 20.10 15.17
N GLU B 19 -3.24 20.33 14.53
CA GLU B 19 -3.12 21.44 13.57
C GLU B 19 -3.41 20.92 12.16
N ILE B 20 -2.35 20.62 11.41
CA ILE B 20 -2.50 20.10 10.06
C ILE B 20 -2.30 18.60 10.07
N HIS B 21 -3.30 17.87 9.56
CA HIS B 21 -3.21 16.42 9.53
C HIS B 21 -4.10 15.85 8.42
N PHE B 22 -4.32 14.54 8.47
CA PHE B 22 -5.13 13.86 7.48
C PHE B 22 -6.18 12.98 8.15
N LYS B 23 -6.73 12.05 7.39
CA LYS B 23 -7.74 11.13 7.89
C LYS B 23 -7.95 10.01 6.87
N VAL B 24 -8.42 8.87 7.34
CA VAL B 24 -8.66 7.73 6.47
C VAL B 24 -9.76 8.05 5.45
N LYS B 25 -9.54 7.63 4.22
CA LYS B 25 -10.48 7.87 3.12
C LYS B 25 -11.79 7.10 3.28
N MET B 26 -11.83 6.15 4.21
CA MET B 26 -13.03 5.35 4.44
C MET B 26 -13.23 5.10 5.93
N THR B 27 -14.32 5.63 6.47
CA THR B 27 -14.64 5.47 7.89
C THR B 27 -15.04 4.04 8.20
N THR B 28 -15.61 3.36 7.22
CA THR B 28 -16.05 1.98 7.37
C THR B 28 -14.87 1.05 7.63
N HIS B 29 -13.70 1.45 7.16
CA HIS B 29 -12.48 0.67 7.33
C HIS B 29 -11.42 1.56 8.01
N LEU B 30 -11.88 2.61 8.66
CA LEU B 30 -10.98 3.53 9.37
C LEU B 30 -10.39 2.85 10.59
N LYS B 31 -10.86 1.64 10.86
CA LYS B 31 -10.41 0.87 11.99
C LYS B 31 -8.97 0.37 11.88
N LYS B 32 -8.42 0.36 10.66
CA LYS B 32 -7.03 -0.09 10.48
C LYS B 32 -6.07 0.86 11.19
N LEU B 33 -6.43 2.14 11.21
CA LEU B 33 -5.64 3.15 11.88
C LEU B 33 -5.57 2.87 13.39
N LYS B 34 -6.58 2.17 13.90
CA LYS B 34 -6.65 1.83 15.31
C LYS B 34 -5.86 0.54 15.57
N GLU B 35 -5.67 -0.24 14.51
CA GLU B 35 -4.91 -1.49 14.61
C GLU B 35 -3.44 -1.14 14.57
N SER B 36 -3.11 -0.13 13.80
CA SER B 36 -1.74 0.34 13.68
C SER B 36 -1.38 1.15 14.92
N TYR B 37 -0.29 1.91 14.85
CA TYR B 37 0.12 2.71 15.99
C TYR B 37 0.28 4.18 15.62
N CYS B 38 -0.34 5.05 16.41
CA CYS B 38 -0.27 6.49 16.19
C CYS B 38 1.17 6.99 16.32
N GLN B 39 1.61 7.75 15.33
CA GLN B 39 2.96 8.30 15.33
C GLN B 39 3.09 9.40 16.37
N ARG B 40 3.82 9.12 17.45
CA ARG B 40 4.02 10.10 18.51
C ARG B 40 5.31 10.87 18.27
N GLN B 41 5.17 12.17 18.04
CA GLN B 41 6.32 13.02 17.80
C GLN B 41 6.84 13.62 19.11
N MET A 1 -18.92 -8.23 9.42
CA MET A 1 -17.90 -9.27 9.24
C MET A 1 -17.82 -9.69 7.78
N ASP A 2 -18.46 -8.91 6.92
CA ASP A 2 -18.47 -9.17 5.49
C ASP A 2 -17.06 -9.27 4.92
N VAL A 3 -16.72 -10.46 4.45
CA VAL A 3 -15.41 -10.76 3.86
C VAL A 3 -14.25 -10.37 4.79
N PHE A 4 -13.89 -11.29 5.68
CA PHE A 4 -12.81 -11.04 6.63
C PHE A 4 -11.80 -12.19 6.60
N MET A 5 -10.52 -11.84 6.52
CA MET A 5 -9.44 -12.82 6.50
C MET A 5 -8.09 -12.10 6.51
N LYS A 6 -7.07 -12.74 7.07
CA LYS A 6 -5.73 -12.17 7.12
C LYS A 6 -4.71 -13.25 7.46
N GLY A 7 -3.60 -13.26 6.73
CA GLY A 7 -2.57 -14.25 6.94
C GLY A 7 -1.63 -13.90 8.10
N LEU A 8 -2.19 -13.78 9.30
CA LEU A 8 -1.40 -13.48 10.48
C LEU A 8 -1.36 -14.68 11.42
N SER A 9 -1.78 -15.83 10.93
CA SER A 9 -1.80 -17.04 11.72
C SER A 9 -0.77 -18.04 11.18
N LYS A 10 -0.95 -18.45 9.93
CA LYS A 10 -0.03 -19.38 9.30
C LYS A 10 -0.05 -19.22 7.79
N ALA A 11 0.83 -18.35 7.31
CA ALA A 11 0.93 -18.09 5.88
C ALA A 11 2.39 -18.14 5.45
N LYS A 12 2.67 -19.02 4.49
CA LYS A 12 4.04 -19.19 3.96
C LYS A 12 4.96 -19.82 5.00
N GLU A 13 6.25 -19.66 4.79
CA GLU A 13 7.27 -20.19 5.69
C GLU A 13 8.40 -19.19 5.81
N GLY A 14 9.44 -19.54 6.57
CA GLY A 14 10.57 -18.65 6.74
C GLY A 14 11.18 -18.76 8.11
N VAL A 15 12.24 -18.01 8.34
CA VAL A 15 12.93 -18.02 9.63
C VAL A 15 12.92 -16.62 10.23
N VAL A 16 12.21 -16.47 11.34
CA VAL A 16 12.12 -15.18 12.01
C VAL A 16 12.58 -15.32 13.46
N ALA A 17 12.97 -14.21 14.07
CA ALA A 17 13.44 -14.21 15.44
C ALA A 17 12.29 -14.00 16.41
N ALA A 18 12.28 -14.79 17.48
CA ALA A 18 11.24 -14.68 18.50
C ALA A 18 11.51 -13.49 19.42
N ALA A 19 12.69 -12.91 19.28
CA ALA A 19 13.10 -11.77 20.10
C ALA A 19 13.10 -10.50 19.26
N GLU A 20 12.49 -10.60 18.08
CA GLU A 20 12.41 -9.46 17.17
C GLU A 20 10.97 -9.29 16.72
N LYS A 21 10.40 -8.11 16.94
CA LYS A 21 9.03 -7.86 16.55
C LYS A 21 8.76 -6.36 16.43
N THR A 22 8.11 -5.98 15.35
CA THR A 22 7.77 -4.58 15.12
C THR A 22 6.26 -4.44 15.00
N LYS A 23 5.71 -3.38 15.57
CA LYS A 23 4.27 -3.14 15.51
C LYS A 23 3.98 -1.88 14.71
N GLN A 24 4.94 -1.46 13.91
CA GLN A 24 4.80 -0.27 13.08
C GLN A 24 5.48 -0.49 11.75
N GLY A 25 5.41 0.51 10.87
CA GLY A 25 6.03 0.40 9.58
C GLY A 25 5.02 0.08 8.49
N VAL A 26 3.83 -0.34 8.90
CA VAL A 26 2.76 -0.68 7.97
C VAL A 26 2.34 0.55 7.18
N ALA A 27 2.42 0.44 5.87
CA ALA A 27 2.05 1.54 4.99
C ALA A 27 0.60 1.41 4.52
N GLU A 28 -0.29 2.12 5.20
CA GLU A 28 -1.70 2.11 4.85
C GLU A 28 -2.00 3.25 3.89
N ALA A 29 -2.87 2.99 2.92
CA ALA A 29 -3.26 3.98 1.94
C ALA A 29 -4.21 5.02 2.55
N ALA A 30 -3.65 5.87 3.40
CA ALA A 30 -4.42 6.91 4.06
C ALA A 30 -3.99 8.28 3.53
N GLY A 31 -3.22 8.27 2.47
CA GLY A 31 -2.74 9.50 1.88
C GLY A 31 -3.34 9.73 0.51
N LYS A 32 -3.45 11.00 0.12
CA LYS A 32 -3.99 11.36 -1.17
C LYS A 32 -2.95 11.14 -2.27
N THR A 33 -2.83 9.89 -2.69
CA THR A 33 -1.88 9.49 -3.72
C THR A 33 -2.08 10.26 -5.02
N LYS A 34 -0.99 10.85 -5.51
CA LYS A 34 -1.01 11.60 -6.76
C LYS A 34 0.14 11.14 -7.64
N GLU A 35 0.08 11.45 -8.93
CA GLU A 35 1.13 11.08 -9.86
C GLU A 35 2.40 11.87 -9.54
N GLY A 36 2.26 13.19 -9.53
CA GLY A 36 3.39 14.05 -9.23
C GLY A 36 4.01 14.63 -10.47
N VAL A 37 5.34 14.62 -10.51
CA VAL A 37 6.07 15.15 -11.65
C VAL A 37 7.53 14.69 -11.56
N LEU A 38 8.18 14.56 -12.71
CA LEU A 38 9.57 14.14 -12.74
C LEU A 38 10.48 15.34 -12.74
N TYR A 39 11.26 15.48 -11.68
CA TYR A 39 12.20 16.59 -11.57
C TYR A 39 13.64 16.11 -11.60
N VAL A 40 14.39 16.61 -12.57
CA VAL A 40 15.79 16.26 -12.71
C VAL A 40 16.64 17.48 -12.40
N GLY A 41 17.90 17.27 -12.05
CA GLY A 41 18.77 18.39 -11.72
C GLY A 41 19.93 18.51 -12.67
N SER A 42 20.80 19.48 -12.41
CA SER A 42 21.97 19.72 -13.24
C SER A 42 23.02 18.63 -13.00
N LYS A 43 22.82 17.88 -11.93
CA LYS A 43 23.71 16.79 -11.58
C LYS A 43 23.00 15.47 -11.84
N THR A 44 23.62 14.63 -12.65
CA THR A 44 23.05 13.34 -13.01
C THR A 44 22.68 12.51 -11.78
N LYS A 45 23.68 12.20 -10.95
CA LYS A 45 23.50 11.39 -9.75
C LYS A 45 23.22 9.94 -10.13
N GLU A 46 23.83 8.99 -9.41
CA GLU A 46 23.61 7.59 -9.72
C GLU A 46 22.15 7.22 -9.51
N GLY A 47 21.59 7.72 -8.42
CA GLY A 47 20.20 7.45 -8.12
C GLY A 47 20.04 6.22 -7.26
N VAL A 48 21.18 5.61 -6.90
CA VAL A 48 21.22 4.40 -6.08
C VAL A 48 20.85 3.16 -6.91
N VAL A 49 21.63 2.10 -6.72
CA VAL A 49 21.41 0.85 -7.44
C VAL A 49 19.97 0.38 -7.33
N HIS A 50 19.27 0.38 -8.45
CA HIS A 50 17.87 -0.03 -8.49
C HIS A 50 17.76 -1.54 -8.27
N GLY A 51 16.70 -1.94 -7.57
CA GLY A 51 16.49 -3.35 -7.30
C GLY A 51 15.17 -3.85 -7.83
N VAL A 52 14.75 -5.02 -7.36
CA VAL A 52 13.50 -5.62 -7.79
C VAL A 52 12.43 -5.50 -6.70
N ALA A 53 11.21 -5.85 -7.05
CA ALA A 53 10.11 -5.79 -6.10
C ALA A 53 9.96 -7.10 -5.34
N THR A 54 10.54 -8.15 -5.89
CA THR A 54 10.47 -9.47 -5.27
C THR A 54 11.52 -9.61 -4.17
N VAL A 55 11.38 -8.80 -3.14
CA VAL A 55 12.31 -8.82 -2.02
C VAL A 55 11.93 -9.93 -1.06
N ALA A 56 12.92 -10.73 -0.68
CA ALA A 56 12.69 -11.85 0.24
C ALA A 56 12.31 -11.35 1.64
N GLU A 57 13.29 -10.81 2.36
CA GLU A 57 13.05 -10.31 3.70
C GLU A 57 12.84 -8.80 3.66
N LYS A 58 11.59 -8.39 3.86
CA LYS A 58 11.25 -6.96 3.83
C LYS A 58 10.86 -6.46 5.22
N THR A 59 11.85 -6.00 5.96
CA THR A 59 11.62 -5.50 7.32
C THR A 59 11.53 -3.97 7.31
N LYS A 60 11.24 -3.41 8.48
CA LYS A 60 11.16 -1.96 8.67
C LYS A 60 10.96 -1.63 10.14
N GLU A 61 12.04 -1.69 10.90
CA GLU A 61 12.01 -1.42 12.33
C GLU A 61 11.66 0.04 12.60
N GLN A 62 12.39 0.95 11.97
CA GLN A 62 12.19 2.39 12.14
C GLN A 62 12.61 2.83 13.53
N VAL A 63 13.86 3.26 13.67
CA VAL A 63 14.38 3.71 14.96
C VAL A 63 13.66 4.96 15.45
N THR A 64 12.72 4.77 16.36
CA THR A 64 11.94 5.87 16.91
C THR A 64 12.40 6.21 18.32
N ASN A 65 13.56 5.70 18.71
CA ASN A 65 14.10 5.95 20.04
C ASN A 65 15.13 7.07 20.01
N VAL A 66 15.68 7.33 18.83
CA VAL A 66 16.67 8.39 18.66
C VAL A 66 16.30 9.29 17.47
N GLY A 67 15.64 10.39 17.77
CA GLY A 67 15.25 11.32 16.72
C GLY A 67 13.74 11.39 16.57
N GLY A 68 13.29 12.11 15.57
CA GLY A 68 11.86 12.24 15.32
C GLY A 68 11.57 13.27 14.25
N ALA A 69 10.42 13.15 13.62
CA ALA A 69 10.02 14.07 12.57
C ALA A 69 8.50 14.11 12.47
N VAL A 70 7.97 15.20 11.93
CA VAL A 70 6.54 15.35 11.77
C VAL A 70 6.22 16.04 10.44
N VAL A 71 5.34 15.44 9.67
CA VAL A 71 4.96 15.99 8.38
C VAL A 71 3.44 16.14 8.31
N THR A 72 2.98 17.36 8.10
CA THR A 72 1.55 17.64 8.00
C THR A 72 1.09 17.53 6.54
N GLY A 73 2.00 17.10 5.69
CA GLY A 73 1.69 16.95 4.28
C GLY A 73 1.60 15.48 3.90
N VAL A 74 1.35 15.21 2.62
CA VAL A 74 1.23 13.85 2.13
C VAL A 74 2.56 13.10 2.16
N THR A 75 3.64 13.82 2.43
CA THR A 75 4.97 13.25 2.48
C THR A 75 5.20 12.47 3.79
N ALA A 76 4.17 12.39 4.62
CA ALA A 76 4.27 11.67 5.89
C ALA A 76 4.09 10.16 5.68
N VAL A 77 3.41 9.80 4.60
CA VAL A 77 3.19 8.39 4.30
C VAL A 77 3.77 8.05 2.93
N ALA A 78 4.63 7.03 2.90
CA ALA A 78 5.25 6.61 1.67
C ALA A 78 5.03 5.13 1.41
N GLN A 79 3.91 4.81 0.77
CA GLN A 79 3.59 3.43 0.45
C GLN A 79 4.57 2.90 -0.59
N LYS A 80 5.27 1.84 -0.25
CA LYS A 80 6.23 1.24 -1.16
C LYS A 80 5.74 -0.13 -1.62
N THR A 81 6.17 -0.53 -2.81
CA THR A 81 5.80 -1.81 -3.40
C THR A 81 4.31 -1.97 -3.68
N VAL A 82 3.76 -1.05 -4.45
CA VAL A 82 2.36 -1.10 -4.84
C VAL A 82 2.25 -1.17 -6.35
N GLU A 83 3.41 -1.29 -6.98
CA GLU A 83 3.52 -1.35 -8.43
C GLU A 83 3.29 -2.79 -8.90
N GLY A 84 3.53 -3.72 -7.99
CA GLY A 84 3.36 -5.12 -8.29
C GLY A 84 3.22 -5.91 -7.00
N ALA A 85 3.26 -7.23 -7.11
CA ALA A 85 3.13 -8.10 -5.95
C ALA A 85 4.23 -7.82 -4.94
N GLY A 86 3.88 -7.10 -3.88
CA GLY A 86 4.85 -6.76 -2.86
C GLY A 86 4.53 -7.43 -1.53
N SER A 87 5.56 -7.65 -0.72
CA SER A 87 5.41 -8.28 0.57
C SER A 87 4.56 -7.43 1.53
N ILE A 88 4.68 -6.11 1.40
CA ILE A 88 3.92 -5.21 2.27
C ILE A 88 2.55 -4.87 1.69
N ALA A 89 2.30 -5.33 0.46
CA ALA A 89 1.03 -5.06 -0.21
C ALA A 89 -0.09 -5.95 0.36
N ALA A 90 0.28 -6.80 1.31
CA ALA A 90 -0.68 -7.69 1.95
C ALA A 90 -0.79 -7.36 3.44
N ALA A 91 -0.16 -6.26 3.84
CA ALA A 91 -0.16 -5.84 5.23
C ALA A 91 -1.33 -4.89 5.50
N THR A 92 -2.52 -5.46 5.60
CA THR A 92 -3.70 -4.67 5.82
C THR A 92 -4.57 -5.25 6.93
N GLY A 93 -5.59 -4.50 7.33
CA GLY A 93 -6.49 -4.95 8.38
C GLY A 93 -7.55 -5.86 7.81
N PHE A 94 -8.55 -5.26 7.19
CA PHE A 94 -9.61 -6.03 6.55
C PHE A 94 -9.06 -6.58 5.24
N VAL A 95 -9.36 -7.84 4.95
CA VAL A 95 -8.87 -8.48 3.72
C VAL A 95 -9.24 -7.70 2.46
N LYS A 96 -10.32 -6.94 2.52
CA LYS A 96 -10.77 -6.15 1.37
C LYS A 96 -9.96 -4.88 1.20
N LYS A 97 -8.72 -5.03 0.79
CA LYS A 97 -7.84 -3.90 0.54
C LYS A 97 -7.39 -3.94 -0.91
N ASP A 98 -8.38 -4.00 -1.79
CA ASP A 98 -8.15 -4.06 -3.23
C ASP A 98 -7.49 -2.79 -3.72
N GLN A 99 -7.54 -1.76 -2.88
CA GLN A 99 -6.95 -0.46 -3.20
C GLN A 99 -5.44 -0.46 -2.98
N LEU A 100 -4.81 -1.62 -3.16
CA LEU A 100 -3.37 -1.77 -2.99
C LEU A 100 -2.81 -2.70 -4.04
N GLY A 101 -2.59 -2.17 -5.24
CA GLY A 101 -2.06 -2.97 -6.32
C GLY A 101 -2.26 -2.29 -7.66
N LYS A 102 -1.63 -2.82 -8.70
CA LYS A 102 -1.75 -2.26 -10.03
C LYS A 102 -1.71 -3.36 -11.08
N ASN A 103 -2.60 -3.27 -12.05
CA ASN A 103 -2.67 -4.29 -13.11
C ASN A 103 -2.42 -3.67 -14.47
N GLU A 104 -1.28 -4.02 -15.06
CA GLU A 104 -0.89 -3.54 -16.38
C GLU A 104 -1.22 -4.61 -17.41
N GLU A 105 -0.94 -4.33 -18.68
CA GLU A 105 -1.20 -5.30 -19.73
C GLU A 105 0.08 -6.05 -20.09
N GLY A 106 0.00 -6.92 -21.09
CA GLY A 106 1.16 -7.69 -21.48
C GLY A 106 1.42 -7.61 -22.97
N ALA A 107 2.69 -7.54 -23.33
CA ALA A 107 3.08 -7.46 -24.74
C ALA A 107 3.44 -8.85 -25.27
N PRO A 108 3.20 -9.08 -26.58
CA PRO A 108 3.52 -10.36 -27.23
C PRO A 108 5.00 -10.71 -27.08
N GLN A 109 5.32 -11.99 -27.25
CA GLN A 109 6.69 -12.45 -27.11
C GLN A 109 7.43 -12.54 -28.43
N GLU A 110 8.73 -12.31 -28.36
CA GLU A 110 9.62 -12.35 -29.52
C GLU A 110 9.78 -13.78 -30.06
N GLY A 111 10.14 -13.87 -31.32
CA GLY A 111 10.33 -15.14 -31.98
C GLY A 111 9.08 -15.60 -32.68
N ILE A 112 8.45 -14.71 -33.42
CA ILE A 112 7.23 -15.03 -34.13
C ILE A 112 7.30 -14.54 -35.58
N LEU A 113 6.65 -15.28 -36.47
CA LEU A 113 6.60 -14.89 -37.87
C LEU A 113 5.30 -14.13 -38.12
N GLU A 114 5.40 -13.01 -38.82
CA GLU A 114 4.26 -12.13 -39.11
C GLU A 114 4.05 -11.15 -37.96
N ASP A 115 4.30 -9.87 -38.25
CA ASP A 115 4.18 -8.82 -37.25
C ASP A 115 2.73 -8.42 -37.05
N MET A 116 2.00 -9.23 -36.30
CA MET A 116 0.59 -8.97 -36.02
C MET A 116 0.41 -8.23 -34.70
N PRO A 117 0.08 -6.94 -34.76
CA PRO A 117 -0.14 -6.10 -33.59
C PRO A 117 -1.63 -5.87 -33.32
N VAL A 118 -1.91 -4.88 -32.49
CA VAL A 118 -3.28 -4.52 -32.17
C VAL A 118 -3.66 -3.29 -33.00
N ASP A 119 -4.91 -3.22 -33.42
CA ASP A 119 -5.39 -2.10 -34.22
C ASP A 119 -5.19 -0.78 -33.50
N PRO A 120 -4.73 0.25 -34.23
CA PRO A 120 -4.51 1.59 -33.65
C PRO A 120 -5.80 2.26 -33.21
N ASP A 121 -6.94 1.75 -33.73
CA ASP A 121 -8.28 2.25 -33.41
C ASP A 121 -8.34 3.79 -33.39
N ASN A 122 -8.57 4.36 -34.56
CA ASN A 122 -8.62 5.81 -34.68
C ASN A 122 -10.03 6.30 -34.94
N GLU A 123 -10.71 6.66 -33.87
CA GLU A 123 -12.04 7.19 -33.99
C GLU A 123 -12.02 8.48 -34.81
N ALA A 124 -13.01 8.64 -35.68
CA ALA A 124 -13.07 9.82 -36.52
C ALA A 124 -14.48 10.40 -36.57
N TYR A 125 -14.90 11.04 -35.47
CA TYR A 125 -16.21 11.68 -35.35
C TYR A 125 -17.35 10.66 -35.28
N GLU A 126 -17.11 9.57 -34.56
CA GLU A 126 -18.11 8.52 -34.40
C GLU A 126 -18.94 8.78 -33.15
N MET A 127 -18.24 9.09 -32.06
CA MET A 127 -18.85 9.37 -30.76
C MET A 127 -19.64 8.18 -30.21
N PRO A 128 -18.94 7.21 -29.60
CA PRO A 128 -19.57 6.03 -29.03
C PRO A 128 -20.39 6.37 -27.79
N SER A 129 -21.41 5.57 -27.53
CA SER A 129 -22.27 5.78 -26.36
C SER A 129 -21.66 5.11 -25.14
N GLU A 130 -20.34 4.98 -25.17
CA GLU A 130 -19.59 4.36 -24.10
C GLU A 130 -18.36 5.22 -23.82
N GLU A 131 -18.48 6.15 -22.89
CA GLU A 131 -17.39 7.03 -22.55
C GLU A 131 -16.85 6.73 -21.14
N GLY A 132 -15.77 7.40 -20.78
CA GLY A 132 -15.17 7.19 -19.48
C GLY A 132 -14.10 6.13 -19.52
N TYR A 133 -13.40 5.95 -18.40
CA TYR A 133 -12.35 4.95 -18.30
C TYR A 133 -12.37 4.31 -16.91
N GLN A 134 -11.86 3.10 -16.82
CA GLN A 134 -11.82 2.38 -15.55
C GLN A 134 -10.44 1.81 -15.29
N ASP A 135 -10.06 1.75 -14.03
CA ASP A 135 -8.79 1.19 -13.64
C ASP A 135 -8.98 -0.27 -13.25
N TYR A 136 -7.97 -0.86 -12.61
CA TYR A 136 -8.06 -2.26 -12.21
C TYR A 136 -7.48 -2.48 -10.82
N GLU A 137 -8.35 -2.81 -9.86
CA GLU A 137 -7.92 -3.08 -8.50
C GLU A 137 -7.76 -4.59 -8.31
N PRO A 138 -6.52 -5.10 -8.32
CA PRO A 138 -6.24 -6.52 -8.16
C PRO A 138 -5.73 -6.86 -6.75
N GLU A 139 -5.52 -8.15 -6.50
CA GLU A 139 -4.99 -8.59 -5.23
C GLU A 139 -3.50 -8.29 -5.13
N ALA A 140 -3.17 -7.20 -4.43
CA ALA A 140 -1.78 -6.78 -4.25
C ALA A 140 -1.05 -6.61 -5.58
N HIS B 1 -7.46 -14.36 9.63
CA HIS B 1 -8.31 -13.37 10.28
C HIS B 1 -7.47 -12.38 11.09
N VAL B 2 -8.14 -11.47 11.76
CA VAL B 2 -7.46 -10.47 12.57
C VAL B 2 -7.83 -10.65 14.03
N ASN B 3 -6.81 -10.67 14.89
CA ASN B 3 -7.04 -10.83 16.33
C ASN B 3 -7.87 -9.70 16.90
N GLU B 4 -7.80 -8.53 16.25
CA GLU B 4 -8.56 -7.36 16.69
C GLU B 4 -10.06 -7.56 16.51
N LEU B 5 -10.44 -8.53 15.69
CA LEU B 5 -11.86 -8.79 15.47
C LEU B 5 -12.41 -9.72 16.54
N SER B 6 -11.53 -10.43 17.23
CA SER B 6 -11.93 -11.35 18.28
C SER B 6 -11.64 -10.78 19.67
N ARG B 7 -10.80 -9.76 19.73
CA ARG B 7 -10.46 -9.16 21.02
C ARG B 7 -11.04 -7.75 21.12
N ILE B 8 -11.01 -7.04 19.99
CA ILE B 8 -11.54 -5.68 19.90
C ILE B 8 -10.98 -4.77 20.99
N LYS B 9 -9.72 -4.36 20.82
CA LYS B 9 -9.05 -3.48 21.79
C LYS B 9 -9.82 -2.17 21.92
N LEU B 10 -10.43 -1.75 20.81
CA LEU B 10 -11.23 -0.54 20.75
C LEU B 10 -10.42 0.69 21.20
N ARG B 11 -9.32 0.92 20.51
CA ARG B 11 -8.47 2.05 20.84
C ARG B 11 -8.78 3.24 19.95
N VAL B 12 -9.11 4.36 20.59
CA VAL B 12 -9.42 5.59 19.87
C VAL B 12 -8.17 6.47 19.84
N CYS B 13 -7.87 7.03 18.67
CA CYS B 13 -6.70 7.88 18.53
C CYS B 13 -7.11 9.34 18.37
N GLN B 14 -6.84 10.15 19.39
CA GLN B 14 -7.18 11.56 19.37
C GLN B 14 -5.99 12.39 19.84
N PRO B 15 -5.37 13.15 18.92
CA PRO B 15 -4.23 14.00 19.26
C PRO B 15 -4.67 15.26 20.00
N SER B 16 -3.78 15.77 20.85
CA SER B 16 -4.06 16.97 21.62
C SER B 16 -3.91 18.22 20.77
N ARG B 17 -3.32 18.05 19.60
CA ARG B 17 -3.10 19.14 18.66
C ARG B 17 -3.15 18.62 17.24
N SER B 18 -4.28 18.77 16.59
CA SER B 18 -4.46 18.30 15.23
C SER B 18 -4.40 19.48 14.25
N GLU B 19 -3.29 19.60 13.55
CA GLU B 19 -3.12 20.66 12.57
C GLU B 19 -3.63 20.20 11.21
N ILE B 20 -2.74 19.65 10.41
CA ILE B 20 -3.10 19.16 9.09
C ILE B 20 -2.86 17.65 9.02
N HIS B 21 -3.93 16.89 8.83
CA HIS B 21 -3.82 15.45 8.75
C HIS B 21 -4.77 14.88 7.69
N PHE B 22 -4.78 13.56 7.56
CA PHE B 22 -5.62 12.90 6.58
C PHE B 22 -6.45 11.80 7.21
N LYS B 23 -6.82 10.81 6.41
CA LYS B 23 -7.64 9.70 6.88
C LYS B 23 -7.59 8.59 5.84
N VAL B 24 -8.07 7.40 6.21
CA VAL B 24 -8.08 6.25 5.31
C VAL B 24 -8.92 6.54 4.07
N LYS B 25 -8.46 6.04 2.93
CA LYS B 25 -9.15 6.24 1.65
C LYS B 25 -10.59 5.75 1.67
N MET B 26 -10.87 4.76 2.50
CA MET B 26 -12.21 4.20 2.58
C MET B 26 -12.67 4.10 4.02
N THR B 27 -13.97 4.34 4.23
CA THR B 27 -14.56 4.27 5.55
C THR B 27 -14.56 2.82 6.05
N THR B 28 -14.45 1.89 5.10
CA THR B 28 -14.43 0.47 5.40
C THR B 28 -13.13 0.09 6.09
N HIS B 29 -12.04 0.71 5.67
CA HIS B 29 -10.72 0.42 6.23
C HIS B 29 -10.32 1.44 7.28
N LEU B 30 -11.26 2.27 7.67
CA LEU B 30 -11.01 3.30 8.67
C LEU B 30 -10.71 2.68 10.02
N LYS B 31 -11.08 1.41 10.17
CA LYS B 31 -10.87 0.70 11.42
C LYS B 31 -9.55 -0.07 11.42
N LYS B 32 -8.71 0.15 10.42
CA LYS B 32 -7.41 -0.53 10.35
C LYS B 32 -6.40 0.28 11.16
N LEU B 33 -6.72 1.55 11.36
CA LEU B 33 -5.85 2.45 12.11
C LEU B 33 -5.67 1.95 13.54
N LYS B 34 -6.66 1.22 14.04
CA LYS B 34 -6.61 0.68 15.39
C LYS B 34 -5.74 -0.59 15.43
N GLU B 35 -5.58 -1.24 14.28
CA GLU B 35 -4.78 -2.45 14.18
C GLU B 35 -3.31 -2.10 13.98
N SER B 36 -3.07 -0.88 13.54
CA SER B 36 -1.71 -0.41 13.32
C SER B 36 -1.26 0.41 14.53
N TYR B 37 -0.66 1.55 14.30
CA TYR B 37 -0.20 2.42 15.38
C TYR B 37 -0.07 3.85 14.89
N CYS B 38 -0.57 4.79 15.67
CA CYS B 38 -0.51 6.20 15.33
C CYS B 38 0.93 6.71 15.42
N GLN B 39 1.44 7.20 14.31
CA GLN B 39 2.79 7.74 14.25
C GLN B 39 2.93 8.92 15.19
N ARG B 40 4.01 8.96 15.97
CA ARG B 40 4.24 10.04 16.91
C ARG B 40 5.59 10.67 16.69
N GLN B 41 5.72 11.92 17.09
CA GLN B 41 6.97 12.65 16.96
C GLN B 41 7.59 12.86 18.34
N MET A 1 -22.04 -11.62 9.36
CA MET A 1 -20.70 -11.47 8.82
C MET A 1 -20.67 -11.71 7.31
N ASP A 2 -21.06 -10.67 6.58
CA ASP A 2 -21.09 -10.70 5.11
C ASP A 2 -19.69 -10.83 4.53
N VAL A 3 -19.34 -12.05 4.11
CA VAL A 3 -18.03 -12.35 3.52
C VAL A 3 -16.88 -11.75 4.33
N PHE A 4 -16.65 -12.29 5.52
CA PHE A 4 -15.59 -11.81 6.39
C PHE A 4 -14.59 -12.90 6.73
N MET A 5 -13.37 -12.73 6.28
CA MET A 5 -12.30 -13.70 6.54
C MET A 5 -10.94 -13.01 6.41
N LYS A 6 -10.12 -13.15 7.45
CA LYS A 6 -8.79 -12.54 7.44
C LYS A 6 -7.73 -13.62 7.60
N GLY A 7 -6.57 -13.39 6.99
CA GLY A 7 -5.48 -14.36 7.07
C GLY A 7 -4.74 -14.28 8.39
N LEU A 8 -5.48 -14.36 9.49
CA LEU A 8 -4.89 -14.30 10.82
C LEU A 8 -5.21 -15.58 11.59
N SER A 9 -5.85 -16.52 10.91
CA SER A 9 -6.20 -17.79 11.52
C SER A 9 -5.15 -18.85 11.18
N LYS A 10 -5.09 -19.25 9.91
CA LYS A 10 -4.12 -20.23 9.47
C LYS A 10 -3.99 -20.23 7.95
N ALA A 11 -3.01 -19.51 7.47
CA ALA A 11 -2.75 -19.42 6.03
C ALA A 11 -1.28 -19.74 5.75
N LYS A 12 -1.06 -20.82 5.01
CA LYS A 12 0.29 -21.27 4.64
C LYS A 12 1.02 -21.87 5.84
N GLU A 13 2.33 -22.02 5.70
CA GLU A 13 3.17 -22.57 6.75
C GLU A 13 4.44 -21.74 6.88
N GLY A 14 5.35 -22.19 7.74
CA GLY A 14 6.59 -21.47 7.92
C GLY A 14 7.04 -21.45 9.37
N VAL A 15 8.22 -20.92 9.61
CA VAL A 15 8.76 -20.84 10.96
C VAL A 15 8.94 -19.39 11.37
N VAL A 16 8.21 -18.97 12.39
CA VAL A 16 8.29 -17.60 12.89
C VAL A 16 8.63 -17.58 14.36
N ALA A 17 9.12 -16.44 14.83
CA ALA A 17 9.49 -16.31 16.23
C ALA A 17 8.34 -15.72 17.04
N ALA A 18 7.93 -16.45 18.08
CA ALA A 18 6.84 -16.00 18.94
C ALA A 18 7.31 -14.87 19.85
N ALA A 19 8.58 -14.52 19.72
CA ALA A 19 9.17 -13.46 20.51
C ALA A 19 9.38 -12.22 19.64
N GLU A 20 8.80 -12.25 18.45
CA GLU A 20 8.92 -11.14 17.51
C GLU A 20 7.54 -10.67 17.10
N LYS A 21 7.14 -9.50 17.59
CA LYS A 21 5.83 -8.96 17.26
C LYS A 21 5.91 -7.49 16.88
N THR A 22 6.27 -7.22 15.64
CA THR A 22 6.36 -5.87 15.14
C THR A 22 4.97 -5.24 15.12
N LYS A 23 4.83 -4.08 15.73
CA LYS A 23 3.54 -3.42 15.79
C LYS A 23 3.46 -2.19 14.89
N GLN A 24 4.30 -2.18 13.87
CA GLN A 24 4.36 -1.10 12.89
C GLN A 24 5.12 -1.57 11.65
N GLY A 25 4.68 -1.16 10.47
CA GLY A 25 5.36 -1.57 9.26
C GLY A 25 4.44 -1.77 8.06
N VAL A 26 3.13 -1.89 8.32
CA VAL A 26 2.16 -2.09 7.23
C VAL A 26 1.70 -0.74 6.65
N ALA A 27 1.19 -0.75 5.43
CA ALA A 27 0.74 0.49 4.81
C ALA A 27 -0.57 0.36 4.06
N GLU A 28 -1.65 0.77 4.71
CA GLU A 28 -2.96 0.75 4.07
C GLU A 28 -3.19 2.10 3.41
N ALA A 29 -4.06 2.15 2.41
CA ALA A 29 -4.33 3.41 1.73
C ALA A 29 -5.16 4.35 2.59
N ALA A 30 -4.49 4.99 3.55
CA ALA A 30 -5.15 5.93 4.46
C ALA A 30 -4.56 7.32 4.29
N GLY A 31 -3.83 7.51 3.20
CA GLY A 31 -3.22 8.80 2.94
C GLY A 31 -3.71 9.38 1.64
N LYS A 32 -3.40 10.65 1.40
CA LYS A 32 -3.82 11.31 0.18
C LYS A 32 -2.68 11.27 -0.84
N THR A 33 -2.46 10.09 -1.39
CA THR A 33 -1.40 9.87 -2.37
C THR A 33 -1.59 10.73 -3.62
N LYS A 34 -0.49 11.12 -4.23
CA LYS A 34 -0.52 11.95 -5.44
C LYS A 34 0.55 11.48 -6.40
N GLU A 35 0.48 11.96 -7.65
CA GLU A 35 1.47 11.61 -8.66
C GLU A 35 2.78 12.32 -8.34
N GLY A 36 2.75 13.64 -8.38
CA GLY A 36 3.92 14.42 -8.06
C GLY A 36 4.60 14.98 -9.29
N VAL A 37 5.91 14.83 -9.35
CA VAL A 37 6.71 15.31 -10.46
C VAL A 37 8.12 14.73 -10.37
N LEU A 38 8.79 14.61 -11.50
CA LEU A 38 10.14 14.07 -11.53
C LEU A 38 11.16 15.21 -11.50
N TYR A 39 11.94 15.25 -10.44
CA TYR A 39 12.95 16.28 -10.30
C TYR A 39 14.35 15.69 -10.34
N VAL A 40 15.15 16.16 -11.29
CA VAL A 40 16.52 15.70 -11.43
C VAL A 40 17.46 16.85 -11.06
N GLY A 41 18.71 16.53 -10.77
CA GLY A 41 19.66 17.56 -10.39
C GLY A 41 20.84 17.62 -11.33
N SER A 42 21.75 18.55 -11.05
CA SER A 42 22.96 18.73 -11.85
C SER A 42 23.93 17.57 -11.62
N LYS A 43 23.63 16.77 -10.61
CA LYS A 43 24.44 15.62 -10.27
C LYS A 43 23.63 14.36 -10.55
N THR A 44 24.16 13.51 -11.42
CA THR A 44 23.49 12.28 -11.81
C THR A 44 23.08 11.43 -10.61
N LYS A 45 24.07 11.02 -9.81
CA LYS A 45 23.82 10.20 -8.62
C LYS A 45 23.41 8.78 -9.02
N GLU A 46 23.98 7.77 -8.37
CA GLU A 46 23.66 6.39 -8.70
C GLU A 46 22.18 6.12 -8.52
N GLY A 47 21.64 6.61 -7.41
CA GLY A 47 20.23 6.44 -7.13
C GLY A 47 19.98 5.21 -6.29
N VAL A 48 21.06 4.50 -5.97
CA VAL A 48 20.99 3.28 -5.17
C VAL A 48 20.53 2.10 -6.00
N VAL A 49 21.26 0.98 -5.91
CA VAL A 49 20.96 -0.24 -6.63
C VAL A 49 19.48 -0.60 -6.53
N HIS A 50 18.79 -0.49 -7.66
CA HIS A 50 17.37 -0.79 -7.72
C HIS A 50 17.13 -2.30 -7.54
N GLY A 51 16.06 -2.65 -6.86
CA GLY A 51 15.75 -4.03 -6.63
C GLY A 51 14.40 -4.43 -7.20
N VAL A 52 13.90 -5.59 -6.77
CA VAL A 52 12.62 -6.08 -7.24
C VAL A 52 11.55 -5.91 -6.17
N ALA A 53 10.31 -6.21 -6.52
CA ALA A 53 9.19 -6.08 -5.59
C ALA A 53 8.93 -7.40 -4.87
N THR A 54 9.48 -8.48 -5.41
CA THR A 54 9.29 -9.80 -4.83
C THR A 54 10.29 -10.03 -3.68
N VAL A 55 10.19 -9.20 -2.66
CA VAL A 55 11.06 -9.29 -1.49
C VAL A 55 10.57 -10.40 -0.56
N ALA A 56 11.44 -11.35 -0.28
CA ALA A 56 11.11 -12.47 0.60
C ALA A 56 10.85 -11.99 2.02
N GLU A 57 11.92 -11.64 2.73
CA GLU A 57 11.80 -11.15 4.09
C GLU A 57 11.69 -9.63 4.07
N LYS A 58 10.49 -9.13 4.35
CA LYS A 58 10.26 -7.70 4.35
C LYS A 58 9.84 -7.20 5.72
N THR A 59 10.76 -6.52 6.39
CA THR A 59 10.49 -5.98 7.71
C THR A 59 10.43 -4.45 7.67
N LYS A 60 10.44 -3.83 8.86
CA LYS A 60 10.38 -2.37 9.02
C LYS A 60 10.18 -2.04 10.50
N GLU A 61 11.01 -2.66 11.34
CA GLU A 61 10.96 -2.48 12.79
C GLU A 61 10.77 -1.03 13.19
N GLN A 62 11.54 -0.14 12.57
CA GLN A 62 11.46 1.29 12.82
C GLN A 62 11.82 1.64 14.27
N VAL A 63 13.07 1.97 14.51
CA VAL A 63 13.51 2.34 15.85
C VAL A 63 12.78 3.58 16.36
N THR A 64 11.84 3.37 17.28
CA THR A 64 11.07 4.47 17.84
C THR A 64 11.55 4.82 19.24
N ASN A 65 12.72 4.29 19.60
CA ASN A 65 13.28 4.55 20.93
C ASN A 65 14.41 5.57 20.85
N VAL A 66 15.05 5.66 19.69
CA VAL A 66 16.15 6.59 19.51
C VAL A 66 15.91 7.47 18.28
N GLY A 67 15.27 8.60 18.50
CA GLY A 67 15.00 9.52 17.42
C GLY A 67 13.55 9.93 17.37
N GLY A 68 13.15 10.53 16.26
CA GLY A 68 11.78 10.97 16.09
C GLY A 68 11.60 11.77 14.82
N ALA A 69 10.41 11.71 14.25
CA ALA A 69 10.12 12.43 13.02
C ALA A 69 8.78 13.15 13.12
N VAL A 70 8.78 14.43 12.81
CA VAL A 70 7.56 15.22 12.86
C VAL A 70 6.98 15.42 11.47
N VAL A 71 5.96 14.63 11.15
CA VAL A 71 5.32 14.72 9.84
C VAL A 71 3.85 15.09 9.98
N THR A 72 3.52 16.29 9.53
CA THR A 72 2.14 16.77 9.58
C THR A 72 1.51 16.69 8.20
N GLY A 73 2.35 16.54 7.18
CA GLY A 73 1.88 16.46 5.82
C GLY A 73 1.42 15.06 5.45
N VAL A 74 1.35 14.79 4.15
CA VAL A 74 0.90 13.49 3.67
C VAL A 74 2.07 12.58 3.34
N THR A 75 3.28 13.06 3.59
CA THR A 75 4.49 12.28 3.31
C THR A 75 4.82 11.31 4.45
N ALA A 76 3.80 10.94 5.22
CA ALA A 76 3.97 10.03 6.33
C ALA A 76 3.65 8.59 5.92
N VAL A 77 2.82 8.45 4.90
CA VAL A 77 2.44 7.13 4.42
C VAL A 77 3.51 6.54 3.49
N ALA A 78 4.40 5.76 4.07
CA ALA A 78 5.46 5.11 3.30
C ALA A 78 4.89 3.93 2.52
N GLN A 79 3.93 4.22 1.66
CA GLN A 79 3.27 3.22 0.84
C GLN A 79 4.22 2.65 -0.21
N LYS A 80 4.91 1.59 0.14
CA LYS A 80 5.83 0.95 -0.77
C LYS A 80 5.22 -0.33 -1.31
N THR A 81 5.63 -0.72 -2.50
CA THR A 81 5.15 -1.93 -3.16
C THR A 81 3.64 -1.93 -3.41
N VAL A 82 3.15 -0.85 -4.02
CA VAL A 82 1.74 -0.73 -4.36
C VAL A 82 1.61 -0.75 -5.89
N GLU A 83 2.58 -1.42 -6.49
CA GLU A 83 2.67 -1.56 -7.94
C GLU A 83 2.70 -3.05 -8.30
N GLY A 84 2.79 -3.88 -7.26
CA GLY A 84 2.84 -5.31 -7.45
C GLY A 84 2.52 -6.03 -6.17
N ALA A 85 2.61 -7.35 -6.19
CA ALA A 85 2.31 -8.16 -5.01
C ALA A 85 3.29 -7.88 -3.87
N GLY A 86 2.78 -7.26 -2.81
CA GLY A 86 3.60 -6.95 -1.68
C GLY A 86 2.90 -7.28 -0.37
N SER A 87 3.65 -7.86 0.56
CA SER A 87 3.11 -8.25 1.85
C SER A 87 2.55 -7.06 2.63
N ILE A 88 3.21 -5.91 2.49
CA ILE A 88 2.78 -4.69 3.17
C ILE A 88 1.43 -4.21 2.64
N ALA A 89 1.10 -4.59 1.41
CA ALA A 89 -0.15 -4.21 0.79
C ALA A 89 -1.11 -5.40 0.74
N ALA A 90 -0.90 -6.34 1.65
CA ALA A 90 -1.74 -7.53 1.72
C ALA A 90 -2.32 -7.71 3.13
N ALA A 91 -1.80 -6.94 4.07
CA ALA A 91 -2.27 -7.00 5.45
C ALA A 91 -2.91 -5.68 5.85
N THR A 92 -4.12 -5.75 6.36
CA THR A 92 -4.84 -4.56 6.78
C THR A 92 -5.92 -4.89 7.81
N GLY A 93 -6.76 -3.91 8.11
CA GLY A 93 -7.83 -4.11 9.07
C GLY A 93 -9.02 -4.80 8.44
N PHE A 94 -9.99 -4.00 8.02
CA PHE A 94 -11.18 -4.54 7.38
C PHE A 94 -10.78 -5.10 6.03
N VAL A 95 -10.97 -6.41 5.86
CA VAL A 95 -10.63 -7.12 4.62
C VAL A 95 -11.09 -6.39 3.35
N LYS A 96 -12.23 -5.71 3.43
CA LYS A 96 -12.76 -4.98 2.27
C LYS A 96 -11.97 -3.69 2.04
N LYS A 97 -10.82 -3.84 1.38
CA LYS A 97 -9.95 -2.72 1.04
C LYS A 97 -9.33 -2.98 -0.33
N ASP A 98 -10.18 -2.95 -1.34
CA ASP A 98 -9.80 -3.19 -2.73
C ASP A 98 -8.83 -2.12 -3.22
N GLN A 99 -8.86 -0.97 -2.56
CA GLN A 99 -7.99 0.16 -2.90
C GLN A 99 -6.56 -0.08 -2.40
N LEU A 100 -5.74 -0.73 -3.22
CA LEU A 100 -4.32 -1.01 -2.90
C LEU A 100 -3.66 -1.86 -3.99
N GLY A 101 -3.35 -1.25 -5.13
CA GLY A 101 -2.71 -2.00 -6.20
C GLY A 101 -2.73 -1.26 -7.54
N LYS A 102 -2.06 -1.83 -8.54
CA LYS A 102 -2.00 -1.24 -9.87
C LYS A 102 -1.81 -2.32 -10.93
N ASN A 103 -2.60 -2.24 -11.99
CA ASN A 103 -2.54 -3.22 -13.06
C ASN A 103 -2.13 -2.58 -14.39
N GLU A 104 -0.92 -2.89 -14.84
CA GLU A 104 -0.40 -2.38 -16.12
C GLU A 104 -0.72 -3.39 -17.21
N GLU A 105 -0.32 -3.10 -18.44
CA GLU A 105 -0.56 -4.03 -19.54
C GLU A 105 0.70 -4.85 -19.85
N GLY A 106 0.64 -5.67 -20.88
CA GLY A 106 1.78 -6.49 -21.23
C GLY A 106 2.16 -6.39 -22.69
N ALA A 107 3.45 -6.31 -22.94
CA ALA A 107 3.97 -6.21 -24.31
C ALA A 107 4.30 -7.60 -24.85
N PRO A 108 4.15 -7.80 -26.17
CA PRO A 108 4.46 -9.08 -26.83
C PRO A 108 5.91 -9.50 -26.63
N GLN A 109 6.18 -10.79 -26.77
CA GLN A 109 7.54 -11.30 -26.58
C GLN A 109 8.35 -11.36 -27.87
N GLU A 110 9.65 -11.17 -27.72
CA GLU A 110 10.60 -11.18 -28.84
C GLU A 110 10.79 -12.59 -29.42
N GLY A 111 11.24 -12.63 -30.67
CA GLY A 111 11.47 -13.90 -31.34
C GLY A 111 10.26 -14.32 -32.14
N ILE A 112 9.70 -13.39 -32.88
CA ILE A 112 8.52 -13.66 -33.68
C ILE A 112 8.69 -13.14 -35.10
N LEU A 113 8.05 -13.82 -36.05
CA LEU A 113 8.10 -13.40 -37.43
C LEU A 113 6.82 -12.62 -37.73
N GLU A 114 6.98 -11.48 -38.37
CA GLU A 114 5.87 -10.56 -38.70
C GLU A 114 5.64 -9.59 -37.54
N ASP A 115 5.95 -8.32 -37.80
CA ASP A 115 5.82 -7.28 -36.79
C ASP A 115 4.38 -6.82 -36.64
N MET A 116 3.59 -7.65 -35.99
CA MET A 116 2.17 -7.35 -35.77
C MET A 116 1.95 -6.63 -34.44
N PRO A 117 1.57 -5.34 -34.50
CA PRO A 117 1.32 -4.51 -33.33
C PRO A 117 -0.18 -4.25 -33.14
N VAL A 118 -0.48 -3.28 -32.28
CA VAL A 118 -1.84 -2.88 -32.03
C VAL A 118 -2.13 -1.63 -32.84
N ASP A 119 -3.34 -1.51 -33.36
CA ASP A 119 -3.71 -0.35 -34.16
C ASP A 119 -3.52 0.95 -33.40
N PRO A 120 -2.98 1.98 -34.08
CA PRO A 120 -2.73 3.29 -33.46
C PRO A 120 -4.02 4.02 -33.09
N ASP A 121 -5.14 3.54 -33.66
CA ASP A 121 -6.48 4.10 -33.42
C ASP A 121 -6.49 5.62 -33.38
N ASN A 122 -6.72 6.23 -34.53
CA ASN A 122 -6.71 7.68 -34.62
C ASN A 122 -8.07 8.24 -34.95
N GLU A 123 -8.86 8.49 -33.91
CA GLU A 123 -10.17 9.10 -34.07
C GLU A 123 -10.03 10.40 -34.87
N ALA A 124 -10.95 10.64 -35.80
CA ALA A 124 -10.89 11.84 -36.63
C ALA A 124 -12.25 12.52 -36.77
N TYR A 125 -12.73 13.08 -35.65
CA TYR A 125 -14.02 13.78 -35.62
C TYR A 125 -15.20 12.81 -35.66
N GLU A 126 -15.08 11.72 -34.92
CA GLU A 126 -16.11 10.69 -34.87
C GLU A 126 -17.00 10.92 -33.64
N MET A 127 -16.35 11.16 -32.51
CA MET A 127 -17.01 11.41 -31.23
C MET A 127 -17.87 10.24 -30.78
N PRO A 128 -17.25 9.25 -30.11
CA PRO A 128 -17.96 8.07 -29.63
C PRO A 128 -18.86 8.40 -28.44
N SER A 129 -19.91 7.62 -28.27
CA SER A 129 -20.84 7.82 -27.16
C SER A 129 -20.32 7.07 -25.93
N GLU A 130 -19.00 6.96 -25.85
CA GLU A 130 -18.33 6.26 -24.78
C GLU A 130 -17.09 7.07 -24.39
N GLU A 131 -17.26 8.01 -23.49
CA GLU A 131 -16.16 8.85 -23.03
C GLU A 131 -15.74 8.49 -21.61
N GLY A 132 -14.65 9.10 -21.16
CA GLY A 132 -14.16 8.83 -19.83
C GLY A 132 -13.09 7.74 -19.83
N TYR A 133 -12.52 7.48 -18.67
CA TYR A 133 -11.49 6.46 -18.53
C TYR A 133 -11.60 5.79 -17.18
N GLN A 134 -11.11 4.55 -17.08
CA GLN A 134 -11.17 3.80 -15.82
C GLN A 134 -9.82 3.19 -15.49
N ASP A 135 -9.56 3.02 -14.20
CA ASP A 135 -8.33 2.42 -13.73
C ASP A 135 -8.56 0.94 -13.48
N TYR A 136 -7.62 0.29 -12.81
CA TYR A 136 -7.75 -1.13 -12.52
C TYR A 136 -7.25 -1.47 -11.11
N GLU A 137 -8.18 -1.74 -10.21
CA GLU A 137 -7.83 -2.09 -8.83
C GLU A 137 -7.78 -3.62 -8.68
N PRO A 138 -6.57 -4.19 -8.62
CA PRO A 138 -6.39 -5.64 -8.46
C PRO A 138 -6.03 -6.00 -7.02
N GLU A 139 -5.91 -7.30 -6.75
CA GLU A 139 -5.53 -7.77 -5.43
C GLU A 139 -4.06 -7.48 -5.16
N ALA A 140 -3.79 -6.31 -4.58
CA ALA A 140 -2.43 -5.88 -4.26
C ALA A 140 -1.52 -5.85 -5.50
N HIS B 1 -11.59 -15.60 9.52
CA HIS B 1 -12.49 -14.56 9.97
C HIS B 1 -11.71 -13.40 10.55
N VAL B 2 -12.41 -12.45 11.17
CA VAL B 2 -11.76 -11.31 11.78
C VAL B 2 -11.35 -11.66 13.21
N ASN B 3 -10.18 -12.28 13.35
CA ASN B 3 -9.66 -12.70 14.65
C ASN B 3 -9.49 -11.52 15.60
N GLU B 4 -9.29 -10.33 15.02
CA GLU B 4 -9.11 -9.12 15.80
C GLU B 4 -10.39 -8.76 16.53
N LEU B 5 -11.52 -9.16 15.97
CA LEU B 5 -12.81 -8.87 16.55
C LEU B 5 -13.12 -9.80 17.71
N SER B 6 -12.48 -10.96 17.73
CA SER B 6 -12.71 -11.94 18.79
C SER B 6 -11.69 -11.80 19.91
N ARG B 7 -10.69 -10.95 19.74
CA ARG B 7 -9.70 -10.75 20.78
C ARG B 7 -9.70 -9.32 21.29
N ILE B 8 -10.15 -8.39 20.45
CA ILE B 8 -10.21 -6.98 20.79
C ILE B 8 -8.82 -6.42 21.12
N LYS B 9 -8.15 -5.90 20.10
CA LYS B 9 -6.81 -5.35 20.28
C LYS B 9 -6.86 -3.96 20.91
N LEU B 10 -8.03 -3.31 20.78
CA LEU B 10 -8.29 -1.97 21.32
C LEU B 10 -7.07 -1.02 21.21
N ARG B 11 -6.35 -1.12 20.10
CA ARG B 11 -5.17 -0.30 19.91
C ARG B 11 -5.52 1.03 19.24
N VAL B 12 -4.93 2.09 19.77
CA VAL B 12 -5.13 3.43 19.25
C VAL B 12 -3.80 3.91 18.66
N CYS B 13 -3.87 4.63 17.55
CA CYS B 13 -2.67 5.13 16.90
C CYS B 13 -2.66 6.65 16.89
N GLN B 14 -1.80 7.24 17.71
CA GLN B 14 -1.67 8.69 17.80
C GLN B 14 -0.27 9.12 17.38
N PRO B 15 -0.18 10.00 16.37
CA PRO B 15 1.09 10.50 15.87
C PRO B 15 1.63 11.65 16.72
N SER B 16 2.91 11.97 16.52
CA SER B 16 3.56 13.04 17.26
C SER B 16 3.04 14.41 16.80
N ARG B 17 2.45 14.44 15.61
CA ARG B 17 1.90 15.68 15.07
C ARG B 17 1.09 15.42 13.80
N SER B 18 -0.22 15.60 13.90
CA SER B 18 -1.12 15.42 12.78
C SER B 18 -1.65 16.75 12.30
N GLU B 19 -1.78 16.90 11.00
CA GLU B 19 -2.27 18.14 10.42
C GLU B 19 -3.09 17.86 9.17
N ILE B 20 -2.42 17.67 8.04
CA ILE B 20 -3.09 17.41 6.78
C ILE B 20 -3.11 15.91 6.48
N HIS B 21 -3.28 15.10 7.51
CA HIS B 21 -3.32 13.65 7.36
C HIS B 21 -4.66 13.18 6.79
N PHE B 22 -5.11 11.98 7.18
CA PHE B 22 -6.36 11.46 6.67
C PHE B 22 -6.91 10.33 7.56
N LYS B 23 -7.74 9.48 6.95
CA LYS B 23 -8.37 8.34 7.62
C LYS B 23 -9.31 7.67 6.62
N VAL B 24 -10.04 6.66 7.08
CA VAL B 24 -10.97 5.96 6.21
C VAL B 24 -12.30 6.73 6.16
N LYS B 25 -12.85 6.83 4.95
CA LYS B 25 -14.11 7.56 4.75
C LYS B 25 -15.31 6.77 5.24
N MET B 26 -15.19 5.45 5.23
CA MET B 26 -16.26 4.58 5.68
C MET B 26 -16.20 4.41 7.18
N THR B 27 -17.19 4.95 7.88
CA THR B 27 -17.25 4.86 9.34
C THR B 27 -17.35 3.40 9.78
N THR B 28 -17.92 2.57 8.91
CA THR B 28 -18.08 1.16 9.19
C THR B 28 -16.71 0.49 9.19
N HIS B 29 -15.81 1.03 8.37
CA HIS B 29 -14.46 0.50 8.25
C HIS B 29 -13.52 1.30 9.14
N LEU B 30 -13.70 1.14 10.44
CA LEU B 30 -12.89 1.87 11.41
C LEU B 30 -11.75 1.01 11.93
N LYS B 31 -11.98 -0.29 11.96
CA LYS B 31 -10.98 -1.23 12.43
C LYS B 31 -9.88 -1.37 11.39
N LYS B 32 -10.16 -0.86 10.19
CA LYS B 32 -9.23 -0.92 9.07
C LYS B 32 -7.85 -0.37 9.45
N LEU B 33 -7.84 0.80 10.08
CA LEU B 33 -6.59 1.43 10.48
C LEU B 33 -6.12 0.94 11.85
N LYS B 34 -6.98 0.19 12.53
CA LYS B 34 -6.63 -0.32 13.86
C LYS B 34 -6.07 -1.74 13.79
N GLU B 35 -6.40 -2.45 12.71
CA GLU B 35 -5.90 -3.81 12.51
C GLU B 35 -4.79 -3.76 11.47
N SER B 36 -4.08 -2.65 11.46
CA SER B 36 -2.98 -2.41 10.55
C SER B 36 -1.82 -1.80 11.30
N TYR B 37 -0.62 -2.30 11.02
CA TYR B 37 0.58 -1.80 11.66
C TYR B 37 0.92 -0.42 11.10
N CYS B 38 0.52 0.63 11.81
CA CYS B 38 0.72 2.03 11.42
C CYS B 38 2.04 2.30 10.70
N GLN B 39 1.99 3.19 9.72
CA GLN B 39 3.17 3.56 8.95
C GLN B 39 4.00 4.59 9.69
N ARG B 40 5.30 4.58 9.45
CA ARG B 40 6.22 5.50 10.08
C ARG B 40 7.31 5.91 9.11
N GLN B 41 7.25 7.13 8.63
CA GLN B 41 8.25 7.65 7.70
C GLN B 41 9.02 8.80 8.34
N MET A 1 -22.91 -13.58 9.02
CA MET A 1 -21.63 -13.17 8.44
C MET A 1 -21.47 -13.75 7.04
N ASP A 2 -21.86 -12.98 6.05
CA ASP A 2 -21.76 -13.42 4.65
C ASP A 2 -20.38 -13.17 4.09
N VAL A 3 -19.72 -14.26 3.71
CA VAL A 3 -18.37 -14.23 3.13
C VAL A 3 -17.40 -13.35 3.91
N PHE A 4 -17.06 -13.79 5.12
CA PHE A 4 -16.12 -13.04 5.97
C PHE A 4 -14.97 -13.93 6.41
N MET A 5 -13.77 -13.60 5.95
CA MET A 5 -12.57 -14.37 6.30
C MET A 5 -11.32 -13.50 6.18
N LYS A 6 -10.45 -13.60 7.17
CA LYS A 6 -9.20 -12.84 7.16
C LYS A 6 -8.01 -13.79 7.22
N GLY A 7 -7.05 -13.58 6.33
CA GLY A 7 -5.87 -14.43 6.29
C GLY A 7 -4.95 -14.27 7.49
N LEU A 8 -5.31 -13.36 8.39
CA LEU A 8 -4.52 -13.12 9.59
C LEU A 8 -4.72 -14.24 10.62
N SER A 9 -5.70 -15.10 10.35
CA SER A 9 -6.00 -16.21 11.23
C SER A 9 -5.00 -17.35 11.01
N LYS A 10 -4.71 -17.63 9.74
CA LYS A 10 -3.78 -18.69 9.36
C LYS A 10 -3.60 -18.74 7.86
N ALA A 11 -2.48 -18.22 7.39
CA ALA A 11 -2.17 -18.22 5.96
C ALA A 11 -0.74 -18.68 5.73
N LYS A 12 -0.59 -19.75 4.95
CA LYS A 12 0.72 -20.31 4.64
C LYS A 12 1.38 -20.92 5.88
N GLU A 13 2.71 -21.01 5.84
CA GLU A 13 3.49 -21.56 6.94
C GLU A 13 4.80 -20.80 7.05
N GLY A 14 5.68 -21.24 7.94
CA GLY A 14 6.95 -20.59 8.11
C GLY A 14 7.39 -20.55 9.55
N VAL A 15 8.57 -20.01 9.80
CA VAL A 15 9.11 -19.92 11.14
C VAL A 15 9.33 -18.45 11.51
N VAL A 16 8.59 -17.98 12.50
CA VAL A 16 8.70 -16.59 12.94
C VAL A 16 9.00 -16.54 14.43
N ALA A 17 9.49 -15.39 14.89
CA ALA A 17 9.81 -15.23 16.30
C ALA A 17 8.64 -14.61 17.06
N ALA A 18 8.24 -15.27 18.15
CA ALA A 18 7.14 -14.79 18.96
C ALA A 18 7.56 -13.59 19.81
N ALA A 19 8.86 -13.28 19.77
CA ALA A 19 9.41 -12.16 20.51
C ALA A 19 9.76 -11.02 19.55
N GLU A 20 9.33 -11.17 18.31
CA GLU A 20 9.58 -10.17 17.28
C GLU A 20 8.31 -9.89 16.50
N LYS A 21 7.63 -8.82 16.87
CA LYS A 21 6.40 -8.44 16.20
C LYS A 21 6.15 -6.94 16.32
N THR A 22 6.53 -6.21 15.28
CA THR A 22 6.35 -4.77 15.25
C THR A 22 4.87 -4.42 15.17
N LYS A 23 4.34 -3.83 16.23
CA LYS A 23 2.94 -3.44 16.28
C LYS A 23 2.76 -2.04 15.67
N GLN A 24 3.46 -1.82 14.57
CA GLN A 24 3.42 -0.56 13.84
C GLN A 24 4.24 -0.72 12.56
N GLY A 25 4.14 0.24 11.65
CA GLY A 25 4.93 0.18 10.43
C GLY A 25 4.14 -0.09 9.16
N VAL A 26 2.85 -0.37 9.31
CA VAL A 26 2.00 -0.66 8.16
C VAL A 26 1.29 0.60 7.67
N ALA A 27 1.14 0.72 6.35
CA ALA A 27 0.47 1.87 5.76
C ALA A 27 -0.73 1.40 4.95
N GLU A 28 -1.73 2.26 4.82
CA GLU A 28 -2.94 1.92 4.09
C GLU A 28 -3.47 3.11 3.29
N ALA A 29 -4.67 2.96 2.76
CA ALA A 29 -5.30 4.00 1.97
C ALA A 29 -6.03 5.01 2.85
N ALA A 30 -5.27 5.69 3.69
CA ALA A 30 -5.82 6.69 4.60
C ALA A 30 -5.25 8.07 4.27
N GLY A 31 -4.86 8.24 3.02
CA GLY A 31 -4.29 9.51 2.60
C GLY A 31 -4.85 9.96 1.26
N LYS A 32 -4.38 11.10 0.79
CA LYS A 32 -4.83 11.65 -0.49
C LYS A 32 -3.70 11.57 -1.51
N THR A 33 -3.52 10.38 -2.07
CA THR A 33 -2.49 10.11 -3.05
C THR A 33 -2.66 10.98 -4.31
N LYS A 34 -1.55 11.32 -4.94
CA LYS A 34 -1.56 12.14 -6.14
C LYS A 34 -0.48 11.67 -7.10
N GLU A 35 -0.52 12.15 -8.34
CA GLU A 35 0.47 11.81 -9.33
C GLU A 35 1.76 12.57 -9.02
N GLY A 36 1.64 13.89 -8.97
CA GLY A 36 2.78 14.72 -8.65
C GLY A 36 3.43 15.31 -9.88
N VAL A 37 4.76 15.29 -9.90
CA VAL A 37 5.53 15.83 -11.01
C VAL A 37 6.98 15.34 -10.90
N LEU A 38 7.65 15.22 -12.01
CA LEU A 38 9.03 14.75 -12.01
C LEU A 38 9.98 15.95 -11.97
N TYR A 39 10.74 16.05 -10.89
CA TYR A 39 11.69 17.13 -10.72
C TYR A 39 13.11 16.61 -10.73
N VAL A 40 13.91 17.11 -11.66
CA VAL A 40 15.30 16.73 -11.77
C VAL A 40 16.17 17.92 -11.41
N GLY A 41 17.42 17.67 -11.03
CA GLY A 41 18.30 18.76 -10.67
C GLY A 41 19.50 18.88 -11.58
N SER A 42 20.37 19.84 -11.28
CA SER A 42 21.57 20.06 -12.06
C SER A 42 22.58 18.94 -11.83
N LYS A 43 22.34 18.16 -10.79
CA LYS A 43 23.20 17.05 -10.44
C LYS A 43 22.46 15.75 -10.74
N THR A 44 23.07 14.91 -11.56
CA THR A 44 22.48 13.63 -11.95
C THR A 44 22.06 12.79 -10.75
N LYS A 45 23.05 12.43 -9.90
CA LYS A 45 22.80 11.61 -8.71
C LYS A 45 22.49 10.18 -9.13
N GLU A 46 23.07 9.21 -8.43
CA GLU A 46 22.84 7.80 -8.75
C GLU A 46 21.36 7.48 -8.60
N GLY A 47 20.78 7.97 -7.50
CA GLY A 47 19.37 7.73 -7.24
C GLY A 47 19.17 6.49 -6.41
N VAL A 48 20.28 5.85 -6.04
CA VAL A 48 20.26 4.62 -5.24
C VAL A 48 19.90 3.41 -6.10
N VAL A 49 20.66 2.33 -5.92
CA VAL A 49 20.45 1.10 -6.67
C VAL A 49 18.99 0.66 -6.61
N HIS A 50 18.32 0.71 -7.76
CA HIS A 50 16.91 0.34 -7.85
C HIS A 50 16.75 -1.17 -7.65
N GLY A 51 15.70 -1.55 -6.96
CA GLY A 51 15.45 -2.96 -6.72
C GLY A 51 14.12 -3.42 -7.31
N VAL A 52 13.68 -4.58 -6.89
CA VAL A 52 12.42 -5.15 -7.38
C VAL A 52 11.32 -4.98 -6.35
N ALA A 53 10.09 -5.26 -6.76
CA ALA A 53 8.94 -5.14 -5.86
C ALA A 53 8.70 -6.44 -5.11
N THR A 54 9.27 -7.53 -5.61
CA THR A 54 9.12 -8.83 -4.98
C THR A 54 10.14 -9.01 -3.86
N VAL A 55 9.99 -8.21 -2.81
CA VAL A 55 10.88 -8.28 -1.66
C VAL A 55 10.44 -9.39 -0.72
N ALA A 56 11.36 -10.28 -0.38
CA ALA A 56 11.07 -11.40 0.51
C ALA A 56 10.71 -10.92 1.92
N GLU A 57 11.72 -10.55 2.68
CA GLU A 57 11.51 -10.07 4.04
C GLU A 57 11.49 -8.55 4.04
N LYS A 58 10.30 -7.98 4.14
CA LYS A 58 10.13 -6.54 4.15
C LYS A 58 9.64 -6.04 5.50
N THR A 59 10.58 -5.59 6.33
CA THR A 59 10.25 -5.09 7.65
C THR A 59 10.22 -3.56 7.67
N LYS A 60 9.87 -3.01 8.82
CA LYS A 60 9.81 -1.57 9.03
C LYS A 60 9.63 -1.28 10.52
N GLU A 61 10.66 -1.63 11.30
CA GLU A 61 10.65 -1.42 12.75
C GLU A 61 10.41 0.05 13.07
N GLN A 62 11.25 0.90 12.50
CA GLN A 62 11.18 2.34 12.68
C GLN A 62 11.53 2.72 14.12
N VAL A 63 12.76 3.19 14.33
CA VAL A 63 13.20 3.60 15.65
C VAL A 63 12.49 4.90 16.07
N THR A 64 11.29 4.74 16.58
CA THR A 64 10.48 5.87 17.00
C THR A 64 10.50 6.07 18.51
N ASN A 65 11.69 5.90 19.10
CA ASN A 65 11.85 6.06 20.53
C ASN A 65 12.79 7.22 20.84
N VAL A 66 13.56 7.61 19.85
CA VAL A 66 14.52 8.71 20.02
C VAL A 66 14.26 9.79 18.96
N GLY A 67 13.27 10.63 19.21
CA GLY A 67 12.95 11.68 18.27
C GLY A 67 11.51 11.63 17.81
N GLY A 68 11.07 12.70 17.17
CA GLY A 68 9.70 12.76 16.68
C GLY A 68 9.48 14.01 15.86
N ALA A 69 8.48 13.98 14.99
CA ALA A 69 8.19 15.12 14.13
C ALA A 69 6.68 15.32 14.02
N VAL A 70 6.28 16.20 13.11
CA VAL A 70 4.86 16.49 12.88
C VAL A 70 4.60 16.60 11.39
N VAL A 71 3.71 15.76 10.89
CA VAL A 71 3.38 15.77 9.47
C VAL A 71 2.00 16.34 9.24
N THR A 72 1.94 17.54 8.69
CA THR A 72 0.69 18.20 8.41
C THR A 72 0.32 18.08 6.94
N GLY A 73 0.78 17.00 6.31
CA GLY A 73 0.50 16.79 4.90
C GLY A 73 0.19 15.34 4.60
N VAL A 74 0.07 15.03 3.31
CA VAL A 74 -0.24 13.68 2.87
C VAL A 74 0.97 12.76 2.96
N THR A 75 2.12 13.34 3.25
CA THR A 75 3.36 12.59 3.36
C THR A 75 3.49 11.89 4.70
N ALA A 76 2.38 11.73 5.40
CA ALA A 76 2.37 11.07 6.69
C ALA A 76 2.43 9.55 6.53
N VAL A 77 1.87 9.07 5.43
CA VAL A 77 1.86 7.64 5.15
C VAL A 77 2.84 7.29 4.04
N ALA A 78 3.93 6.63 4.42
CA ALA A 78 4.94 6.22 3.45
C ALA A 78 4.49 4.96 2.74
N GLN A 79 3.60 5.14 1.78
CA GLN A 79 3.04 4.03 1.00
C GLN A 79 4.08 3.43 0.06
N LYS A 80 4.93 2.58 0.61
CA LYS A 80 5.96 1.92 -0.16
C LYS A 80 5.49 0.53 -0.57
N THR A 81 5.94 0.08 -1.73
CA THR A 81 5.59 -1.24 -2.27
C THR A 81 4.08 -1.43 -2.45
N VAL A 82 3.44 -0.46 -3.10
CA VAL A 82 2.00 -0.54 -3.38
C VAL A 82 1.81 -0.80 -4.87
N GLU A 83 2.89 -1.24 -5.50
CA GLU A 83 2.90 -1.55 -6.92
C GLU A 83 2.92 -3.06 -7.10
N GLY A 84 3.24 -3.77 -6.03
CA GLY A 84 3.31 -5.21 -6.06
C GLY A 84 2.97 -5.79 -4.70
N ALA A 85 3.11 -7.10 -4.57
CA ALA A 85 2.79 -7.79 -3.32
C ALA A 85 3.86 -7.52 -2.25
N GLY A 86 3.53 -6.64 -1.32
CA GLY A 86 4.46 -6.31 -0.25
C GLY A 86 3.87 -6.67 1.10
N SER A 87 4.74 -7.06 2.03
CA SER A 87 4.32 -7.43 3.39
C SER A 87 3.61 -6.29 4.10
N ILE A 88 3.90 -5.06 3.71
CA ILE A 88 3.28 -3.89 4.32
C ILE A 88 1.80 -3.80 3.93
N ALA A 89 1.43 -4.44 2.82
CA ALA A 89 0.06 -4.42 2.37
C ALA A 89 -0.63 -5.73 2.72
N ALA A 90 0.11 -6.60 3.40
CA ALA A 90 -0.41 -7.90 3.81
C ALA A 90 -1.08 -7.81 5.18
N ALA A 91 -0.64 -6.84 5.98
CA ALA A 91 -1.20 -6.63 7.31
C ALA A 91 -2.48 -5.82 7.20
N THR A 92 -3.55 -6.50 6.83
CA THR A 92 -4.85 -5.88 6.65
C THR A 92 -5.50 -5.45 7.97
N GLY A 93 -6.68 -4.86 7.85
CA GLY A 93 -7.43 -4.41 9.00
C GLY A 93 -8.84 -4.90 8.91
N PHE A 94 -9.80 -3.99 8.73
CA PHE A 94 -11.20 -4.36 8.57
C PHE A 94 -11.26 -5.43 7.49
N VAL A 95 -12.07 -6.47 7.71
CA VAL A 95 -12.20 -7.56 6.73
C VAL A 95 -12.32 -7.06 5.28
N LYS A 96 -12.95 -5.89 5.12
CA LYS A 96 -13.10 -5.28 3.80
C LYS A 96 -12.04 -4.19 3.61
N LYS A 97 -10.78 -4.60 3.55
CA LYS A 97 -9.68 -3.67 3.35
C LYS A 97 -8.97 -3.98 2.04
N ASP A 98 -9.79 -4.17 1.03
CA ASP A 98 -9.35 -4.50 -0.33
C ASP A 98 -8.69 -3.32 -1.01
N GLN A 99 -8.79 -2.16 -0.40
CA GLN A 99 -8.21 -0.94 -0.94
C GLN A 99 -6.72 -0.86 -0.59
N LEU A 100 -5.94 -1.79 -1.15
CA LEU A 100 -4.49 -1.88 -0.95
C LEU A 100 -3.86 -2.78 -2.03
N GLY A 101 -3.78 -2.27 -3.25
CA GLY A 101 -3.19 -3.02 -4.35
C GLY A 101 -3.25 -2.26 -5.65
N LYS A 102 -2.56 -2.76 -6.67
CA LYS A 102 -2.54 -2.14 -7.98
C LYS A 102 -2.46 -3.21 -9.05
N ASN A 103 -3.41 -3.20 -9.97
CA ASN A 103 -3.44 -4.20 -11.03
C ASN A 103 -3.09 -3.58 -12.38
N GLU A 104 -1.98 -4.03 -12.95
CA GLU A 104 -1.54 -3.56 -14.26
C GLU A 104 -1.92 -4.62 -15.30
N GLU A 105 -1.61 -4.36 -16.56
CA GLU A 105 -1.92 -5.31 -17.62
C GLU A 105 -0.68 -6.13 -17.99
N GLY A 106 -0.82 -6.98 -19.00
CA GLY A 106 0.29 -7.81 -19.39
C GLY A 106 0.57 -7.74 -20.89
N ALA A 107 1.84 -7.73 -21.24
CA ALA A 107 2.24 -7.67 -22.64
C ALA A 107 2.53 -9.08 -23.17
N PRO A 108 2.28 -9.30 -24.48
CA PRO A 108 2.52 -10.60 -25.12
C PRO A 108 3.99 -11.03 -24.98
N GLN A 109 4.24 -12.32 -25.14
CA GLN A 109 5.58 -12.86 -25.01
C GLN A 109 6.32 -12.98 -26.34
N GLU A 110 7.64 -12.81 -26.28
CA GLU A 110 8.52 -12.88 -27.44
C GLU A 110 8.60 -14.30 -28.00
N GLY A 111 8.97 -14.41 -29.27
CA GLY A 111 9.10 -15.72 -29.90
C GLY A 111 7.83 -16.13 -30.62
N ILE A 112 7.24 -15.19 -31.34
CA ILE A 112 6.01 -15.46 -32.06
C ILE A 112 6.09 -14.97 -33.50
N LEU A 113 5.40 -15.65 -34.39
CA LEU A 113 5.38 -15.26 -35.79
C LEU A 113 4.11 -14.43 -36.02
N GLU A 114 4.26 -13.33 -36.74
CA GLU A 114 3.18 -12.39 -37.03
C GLU A 114 3.02 -11.39 -35.88
N ASP A 115 3.34 -10.13 -36.17
CA ASP A 115 3.28 -9.06 -35.18
C ASP A 115 1.86 -8.58 -34.96
N MET A 116 1.09 -9.37 -34.22
CA MET A 116 -0.31 -9.04 -33.93
C MET A 116 -0.44 -8.29 -32.61
N PRO A 117 -0.74 -6.99 -32.67
CA PRO A 117 -0.91 -6.15 -31.49
C PRO A 117 -2.38 -5.83 -31.22
N VAL A 118 -2.61 -4.83 -30.39
CA VAL A 118 -3.96 -4.40 -30.06
C VAL A 118 -4.27 -3.16 -30.90
N ASP A 119 -5.52 -3.01 -31.31
CA ASP A 119 -5.93 -1.88 -32.12
C ASP A 119 -5.66 -0.56 -31.40
N PRO A 120 -5.16 0.45 -32.12
CA PRO A 120 -4.85 1.76 -31.55
C PRO A 120 -6.11 2.51 -31.11
N ASP A 121 -7.26 2.05 -31.63
CA ASP A 121 -8.58 2.64 -31.32
C ASP A 121 -8.56 4.17 -31.31
N ASN A 122 -8.78 4.75 -32.47
CA ASN A 122 -8.75 6.21 -32.58
C ASN A 122 -10.12 6.79 -32.82
N GLU A 123 -10.81 7.13 -31.75
CA GLU A 123 -12.12 7.74 -31.84
C GLU A 123 -12.03 9.01 -32.68
N ALA A 124 -13.00 9.25 -33.55
CA ALA A 124 -12.98 10.42 -34.40
C ALA A 124 -14.35 11.10 -34.47
N TYR A 125 -14.75 11.74 -33.36
CA TYR A 125 -16.02 12.46 -33.26
C TYR A 125 -17.21 11.50 -33.19
N GLU A 126 -17.03 10.42 -32.46
CA GLU A 126 -18.08 9.41 -32.29
C GLU A 126 -18.89 9.70 -31.03
N MET A 127 -18.18 9.97 -29.94
CA MET A 127 -18.78 10.28 -28.64
C MET A 127 -19.63 9.13 -28.11
N PRO A 128 -18.97 8.14 -27.49
CA PRO A 128 -19.67 6.98 -26.94
C PRO A 128 -20.48 7.35 -25.70
N SER A 129 -21.53 6.60 -25.43
CA SER A 129 -22.38 6.85 -24.27
C SER A 129 -21.80 6.14 -23.04
N GLU A 130 -20.49 5.96 -23.07
CA GLU A 130 -19.77 5.29 -22.01
C GLU A 130 -18.49 6.08 -21.72
N GLU A 131 -18.58 7.02 -20.80
CA GLU A 131 -17.44 7.85 -20.43
C GLU A 131 -16.91 7.51 -19.05
N GLY A 132 -15.80 8.12 -18.68
CA GLY A 132 -15.22 7.87 -17.38
C GLY A 132 -14.19 6.75 -17.42
N TYR A 133 -13.53 6.52 -16.31
CA TYR A 133 -12.53 5.48 -16.20
C TYR A 133 -12.58 4.84 -14.82
N GLN A 134 -12.11 3.60 -14.73
CA GLN A 134 -12.12 2.88 -13.47
C GLN A 134 -10.76 2.26 -13.21
N ASP A 135 -10.43 2.14 -11.94
CA ASP A 135 -9.17 1.54 -11.52
C ASP A 135 -9.40 0.06 -11.23
N TYR A 136 -8.43 -0.59 -10.63
CA TYR A 136 -8.54 -2.00 -10.29
C TYR A 136 -7.94 -2.27 -8.91
N GLU A 137 -8.80 -2.53 -7.94
CA GLU A 137 -8.38 -2.80 -6.58
C GLU A 137 -8.37 -4.30 -6.30
N PRO A 138 -7.20 -4.95 -6.40
CA PRO A 138 -7.05 -6.39 -6.15
C PRO A 138 -6.48 -6.66 -4.75
N GLU A 139 -6.43 -7.93 -4.37
CA GLU A 139 -5.87 -8.31 -3.08
C GLU A 139 -4.35 -8.12 -3.08
N ALA A 140 -3.85 -7.33 -2.13
CA ALA A 140 -2.43 -7.06 -2.00
C ALA A 140 -1.82 -6.59 -3.33
N HIS B 1 -11.64 -16.07 9.11
CA HIS B 1 -12.68 -15.16 9.56
C HIS B 1 -12.05 -13.90 10.14
N VAL B 2 -12.88 -12.97 10.60
CA VAL B 2 -12.38 -11.73 11.19
C VAL B 2 -11.93 -11.99 12.63
N ASN B 3 -10.81 -12.70 12.74
CA ASN B 3 -10.23 -13.09 14.03
C ASN B 3 -9.98 -11.90 14.96
N GLU B 4 -9.60 -10.76 14.40
CA GLU B 4 -9.31 -9.57 15.18
C GLU B 4 -10.53 -9.11 15.98
N LEU B 5 -11.67 -9.04 15.32
CA LEU B 5 -12.90 -8.61 15.97
C LEU B 5 -13.43 -9.71 16.88
N SER B 6 -13.06 -10.94 16.57
CA SER B 6 -13.51 -12.09 17.34
C SER B 6 -12.63 -12.31 18.58
N ARG B 7 -11.53 -11.57 18.67
CA ARG B 7 -10.63 -11.70 19.81
C ARG B 7 -10.57 -10.40 20.59
N ILE B 8 -10.79 -9.29 19.89
CA ILE B 8 -10.78 -7.95 20.49
C ILE B 8 -9.40 -7.57 21.05
N LYS B 9 -8.54 -7.03 20.19
CA LYS B 9 -7.21 -6.62 20.61
C LYS B 9 -7.28 -5.35 21.44
N LEU B 10 -8.37 -4.60 21.25
CA LEU B 10 -8.62 -3.35 21.96
C LEU B 10 -7.47 -2.35 21.77
N ARG B 11 -6.93 -2.32 20.57
CA ARG B 11 -5.82 -1.43 20.28
C ARG B 11 -6.34 -0.09 19.75
N VAL B 12 -5.93 0.98 20.43
CA VAL B 12 -6.30 2.33 20.04
C VAL B 12 -5.06 3.06 19.53
N CYS B 13 -5.17 3.69 18.39
CA CYS B 13 -4.06 4.42 17.81
C CYS B 13 -4.24 5.92 18.01
N GLN B 14 -3.58 6.46 19.04
CA GLN B 14 -3.68 7.88 19.34
C GLN B 14 -2.33 8.56 19.13
N PRO B 15 -2.14 9.19 17.97
CA PRO B 15 -0.90 9.91 17.64
C PRO B 15 -0.77 11.19 18.45
N SER B 16 0.45 11.50 18.87
CA SER B 16 0.73 12.68 19.66
C SER B 16 0.64 13.96 18.84
N ARG B 17 1.43 14.03 17.77
CA ARG B 17 1.45 15.20 16.92
C ARG B 17 0.55 15.04 15.71
N SER B 18 -0.75 15.03 15.98
CA SER B 18 -1.75 14.87 14.93
C SER B 18 -2.49 16.18 14.71
N GLU B 19 -2.39 16.72 13.51
CA GLU B 19 -3.07 17.96 13.15
C GLU B 19 -3.86 17.74 11.87
N ILE B 20 -3.22 18.00 10.74
CA ILE B 20 -3.86 17.81 9.44
C ILE B 20 -3.70 16.36 9.00
N HIS B 21 -4.26 15.47 9.79
CA HIS B 21 -4.18 14.03 9.52
C HIS B 21 -5.52 13.48 9.07
N PHE B 22 -5.47 12.54 8.14
CA PHE B 22 -6.68 11.95 7.59
C PHE B 22 -6.90 10.55 8.16
N LYS B 23 -7.87 9.85 7.58
CA LYS B 23 -8.24 8.51 7.99
C LYS B 23 -9.24 7.94 7.00
N VAL B 24 -9.86 6.82 7.33
CA VAL B 24 -10.83 6.20 6.45
C VAL B 24 -12.07 7.09 6.34
N LYS B 25 -12.55 7.27 5.12
CA LYS B 25 -13.71 8.11 4.86
C LYS B 25 -15.01 7.40 5.23
N MET B 26 -14.98 6.07 5.21
CA MET B 26 -16.15 5.29 5.53
C MET B 26 -16.20 4.96 7.01
N THR B 27 -17.24 5.45 7.69
CA THR B 27 -17.41 5.19 9.11
C THR B 27 -17.69 3.71 9.36
N THR B 28 -18.23 3.05 8.33
CA THR B 28 -18.53 1.62 8.41
C THR B 28 -17.23 0.81 8.25
N HIS B 29 -16.16 1.53 7.92
CA HIS B 29 -14.84 0.96 7.76
C HIS B 29 -13.93 1.61 8.79
N LEU B 30 -14.33 1.53 10.05
CA LEU B 30 -13.61 2.16 11.14
C LEU B 30 -12.55 1.25 11.74
N LYS B 31 -12.86 -0.04 11.80
CA LYS B 31 -11.93 -1.02 12.36
C LYS B 31 -10.78 -1.26 11.39
N LYS B 32 -10.83 -0.58 10.25
CA LYS B 32 -9.83 -0.68 9.23
C LYS B 32 -8.45 -0.32 9.77
N LEU B 33 -8.41 0.73 10.58
CA LEU B 33 -7.16 1.20 11.18
C LEU B 33 -6.87 0.47 12.49
N LYS B 34 -7.91 0.13 13.23
CA LYS B 34 -7.74 -0.54 14.53
C LYS B 34 -7.32 -1.99 14.39
N GLU B 35 -7.55 -2.58 13.23
CA GLU B 35 -7.17 -3.96 12.98
C GLU B 35 -5.87 -3.98 12.16
N SER B 36 -5.07 -2.93 12.33
CA SER B 36 -3.81 -2.79 11.64
C SER B 36 -2.78 -2.10 12.52
N TYR B 37 -1.59 -1.86 11.97
CA TYR B 37 -0.52 -1.23 12.71
C TYR B 37 -0.12 0.09 12.05
N CYS B 38 -0.53 1.21 12.66
CA CYS B 38 -0.24 2.56 12.15
C CYS B 38 1.22 2.75 11.74
N GLN B 39 1.45 3.63 10.78
CA GLN B 39 2.79 3.90 10.29
C GLN B 39 3.36 5.18 10.88
N ARG B 40 4.05 5.07 12.01
CA ARG B 40 4.66 6.24 12.63
C ARG B 40 5.95 6.58 11.87
N GLN B 41 5.80 7.35 10.81
CA GLN B 41 6.94 7.74 9.99
C GLN B 41 7.25 9.22 10.18
N MET A 1 -21.85 -8.24 7.77
CA MET A 1 -20.91 -9.27 8.23
C MET A 1 -20.66 -10.29 7.13
N ASP A 2 -20.97 -9.90 5.90
CA ASP A 2 -20.79 -10.78 4.74
C ASP A 2 -19.35 -10.69 4.23
N VAL A 3 -18.86 -11.80 3.68
CA VAL A 3 -17.50 -11.90 3.15
C VAL A 3 -16.45 -11.44 4.17
N PHE A 4 -16.10 -12.33 5.09
CA PHE A 4 -15.11 -12.02 6.11
C PHE A 4 -14.01 -13.07 6.15
N MET A 5 -12.81 -12.67 5.78
CA MET A 5 -11.67 -13.57 5.78
C MET A 5 -10.35 -12.79 5.87
N LYS A 6 -9.58 -13.03 6.91
CA LYS A 6 -8.30 -12.36 7.08
C LYS A 6 -7.17 -13.37 7.20
N GLY A 7 -6.08 -13.11 6.48
CA GLY A 7 -4.94 -14.00 6.50
C GLY A 7 -4.08 -13.83 7.75
N LEU A 8 -4.63 -13.17 8.76
CA LEU A 8 -3.90 -12.94 10.01
C LEU A 8 -4.18 -14.04 11.01
N SER A 9 -4.72 -15.15 10.51
CA SER A 9 -5.02 -16.29 11.35
C SER A 9 -4.09 -17.45 10.99
N LYS A 10 -4.06 -17.81 9.71
CA LYS A 10 -3.22 -18.88 9.22
C LYS A 10 -3.12 -18.84 7.71
N ALA A 11 -2.13 -18.12 7.21
CA ALA A 11 -1.92 -18.00 5.77
C ALA A 11 -0.47 -18.34 5.43
N LYS A 12 -0.32 -19.32 4.54
CA LYS A 12 1.01 -19.77 4.11
C LYS A 12 1.77 -20.46 5.24
N GLU A 13 3.07 -20.55 5.09
CA GLU A 13 3.93 -21.18 6.06
C GLU A 13 5.25 -20.43 6.15
N GLY A 14 6.16 -20.90 6.99
CA GLY A 14 7.43 -20.25 7.14
C GLY A 14 7.95 -20.30 8.55
N VAL A 15 9.14 -19.77 8.77
CA VAL A 15 9.75 -19.74 10.09
C VAL A 15 9.96 -18.31 10.55
N VAL A 16 9.28 -17.92 11.61
CA VAL A 16 9.40 -16.57 12.14
C VAL A 16 9.80 -16.61 13.62
N ALA A 17 10.40 -15.52 14.08
CA ALA A 17 10.83 -15.44 15.47
C ALA A 17 9.75 -14.83 16.34
N ALA A 18 9.36 -15.55 17.38
CA ALA A 18 8.32 -15.08 18.29
C ALA A 18 8.83 -13.95 19.19
N ALA A 19 10.12 -13.65 19.07
CA ALA A 19 10.74 -12.59 19.85
C ALA A 19 10.86 -11.33 19.01
N GLU A 20 10.42 -11.41 17.77
CA GLU A 20 10.49 -10.29 16.86
C GLU A 20 9.08 -9.87 16.46
N LYS A 21 8.57 -8.84 17.11
CA LYS A 21 7.24 -8.34 16.82
C LYS A 21 7.24 -6.85 16.54
N THR A 22 7.60 -6.49 15.32
CA THR A 22 7.63 -5.10 14.90
C THR A 22 6.22 -4.53 14.92
N LYS A 23 5.98 -3.59 15.83
CA LYS A 23 4.66 -2.98 15.97
C LYS A 23 4.56 -1.70 15.15
N GLN A 24 5.12 -1.75 13.95
CA GLN A 24 5.09 -0.61 13.04
C GLN A 24 5.39 -1.08 11.62
N GLY A 25 4.73 -0.48 10.65
CA GLY A 25 4.97 -0.85 9.26
C GLY A 25 3.70 -1.14 8.48
N VAL A 26 2.56 -1.08 9.16
CA VAL A 26 1.28 -1.35 8.51
C VAL A 26 0.39 -0.11 8.51
N ALA A 27 -0.05 0.29 7.32
CA ALA A 27 -0.93 1.45 7.16
C ALA A 27 -1.66 1.35 5.83
N GLU A 28 -2.92 1.75 5.82
CA GLU A 28 -3.73 1.70 4.60
C GLU A 28 -3.70 3.03 3.87
N ALA A 29 -4.53 3.14 2.85
CA ALA A 29 -4.64 4.36 2.08
C ALA A 29 -5.44 5.39 2.87
N ALA A 30 -4.74 6.20 3.65
CA ALA A 30 -5.36 7.24 4.45
C ALA A 30 -4.85 8.61 4.02
N GLY A 31 -3.99 8.62 3.01
CA GLY A 31 -3.44 9.85 2.51
C GLY A 31 -3.88 10.14 1.10
N LYS A 32 -3.88 11.41 0.72
CA LYS A 32 -4.29 11.81 -0.61
C LYS A 32 -3.13 11.65 -1.60
N THR A 33 -3.05 10.47 -2.19
CA THR A 33 -2.01 10.15 -3.14
C THR A 33 -2.18 10.94 -4.44
N LYS A 34 -1.06 11.33 -5.05
CA LYS A 34 -1.08 12.10 -6.28
C LYS A 34 -0.03 11.58 -7.25
N GLU A 35 -0.11 12.00 -8.50
CA GLU A 35 0.87 11.61 -9.52
C GLU A 35 2.17 12.35 -9.27
N GLY A 36 2.07 13.68 -9.18
CA GLY A 36 3.23 14.50 -8.93
C GLY A 36 3.84 15.04 -10.19
N VAL A 37 5.17 15.04 -10.23
CA VAL A 37 5.91 15.54 -11.39
C VAL A 37 7.34 15.03 -11.32
N LEU A 38 7.96 14.85 -12.47
CA LEU A 38 9.34 14.37 -12.52
C LEU A 38 10.31 15.54 -12.52
N TYR A 39 11.11 15.63 -11.47
CA TYR A 39 12.08 16.71 -11.35
C TYR A 39 13.50 16.16 -11.40
N VAL A 40 14.28 16.64 -12.36
CA VAL A 40 15.66 16.23 -12.53
C VAL A 40 16.56 17.42 -12.22
N GLY A 41 17.80 17.16 -11.83
CA GLY A 41 18.71 18.23 -11.51
C GLY A 41 19.88 18.31 -12.48
N SER A 42 20.78 19.25 -12.23
CA SER A 42 21.96 19.45 -13.07
C SER A 42 22.93 18.30 -12.87
N LYS A 43 22.76 17.55 -11.79
CA LYS A 43 23.61 16.42 -11.48
C LYS A 43 22.83 15.14 -11.75
N THR A 44 23.43 14.27 -12.55
CA THR A 44 22.80 13.01 -12.92
C THR A 44 22.40 12.19 -11.69
N LYS A 45 23.38 11.85 -10.86
CA LYS A 45 23.16 11.06 -9.65
C LYS A 45 22.81 9.61 -10.03
N GLU A 46 23.39 8.64 -9.32
CA GLU A 46 23.13 7.25 -9.63
C GLU A 46 21.65 6.94 -9.40
N GLY A 47 21.13 7.47 -8.31
CA GLY A 47 19.74 7.26 -7.98
C GLY A 47 19.55 6.01 -7.15
N VAL A 48 20.67 5.37 -6.78
CA VAL A 48 20.64 4.14 -5.98
C VAL A 48 20.24 2.93 -6.83
N VAL A 49 20.94 1.83 -6.64
CA VAL A 49 20.67 0.60 -7.37
C VAL A 49 19.22 0.19 -7.25
N HIS A 50 18.51 0.21 -8.38
CA HIS A 50 17.10 -0.16 -8.40
C HIS A 50 16.92 -1.65 -8.17
N GLY A 51 15.87 -2.01 -7.45
CA GLY A 51 15.60 -3.40 -7.17
C GLY A 51 14.26 -3.85 -7.71
N VAL A 52 13.80 -4.99 -7.23
CA VAL A 52 12.52 -5.54 -7.67
C VAL A 52 11.46 -5.40 -6.58
N ALA A 53 10.21 -5.66 -6.94
CA ALA A 53 9.10 -5.55 -5.99
C ALA A 53 8.92 -6.86 -5.22
N THR A 54 9.47 -7.94 -5.77
CA THR A 54 9.35 -9.24 -5.13
C THR A 54 10.38 -9.40 -4.01
N VAL A 55 10.25 -8.56 -2.99
CA VAL A 55 11.15 -8.59 -1.85
C VAL A 55 10.71 -9.68 -0.88
N ALA A 56 11.60 -10.63 -0.63
CA ALA A 56 11.32 -11.73 0.28
C ALA A 56 11.05 -11.23 1.70
N GLU A 57 12.09 -10.82 2.39
CA GLU A 57 11.97 -10.31 3.75
C GLU A 57 11.85 -8.79 3.72
N LYS A 58 10.64 -8.30 3.93
CA LYS A 58 10.39 -6.87 3.92
C LYS A 58 9.89 -6.41 5.29
N THR A 59 10.78 -5.79 6.04
CA THR A 59 10.45 -5.29 7.36
C THR A 59 10.59 -3.77 7.42
N LYS A 60 10.53 -3.23 8.63
CA LYS A 60 10.67 -1.79 8.86
C LYS A 60 10.85 -1.56 10.35
N GLU A 61 12.03 -1.88 10.85
CA GLU A 61 12.34 -1.70 12.27
C GLU A 61 12.24 -0.23 12.64
N GLN A 62 13.02 0.60 11.94
CA GLN A 62 13.02 2.05 12.15
C GLN A 62 13.37 2.42 13.59
N VAL A 63 14.62 2.79 13.82
CA VAL A 63 15.06 3.19 15.16
C VAL A 63 14.40 4.52 15.57
N THR A 64 13.15 4.41 15.99
CA THR A 64 12.37 5.58 16.39
C THR A 64 12.55 5.89 17.87
N ASN A 65 13.75 5.63 18.36
CA ASN A 65 14.08 5.89 19.76
C ASN A 65 15.16 6.95 19.85
N VAL A 66 15.61 7.42 18.70
CA VAL A 66 16.65 8.45 18.63
C VAL A 66 16.24 9.56 17.67
N GLY A 67 15.59 10.59 18.20
CA GLY A 67 15.17 11.70 17.39
C GLY A 67 13.67 11.85 17.33
N GLY A 68 13.18 12.37 16.20
CA GLY A 68 11.74 12.56 16.04
C GLY A 68 11.44 13.83 15.26
N ALA A 69 10.59 13.72 14.26
CA ALA A 69 10.21 14.85 13.44
C ALA A 69 8.70 14.99 13.35
N VAL A 70 8.22 15.66 12.32
CA VAL A 70 6.80 15.85 12.10
C VAL A 70 6.54 16.22 10.64
N VAL A 71 5.67 15.46 9.98
CA VAL A 71 5.34 15.72 8.58
C VAL A 71 3.86 16.00 8.44
N THR A 72 3.52 17.26 8.17
CA THR A 72 2.13 17.67 8.01
C THR A 72 1.65 17.42 6.58
N GLY A 73 2.56 16.97 5.73
CA GLY A 73 2.21 16.69 4.36
C GLY A 73 1.66 15.28 4.19
N VAL A 74 1.01 15.02 3.07
CA VAL A 74 0.44 13.70 2.81
C VAL A 74 1.52 12.64 2.60
N THR A 75 2.77 13.09 2.50
CA THR A 75 3.90 12.21 2.30
C THR A 75 4.33 11.52 3.60
N ALA A 76 3.60 11.80 4.68
CA ALA A 76 3.89 11.20 5.98
C ALA A 76 3.65 9.70 5.95
N VAL A 77 2.62 9.30 5.21
CA VAL A 77 2.27 7.89 5.08
C VAL A 77 2.39 7.44 3.63
N ALA A 78 3.59 7.58 3.07
CA ALA A 78 3.85 7.20 1.70
C ALA A 78 3.84 5.68 1.53
N GLN A 79 2.69 5.16 1.11
CA GLN A 79 2.52 3.72 0.92
C GLN A 79 3.48 3.20 -0.15
N LYS A 80 4.20 2.14 0.18
CA LYS A 80 5.13 1.55 -0.75
C LYS A 80 4.66 0.17 -1.17
N THR A 81 4.98 -0.21 -2.40
CA THR A 81 4.60 -1.52 -2.95
C THR A 81 3.08 -1.73 -3.05
N VAL A 82 2.41 -0.83 -3.77
CA VAL A 82 0.97 -0.93 -3.98
C VAL A 82 0.67 -1.09 -5.47
N GLU A 83 1.74 -1.28 -6.23
CA GLU A 83 1.65 -1.46 -7.67
C GLU A 83 1.52 -2.95 -7.98
N GLY A 84 1.85 -3.77 -7.01
CA GLY A 84 1.79 -5.20 -7.16
C GLY A 84 1.76 -5.90 -5.83
N ALA A 85 1.72 -7.22 -5.85
CA ALA A 85 1.67 -8.03 -4.63
C ALA A 85 2.85 -7.74 -3.71
N GLY A 86 2.57 -7.04 -2.61
CA GLY A 86 3.61 -6.71 -1.66
C GLY A 86 3.27 -7.21 -0.27
N SER A 87 4.30 -7.47 0.52
CA SER A 87 4.13 -7.97 1.88
C SER A 87 3.36 -6.98 2.77
N ILE A 88 3.59 -5.69 2.54
CA ILE A 88 2.93 -4.64 3.30
C ILE A 88 1.46 -4.51 2.90
N ALA A 89 1.13 -5.00 1.71
CA ALA A 89 -0.23 -4.94 1.20
C ALA A 89 -1.00 -6.20 1.59
N ALA A 90 -0.38 -7.04 2.40
CA ALA A 90 -1.01 -8.28 2.85
C ALA A 90 -1.42 -8.17 4.32
N ALA A 91 -0.76 -7.26 5.03
CA ALA A 91 -1.05 -7.04 6.44
C ALA A 91 -1.94 -5.82 6.59
N THR A 92 -3.11 -6.00 7.19
CA THR A 92 -4.05 -4.92 7.36
C THR A 92 -5.06 -5.21 8.47
N GLY A 93 -5.64 -4.16 9.03
CA GLY A 93 -6.63 -4.30 10.07
C GLY A 93 -7.96 -4.77 9.51
N PHE A 94 -8.94 -3.87 9.45
CA PHE A 94 -10.25 -4.18 8.91
C PHE A 94 -10.11 -4.69 7.48
N VAL A 95 -10.49 -5.94 7.27
CA VAL A 95 -10.40 -6.56 5.95
C VAL A 95 -11.27 -5.83 4.91
N LYS A 96 -12.39 -5.26 5.37
CA LYS A 96 -13.32 -4.58 4.48
C LYS A 96 -12.82 -3.20 4.01
N LYS A 97 -11.77 -3.19 3.20
CA LYS A 97 -11.20 -1.97 2.63
C LYS A 97 -10.07 -2.35 1.69
N ASP A 98 -10.45 -2.82 0.51
CA ASP A 98 -9.52 -3.25 -0.52
C ASP A 98 -8.86 -2.06 -1.24
N GLN A 99 -8.90 -0.88 -0.60
CA GLN A 99 -8.31 0.34 -1.16
C GLN A 99 -6.79 0.31 -0.97
N LEU A 100 -6.13 -0.62 -1.65
CA LEU A 100 -4.68 -0.79 -1.57
C LEU A 100 -4.21 -1.77 -2.65
N GLY A 101 -4.22 -1.32 -3.89
CA GLY A 101 -3.79 -2.16 -4.99
C GLY A 101 -4.03 -1.51 -6.32
N LYS A 102 -3.45 -2.08 -7.37
CA LYS A 102 -3.62 -1.55 -8.71
C LYS A 102 -3.71 -2.68 -9.72
N ASN A 103 -4.70 -2.60 -10.59
CA ASN A 103 -4.89 -3.63 -11.60
C ASN A 103 -4.70 -3.06 -13.00
N GLU A 104 -3.66 -3.54 -13.66
CA GLU A 104 -3.35 -3.11 -15.02
C GLU A 104 -3.83 -4.19 -15.98
N GLU A 105 -3.70 -3.95 -17.27
CA GLU A 105 -4.11 -4.92 -18.26
C GLU A 105 -2.92 -5.74 -18.74
N GLY A 106 -3.16 -6.65 -19.68
CA GLY A 106 -2.09 -7.48 -20.19
C GLY A 106 -2.00 -7.43 -21.70
N ALA A 107 -0.80 -7.51 -22.22
CA ALA A 107 -0.58 -7.48 -23.65
C ALA A 107 -0.35 -8.89 -24.20
N PRO A 108 -0.75 -9.14 -25.45
CA PRO A 108 -0.58 -10.45 -26.10
C PRO A 108 0.88 -10.88 -26.10
N GLN A 109 1.13 -12.18 -26.25
CA GLN A 109 2.48 -12.71 -26.23
C GLN A 109 3.07 -12.88 -27.63
N GLU A 110 4.38 -12.70 -27.71
CA GLU A 110 5.14 -12.82 -28.96
C GLU A 110 5.15 -14.28 -29.47
N GLY A 111 5.32 -14.43 -30.77
CA GLY A 111 5.36 -15.75 -31.38
C GLY A 111 4.02 -16.18 -31.93
N ILE A 112 3.35 -15.27 -32.62
CA ILE A 112 2.04 -15.55 -33.19
C ILE A 112 1.99 -15.10 -34.64
N LEU A 113 1.23 -15.81 -35.46
CA LEU A 113 1.08 -15.43 -36.86
C LEU A 113 -0.19 -14.60 -36.98
N GLU A 114 -0.09 -13.50 -37.75
CA GLU A 114 -1.21 -12.56 -37.95
C GLU A 114 -1.26 -11.54 -36.80
N ASP A 115 -0.94 -10.29 -37.13
CA ASP A 115 -0.91 -9.22 -36.14
C ASP A 115 -2.31 -8.73 -35.82
N MET A 116 -3.00 -9.46 -34.94
CA MET A 116 -4.35 -9.11 -34.54
C MET A 116 -4.38 -8.32 -33.23
N PRO A 117 -4.56 -6.99 -33.32
CA PRO A 117 -4.61 -6.13 -32.15
C PRO A 117 -6.05 -5.78 -31.76
N VAL A 118 -6.18 -4.78 -30.90
CA VAL A 118 -7.49 -4.31 -30.46
C VAL A 118 -7.88 -3.10 -31.29
N ASP A 119 -9.17 -2.96 -31.57
CA ASP A 119 -9.67 -1.84 -32.36
C ASP A 119 -9.33 -0.52 -31.70
N PRO A 120 -8.91 0.48 -32.49
CA PRO A 120 -8.54 1.81 -31.99
C PRO A 120 -9.74 2.56 -31.42
N ASP A 121 -10.94 2.10 -31.81
CA ASP A 121 -12.22 2.68 -31.37
C ASP A 121 -12.22 4.20 -31.37
N ASN A 122 -12.47 4.77 -32.55
CA ASN A 122 -12.47 6.22 -32.69
C ASN A 122 -13.87 6.79 -32.80
N GLU A 123 -14.39 7.29 -31.69
CA GLU A 123 -15.71 7.90 -31.66
C GLU A 123 -15.70 9.16 -32.52
N ALA A 124 -16.75 9.35 -33.30
CA ALA A 124 -16.85 10.51 -34.17
C ALA A 124 -18.22 11.15 -34.08
N TYR A 125 -18.44 11.88 -32.98
CA TYR A 125 -19.71 12.59 -32.75
C TYR A 125 -20.86 11.62 -32.46
N GLU A 126 -20.55 10.52 -31.78
CA GLU A 126 -21.58 9.53 -31.46
C GLU A 126 -22.28 9.89 -30.14
N MET A 127 -21.48 10.19 -29.13
CA MET A 127 -21.97 10.57 -27.80
C MET A 127 -22.76 9.45 -27.14
N PRO A 128 -22.06 8.44 -26.60
CA PRO A 128 -22.70 7.31 -25.94
C PRO A 128 -23.36 7.72 -24.63
N SER A 129 -24.40 6.99 -24.23
CA SER A 129 -25.11 7.30 -22.99
C SER A 129 -24.38 6.65 -21.81
N GLU A 130 -23.10 6.37 -22.00
CA GLU A 130 -22.27 5.76 -20.98
C GLU A 130 -20.97 6.55 -20.86
N GLU A 131 -20.93 7.48 -19.91
CA GLU A 131 -19.75 8.31 -19.70
C GLU A 131 -19.08 8.00 -18.38
N GLY A 132 -17.92 8.60 -18.17
CA GLY A 132 -17.17 8.39 -16.94
C GLY A 132 -16.20 7.23 -17.05
N TYR A 133 -15.38 7.05 -16.03
CA TYR A 133 -14.40 5.97 -15.99
C TYR A 133 -14.33 5.39 -14.60
N GLN A 134 -13.85 4.16 -14.50
CA GLN A 134 -13.73 3.48 -13.22
C GLN A 134 -12.37 2.83 -13.08
N ASP A 135 -11.88 2.77 -11.85
CA ASP A 135 -10.60 2.17 -11.56
C ASP A 135 -10.81 0.70 -11.20
N TYR A 136 -9.78 0.06 -10.67
CA TYR A 136 -9.87 -1.34 -10.30
C TYR A 136 -9.13 -1.59 -8.99
N GLU A 137 -9.88 -1.89 -7.94
CA GLU A 137 -9.28 -2.17 -6.63
C GLU A 137 -9.23 -3.67 -6.39
N PRO A 138 -8.06 -4.30 -6.62
CA PRO A 138 -7.88 -5.73 -6.40
C PRO A 138 -7.22 -6.02 -5.05
N GLU A 139 -7.13 -7.28 -4.69
CA GLU A 139 -6.49 -7.67 -3.44
C GLU A 139 -4.99 -7.48 -3.56
N ALA A 140 -4.44 -6.55 -2.76
CA ALA A 140 -3.00 -6.24 -2.78
C ALA A 140 -2.51 -6.01 -4.22
N HIS B 1 -11.25 -15.05 8.64
CA HIS B 1 -12.08 -14.10 9.38
C HIS B 1 -11.19 -13.11 10.11
N VAL B 2 -11.80 -12.11 10.73
CA VAL B 2 -11.06 -11.09 11.47
C VAL B 2 -10.53 -11.63 12.81
N ASN B 3 -9.40 -12.35 12.72
CA ASN B 3 -8.76 -12.96 13.89
C ASN B 3 -8.44 -11.93 14.97
N GLU B 4 -8.11 -10.73 14.55
CA GLU B 4 -7.77 -9.67 15.49
C GLU B 4 -8.96 -9.28 16.35
N LEU B 5 -10.16 -9.49 15.82
CA LEU B 5 -11.38 -9.17 16.54
C LEU B 5 -11.74 -10.32 17.50
N SER B 6 -11.25 -11.51 17.17
CA SER B 6 -11.50 -12.69 17.98
C SER B 6 -10.56 -12.72 19.19
N ARG B 7 -9.45 -12.02 19.08
CA ARG B 7 -8.48 -11.98 20.16
C ARG B 7 -8.49 -10.63 20.88
N ILE B 8 -8.93 -9.59 20.16
CA ILE B 8 -9.00 -8.24 20.70
C ILE B 8 -7.62 -7.74 21.16
N LYS B 9 -6.85 -7.21 20.22
CA LYS B 9 -5.52 -6.69 20.53
C LYS B 9 -5.61 -5.43 21.38
N LEU B 10 -6.63 -4.62 21.12
CA LEU B 10 -6.88 -3.38 21.85
C LEU B 10 -5.66 -2.45 21.92
N ARG B 11 -5.33 -1.85 20.79
CA ARG B 11 -4.20 -0.92 20.74
C ARG B 11 -4.65 0.45 20.26
N VAL B 12 -4.35 1.47 21.05
CA VAL B 12 -4.69 2.85 20.71
C VAL B 12 -3.48 3.50 20.06
N CYS B 13 -3.70 4.16 18.93
CA CYS B 13 -2.62 4.81 18.22
C CYS B 13 -2.69 6.33 18.42
N GLN B 14 -1.99 6.80 19.46
CA GLN B 14 -1.96 8.23 19.76
C GLN B 14 -0.57 8.79 19.47
N PRO B 15 -0.47 9.55 18.37
CA PRO B 15 0.80 10.16 17.96
C PRO B 15 1.15 11.37 18.82
N SER B 16 2.43 11.62 19.00
CA SER B 16 2.90 12.73 19.80
C SER B 16 3.07 14.00 18.98
N ARG B 17 3.07 13.88 17.66
CA ARG B 17 3.23 15.03 16.78
C ARG B 17 2.35 14.94 15.54
N SER B 18 1.09 15.29 15.70
CA SER B 18 0.14 15.26 14.59
C SER B 18 -0.72 16.51 14.57
N GLU B 19 -0.41 17.43 13.66
CA GLU B 19 -1.17 18.66 13.52
C GLU B 19 -2.31 18.43 12.54
N ILE B 20 -1.97 18.36 11.26
CA ILE B 20 -2.97 18.13 10.22
C ILE B 20 -2.82 16.71 9.66
N HIS B 21 -3.49 15.77 10.30
CA HIS B 21 -3.44 14.37 9.86
C HIS B 21 -4.83 13.79 9.68
N PHE B 22 -4.95 12.82 8.79
CA PHE B 22 -6.23 12.19 8.49
C PHE B 22 -6.38 10.85 9.19
N LYS B 23 -7.30 10.03 8.68
CA LYS B 23 -7.57 8.71 9.22
C LYS B 23 -8.59 8.02 8.33
N VAL B 24 -9.16 6.92 8.82
CA VAL B 24 -10.17 6.19 8.06
C VAL B 24 -11.44 7.03 7.97
N LYS B 25 -12.02 7.09 6.78
CA LYS B 25 -13.23 7.88 6.56
C LYS B 25 -14.44 7.21 7.20
N MET B 26 -14.35 5.90 7.39
CA MET B 26 -15.44 5.14 7.98
C MET B 26 -15.25 5.00 9.48
N THR B 27 -16.19 5.52 10.25
CA THR B 27 -16.13 5.45 11.71
C THR B 27 -16.25 4.01 12.18
N THR B 28 -16.93 3.19 11.38
CA THR B 28 -17.12 1.79 11.70
C THR B 28 -15.84 1.00 11.45
N HIS B 29 -14.89 1.65 10.76
CA HIS B 29 -13.62 1.04 10.43
C HIS B 29 -12.50 1.55 11.32
N LEU B 30 -12.88 2.11 12.47
CA LEU B 30 -11.91 2.65 13.40
C LEU B 30 -11.01 1.56 13.99
N LYS B 31 -11.47 0.33 13.89
CA LYS B 31 -10.72 -0.80 14.42
C LYS B 31 -9.64 -1.25 13.44
N LYS B 32 -9.63 -0.67 12.25
CA LYS B 32 -8.66 -1.04 11.23
C LYS B 32 -7.25 -0.74 11.71
N LEU B 33 -7.07 0.43 12.31
CA LEU B 33 -5.77 0.84 12.80
C LEU B 33 -5.39 0.07 14.08
N LYS B 34 -6.38 -0.52 14.74
CA LYS B 34 -6.11 -1.27 15.96
C LYS B 34 -5.69 -2.71 15.64
N GLU B 35 -5.91 -3.09 14.37
CA GLU B 35 -5.52 -4.41 13.89
C GLU B 35 -4.32 -4.26 12.96
N SER B 36 -3.70 -3.09 13.01
CA SER B 36 -2.56 -2.77 12.18
C SER B 36 -1.40 -2.30 13.05
N TYR B 37 -0.28 -1.97 12.42
CA TYR B 37 0.90 -1.51 13.14
C TYR B 37 1.33 -0.15 12.61
N CYS B 38 0.86 0.89 13.26
CA CYS B 38 1.15 2.28 12.90
C CYS B 38 2.60 2.48 12.43
N GLN B 39 2.75 2.92 11.18
CA GLN B 39 4.06 3.15 10.59
C GLN B 39 4.76 4.36 11.20
N ARG B 40 5.67 4.13 12.13
CA ARG B 40 6.41 5.21 12.75
C ARG B 40 7.55 5.64 11.84
N GLN B 41 7.66 6.93 11.58
CA GLN B 41 8.72 7.43 10.71
C GLN B 41 9.07 8.88 11.07
N MET A 1 -23.30 -10.17 9.38
CA MET A 1 -22.08 -9.85 8.67
C MET A 1 -22.08 -10.47 7.28
N ASP A 2 -22.55 -9.71 6.30
CA ASP A 2 -22.60 -10.17 4.92
C ASP A 2 -21.21 -10.27 4.32
N VAL A 3 -20.78 -11.49 4.05
CA VAL A 3 -19.47 -11.78 3.46
C VAL A 3 -18.34 -11.04 4.19
N PHE A 4 -18.08 -11.46 5.43
CA PHE A 4 -17.03 -10.84 6.23
C PHE A 4 -16.03 -11.87 6.73
N MET A 5 -14.89 -11.92 6.07
CA MET A 5 -13.82 -12.83 6.44
C MET A 5 -12.48 -12.12 6.31
N LYS A 6 -11.60 -12.30 7.28
CA LYS A 6 -10.30 -11.66 7.25
C LYS A 6 -9.20 -12.69 6.98
N GLY A 7 -8.42 -12.45 5.93
CA GLY A 7 -7.35 -13.37 5.58
C GLY A 7 -6.11 -13.25 6.45
N LEU A 8 -6.31 -13.27 7.75
CA LEU A 8 -5.19 -13.17 8.69
C LEU A 8 -5.28 -14.24 9.77
N SER A 9 -6.22 -15.15 9.61
CA SER A 9 -6.41 -16.23 10.58
C SER A 9 -5.48 -17.40 10.27
N LYS A 10 -5.32 -17.69 8.99
CA LYS A 10 -4.44 -18.78 8.56
C LYS A 10 -4.18 -18.69 7.06
N ALA A 11 -3.12 -17.99 6.71
CA ALA A 11 -2.74 -17.83 5.31
C ALA A 11 -1.30 -18.26 5.12
N LYS A 12 -1.10 -19.31 4.31
CA LYS A 12 0.23 -19.84 4.02
C LYS A 12 0.86 -20.50 5.25
N GLU A 13 2.17 -20.60 5.22
CA GLU A 13 2.93 -21.20 6.31
C GLU A 13 4.22 -20.41 6.53
N GLY A 14 5.06 -20.89 7.44
CA GLY A 14 6.30 -20.20 7.71
C GLY A 14 6.67 -20.21 9.17
N VAL A 15 7.84 -19.67 9.49
CA VAL A 15 8.31 -19.61 10.87
C VAL A 15 8.47 -18.16 11.29
N VAL A 16 7.68 -17.75 12.27
CA VAL A 16 7.74 -16.38 12.78
C VAL A 16 7.94 -16.39 14.30
N ALA A 17 8.37 -15.26 14.83
CA ALA A 17 8.60 -15.15 16.26
C ALA A 17 7.37 -14.61 16.97
N ALA A 18 6.97 -15.30 18.04
CA ALA A 18 5.81 -14.89 18.82
C ALA A 18 6.16 -13.72 19.73
N ALA A 19 7.40 -13.28 19.66
CA ALA A 19 7.88 -12.16 20.46
C ALA A 19 8.35 -11.03 19.54
N GLU A 20 7.90 -11.10 18.29
CA GLU A 20 8.28 -10.10 17.30
C GLU A 20 7.12 -9.85 16.34
N LYS A 21 6.37 -8.79 16.57
CA LYS A 21 5.24 -8.44 15.71
C LYS A 21 5.04 -6.93 15.68
N THR A 22 5.67 -6.29 14.71
CA THR A 22 5.57 -4.85 14.54
C THR A 22 4.18 -4.45 14.05
N LYS A 23 3.44 -3.76 14.91
CA LYS A 23 2.09 -3.32 14.58
C LYS A 23 2.13 -1.95 13.88
N GLN A 24 3.16 -1.77 13.07
CA GLN A 24 3.37 -0.53 12.33
C GLN A 24 4.41 -0.76 11.24
N GLY A 25 4.31 -0.02 10.16
CA GLY A 25 5.26 -0.16 9.08
C GLY A 25 4.59 -0.42 7.75
N VAL A 26 3.52 -1.19 7.77
CA VAL A 26 2.76 -1.51 6.56
C VAL A 26 2.02 -0.26 6.08
N ALA A 27 1.90 -0.10 4.77
CA ALA A 27 1.25 1.07 4.21
C ALA A 27 0.00 0.74 3.40
N GLU A 28 -1.17 1.01 3.98
CA GLU A 28 -2.43 0.80 3.27
C GLU A 28 -2.79 2.09 2.55
N ALA A 29 -3.67 2.01 1.56
CA ALA A 29 -4.06 3.20 0.80
C ALA A 29 -5.02 4.09 1.57
N ALA A 30 -4.49 4.80 2.56
CA ALA A 30 -5.30 5.69 3.40
C ALA A 30 -4.82 7.13 3.24
N GLY A 31 -4.22 7.43 2.11
CA GLY A 31 -3.71 8.76 1.88
C GLY A 31 -4.14 9.36 0.57
N LYS A 32 -4.04 10.67 0.48
CA LYS A 32 -4.40 11.40 -0.74
C LYS A 32 -3.29 11.25 -1.77
N THR A 33 -3.11 10.02 -2.26
CA THR A 33 -2.09 9.70 -3.25
C THR A 33 -2.32 10.46 -4.56
N LYS A 34 -1.23 10.90 -5.19
CA LYS A 34 -1.30 11.65 -6.44
C LYS A 34 -0.24 11.14 -7.40
N GLU A 35 -0.29 11.61 -8.64
CA GLU A 35 0.70 11.23 -9.64
C GLU A 35 1.99 11.98 -9.36
N GLY A 36 1.91 13.30 -9.34
CA GLY A 36 3.06 14.11 -9.05
C GLY A 36 3.70 14.68 -10.30
N VAL A 37 5.02 14.64 -10.35
CA VAL A 37 5.78 15.14 -11.47
C VAL A 37 7.21 14.64 -11.37
N LEU A 38 7.87 14.50 -12.51
CA LEU A 38 9.24 14.03 -12.53
C LEU A 38 10.22 15.19 -12.51
N TYR A 39 10.99 15.31 -11.45
CA TYR A 39 11.96 16.38 -11.32
C TYR A 39 13.38 15.85 -11.34
N VAL A 40 14.15 16.32 -12.30
CA VAL A 40 15.55 15.92 -12.43
C VAL A 40 16.44 17.11 -12.10
N GLY A 41 17.69 16.85 -11.75
CA GLY A 41 18.59 17.93 -11.40
C GLY A 41 19.77 18.02 -12.34
N SER A 42 20.67 18.97 -12.07
CA SER A 42 21.86 19.18 -12.88
C SER A 42 22.85 18.03 -12.64
N LYS A 43 22.62 17.27 -11.59
CA LYS A 43 23.46 16.14 -11.26
C LYS A 43 22.70 14.86 -11.51
N THR A 44 23.29 13.99 -12.33
CA THR A 44 22.67 12.72 -12.69
C THR A 44 22.27 11.90 -11.47
N LYS A 45 23.26 11.55 -10.64
CA LYS A 45 23.04 10.75 -9.43
C LYS A 45 22.70 9.31 -9.81
N GLU A 46 23.27 8.34 -9.10
CA GLU A 46 23.02 6.94 -9.41
C GLU A 46 21.55 6.63 -9.22
N GLY A 47 20.99 7.14 -8.13
CA GLY A 47 19.60 6.93 -7.83
C GLY A 47 19.39 5.70 -6.98
N VAL A 48 20.50 5.05 -6.61
CA VAL A 48 20.48 3.84 -5.80
C VAL A 48 20.08 2.62 -6.63
N VAL A 49 20.81 1.53 -6.46
CA VAL A 49 20.56 0.29 -7.17
C VAL A 49 19.10 -0.13 -7.07
N HIS A 50 18.41 -0.10 -8.20
CA HIS A 50 17.01 -0.47 -8.26
C HIS A 50 16.83 -1.96 -8.03
N GLY A 51 15.75 -2.33 -7.36
CA GLY A 51 15.49 -3.73 -7.08
C GLY A 51 14.16 -4.19 -7.62
N VAL A 52 13.70 -5.34 -7.15
CA VAL A 52 12.42 -5.90 -7.61
C VAL A 52 11.35 -5.75 -6.52
N ALA A 53 10.11 -6.07 -6.88
CA ALA A 53 9.01 -5.98 -5.95
C ALA A 53 8.80 -7.27 -5.18
N THR A 54 9.36 -8.35 -5.71
CA THR A 54 9.24 -9.67 -5.09
C THR A 54 10.23 -9.83 -3.93
N VAL A 55 10.18 -8.89 -3.00
CA VAL A 55 11.05 -8.91 -1.84
C VAL A 55 10.57 -9.97 -0.85
N ALA A 56 11.43 -10.93 -0.56
CA ALA A 56 11.10 -12.01 0.37
C ALA A 56 10.82 -11.48 1.77
N GLU A 57 11.88 -11.20 2.52
CA GLU A 57 11.74 -10.67 3.87
C GLU A 57 11.54 -9.17 3.81
N LYS A 58 10.33 -8.72 4.13
CA LYS A 58 10.02 -7.30 4.10
C LYS A 58 9.64 -6.78 5.47
N THR A 59 10.61 -6.22 6.18
CA THR A 59 10.37 -5.68 7.50
C THR A 59 10.44 -4.15 7.48
N LYS A 60 10.13 -3.55 8.64
CA LYS A 60 10.16 -2.10 8.79
C LYS A 60 9.93 -1.74 10.25
N GLU A 61 10.95 -1.92 11.07
CA GLU A 61 10.87 -1.62 12.49
C GLU A 61 10.67 -0.13 12.72
N GLN A 62 11.49 0.67 12.04
CA GLN A 62 11.43 2.13 12.14
C GLN A 62 11.80 2.60 13.54
N VAL A 63 13.09 2.90 13.74
CA VAL A 63 13.57 3.38 15.03
C VAL A 63 12.84 4.66 15.45
N THR A 64 11.88 4.51 16.35
CA THR A 64 11.09 5.64 16.83
C THR A 64 11.33 5.90 18.30
N ASN A 65 12.42 5.36 18.82
CA ASN A 65 12.76 5.53 20.23
C ASN A 65 13.83 6.61 20.39
N VAL A 66 14.40 7.02 19.26
CA VAL A 66 15.44 8.04 19.26
C VAL A 66 15.13 9.09 18.20
N GLY A 67 14.29 10.05 18.55
CA GLY A 67 13.94 11.11 17.62
C GLY A 67 12.45 11.17 17.36
N GLY A 68 12.01 12.22 16.69
CA GLY A 68 10.60 12.38 16.38
C GLY A 68 10.35 13.56 15.46
N ALA A 69 9.61 13.31 14.39
CA ALA A 69 9.30 14.35 13.41
C ALA A 69 7.79 14.59 13.34
N VAL A 70 7.42 15.68 12.72
CA VAL A 70 6.00 16.05 12.56
C VAL A 70 5.63 16.01 11.09
N VAL A 71 4.50 15.42 10.75
CA VAL A 71 4.08 15.35 9.36
C VAL A 71 2.75 16.06 9.11
N THR A 72 2.82 17.13 8.33
CA THR A 72 1.64 17.91 8.00
C THR A 72 1.36 17.86 6.50
N GLY A 73 2.04 16.95 5.81
CA GLY A 73 1.87 16.82 4.39
C GLY A 73 1.36 15.45 3.98
N VAL A 74 1.01 15.31 2.71
CA VAL A 74 0.51 14.04 2.17
C VAL A 74 1.63 13.01 2.04
N THR A 75 2.86 13.44 2.29
CA THR A 75 4.02 12.58 2.20
C THR A 75 4.10 11.62 3.39
N ALA A 76 3.14 11.70 4.29
CA ALA A 76 3.10 10.85 5.46
C ALA A 76 2.78 9.41 5.06
N VAL A 77 1.84 9.26 4.16
CA VAL A 77 1.42 7.94 3.68
C VAL A 77 2.27 7.50 2.50
N ALA A 78 3.54 7.23 2.76
CA ALA A 78 4.46 6.79 1.73
C ALA A 78 4.24 5.32 1.39
N GLN A 79 3.22 5.07 0.57
CA GLN A 79 2.90 3.70 0.16
C GLN A 79 3.96 3.16 -0.79
N LYS A 80 4.39 1.92 -0.54
CA LYS A 80 5.40 1.28 -1.38
C LYS A 80 4.86 -0.04 -1.92
N THR A 81 5.28 -0.40 -3.13
CA THR A 81 4.88 -1.66 -3.77
C THR A 81 3.36 -1.82 -3.84
N VAL A 82 2.71 -0.90 -4.54
CA VAL A 82 1.25 -0.94 -4.69
C VAL A 82 0.91 -0.96 -6.17
N GLU A 83 1.92 -1.26 -6.97
CA GLU A 83 1.78 -1.32 -8.42
C GLU A 83 1.89 -2.77 -8.87
N GLY A 84 2.34 -3.61 -7.96
CA GLY A 84 2.49 -5.02 -8.26
C GLY A 84 2.45 -5.84 -6.99
N ALA A 85 2.50 -7.16 -7.14
CA ALA A 85 2.45 -8.06 -5.99
C ALA A 85 3.52 -7.75 -4.95
N GLY A 86 3.11 -7.12 -3.85
CA GLY A 86 4.03 -6.76 -2.80
C GLY A 86 3.62 -7.34 -1.45
N SER A 87 4.60 -7.79 -0.69
CA SER A 87 4.37 -8.38 0.62
C SER A 87 3.74 -7.39 1.60
N ILE A 88 3.87 -6.10 1.30
CA ILE A 88 3.31 -5.06 2.16
C ILE A 88 1.88 -4.71 1.75
N ALA A 89 1.44 -5.27 0.63
CA ALA A 89 0.10 -5.01 0.13
C ALA A 89 -0.80 -6.21 0.41
N ALA A 90 -0.31 -7.11 1.25
CA ALA A 90 -1.06 -8.32 1.61
C ALA A 90 -1.31 -8.35 3.11
N ALA A 91 -1.20 -7.19 3.75
CA ALA A 91 -1.40 -7.10 5.17
C ALA A 91 -2.30 -5.91 5.50
N THR A 92 -3.51 -6.22 5.94
CA THR A 92 -4.48 -5.18 6.29
C THR A 92 -5.39 -5.69 7.40
N GLY A 93 -5.81 -4.79 8.28
CA GLY A 93 -6.69 -5.17 9.36
C GLY A 93 -8.07 -5.49 8.84
N PHE A 94 -8.64 -4.56 8.11
CA PHE A 94 -9.95 -4.76 7.53
C PHE A 94 -9.77 -5.37 6.15
N VAL A 95 -10.39 -6.54 5.95
CA VAL A 95 -10.31 -7.25 4.67
C VAL A 95 -10.64 -6.32 3.50
N LYS A 96 -11.61 -5.44 3.69
CA LYS A 96 -12.00 -4.52 2.65
C LYS A 96 -10.99 -3.37 2.52
N LYS A 97 -9.90 -3.68 1.86
CA LYS A 97 -8.82 -2.74 1.59
C LYS A 97 -8.22 -3.12 0.25
N ASP A 98 -9.11 -3.60 -0.60
CA ASP A 98 -8.80 -4.05 -1.95
C ASP A 98 -8.27 -2.92 -2.85
N GLN A 99 -8.17 -1.73 -2.30
CA GLN A 99 -7.69 -0.57 -3.06
C GLN A 99 -6.17 -0.50 -3.04
N LEU A 100 -5.52 -1.54 -3.58
CA LEU A 100 -4.07 -1.61 -3.63
C LEU A 100 -3.62 -2.57 -4.73
N GLY A 101 -3.25 -2.03 -5.88
CA GLY A 101 -2.81 -2.85 -7.00
C GLY A 101 -3.08 -2.19 -8.34
N LYS A 102 -2.56 -2.77 -9.41
CA LYS A 102 -2.76 -2.24 -10.75
C LYS A 102 -2.79 -3.38 -11.75
N ASN A 103 -3.84 -3.41 -12.58
CA ASN A 103 -4.00 -4.44 -13.59
C ASN A 103 -3.82 -3.86 -14.99
N GLU A 104 -2.82 -4.37 -15.71
CA GLU A 104 -2.54 -3.93 -17.08
C GLU A 104 -3.07 -4.98 -18.04
N GLU A 105 -2.91 -4.75 -19.33
CA GLU A 105 -3.36 -5.71 -20.33
C GLU A 105 -2.20 -6.57 -20.83
N GLY A 106 -2.49 -7.45 -21.78
CA GLY A 106 -1.46 -8.34 -22.31
C GLY A 106 -1.38 -8.32 -23.81
N ALA A 107 -0.16 -8.33 -24.32
CA ALA A 107 0.07 -8.32 -25.76
C ALA A 107 0.27 -9.74 -26.28
N PRO A 108 -0.14 -10.00 -27.54
CA PRO A 108 0.02 -11.31 -28.18
C PRO A 108 1.48 -11.77 -28.20
N GLN A 109 1.68 -13.06 -28.36
CA GLN A 109 3.04 -13.61 -28.36
C GLN A 109 3.61 -13.79 -29.76
N GLU A 110 4.94 -13.64 -29.86
CA GLU A 110 5.68 -13.77 -31.12
C GLU A 110 5.65 -15.22 -31.63
N GLY A 111 5.87 -15.37 -32.93
CA GLY A 111 5.90 -16.69 -33.54
C GLY A 111 4.53 -17.10 -34.06
N ILE A 112 3.87 -16.19 -34.75
CA ILE A 112 2.55 -16.46 -35.29
C ILE A 112 2.46 -16.02 -36.75
N LEU A 113 1.65 -16.72 -37.53
CA LEU A 113 1.45 -16.36 -38.93
C LEU A 113 0.18 -15.54 -39.03
N GLU A 114 0.25 -14.45 -39.81
CA GLU A 114 -0.86 -13.51 -39.99
C GLU A 114 -0.85 -12.47 -38.87
N ASP A 115 -0.56 -11.23 -39.23
CA ASP A 115 -0.47 -10.13 -38.28
C ASP A 115 -1.85 -9.62 -37.90
N MET A 116 -2.54 -10.36 -37.05
CA MET A 116 -3.88 -10.00 -36.61
C MET A 116 -3.84 -9.21 -35.29
N PRO A 117 -4.13 -7.90 -35.37
CA PRO A 117 -4.15 -7.03 -34.20
C PRO A 117 -5.57 -6.70 -33.75
N VAL A 118 -5.68 -5.65 -32.93
CA VAL A 118 -6.97 -5.18 -32.46
C VAL A 118 -7.37 -3.96 -33.29
N ASP A 119 -8.66 -3.81 -33.54
CA ASP A 119 -9.17 -2.69 -34.33
C ASP A 119 -8.79 -1.36 -33.69
N PRO A 120 -8.36 -0.39 -34.51
CA PRO A 120 -7.97 0.94 -34.03
C PRO A 120 -9.14 1.72 -33.47
N ASP A 121 -10.36 1.28 -33.82
CA ASP A 121 -11.62 1.88 -33.38
C ASP A 121 -11.58 3.42 -33.41
N ASN A 122 -11.94 3.97 -34.56
CA ASN A 122 -11.91 5.42 -34.71
C ASN A 122 -13.30 6.00 -34.82
N GLU A 123 -13.83 6.40 -33.68
CA GLU A 123 -15.14 7.03 -33.64
C GLU A 123 -15.13 8.28 -34.52
N ALA A 124 -16.19 8.48 -35.28
CA ALA A 124 -16.27 9.64 -36.16
C ALA A 124 -17.64 10.33 -36.07
N TYR A 125 -17.88 11.02 -34.95
CA TYR A 125 -19.12 11.75 -34.73
C TYR A 125 -20.31 10.81 -34.47
N GLU A 126 -20.05 9.74 -33.73
CA GLU A 126 -21.09 8.76 -33.39
C GLU A 126 -21.74 9.11 -32.06
N MET A 127 -20.89 9.40 -31.07
CA MET A 127 -21.31 9.77 -29.72
C MET A 127 -22.10 8.65 -29.04
N PRO A 128 -21.39 7.66 -28.47
CA PRO A 128 -22.03 6.53 -27.79
C PRO A 128 -22.67 6.96 -26.47
N SER A 129 -23.70 6.23 -26.05
CA SER A 129 -24.39 6.54 -24.81
C SER A 129 -23.67 5.87 -23.65
N GLU A 130 -22.38 5.66 -23.82
CA GLU A 130 -21.53 5.03 -22.82
C GLU A 130 -20.22 5.80 -22.72
N GLU A 131 -20.19 6.78 -21.84
CA GLU A 131 -18.99 7.60 -21.66
C GLU A 131 -18.31 7.30 -20.33
N GLY A 132 -17.16 7.91 -20.11
CA GLY A 132 -16.41 7.69 -18.89
C GLY A 132 -15.43 6.55 -19.03
N TYR A 133 -14.61 6.35 -17.98
CA TYR A 133 -13.62 5.29 -17.98
C TYR A 133 -13.51 4.69 -16.59
N GLN A 134 -13.04 3.46 -16.51
CA GLN A 134 -12.88 2.77 -15.24
C GLN A 134 -11.51 2.13 -15.14
N ASP A 135 -11.01 2.06 -13.91
CA ASP A 135 -9.71 1.45 -13.65
C ASP A 135 -9.93 -0.02 -13.30
N TYR A 136 -8.89 -0.67 -12.79
CA TYR A 136 -8.99 -2.08 -12.43
C TYR A 136 -8.25 -2.35 -11.14
N GLU A 137 -9.00 -2.50 -10.05
CA GLU A 137 -8.40 -2.78 -8.74
C GLU A 137 -8.43 -4.28 -8.46
N PRO A 138 -7.28 -4.97 -8.61
CA PRO A 138 -7.18 -6.39 -8.35
C PRO A 138 -6.54 -6.68 -7.00
N GLU A 139 -6.43 -7.96 -6.66
CA GLU A 139 -5.79 -8.36 -5.41
C GLU A 139 -4.27 -8.20 -5.50
N ALA A 140 -3.77 -7.06 -5.03
CA ALA A 140 -2.33 -6.77 -5.05
C ALA A 140 -1.77 -6.88 -6.47
N HIS B 1 -11.14 -15.18 9.11
CA HIS B 1 -12.10 -14.51 9.97
C HIS B 1 -11.43 -13.39 10.76
N VAL B 2 -12.21 -12.66 11.55
CA VAL B 2 -11.69 -11.56 12.34
C VAL B 2 -11.04 -12.04 13.64
N ASN B 3 -9.84 -12.57 13.52
CA ASN B 3 -9.08 -13.08 14.65
C ASN B 3 -8.77 -12.00 15.68
N GLU B 4 -8.36 -10.82 15.21
CA GLU B 4 -8.03 -9.73 16.11
C GLU B 4 -9.27 -9.20 16.84
N LEU B 5 -10.44 -9.51 16.31
CA LEU B 5 -11.69 -9.09 16.92
C LEU B 5 -12.15 -10.09 17.98
N SER B 6 -11.80 -11.36 17.77
CA SER B 6 -12.16 -12.43 18.69
C SER B 6 -11.25 -12.45 19.92
N ARG B 7 -10.07 -11.88 19.80
CA ARG B 7 -9.13 -11.82 20.93
C ARG B 7 -9.10 -10.43 21.53
N ILE B 8 -9.44 -9.44 20.71
CA ILE B 8 -9.46 -8.04 21.12
C ILE B 8 -8.08 -7.57 21.56
N LYS B 9 -7.30 -7.05 20.62
CA LYS B 9 -5.95 -6.56 20.92
C LYS B 9 -5.98 -5.18 21.55
N LEU B 10 -7.14 -4.51 21.48
CA LEU B 10 -7.34 -3.18 22.03
C LEU B 10 -6.17 -2.24 21.74
N ARG B 11 -5.83 -2.12 20.46
CA ARG B 11 -4.74 -1.26 20.07
C ARG B 11 -5.24 0.07 19.51
N VAL B 12 -4.96 1.14 20.26
CA VAL B 12 -5.34 2.48 19.85
C VAL B 12 -4.12 3.16 19.26
N CYS B 13 -4.26 3.70 18.07
CA CYS B 13 -3.14 4.37 17.41
C CYS B 13 -3.23 5.88 17.61
N GLN B 14 -2.35 6.41 18.46
CA GLN B 14 -2.32 7.84 18.74
C GLN B 14 -0.94 8.41 18.41
N PRO B 15 -0.85 9.20 17.34
CA PRO B 15 0.41 9.83 16.92
C PRO B 15 0.72 11.08 17.73
N SER B 16 2.00 11.30 18.01
CA SER B 16 2.43 12.44 18.80
C SER B 16 2.59 13.72 17.96
N ARG B 17 3.28 13.63 16.84
CA ARG B 17 3.48 14.78 15.99
C ARG B 17 2.65 14.69 14.70
N SER B 18 1.35 14.73 14.90
CA SER B 18 0.39 14.66 13.82
C SER B 18 -0.43 15.94 13.81
N GLU B 19 -0.93 16.30 12.64
CA GLU B 19 -1.75 17.50 12.49
C GLU B 19 -2.65 17.33 11.28
N ILE B 20 -2.09 17.59 10.10
CA ILE B 20 -2.85 17.44 8.86
C ILE B 20 -2.73 16.00 8.37
N HIS B 21 -3.31 15.09 9.13
CA HIS B 21 -3.29 13.68 8.79
C HIS B 21 -4.68 13.22 8.36
N PHE B 22 -4.76 12.07 7.73
CA PHE B 22 -6.02 11.55 7.24
C PHE B 22 -6.57 10.45 8.16
N LYS B 23 -7.63 9.80 7.70
CA LYS B 23 -8.27 8.73 8.44
C LYS B 23 -9.38 8.11 7.58
N VAL B 24 -10.08 7.15 8.13
CA VAL B 24 -11.16 6.49 7.41
C VAL B 24 -12.41 7.36 7.44
N LYS B 25 -13.09 7.45 6.31
CA LYS B 25 -14.30 8.26 6.21
C LYS B 25 -15.50 7.55 6.83
N MET B 26 -15.45 6.22 6.86
CA MET B 26 -16.53 5.43 7.42
C MET B 26 -16.32 5.23 8.91
N THR B 27 -17.26 5.72 9.71
CA THR B 27 -17.18 5.59 11.15
C THR B 27 -17.29 4.12 11.56
N THR B 28 -17.90 3.33 10.69
CA THR B 28 -18.07 1.90 10.92
C THR B 28 -16.74 1.18 10.69
N HIS B 29 -15.84 1.84 9.98
CA HIS B 29 -14.54 1.28 9.68
C HIS B 29 -13.51 1.74 10.70
N LEU B 30 -13.99 2.13 11.88
CA LEU B 30 -13.10 2.57 12.95
C LEU B 30 -12.26 1.40 13.43
N LYS B 31 -12.75 0.19 13.15
CA LYS B 31 -12.06 -1.02 13.54
C LYS B 31 -10.96 -1.36 12.53
N LYS B 32 -10.88 -0.58 11.46
CA LYS B 32 -9.89 -0.79 10.43
C LYS B 32 -8.49 -0.45 10.95
N LEU B 33 -8.34 0.78 11.41
CA LEU B 33 -7.06 1.26 11.91
C LEU B 33 -6.61 0.51 13.16
N LYS B 34 -7.57 -0.02 13.91
CA LYS B 34 -7.24 -0.74 15.14
C LYS B 34 -6.86 -2.19 14.86
N GLU B 35 -7.03 -2.62 13.62
CA GLU B 35 -6.69 -3.98 13.22
C GLU B 35 -5.57 -3.95 12.19
N SER B 36 -5.26 -2.76 11.69
CA SER B 36 -4.23 -2.60 10.68
C SER B 36 -2.89 -2.21 11.32
N TYR B 37 -2.03 -1.58 10.54
CA TYR B 37 -0.72 -1.19 11.01
C TYR B 37 -0.58 0.32 11.00
N CYS B 38 -0.05 0.87 12.08
CA CYS B 38 0.14 2.32 12.21
C CYS B 38 1.13 2.87 11.19
N GLN B 39 0.78 4.02 10.61
CA GLN B 39 1.64 4.70 9.64
C GLN B 39 2.73 5.47 10.37
N ARG B 40 3.75 4.76 10.82
CA ARG B 40 4.85 5.38 11.54
C ARG B 40 6.05 5.59 10.61
N GLN B 41 6.35 6.86 10.35
CA GLN B 41 7.47 7.21 9.48
C GLN B 41 8.50 8.05 10.24
N MET A 1 -21.89 -12.85 9.12
CA MET A 1 -20.93 -13.95 9.14
C MET A 1 -20.65 -14.44 7.72
N ASP A 2 -21.25 -13.79 6.75
CA ASP A 2 -21.08 -14.16 5.35
C ASP A 2 -19.79 -13.56 4.77
N VAL A 3 -19.11 -14.38 3.95
CA VAL A 3 -17.85 -14.00 3.31
C VAL A 3 -16.90 -13.27 4.26
N PHE A 4 -16.50 -13.94 5.33
CA PHE A 4 -15.60 -13.35 6.31
C PHE A 4 -14.48 -14.30 6.66
N MET A 5 -13.26 -13.91 6.30
CA MET A 5 -12.07 -14.70 6.57
C MET A 5 -10.85 -13.79 6.64
N LYS A 6 -9.86 -14.17 7.43
CA LYS A 6 -8.65 -13.38 7.57
C LYS A 6 -7.42 -14.28 7.62
N GLY A 7 -6.39 -13.91 6.88
CA GLY A 7 -5.17 -14.70 6.85
C GLY A 7 -4.25 -14.38 8.01
N LEU A 8 -4.80 -14.39 9.22
CA LEU A 8 -4.01 -14.11 10.42
C LEU A 8 -4.06 -15.29 11.40
N SER A 9 -4.99 -16.20 11.16
CA SER A 9 -5.13 -17.38 12.01
C SER A 9 -4.19 -18.48 11.55
N LYS A 10 -4.05 -18.61 10.23
CA LYS A 10 -3.19 -19.62 9.64
C LYS A 10 -3.09 -19.42 8.13
N ALA A 11 -2.09 -18.66 7.71
CA ALA A 11 -1.89 -18.40 6.30
C ALA A 11 -0.44 -18.66 5.92
N LYS A 12 -0.24 -19.63 5.03
CA LYS A 12 1.10 -20.01 4.57
C LYS A 12 1.90 -20.65 5.70
N GLU A 13 3.23 -20.61 5.57
CA GLU A 13 4.13 -21.18 6.56
C GLU A 13 5.34 -20.27 6.72
N GLY A 14 6.30 -20.71 7.53
CA GLY A 14 7.49 -19.92 7.73
C GLY A 14 7.98 -19.98 9.17
N VAL A 15 9.12 -19.36 9.43
CA VAL A 15 9.70 -19.34 10.75
C VAL A 15 9.77 -17.91 11.28
N VAL A 16 9.04 -17.64 12.34
CA VAL A 16 9.02 -16.32 12.94
C VAL A 16 9.37 -16.40 14.42
N ALA A 17 9.74 -15.27 14.99
CA ALA A 17 10.11 -15.22 16.40
C ALA A 17 8.92 -14.81 17.26
N ALA A 18 8.67 -15.56 18.32
CA ALA A 18 7.57 -15.26 19.23
C ALA A 18 7.88 -14.03 20.07
N ALA A 19 9.15 -13.66 20.08
CA ALA A 19 9.61 -12.50 20.84
C ALA A 19 9.62 -11.25 19.97
N GLU A 20 9.35 -11.43 18.68
CA GLU A 20 9.32 -10.32 17.75
C GLU A 20 7.89 -10.07 17.29
N LYS A 21 7.46 -8.83 17.39
CA LYS A 21 6.12 -8.47 16.98
C LYS A 21 6.12 -7.08 16.39
N THR A 22 6.30 -7.01 15.08
CA THR A 22 6.29 -5.75 14.36
C THR A 22 4.89 -5.14 14.40
N LYS A 23 4.66 -4.30 15.41
CA LYS A 23 3.37 -3.68 15.61
C LYS A 23 3.29 -2.30 14.96
N GLN A 24 4.20 -2.03 14.04
CA GLN A 24 4.24 -0.75 13.35
C GLN A 24 4.98 -0.90 12.03
N GLY A 25 4.89 0.12 11.19
CA GLY A 25 5.55 0.08 9.90
C GLY A 25 4.62 -0.35 8.79
N VAL A 26 3.50 -0.94 9.18
CA VAL A 26 2.50 -1.41 8.23
C VAL A 26 1.75 -0.21 7.66
N ALA A 27 1.60 -0.19 6.34
CA ALA A 27 0.90 0.90 5.68
C ALA A 27 -0.53 0.52 5.38
N GLU A 28 -1.40 1.51 5.30
CA GLU A 28 -2.80 1.28 5.03
C GLU A 28 -3.31 2.27 3.99
N ALA A 29 -4.31 1.86 3.22
CA ALA A 29 -4.89 2.72 2.19
C ALA A 29 -5.80 3.78 2.80
N ALA A 30 -5.21 4.90 3.17
CA ALA A 30 -5.95 6.01 3.76
C ALA A 30 -5.21 7.32 3.51
N GLY A 31 -4.60 7.42 2.35
CA GLY A 31 -3.88 8.61 2.01
C GLY A 31 -4.44 9.25 0.76
N LYS A 32 -4.46 10.57 0.73
CA LYS A 32 -4.98 11.30 -0.42
C LYS A 32 -3.95 11.26 -1.55
N THR A 33 -3.77 10.05 -2.06
CA THR A 33 -2.84 9.75 -3.13
C THR A 33 -3.13 10.55 -4.40
N LYS A 34 -2.08 11.15 -4.95
CA LYS A 34 -2.19 11.94 -6.17
C LYS A 34 -1.04 11.56 -7.10
N GLU A 35 -1.14 11.94 -8.36
CA GLU A 35 -0.09 11.66 -9.33
C GLU A 35 1.14 12.50 -9.00
N GLY A 36 0.91 13.79 -8.81
CA GLY A 36 1.98 14.69 -8.47
C GLY A 36 2.61 15.34 -9.70
N VAL A 37 3.92 15.29 -9.77
CA VAL A 37 4.66 15.87 -10.87
C VAL A 37 6.12 15.43 -10.80
N LEU A 38 6.79 15.35 -11.93
CA LEU A 38 8.18 14.95 -11.97
C LEU A 38 9.08 16.18 -11.93
N TYR A 39 9.85 16.31 -10.87
CA TYR A 39 10.75 17.43 -10.72
C TYR A 39 12.21 17.00 -10.78
N VAL A 40 12.94 17.55 -11.73
CA VAL A 40 14.35 17.24 -11.90
C VAL A 40 15.16 18.46 -11.53
N GLY A 41 16.45 18.28 -11.24
CA GLY A 41 17.28 19.40 -10.87
C GLY A 41 18.45 19.60 -11.81
N SER A 42 19.29 20.58 -11.50
CA SER A 42 20.47 20.88 -12.30
C SER A 42 21.53 19.81 -12.10
N LYS A 43 21.33 18.98 -11.08
CA LYS A 43 22.25 17.90 -10.78
C LYS A 43 21.57 16.58 -11.07
N THR A 44 22.20 15.77 -11.91
CA THR A 44 21.66 14.48 -12.30
C THR A 44 21.33 13.60 -11.10
N LYS A 45 22.36 13.28 -10.31
CA LYS A 45 22.20 12.43 -9.13
C LYS A 45 21.94 10.98 -9.56
N GLU A 46 22.57 10.02 -8.89
CA GLU A 46 22.40 8.62 -9.24
C GLU A 46 20.94 8.22 -9.04
N GLY A 47 20.38 8.67 -7.93
CA GLY A 47 18.99 8.35 -7.62
C GLY A 47 18.87 7.09 -6.79
N VAL A 48 20.03 6.51 -6.47
CA VAL A 48 20.10 5.28 -5.68
C VAL A 48 19.75 4.07 -6.54
N VAL A 49 20.56 3.02 -6.42
CA VAL A 49 20.38 1.79 -7.17
C VAL A 49 18.94 1.28 -7.05
N HIS A 50 18.23 1.31 -8.16
CA HIS A 50 16.84 0.86 -8.21
C HIS A 50 16.75 -0.64 -8.04
N GLY A 51 15.73 -1.10 -7.36
CA GLY A 51 15.54 -2.52 -7.12
C GLY A 51 14.21 -3.02 -7.64
N VAL A 52 13.85 -4.23 -7.22
CA VAL A 52 12.59 -4.84 -7.64
C VAL A 52 11.55 -4.78 -6.52
N ALA A 53 10.32 -5.14 -6.84
CA ALA A 53 9.24 -5.13 -5.88
C ALA A 53 9.12 -6.48 -5.16
N THR A 54 9.70 -7.52 -5.77
CA THR A 54 9.66 -8.86 -5.21
C THR A 54 10.71 -9.03 -4.11
N VAL A 55 10.62 -8.16 -3.11
CA VAL A 55 11.55 -8.19 -1.99
C VAL A 55 11.16 -9.30 -1.02
N ALA A 56 12.11 -10.19 -0.73
CA ALA A 56 11.87 -11.31 0.18
C ALA A 56 11.57 -10.83 1.60
N GLU A 57 12.61 -10.46 2.32
CA GLU A 57 12.44 -9.96 3.68
C GLU A 57 12.14 -8.47 3.66
N LYS A 58 10.89 -8.12 3.86
CA LYS A 58 10.47 -6.74 3.85
C LYS A 58 10.08 -6.27 5.25
N THR A 59 11.05 -5.76 5.98
CA THR A 59 10.82 -5.28 7.33
C THR A 59 10.80 -3.76 7.38
N LYS A 60 10.38 -3.21 8.51
CA LYS A 60 10.31 -1.77 8.72
C LYS A 60 10.02 -1.48 10.19
N GLU A 61 11.00 -1.76 11.05
CA GLU A 61 10.83 -1.56 12.48
C GLU A 61 10.60 -0.10 12.82
N GLN A 62 11.44 0.77 12.26
CA GLN A 62 11.35 2.21 12.49
C GLN A 62 11.78 2.58 13.91
N VAL A 63 12.95 3.19 14.03
CA VAL A 63 13.47 3.59 15.33
C VAL A 63 12.60 4.69 15.96
N THR A 64 11.58 4.26 16.68
CA THR A 64 10.66 5.16 17.35
C THR A 64 11.18 5.58 18.73
N ASN A 65 12.44 5.29 18.99
CA ASN A 65 13.04 5.65 20.26
C ASN A 65 13.95 6.85 20.09
N VAL A 66 14.26 7.17 18.84
CA VAL A 66 15.10 8.32 18.52
C VAL A 66 14.50 9.10 17.36
N GLY A 67 13.62 10.03 17.67
CA GLY A 67 12.98 10.83 16.65
C GLY A 67 11.69 11.42 17.13
N GLY A 68 11.38 12.62 16.66
CA GLY A 68 10.15 13.28 17.05
C GLY A 68 9.55 14.08 15.92
N ALA A 69 9.63 13.54 14.72
CA ALA A 69 9.10 14.21 13.54
C ALA A 69 7.62 13.90 13.36
N VAL A 70 6.77 14.70 13.99
CA VAL A 70 5.33 14.51 13.89
C VAL A 70 4.80 15.26 12.67
N VAL A 71 4.04 14.56 11.83
CA VAL A 71 3.50 15.15 10.63
C VAL A 71 1.97 15.28 10.73
N THR A 72 1.49 16.52 10.63
CA THR A 72 0.06 16.79 10.70
C THR A 72 -0.55 16.79 9.30
N GLY A 73 0.17 16.21 8.35
CA GLY A 73 -0.30 16.17 6.98
C GLY A 73 -0.52 14.75 6.51
N VAL A 74 -0.93 14.60 5.26
CA VAL A 74 -1.20 13.29 4.68
C VAL A 74 0.09 12.48 4.52
N THR A 75 1.22 13.17 4.52
CA THR A 75 2.53 12.55 4.37
C THR A 75 2.94 11.75 5.62
N ALA A 76 2.11 11.81 6.65
CA ALA A 76 2.38 11.10 7.90
C ALA A 76 2.31 9.59 7.68
N VAL A 77 1.50 9.17 6.72
CA VAL A 77 1.34 7.76 6.40
C VAL A 77 1.38 7.57 4.89
N ALA A 78 2.52 7.16 4.38
CA ALA A 78 2.69 6.95 2.95
C ALA A 78 2.80 5.47 2.62
N GLN A 79 2.02 5.03 1.65
CA GLN A 79 2.03 3.63 1.24
C GLN A 79 3.21 3.33 0.33
N LYS A 80 3.71 2.11 0.42
CA LYS A 80 4.81 1.67 -0.41
C LYS A 80 4.51 0.28 -0.97
N THR A 81 4.95 0.03 -2.20
CA THR A 81 4.73 -1.26 -2.87
C THR A 81 3.25 -1.60 -3.03
N VAL A 82 2.56 -0.75 -3.79
CA VAL A 82 1.15 -0.95 -4.08
C VAL A 82 0.93 -0.89 -5.60
N GLU A 83 2.04 -0.83 -6.33
CA GLU A 83 1.99 -0.78 -7.80
C GLU A 83 2.18 -2.18 -8.36
N GLY A 84 2.64 -3.10 -7.51
CA GLY A 84 2.88 -4.46 -7.93
C GLY A 84 2.67 -5.41 -6.79
N ALA A 85 3.03 -6.67 -6.99
CA ALA A 85 2.90 -7.70 -5.96
C ALA A 85 3.76 -7.36 -4.75
N GLY A 86 3.15 -6.74 -3.76
CA GLY A 86 3.87 -6.37 -2.55
C GLY A 86 3.46 -7.23 -1.37
N SER A 87 4.45 -7.67 -0.59
CA SER A 87 4.19 -8.50 0.57
C SER A 87 3.36 -7.78 1.61
N ILE A 88 3.49 -6.46 1.64
CA ILE A 88 2.77 -5.62 2.60
C ILE A 88 1.37 -5.25 2.09
N ALA A 89 1.14 -5.42 0.79
CA ALA A 89 -0.17 -5.11 0.21
C ALA A 89 -1.16 -6.21 0.51
N ALA A 90 -0.63 -7.34 0.97
CA ALA A 90 -1.45 -8.48 1.34
C ALA A 90 -1.50 -8.59 2.85
N ALA A 91 -1.10 -7.51 3.52
CA ALA A 91 -1.07 -7.47 4.98
C ALA A 91 -2.14 -6.53 5.54
N THR A 92 -3.27 -6.48 4.84
CA THR A 92 -4.38 -5.62 5.23
C THR A 92 -4.93 -5.94 6.62
N GLY A 93 -5.62 -4.97 7.22
CA GLY A 93 -6.19 -5.15 8.54
C GLY A 93 -7.62 -5.65 8.46
N PHE A 94 -8.29 -5.38 7.34
CA PHE A 94 -9.66 -5.82 7.15
C PHE A 94 -9.80 -6.62 5.87
N VAL A 95 -10.59 -7.69 5.92
CA VAL A 95 -10.82 -8.55 4.77
C VAL A 95 -11.42 -7.75 3.60
N LYS A 96 -12.39 -6.88 3.91
CA LYS A 96 -13.02 -6.06 2.90
C LYS A 96 -12.17 -4.81 2.65
N LYS A 97 -10.96 -5.04 2.15
CA LYS A 97 -10.00 -4.01 1.83
C LYS A 97 -8.96 -4.61 0.88
N ASP A 98 -9.47 -5.13 -0.23
CA ASP A 98 -8.65 -5.76 -1.26
C ASP A 98 -8.04 -4.69 -2.16
N GLN A 99 -8.48 -3.47 -1.94
CA GLN A 99 -8.03 -2.31 -2.71
C GLN A 99 -6.57 -1.97 -2.39
N LEU A 100 -5.66 -2.76 -2.95
CA LEU A 100 -4.22 -2.57 -2.76
C LEU A 100 -3.45 -3.31 -3.85
N GLY A 101 -3.52 -2.81 -5.07
CA GLY A 101 -2.81 -3.45 -6.18
C GLY A 101 -3.14 -2.82 -7.52
N LYS A 102 -2.39 -3.20 -8.54
CA LYS A 102 -2.59 -2.67 -9.88
C LYS A 102 -2.41 -3.77 -10.93
N ASN A 103 -3.38 -3.89 -11.82
CA ASN A 103 -3.34 -4.91 -12.86
C ASN A 103 -3.15 -4.27 -14.23
N GLU A 104 -2.03 -4.58 -14.87
CA GLU A 104 -1.72 -4.06 -16.19
C GLU A 104 -2.04 -5.12 -17.23
N GLU A 105 -1.77 -4.83 -18.50
CA GLU A 105 -2.01 -5.80 -19.56
C GLU A 105 -0.72 -6.49 -19.98
N GLY A 106 -0.79 -7.30 -21.03
CA GLY A 106 0.38 -8.02 -21.48
C GLY A 106 0.58 -7.91 -22.97
N ALA A 107 1.83 -7.67 -23.37
CA ALA A 107 2.17 -7.55 -24.77
C ALA A 107 2.60 -8.89 -25.35
N PRO A 108 2.34 -9.12 -26.66
CA PRO A 108 2.72 -10.36 -27.33
C PRO A 108 4.22 -10.62 -27.25
N GLN A 109 4.62 -11.87 -27.47
CA GLN A 109 6.02 -12.23 -27.39
C GLN A 109 6.72 -12.25 -28.75
N GLU A 110 8.01 -11.94 -28.72
CA GLU A 110 8.86 -11.89 -29.91
C GLU A 110 9.08 -13.29 -30.49
N GLY A 111 9.42 -13.33 -31.78
CA GLY A 111 9.68 -14.59 -32.47
C GLY A 111 8.44 -15.13 -33.12
N ILE A 112 7.71 -14.26 -33.82
CA ILE A 112 6.49 -14.66 -34.47
C ILE A 112 6.45 -14.15 -35.91
N LEU A 113 5.79 -14.90 -36.78
CA LEU A 113 5.65 -14.50 -38.17
C LEU A 113 4.29 -13.83 -38.33
N GLU A 114 4.27 -12.70 -39.04
CA GLU A 114 3.07 -11.89 -39.27
C GLU A 114 2.86 -10.92 -38.10
N ASP A 115 3.00 -9.63 -38.41
CA ASP A 115 2.86 -8.59 -37.41
C ASP A 115 1.41 -8.28 -37.11
N MET A 116 0.76 -9.18 -36.37
CA MET A 116 -0.64 -9.03 -36.02
C MET A 116 -0.80 -8.34 -34.66
N PRO A 117 -1.29 -7.09 -34.67
CA PRO A 117 -1.50 -6.31 -33.46
C PRO A 117 -2.98 -6.19 -33.11
N VAL A 118 -3.30 -5.21 -32.27
CA VAL A 118 -4.67 -4.95 -31.87
C VAL A 118 -5.17 -3.74 -32.66
N ASP A 119 -6.45 -3.74 -33.01
CA ASP A 119 -7.04 -2.65 -33.78
C ASP A 119 -6.89 -1.32 -33.05
N PRO A 120 -6.52 -0.25 -33.77
CA PRO A 120 -6.34 1.08 -33.19
C PRO A 120 -7.65 1.67 -32.70
N ASP A 121 -8.77 1.11 -33.18
CA ASP A 121 -10.13 1.53 -32.82
C ASP A 121 -10.29 3.05 -32.76
N ASN A 122 -10.64 3.63 -33.89
CA ASN A 122 -10.79 5.07 -33.98
C ASN A 122 -12.23 5.48 -34.18
N GLU A 123 -12.92 5.71 -33.08
CA GLU A 123 -14.30 6.16 -33.14
C GLU A 123 -14.38 7.46 -33.94
N ALA A 124 -15.40 7.58 -34.77
CA ALA A 124 -15.57 8.77 -35.58
C ALA A 124 -17.01 9.27 -35.58
N TYR A 125 -17.42 9.83 -34.45
CA TYR A 125 -18.78 10.39 -34.28
C TYR A 125 -19.85 9.28 -34.19
N GLU A 126 -19.53 8.23 -33.46
CA GLU A 126 -20.46 7.10 -33.30
C GLU A 126 -21.25 7.26 -31.99
N MET A 127 -20.53 7.60 -30.94
CA MET A 127 -21.08 7.80 -29.60
C MET A 127 -21.76 6.55 -29.05
N PRO A 128 -20.97 5.62 -28.47
CA PRO A 128 -21.50 4.39 -27.91
C PRO A 128 -22.28 4.65 -26.63
N SER A 129 -23.24 3.79 -26.34
CA SER A 129 -24.06 3.91 -25.14
C SER A 129 -23.36 3.24 -23.96
N GLU A 130 -22.03 3.26 -24.02
CA GLU A 130 -21.19 2.66 -23.01
C GLU A 130 -20.00 3.58 -22.74
N GLU A 131 -20.18 4.51 -21.82
CA GLU A 131 -19.12 5.45 -21.48
C GLU A 131 -18.51 5.14 -20.12
N GLY A 132 -17.46 5.87 -19.77
CA GLY A 132 -16.79 5.66 -18.50
C GLY A 132 -15.65 4.68 -18.61
N TYR A 133 -14.93 4.51 -17.52
CA TYR A 133 -13.80 3.58 -17.47
C TYR A 133 -13.73 2.91 -16.12
N GLN A 134 -13.04 1.77 -16.05
CA GLN A 134 -12.91 1.02 -14.82
C GLN A 134 -11.49 0.55 -14.62
N ASP A 135 -11.08 0.47 -13.37
CA ASP A 135 -9.74 0.02 -13.01
C ASP A 135 -9.80 -1.48 -12.75
N TYR A 136 -8.72 -2.04 -12.20
CA TYR A 136 -8.67 -3.45 -11.90
C TYR A 136 -7.97 -3.70 -10.58
N GLU A 137 -8.75 -4.04 -9.57
CA GLU A 137 -8.21 -4.32 -8.24
C GLU A 137 -8.01 -5.82 -8.06
N PRO A 138 -6.76 -6.29 -8.15
CA PRO A 138 -6.43 -7.72 -8.00
C PRO A 138 -5.91 -8.03 -6.60
N GLU A 139 -5.66 -9.32 -6.33
CA GLU A 139 -5.14 -9.73 -5.04
C GLU A 139 -3.70 -9.27 -4.89
N ALA A 140 -3.44 -8.48 -3.84
CA ALA A 140 -2.10 -7.95 -3.55
C ALA A 140 -1.47 -7.29 -4.78
N HIS B 1 -9.60 -17.22 8.82
CA HIS B 1 -10.70 -16.88 9.70
C HIS B 1 -10.32 -15.67 10.57
N VAL B 2 -11.32 -15.09 11.22
CA VAL B 2 -11.09 -13.92 12.06
C VAL B 2 -11.42 -14.21 13.51
N ASN B 3 -10.39 -14.48 14.31
CA ASN B 3 -10.57 -14.77 15.73
C ASN B 3 -11.22 -13.60 16.48
N GLU B 4 -10.87 -12.37 16.10
CA GLU B 4 -11.44 -11.19 16.75
C GLU B 4 -12.85 -10.87 16.25
N LEU B 5 -13.42 -11.80 15.49
CA LEU B 5 -14.78 -11.63 14.98
C LEU B 5 -15.66 -12.69 15.63
N SER B 6 -15.05 -13.45 16.52
CA SER B 6 -15.73 -14.51 17.25
C SER B 6 -15.50 -14.37 18.74
N ARG B 7 -14.30 -13.94 19.13
CA ARG B 7 -13.98 -13.77 20.54
C ARG B 7 -14.19 -12.33 20.96
N ILE B 8 -13.58 -11.41 20.23
CA ILE B 8 -13.71 -9.99 20.51
C ILE B 8 -13.13 -9.61 21.88
N LYS B 9 -11.80 -9.60 21.97
CA LYS B 9 -11.10 -9.25 23.19
C LYS B 9 -11.40 -7.79 23.56
N LEU B 10 -11.66 -6.98 22.52
CA LEU B 10 -11.98 -5.56 22.69
C LEU B 10 -10.88 -4.81 23.42
N ARG B 11 -9.65 -4.99 22.96
CA ARG B 11 -8.52 -4.32 23.58
C ARG B 11 -8.40 -2.88 23.11
N VAL B 12 -8.48 -1.95 24.05
CA VAL B 12 -8.35 -0.53 23.73
C VAL B 12 -6.91 -0.09 23.96
N CYS B 13 -6.33 0.59 22.98
CA CYS B 13 -4.96 1.06 23.10
C CYS B 13 -4.91 2.56 23.38
N GLN B 14 -4.47 2.90 24.59
CA GLN B 14 -4.37 4.28 25.00
C GLN B 14 -3.05 4.51 25.74
N PRO B 15 -2.11 5.22 25.10
CA PRO B 15 -0.81 5.52 25.70
C PRO B 15 -0.92 6.59 26.78
N SER B 16 0.02 6.59 27.71
CA SER B 16 0.03 7.56 28.79
C SER B 16 0.56 8.91 28.29
N ARG B 17 1.18 8.88 27.11
CA ARG B 17 1.74 10.07 26.49
C ARG B 17 1.63 9.96 24.97
N SER B 18 0.73 10.74 24.39
CA SER B 18 0.55 10.72 22.95
C SER B 18 0.94 12.06 22.35
N GLU B 19 2.12 12.10 21.76
CA GLU B 19 2.63 13.32 21.15
C GLU B 19 3.04 13.05 19.71
N ILE B 20 4.28 12.64 19.51
CA ILE B 20 4.79 12.33 18.18
C ILE B 20 4.50 10.87 17.86
N HIS B 21 3.31 10.62 17.35
CA HIS B 21 2.88 9.28 17.00
C HIS B 21 1.82 9.35 15.90
N PHE B 22 1.57 8.21 15.25
CA PHE B 22 0.60 8.15 14.17
C PHE B 22 -0.50 7.14 14.52
N LYS B 23 -1.71 7.43 14.11
CA LYS B 23 -2.83 6.56 14.37
C LYS B 23 -3.52 6.17 13.07
N VAL B 24 -4.03 4.94 13.02
CA VAL B 24 -4.74 4.42 11.85
C VAL B 24 -5.97 5.29 11.58
N LYS B 25 -6.28 5.49 10.31
CA LYS B 25 -7.41 6.32 9.92
C LYS B 25 -8.64 5.49 9.61
N MET B 26 -8.47 4.51 8.74
CA MET B 26 -9.58 3.64 8.34
C MET B 26 -10.00 2.75 9.48
N THR B 27 -11.25 2.88 9.92
CA THR B 27 -11.80 2.09 11.01
C THR B 27 -11.75 0.60 10.68
N THR B 28 -11.68 0.30 9.39
CA THR B 28 -11.61 -1.08 8.93
C THR B 28 -10.23 -1.66 9.21
N HIS B 29 -9.21 -0.82 9.07
CA HIS B 29 -7.83 -1.23 9.28
C HIS B 29 -7.49 -1.13 10.77
N LEU B 30 -8.24 -0.31 11.47
CA LEU B 30 -8.04 -0.11 12.90
C LEU B 30 -8.29 -1.41 13.67
N LYS B 31 -9.00 -2.33 13.03
CA LYS B 31 -9.30 -3.61 13.64
C LYS B 31 -8.03 -4.44 13.83
N LYS B 32 -7.00 -4.14 13.06
CA LYS B 32 -5.73 -4.87 13.17
C LYS B 32 -5.03 -4.48 14.47
N LEU B 33 -5.49 -3.38 15.09
CA LEU B 33 -4.91 -2.90 16.33
C LEU B 33 -5.45 -3.71 17.51
N LYS B 34 -6.56 -4.40 17.27
CA LYS B 34 -7.19 -5.23 18.30
C LYS B 34 -6.85 -6.71 18.10
N GLU B 35 -6.26 -7.00 16.94
CA GLU B 35 -5.86 -8.36 16.60
C GLU B 35 -4.37 -8.54 16.87
N SER B 36 -3.85 -7.66 17.70
CA SER B 36 -2.46 -7.66 18.08
C SER B 36 -2.32 -6.89 19.38
N TYR B 37 -1.11 -6.52 19.73
CA TYR B 37 -0.86 -5.78 20.95
C TYR B 37 -0.01 -4.56 20.64
N CYS B 38 -0.11 -3.53 21.47
CA CYS B 38 0.66 -2.31 21.26
C CYS B 38 2.12 -2.49 21.71
N GLN B 39 2.93 -1.45 21.50
CA GLN B 39 4.33 -1.49 21.90
C GLN B 39 4.57 -0.55 23.07
N ARG B 40 5.75 -0.63 23.66
CA ARG B 40 6.11 0.21 24.79
C ARG B 40 7.45 0.87 24.56
N GLN B 41 7.47 2.19 24.64
CA GLN B 41 8.69 2.97 24.44
C GLN B 41 9.65 2.80 25.62
N MET A 1 -22.89 -11.37 7.65
CA MET A 1 -21.51 -11.03 7.33
C MET A 1 -21.12 -11.59 5.98
N ASP A 2 -21.23 -10.77 4.94
CA ASP A 2 -20.87 -11.19 3.60
C ASP A 2 -19.37 -11.07 3.39
N VAL A 3 -18.77 -12.13 2.82
CA VAL A 3 -17.33 -12.19 2.56
C VAL A 3 -16.49 -11.80 3.78
N PHE A 4 -16.37 -12.71 4.72
CA PHE A 4 -15.60 -12.46 5.94
C PHE A 4 -14.53 -13.53 6.15
N MET A 5 -13.31 -13.22 5.74
CA MET A 5 -12.19 -14.14 5.90
C MET A 5 -10.87 -13.40 5.91
N LYS A 6 -10.15 -13.47 7.02
CA LYS A 6 -8.87 -12.80 7.15
C LYS A 6 -7.75 -13.78 6.77
N GLY A 7 -7.05 -13.47 5.69
CA GLY A 7 -5.96 -14.34 5.23
C GLY A 7 -4.86 -14.48 6.26
N LEU A 8 -4.79 -13.55 7.20
CA LEU A 8 -3.79 -13.56 8.25
C LEU A 8 -4.03 -14.68 9.26
N SER A 9 -5.15 -15.38 9.13
CA SER A 9 -5.48 -16.47 10.03
C SER A 9 -4.56 -17.67 9.78
N LYS A 10 -4.28 -17.95 8.51
CA LYS A 10 -3.42 -19.05 8.13
C LYS A 10 -3.18 -19.06 6.62
N ALA A 11 -2.20 -18.30 6.18
CA ALA A 11 -1.86 -18.23 4.77
C ALA A 11 -0.40 -18.60 4.55
N LYS A 12 -0.17 -19.61 3.72
CA LYS A 12 1.17 -20.08 3.39
C LYS A 12 1.85 -20.73 4.60
N GLU A 13 3.17 -20.83 4.53
CA GLU A 13 3.96 -21.42 5.60
C GLU A 13 5.27 -20.65 5.74
N GLY A 14 6.13 -21.09 6.65
CA GLY A 14 7.39 -20.40 6.85
C GLY A 14 7.81 -20.40 8.31
N VAL A 15 8.99 -19.85 8.57
CA VAL A 15 9.51 -19.77 9.93
C VAL A 15 9.68 -18.32 10.33
N VAL A 16 8.96 -17.91 11.37
CA VAL A 16 9.03 -16.55 11.87
C VAL A 16 9.28 -16.55 13.37
N ALA A 17 9.75 -15.44 13.90
CA ALA A 17 10.03 -15.33 15.32
C ALA A 17 8.82 -14.81 16.07
N ALA A 18 8.55 -15.40 17.24
CA ALA A 18 7.43 -14.99 18.06
C ALA A 18 7.75 -13.72 18.84
N ALA A 19 9.04 -13.42 18.97
CA ALA A 19 9.48 -12.24 19.69
C ALA A 19 9.73 -11.07 18.74
N GLU A 20 9.84 -11.39 17.45
CA GLU A 20 10.08 -10.37 16.44
C GLU A 20 8.77 -10.03 15.73
N LYS A 21 8.23 -8.86 16.02
CA LYS A 21 6.99 -8.44 15.41
C LYS A 21 6.95 -6.93 15.25
N THR A 22 6.86 -6.48 14.01
CA THR A 22 6.80 -5.06 13.72
C THR A 22 5.39 -4.53 13.99
N LYS A 23 5.20 -3.97 15.17
CA LYS A 23 3.90 -3.45 15.58
C LYS A 23 3.84 -1.93 15.43
N GLN A 24 4.62 -1.41 14.49
CA GLN A 24 4.67 0.02 14.24
C GLN A 24 5.38 0.31 12.92
N GLY A 25 5.27 1.54 12.45
CA GLY A 25 5.91 1.91 11.20
C GLY A 25 5.36 1.17 10.01
N VAL A 26 4.12 0.72 10.11
CA VAL A 26 3.47 -0.01 9.03
C VAL A 26 2.90 0.96 8.01
N ALA A 27 2.42 0.44 6.89
CA ALA A 27 1.85 1.28 5.85
C ALA A 27 0.33 1.31 6.00
N GLU A 28 -0.22 2.52 6.11
CA GLU A 28 -1.65 2.68 6.26
C GLU A 28 -2.29 3.22 4.99
N ALA A 29 -3.52 2.82 4.74
CA ALA A 29 -4.25 3.27 3.56
C ALA A 29 -5.13 4.47 3.92
N ALA A 30 -4.52 5.66 3.90
CA ALA A 30 -5.24 6.89 4.23
C ALA A 30 -4.48 8.14 3.78
N GLY A 31 -3.41 7.95 3.02
CA GLY A 31 -2.64 9.07 2.56
C GLY A 31 -3.12 9.58 1.23
N LYS A 32 -3.36 10.89 1.14
CA LYS A 32 -3.82 11.52 -0.09
C LYS A 32 -2.69 11.49 -1.13
N THR A 33 -2.52 10.31 -1.73
CA THR A 33 -1.48 10.08 -2.72
C THR A 33 -1.65 10.93 -3.96
N LYS A 34 -0.53 11.39 -4.51
CA LYS A 34 -0.53 12.21 -5.70
C LYS A 34 0.59 11.75 -6.63
N GLU A 35 0.51 12.12 -7.89
CA GLU A 35 1.53 11.76 -8.86
C GLU A 35 2.82 12.51 -8.55
N GLY A 36 2.69 13.82 -8.38
CA GLY A 36 3.83 14.65 -8.06
C GLY A 36 4.48 15.24 -9.29
N VAL A 37 5.80 15.18 -9.32
CA VAL A 37 6.58 15.71 -10.44
C VAL A 37 8.01 15.21 -10.35
N LEU A 38 8.66 15.06 -11.49
CA LEU A 38 10.04 14.59 -11.52
C LEU A 38 11.00 15.76 -11.48
N TYR A 39 11.79 15.83 -10.41
CA TYR A 39 12.75 16.91 -10.25
C TYR A 39 14.17 16.38 -10.30
N VAL A 40 14.95 16.90 -11.22
CA VAL A 40 16.35 16.50 -11.37
C VAL A 40 17.23 17.68 -11.01
N GLY A 41 18.47 17.41 -10.62
CA GLY A 41 19.37 18.48 -10.24
C GLY A 41 20.55 18.60 -11.19
N SER A 42 21.45 19.54 -10.89
CA SER A 42 22.64 19.77 -11.70
C SER A 42 23.62 18.61 -11.52
N LYS A 43 23.42 17.84 -10.46
CA LYS A 43 24.26 16.70 -10.17
C LYS A 43 23.51 15.43 -10.50
N THR A 44 24.13 14.57 -11.30
CA THR A 44 23.52 13.31 -11.71
C THR A 44 23.10 12.46 -10.52
N LYS A 45 24.07 12.10 -9.66
CA LYS A 45 23.81 11.27 -8.48
C LYS A 45 23.49 9.83 -8.90
N GLU A 46 24.06 8.86 -8.21
CA GLU A 46 23.81 7.45 -8.56
C GLU A 46 22.33 7.15 -8.38
N GLY A 47 21.77 7.63 -7.28
CA GLY A 47 20.37 7.41 -6.99
C GLY A 47 20.17 6.15 -6.19
N VAL A 48 21.28 5.52 -5.82
CA VAL A 48 21.27 4.27 -5.04
C VAL A 48 20.90 3.08 -5.92
N VAL A 49 21.63 1.98 -5.75
CA VAL A 49 21.38 0.76 -6.52
C VAL A 49 19.92 0.33 -6.43
N HIS A 50 19.24 0.39 -7.56
CA HIS A 50 17.84 0.02 -7.63
C HIS A 50 17.66 -1.48 -7.45
N GLY A 51 16.61 -1.86 -6.75
CA GLY A 51 16.35 -3.26 -6.50
C GLY A 51 15.03 -3.71 -7.11
N VAL A 52 14.52 -4.83 -6.63
CA VAL A 52 13.26 -5.38 -7.13
C VAL A 52 12.16 -5.24 -6.09
N ALA A 53 10.92 -5.45 -6.51
CA ALA A 53 9.78 -5.35 -5.61
C ALA A 53 9.57 -6.66 -4.86
N THR A 54 10.16 -7.73 -5.36
CA THR A 54 10.04 -9.05 -4.75
C THR A 54 11.09 -9.25 -3.66
N VAL A 55 10.88 -8.62 -2.51
CA VAL A 55 11.80 -8.73 -1.39
C VAL A 55 11.37 -9.85 -0.46
N ALA A 56 12.30 -10.75 -0.14
CA ALA A 56 12.01 -11.88 0.75
C ALA A 56 11.71 -11.40 2.17
N GLU A 57 12.75 -11.13 2.94
CA GLU A 57 12.58 -10.65 4.29
C GLU A 57 12.48 -9.13 4.30
N LYS A 58 11.27 -8.62 4.41
CA LYS A 58 11.04 -7.19 4.41
C LYS A 58 10.59 -6.69 5.78
N THR A 59 11.55 -6.23 6.56
CA THR A 59 11.27 -5.72 7.88
C THR A 59 11.39 -4.19 7.90
N LYS A 60 10.94 -3.57 8.98
CA LYS A 60 11.00 -2.13 9.13
C LYS A 60 10.77 -1.74 10.59
N GLU A 61 11.74 -2.12 11.43
CA GLU A 61 11.68 -1.87 12.86
C GLU A 61 11.38 -0.40 13.20
N GLN A 62 12.20 0.50 12.65
CA GLN A 62 12.07 1.93 12.90
C GLN A 62 12.50 2.26 14.33
N VAL A 63 13.69 2.83 14.46
CA VAL A 63 14.23 3.17 15.77
C VAL A 63 13.56 4.40 16.40
N THR A 64 12.25 4.29 16.63
CA THR A 64 11.48 5.37 17.24
C THR A 64 11.69 5.36 18.75
N ASN A 65 12.86 5.82 19.18
CA ASN A 65 13.17 5.87 20.60
C ASN A 65 13.97 7.12 20.93
N VAL A 66 15.17 7.20 20.39
CA VAL A 66 16.04 8.34 20.63
C VAL A 66 15.99 9.32 19.46
N GLY A 67 15.03 10.23 19.49
CA GLY A 67 14.90 11.21 18.43
C GLY A 67 13.78 10.89 17.47
N GLY A 68 13.36 11.90 16.72
CA GLY A 68 12.30 11.73 15.75
C GLY A 68 11.75 13.07 15.32
N ALA A 69 10.71 13.05 14.49
CA ALA A 69 10.10 14.27 14.01
C ALA A 69 8.60 14.07 13.81
N VAL A 70 7.82 15.02 14.30
CA VAL A 70 6.37 14.95 14.17
C VAL A 70 5.88 15.96 13.13
N VAL A 71 5.17 15.48 12.12
CA VAL A 71 4.65 16.34 11.07
C VAL A 71 3.15 16.12 10.88
N THR A 72 2.40 17.20 10.86
CA THR A 72 0.95 17.14 10.69
C THR A 72 0.57 17.11 9.21
N GLY A 73 1.53 16.76 8.36
CA GLY A 73 1.29 16.71 6.94
C GLY A 73 1.16 15.29 6.41
N VAL A 74 1.07 15.17 5.09
CA VAL A 74 0.95 13.86 4.46
C VAL A 74 2.32 13.21 4.27
N THR A 75 3.35 14.04 4.13
CA THR A 75 4.71 13.57 3.91
C THR A 75 5.31 12.98 5.18
N ALA A 76 4.50 12.86 6.23
CA ALA A 76 4.94 12.31 7.49
C ALA A 76 4.87 10.78 7.46
N VAL A 77 4.25 10.26 6.41
CA VAL A 77 4.12 8.82 6.24
C VAL A 77 4.50 8.41 4.82
N ALA A 78 5.26 7.35 4.69
CA ALA A 78 5.69 6.87 3.38
C ALA A 78 5.50 5.37 3.25
N GLN A 79 4.56 4.97 2.39
CA GLN A 79 4.29 3.56 2.17
C GLN A 79 5.32 2.95 1.25
N LYS A 80 5.94 1.86 1.69
CA LYS A 80 6.95 1.19 0.89
C LYS A 80 6.45 -0.15 0.36
N THR A 81 6.90 -0.49 -0.85
CA THR A 81 6.52 -1.73 -1.53
C THR A 81 5.02 -1.89 -1.74
N VAL A 82 4.44 -0.99 -2.53
CA VAL A 82 3.02 -1.03 -2.84
C VAL A 82 2.84 -1.24 -4.34
N GLU A 83 3.94 -1.60 -4.98
CA GLU A 83 3.97 -1.86 -6.41
C GLU A 83 3.97 -3.37 -6.65
N GLY A 84 4.31 -4.10 -5.60
CA GLY A 84 4.35 -5.54 -5.66
C GLY A 84 3.92 -6.14 -4.35
N ALA A 85 3.79 -7.46 -4.31
CA ALA A 85 3.37 -8.17 -3.11
C ALA A 85 4.37 -7.99 -1.96
N GLY A 86 4.06 -7.07 -1.06
CA GLY A 86 4.92 -6.82 0.07
C GLY A 86 4.35 -7.36 1.37
N SER A 87 5.22 -7.80 2.26
CA SER A 87 4.81 -8.35 3.55
C SER A 87 4.12 -7.29 4.39
N ILE A 88 4.58 -6.06 4.28
CA ILE A 88 4.00 -4.96 5.04
C ILE A 88 2.60 -4.63 4.54
N ALA A 89 2.31 -5.02 3.31
CA ALA A 89 1.01 -4.78 2.69
C ALA A 89 0.03 -5.87 3.09
N ALA A 90 0.56 -6.94 3.69
CA ALA A 90 -0.28 -8.05 4.13
C ALA A 90 -0.78 -7.80 5.53
N ALA A 91 -0.10 -6.89 6.24
CA ALA A 91 -0.46 -6.55 7.60
C ALA A 91 -1.65 -5.60 7.66
N THR A 92 -2.75 -5.98 7.06
CA THR A 92 -3.96 -5.16 7.06
C THR A 92 -4.75 -5.44 8.34
N GLY A 93 -5.89 -4.77 8.49
CA GLY A 93 -6.71 -4.97 9.66
C GLY A 93 -8.04 -5.58 9.31
N PHE A 94 -8.55 -5.23 8.15
CA PHE A 94 -9.85 -5.71 7.69
C PHE A 94 -9.73 -6.29 6.30
N VAL A 95 -10.48 -7.35 6.02
CA VAL A 95 -10.46 -7.96 4.71
C VAL A 95 -11.04 -7.00 3.66
N LYS A 96 -12.03 -6.22 4.09
CA LYS A 96 -12.69 -5.25 3.22
C LYS A 96 -11.84 -3.98 3.12
N LYS A 97 -10.67 -4.12 2.51
CA LYS A 97 -9.73 -3.01 2.33
C LYS A 97 -8.67 -3.41 1.31
N ASP A 98 -9.11 -3.65 0.09
CA ASP A 98 -8.25 -4.05 -1.02
C ASP A 98 -7.46 -2.87 -1.58
N GLN A 99 -7.57 -1.74 -0.93
CA GLN A 99 -6.88 -0.52 -1.38
C GLN A 99 -5.45 -0.51 -0.86
N LEU A 100 -4.64 -1.48 -1.34
CA LEU A 100 -3.24 -1.62 -0.95
C LEU A 100 -2.50 -2.54 -1.90
N GLY A 101 -2.31 -2.06 -3.13
CA GLY A 101 -1.60 -2.84 -4.13
C GLY A 101 -1.71 -2.21 -5.49
N LYS A 102 -1.02 -2.77 -6.48
CA LYS A 102 -1.06 -2.25 -7.85
C LYS A 102 -0.97 -3.39 -8.86
N ASN A 103 -1.78 -3.30 -9.91
CA ASN A 103 -1.80 -4.34 -10.93
C ASN A 103 -1.42 -3.78 -12.28
N GLU A 104 -0.27 -4.21 -12.78
CA GLU A 104 0.23 -3.78 -14.08
C GLU A 104 -0.09 -4.86 -15.11
N GLU A 105 0.24 -4.62 -16.36
CA GLU A 105 0.00 -5.60 -17.41
C GLU A 105 1.25 -6.42 -17.70
N GLY A 106 1.18 -7.31 -18.68
CA GLY A 106 2.31 -8.14 -19.01
C GLY A 106 2.64 -8.11 -20.49
N ALA A 107 3.94 -8.12 -20.79
CA ALA A 107 4.40 -8.09 -22.16
C ALA A 107 4.70 -9.50 -22.66
N PRO A 108 4.51 -9.74 -23.98
CA PRO A 108 4.79 -11.05 -24.60
C PRO A 108 6.24 -11.48 -24.38
N GLN A 109 6.50 -12.78 -24.48
CA GLN A 109 7.83 -13.31 -24.26
C GLN A 109 8.63 -13.48 -25.56
N GLU A 110 9.94 -13.29 -25.44
CA GLU A 110 10.88 -13.42 -26.56
C GLU A 110 10.97 -14.87 -27.05
N GLY A 111 11.40 -15.03 -28.29
CA GLY A 111 11.54 -16.35 -28.88
C GLY A 111 10.30 -16.76 -29.64
N ILE A 112 9.76 -15.83 -30.42
CA ILE A 112 8.56 -16.09 -31.19
C ILE A 112 8.74 -15.61 -32.64
N LEU A 113 8.11 -16.31 -33.58
CA LEU A 113 8.17 -15.93 -34.98
C LEU A 113 6.92 -15.10 -35.29
N GLU A 114 7.11 -14.04 -36.07
CA GLU A 114 6.03 -13.10 -36.44
C GLU A 114 5.81 -12.10 -35.31
N ASP A 115 6.17 -10.85 -35.58
CA ASP A 115 6.06 -9.77 -34.59
C ASP A 115 4.62 -9.28 -34.49
N MET A 116 3.82 -10.00 -33.73
CA MET A 116 2.42 -9.66 -33.54
C MET A 116 2.18 -8.89 -32.23
N PRO A 117 1.94 -7.58 -32.33
CA PRO A 117 1.70 -6.73 -31.18
C PRO A 117 0.22 -6.38 -31.01
N VAL A 118 -0.05 -5.40 -30.17
CA VAL A 118 -1.41 -4.93 -29.94
C VAL A 118 -1.66 -3.72 -30.82
N ASP A 119 -2.89 -3.56 -31.29
CA ASP A 119 -3.26 -2.44 -32.14
C ASP A 119 -3.03 -1.12 -31.44
N PRO A 120 -2.47 -0.12 -32.16
CA PRO A 120 -2.20 1.21 -31.60
C PRO A 120 -3.49 1.95 -31.24
N ASP A 121 -4.60 1.49 -31.81
CA ASP A 121 -5.93 2.07 -31.59
C ASP A 121 -5.93 3.59 -31.59
N ASN A 122 -6.02 4.17 -32.78
CA ASN A 122 -5.99 5.61 -32.91
C ASN A 122 -7.37 6.20 -33.21
N GLU A 123 -8.09 6.58 -32.17
CA GLU A 123 -9.39 7.21 -32.34
C GLU A 123 -9.24 8.47 -33.19
N ALA A 124 -10.18 8.69 -34.10
CA ALA A 124 -10.13 9.86 -34.97
C ALA A 124 -11.51 10.50 -35.11
N TYR A 125 -11.92 11.22 -34.06
CA TYR A 125 -13.21 11.92 -34.04
C TYR A 125 -14.39 10.93 -34.01
N GLU A 126 -14.23 9.86 -33.25
CA GLU A 126 -15.29 8.85 -33.13
C GLU A 126 -16.18 9.17 -31.92
N MET A 127 -15.52 9.52 -30.82
CA MET A 127 -16.19 9.87 -29.57
C MET A 127 -17.07 8.75 -29.04
N PRO A 128 -16.45 7.74 -28.40
CA PRO A 128 -17.17 6.60 -27.84
C PRO A 128 -18.04 7.01 -26.67
N SER A 129 -19.11 6.27 -26.44
CA SER A 129 -20.01 6.56 -25.34
C SER A 129 -19.49 5.91 -24.05
N GLU A 130 -18.19 5.64 -24.05
CA GLU A 130 -17.53 5.01 -22.92
C GLU A 130 -16.28 5.81 -22.59
N GLU A 131 -16.41 6.74 -21.65
CA GLU A 131 -15.29 7.58 -21.24
C GLU A 131 -14.83 7.27 -19.83
N GLY A 132 -13.72 7.88 -19.43
CA GLY A 132 -13.19 7.66 -18.10
C GLY A 132 -12.19 6.52 -18.06
N TYR A 133 -11.56 6.33 -16.90
CA TYR A 133 -10.59 5.27 -16.73
C TYR A 133 -10.72 4.66 -15.35
N GLN A 134 -10.26 3.43 -15.19
CA GLN A 134 -10.34 2.73 -13.91
C GLN A 134 -9.00 2.09 -13.59
N ASP A 135 -8.68 2.04 -12.31
CA ASP A 135 -7.46 1.43 -11.84
C ASP A 135 -7.73 -0.02 -11.47
N TYR A 136 -6.76 -0.67 -10.84
CA TYR A 136 -6.92 -2.07 -10.45
C TYR A 136 -6.40 -2.29 -9.04
N GLU A 137 -7.31 -2.60 -8.13
CA GLU A 137 -6.95 -2.85 -6.74
C GLU A 137 -6.93 -4.36 -6.46
N PRO A 138 -5.75 -4.99 -6.49
CA PRO A 138 -5.60 -6.42 -6.24
C PRO A 138 -5.14 -6.71 -4.81
N GLU A 139 -5.02 -7.99 -4.48
CA GLU A 139 -4.58 -8.40 -3.16
C GLU A 139 -3.08 -8.15 -2.99
N ALA A 140 -2.73 -7.27 -2.05
CA ALA A 140 -1.34 -6.93 -1.77
C ALA A 140 -0.58 -6.53 -3.03
N HIS B 1 -11.20 -14.74 9.32
CA HIS B 1 -12.26 -13.88 9.84
C HIS B 1 -11.67 -12.83 10.78
N VAL B 2 -12.32 -11.68 10.88
CA VAL B 2 -11.86 -10.62 11.75
C VAL B 2 -12.40 -10.87 13.15
N ASN B 3 -11.73 -11.78 13.87
CA ASN B 3 -12.12 -12.18 15.22
C ASN B 3 -12.43 -11.01 16.15
N GLU B 4 -11.56 -10.01 16.16
CA GLU B 4 -11.74 -8.86 17.04
C GLU B 4 -12.95 -7.99 16.67
N LEU B 5 -13.63 -8.35 15.60
CA LEU B 5 -14.82 -7.64 15.16
C LEU B 5 -16.05 -8.38 15.67
N SER B 6 -15.90 -9.70 15.81
CA SER B 6 -16.97 -10.55 16.30
C SER B 6 -16.87 -10.71 17.81
N ARG B 7 -15.65 -10.59 18.33
CA ARG B 7 -15.38 -10.71 19.76
C ARG B 7 -15.35 -9.34 20.41
N ILE B 8 -14.87 -8.34 19.67
CA ILE B 8 -14.78 -6.96 20.15
C ILE B 8 -13.76 -6.79 21.28
N LYS B 9 -12.49 -6.62 20.91
CA LYS B 9 -11.43 -6.41 21.89
C LYS B 9 -11.65 -5.09 22.63
N LEU B 10 -11.92 -4.05 21.85
CA LEU B 10 -12.15 -2.71 22.37
C LEU B 10 -10.98 -2.21 23.20
N ARG B 11 -9.79 -2.28 22.62
CA ARG B 11 -8.59 -1.83 23.31
C ARG B 11 -8.23 -0.42 22.87
N VAL B 12 -8.07 0.47 23.84
CA VAL B 12 -7.70 1.85 23.56
C VAL B 12 -6.20 2.03 23.80
N CYS B 13 -5.53 2.67 22.85
CA CYS B 13 -4.10 2.89 22.96
C CYS B 13 -3.81 4.37 23.24
N GLN B 14 -3.44 4.67 24.48
CA GLN B 14 -3.13 6.03 24.88
C GLN B 14 -1.79 6.09 25.60
N PRO B 15 -0.80 6.72 24.98
CA PRO B 15 0.53 6.84 25.55
C PRO B 15 0.57 7.90 26.65
N SER B 16 1.54 7.76 27.55
CA SER B 16 1.70 8.69 28.65
C SER B 16 2.33 9.99 28.16
N ARG B 17 2.96 9.92 26.99
CA ARG B 17 3.61 11.07 26.37
C ARG B 17 3.45 11.00 24.87
N SER B 18 2.68 11.91 24.31
CA SER B 18 2.44 11.94 22.87
C SER B 18 3.17 13.12 22.23
N GLU B 19 4.30 12.84 21.60
CA GLU B 19 5.09 13.87 20.94
C GLU B 19 5.44 13.39 19.52
N ILE B 20 6.59 12.75 19.40
CA ILE B 20 7.03 12.22 18.11
C ILE B 20 6.36 10.87 17.87
N HIS B 21 5.20 10.91 17.23
CA HIS B 21 4.45 9.70 16.94
C HIS B 21 3.47 9.94 15.79
N PHE B 22 2.93 8.86 15.26
CA PHE B 22 1.98 8.94 14.16
C PHE B 22 0.72 8.13 14.50
N LYS B 23 -0.35 8.36 13.77
CA LYS B 23 -1.60 7.66 14.01
C LYS B 23 -2.39 7.57 12.72
N VAL B 24 -3.13 6.47 12.56
CA VAL B 24 -3.96 6.23 11.37
C VAL B 24 -4.83 7.45 11.07
N LYS B 25 -4.78 7.89 9.82
CA LYS B 25 -5.53 9.07 9.40
C LYS B 25 -6.88 8.73 8.79
N MET B 26 -7.47 7.62 9.24
CA MET B 26 -8.77 7.20 8.74
C MET B 26 -9.47 6.32 9.76
N THR B 27 -10.72 6.67 10.09
CA THR B 27 -11.51 5.93 11.05
C THR B 27 -11.83 4.53 10.56
N THR B 28 -11.69 4.32 9.25
CA THR B 28 -11.96 3.03 8.66
C THR B 28 -10.91 2.00 9.06
N HIS B 29 -9.64 2.38 8.90
CA HIS B 29 -8.52 1.51 9.24
C HIS B 29 -8.04 1.73 10.67
N LEU B 30 -8.73 2.59 11.39
CA LEU B 30 -8.37 2.91 12.76
C LEU B 30 -8.54 1.70 13.68
N LYS B 31 -9.40 0.78 13.28
CA LYS B 31 -9.66 -0.41 14.08
C LYS B 31 -8.52 -1.42 13.99
N LYS B 32 -7.48 -1.09 13.23
CA LYS B 32 -6.33 -1.99 13.13
C LYS B 32 -5.45 -1.80 14.36
N LEU B 33 -5.72 -0.72 15.10
CA LEU B 33 -4.98 -0.40 16.30
C LEU B 33 -5.39 -1.34 17.44
N LYS B 34 -6.48 -2.09 17.21
CA LYS B 34 -6.98 -3.04 18.19
C LYS B 34 -6.86 -4.45 17.65
N GLU B 35 -6.20 -4.58 16.50
CA GLU B 35 -5.97 -5.87 15.86
C GLU B 35 -4.58 -6.34 16.22
N SER B 36 -3.71 -5.37 16.48
CA SER B 36 -2.34 -5.65 16.87
C SER B 36 -2.12 -5.14 18.28
N TYR B 37 -0.87 -5.04 18.70
CA TYR B 37 -0.57 -4.58 20.04
C TYR B 37 0.47 -3.47 19.99
N CYS B 38 0.19 -2.36 20.67
CA CYS B 38 1.09 -1.22 20.72
C CYS B 38 2.44 -1.60 21.33
N GLN B 39 3.43 -0.75 21.12
CA GLN B 39 4.77 -0.99 21.65
C GLN B 39 5.08 0.00 22.77
N ARG B 40 6.13 -0.29 23.54
CA ARG B 40 6.53 0.59 24.62
C ARG B 40 7.92 1.15 24.37
N GLN B 41 8.01 2.47 24.31
CA GLN B 41 9.28 3.15 24.07
C GLN B 41 10.12 3.18 25.34
N MET A 1 -22.10 -10.96 7.92
CA MET A 1 -21.44 -9.78 7.40
C MET A 1 -20.86 -10.05 6.03
N ASP A 2 -20.86 -9.03 5.18
CA ASP A 2 -20.34 -9.16 3.83
C ASP A 2 -18.83 -9.03 3.83
N VAL A 3 -18.17 -9.95 3.10
CA VAL A 3 -16.71 -10.00 2.98
C VAL A 3 -16.00 -9.83 4.34
N PHE A 4 -15.82 -10.94 5.04
CA PHE A 4 -15.15 -10.90 6.33
C PHE A 4 -14.07 -11.99 6.43
N MET A 5 -12.88 -11.66 5.95
CA MET A 5 -11.76 -12.59 5.98
C MET A 5 -10.45 -11.83 6.11
N LYS A 6 -9.62 -12.25 7.05
CA LYS A 6 -8.32 -11.62 7.28
C LYS A 6 -7.20 -12.64 7.15
N GLY A 7 -6.28 -12.38 6.24
CA GLY A 7 -5.16 -13.28 6.02
C GLY A 7 -4.06 -13.14 7.05
N LEU A 8 -4.42 -12.77 8.27
CA LEU A 8 -3.43 -12.62 9.34
C LEU A 8 -3.57 -13.73 10.36
N SER A 9 -4.54 -14.60 10.15
CA SER A 9 -4.78 -15.71 11.05
C SER A 9 -3.93 -16.92 10.62
N LYS A 10 -3.79 -17.09 9.32
CA LYS A 10 -3.01 -18.18 8.77
C LYS A 10 -2.91 -18.06 7.25
N ALA A 11 -1.87 -17.40 6.78
CA ALA A 11 -1.67 -17.23 5.34
C ALA A 11 -0.23 -17.55 4.99
N LYS A 12 -0.05 -18.47 4.03
CA LYS A 12 1.27 -18.90 3.59
C LYS A 12 2.02 -19.64 4.70
N GLU A 13 3.33 -19.72 4.56
CA GLU A 13 4.17 -20.39 5.52
C GLU A 13 5.50 -19.65 5.64
N GLY A 14 6.35 -20.10 6.55
CA GLY A 14 7.64 -19.46 6.74
C GLY A 14 8.11 -19.55 8.16
N VAL A 15 9.29 -19.00 8.42
CA VAL A 15 9.87 -19.02 9.76
C VAL A 15 10.05 -17.60 10.27
N VAL A 16 9.39 -17.28 11.37
CA VAL A 16 9.49 -15.95 11.96
C VAL A 16 9.83 -16.05 13.43
N ALA A 17 10.36 -14.98 14.00
CA ALA A 17 10.73 -14.97 15.41
C ALA A 17 9.58 -14.44 16.26
N ALA A 18 9.32 -15.12 17.38
CA ALA A 18 8.24 -14.70 18.28
C ALA A 18 8.65 -13.49 19.10
N ALA A 19 9.95 -13.24 19.18
CA ALA A 19 10.48 -12.11 19.94
C ALA A 19 10.69 -10.90 19.03
N GLU A 20 10.57 -11.12 17.73
CA GLU A 20 10.76 -10.05 16.76
C GLU A 20 9.43 -9.75 16.07
N LYS A 21 8.81 -8.64 16.45
CA LYS A 21 7.54 -8.28 15.86
C LYS A 21 7.34 -6.77 15.87
N THR A 22 7.26 -6.19 14.68
CA THR A 22 7.03 -4.76 14.54
C THR A 22 5.54 -4.46 14.65
N LYS A 23 5.21 -3.35 15.29
CA LYS A 23 3.81 -2.97 15.46
C LYS A 23 3.58 -1.53 15.02
N GLN A 24 4.43 -1.07 14.12
CA GLN A 24 4.34 0.30 13.62
C GLN A 24 5.07 0.43 12.31
N GLY A 25 4.99 1.61 11.70
CA GLY A 25 5.67 1.85 10.44
C GLY A 25 5.06 1.07 9.30
N VAL A 26 3.79 0.69 9.46
CA VAL A 26 3.09 -0.07 8.43
C VAL A 26 2.54 0.88 7.36
N ALA A 27 2.12 0.32 6.23
CA ALA A 27 1.59 1.11 5.15
C ALA A 27 0.07 1.20 5.28
N GLU A 28 -0.50 2.37 5.01
CA GLU A 28 -1.92 2.53 5.12
C GLU A 28 -2.49 3.35 3.96
N ALA A 29 -3.64 2.92 3.46
CA ALA A 29 -4.30 3.61 2.35
C ALA A 29 -5.16 4.75 2.86
N ALA A 30 -4.52 5.83 3.30
CA ALA A 30 -5.23 7.00 3.78
C ALA A 30 -4.45 8.27 3.49
N GLY A 31 -3.38 8.13 2.71
CA GLY A 31 -2.56 9.27 2.36
C GLY A 31 -3.01 9.87 1.05
N LYS A 32 -2.98 11.20 0.96
CA LYS A 32 -3.38 11.90 -0.25
C LYS A 32 -2.31 11.72 -1.33
N THR A 33 -2.37 10.58 -2.01
CA THR A 33 -1.42 10.25 -3.05
C THR A 33 -1.58 11.10 -4.30
N LYS A 34 -0.44 11.50 -4.88
CA LYS A 34 -0.42 12.31 -6.09
C LYS A 34 0.65 11.75 -7.02
N GLU A 35 0.55 12.07 -8.30
CA GLU A 35 1.53 11.62 -9.28
C GLU A 35 2.87 12.32 -9.03
N GLY A 36 2.81 13.63 -8.86
CA GLY A 36 4.00 14.40 -8.59
C GLY A 36 4.66 14.91 -9.86
N VAL A 37 5.98 14.89 -9.88
CA VAL A 37 6.74 15.34 -11.03
C VAL A 37 8.15 14.77 -10.96
N LEU A 38 8.75 14.54 -12.11
CA LEU A 38 10.11 14.01 -12.16
C LEU A 38 11.12 15.13 -12.16
N TYR A 39 11.95 15.18 -11.14
CA TYR A 39 12.97 16.22 -11.04
C TYR A 39 14.37 15.62 -11.09
N VAL A 40 15.16 16.09 -12.04
CA VAL A 40 16.53 15.62 -12.20
C VAL A 40 17.48 16.77 -11.91
N GLY A 41 18.68 16.46 -11.45
CA GLY A 41 19.65 17.50 -11.14
C GLY A 41 20.79 17.53 -12.13
N SER A 42 21.73 18.43 -11.91
CA SER A 42 22.89 18.57 -12.78
C SER A 42 23.83 17.38 -12.62
N LYS A 43 23.69 16.67 -11.50
CA LYS A 43 24.50 15.50 -11.22
C LYS A 43 23.68 14.25 -11.50
N THR A 44 24.25 13.35 -12.29
CA THR A 44 23.58 12.11 -12.65
C THR A 44 23.12 11.33 -11.43
N LYS A 45 24.07 10.97 -10.57
CA LYS A 45 23.78 10.19 -9.35
C LYS A 45 23.40 8.76 -9.72
N GLU A 46 23.95 7.78 -9.01
CA GLU A 46 23.64 6.38 -9.30
C GLU A 46 22.16 6.12 -9.06
N GLY A 47 21.65 6.70 -7.98
CA GLY A 47 20.25 6.53 -7.64
C GLY A 47 20.01 5.29 -6.82
N VAL A 48 21.11 4.61 -6.45
CA VAL A 48 21.04 3.39 -5.66
C VAL A 48 20.61 2.19 -6.53
N VAL A 49 21.25 1.05 -6.30
CA VAL A 49 20.95 -0.16 -7.06
C VAL A 49 19.47 -0.54 -6.93
N HIS A 50 18.77 -0.48 -8.05
CA HIS A 50 17.35 -0.80 -8.10
C HIS A 50 17.12 -2.29 -7.86
N GLY A 51 16.07 -2.60 -7.12
CA GLY A 51 15.76 -3.97 -6.81
C GLY A 51 14.43 -4.39 -7.40
N VAL A 52 13.86 -5.47 -6.86
CA VAL A 52 12.58 -5.97 -7.33
C VAL A 52 11.49 -5.75 -6.29
N ALA A 53 10.25 -5.91 -6.71
CA ALA A 53 9.11 -5.74 -5.80
C ALA A 53 8.88 -7.00 -4.97
N THR A 54 9.37 -8.13 -5.47
CA THR A 54 9.21 -9.39 -4.77
C THR A 54 10.29 -9.58 -3.72
N VAL A 55 10.07 -8.99 -2.55
CA VAL A 55 11.03 -9.09 -1.46
C VAL A 55 10.62 -10.23 -0.51
N ALA A 56 11.55 -11.11 -0.23
CA ALA A 56 11.28 -12.24 0.67
C ALA A 56 10.97 -11.76 2.09
N GLU A 57 12.01 -11.38 2.82
CA GLU A 57 11.85 -10.91 4.17
C GLU A 57 11.87 -9.38 4.19
N LYS A 58 10.68 -8.79 4.21
CA LYS A 58 10.57 -7.34 4.21
C LYS A 58 10.14 -6.83 5.59
N THR A 59 11.12 -6.37 6.35
CA THR A 59 10.87 -5.84 7.68
C THR A 59 11.05 -4.33 7.71
N LYS A 60 10.66 -3.70 8.81
CA LYS A 60 10.80 -2.25 8.97
C LYS A 60 10.60 -1.86 10.43
N GLU A 61 11.65 -2.05 11.22
CA GLU A 61 11.60 -1.74 12.65
C GLU A 61 11.38 -0.25 12.91
N GLN A 62 12.23 0.58 12.30
CA GLN A 62 12.18 2.02 12.46
C GLN A 62 12.61 2.43 13.87
N VAL A 63 13.87 2.80 14.02
CA VAL A 63 14.42 3.20 15.31
C VAL A 63 13.72 4.45 15.87
N THR A 64 12.64 4.22 16.61
CA THR A 64 11.87 5.30 17.20
C THR A 64 12.17 5.38 18.70
N ASN A 65 13.44 5.32 19.06
CA ASN A 65 13.85 5.39 20.45
C ASN A 65 14.80 6.55 20.67
N VAL A 66 15.82 6.65 19.83
CA VAL A 66 16.80 7.71 19.96
C VAL A 66 16.59 8.77 18.87
N GLY A 67 15.78 9.76 19.18
CA GLY A 67 15.50 10.82 18.24
C GLY A 67 14.22 10.62 17.47
N GLY A 68 13.81 11.64 16.72
CA GLY A 68 12.60 11.57 15.94
C GLY A 68 12.18 12.93 15.46
N ALA A 69 11.42 12.98 14.38
CA ALA A 69 10.95 14.24 13.82
C ALA A 69 9.47 14.17 13.52
N VAL A 70 8.67 14.90 14.29
CA VAL A 70 7.23 14.93 14.10
C VAL A 70 6.87 15.96 13.03
N VAL A 71 6.22 15.49 11.97
CA VAL A 71 5.82 16.37 10.87
C VAL A 71 4.32 16.30 10.65
N THR A 72 3.71 17.46 10.48
CA THR A 72 2.26 17.55 10.26
C THR A 72 1.94 17.41 8.77
N GLY A 73 2.99 17.42 7.95
CA GLY A 73 2.81 17.30 6.52
C GLY A 73 2.59 15.87 6.08
N VAL A 74 2.18 15.69 4.84
CA VAL A 74 1.92 14.36 4.29
C VAL A 74 3.21 13.59 4.04
N THR A 75 4.33 14.30 4.07
CA THR A 75 5.64 13.70 3.84
C THR A 75 6.11 12.91 5.07
N ALA A 76 5.29 12.93 6.12
CA ALA A 76 5.62 12.23 7.36
C ALA A 76 5.23 10.76 7.29
N VAL A 77 4.57 10.39 6.20
CA VAL A 77 4.15 9.01 6.00
C VAL A 77 4.48 8.56 4.58
N ALA A 78 5.20 7.45 4.47
CA ALA A 78 5.60 6.93 3.18
C ALA A 78 5.35 5.43 3.09
N GLN A 79 4.48 5.04 2.18
CA GLN A 79 4.15 3.64 2.00
C GLN A 79 5.16 2.98 1.06
N LYS A 80 5.66 1.82 1.46
CA LYS A 80 6.65 1.10 0.65
C LYS A 80 6.08 -0.21 0.14
N THR A 81 6.54 -0.62 -1.05
CA THR A 81 6.10 -1.86 -1.70
C THR A 81 4.59 -1.94 -1.88
N VAL A 82 4.04 -0.99 -2.63
CA VAL A 82 2.60 -0.96 -2.89
C VAL A 82 2.33 -1.22 -4.37
N GLU A 83 3.40 -1.58 -5.06
CA GLU A 83 3.33 -1.88 -6.48
C GLU A 83 3.35 -3.39 -6.68
N GLY A 84 3.83 -4.08 -5.66
CA GLY A 84 3.92 -5.51 -5.69
C GLY A 84 3.46 -6.12 -4.38
N ALA A 85 3.28 -7.43 -4.37
CA ALA A 85 2.83 -8.14 -3.18
C ALA A 85 3.86 -8.10 -2.06
N GLY A 86 3.71 -7.12 -1.17
CA GLY A 86 4.63 -6.98 -0.06
C GLY A 86 4.01 -7.45 1.24
N SER A 87 4.86 -7.87 2.18
CA SER A 87 4.41 -8.35 3.47
C SER A 87 3.75 -7.23 4.28
N ILE A 88 4.27 -6.02 4.12
CA ILE A 88 3.76 -4.86 4.83
C ILE A 88 2.35 -4.49 4.34
N ALA A 89 2.02 -4.93 3.14
CA ALA A 89 0.71 -4.65 2.54
C ALA A 89 -0.29 -5.74 2.91
N ALA A 90 0.23 -6.86 3.40
CA ALA A 90 -0.62 -7.98 3.80
C ALA A 90 -1.04 -7.85 5.26
N ALA A 91 -0.24 -7.10 6.03
CA ALA A 91 -0.53 -6.90 7.45
C ALA A 91 -1.57 -5.81 7.65
N THR A 92 -2.73 -5.99 7.02
CA THR A 92 -3.81 -5.03 7.13
C THR A 92 -4.62 -5.25 8.41
N GLY A 93 -5.62 -4.41 8.64
CA GLY A 93 -6.45 -4.54 9.83
C GLY A 93 -7.85 -4.94 9.47
N PHE A 94 -8.40 -4.30 8.46
CA PHE A 94 -9.76 -4.60 8.04
C PHE A 94 -9.78 -4.95 6.56
N VAL A 95 -10.56 -5.96 6.23
CA VAL A 95 -10.70 -6.40 4.85
C VAL A 95 -11.58 -5.43 4.05
N LYS A 96 -12.11 -4.43 4.73
CA LYS A 96 -12.95 -3.42 4.09
C LYS A 96 -12.16 -2.15 3.78
N LYS A 97 -10.86 -2.35 3.54
CA LYS A 97 -9.94 -1.27 3.21
C LYS A 97 -8.85 -1.85 2.32
N ASP A 98 -9.30 -2.56 1.30
CA ASP A 98 -8.45 -3.25 0.34
C ASP A 98 -7.81 -2.31 -0.69
N GLN A 99 -7.78 -1.01 -0.40
CA GLN A 99 -7.20 -0.02 -1.32
C GLN A 99 -5.67 -0.02 -1.27
N LEU A 100 -5.06 -1.18 -1.06
CA LEU A 100 -3.61 -1.28 -0.99
C LEU A 100 -3.07 -2.25 -2.03
N GLY A 101 -2.56 -1.71 -3.13
CA GLY A 101 -2.01 -2.52 -4.18
C GLY A 101 -2.13 -1.85 -5.54
N LYS A 102 -1.44 -2.39 -6.53
CA LYS A 102 -1.50 -1.84 -7.88
C LYS A 102 -1.49 -2.97 -8.90
N ASN A 103 -2.38 -2.88 -9.86
CA ASN A 103 -2.49 -3.90 -10.88
C ASN A 103 -2.13 -3.34 -12.26
N GLU A 104 -0.98 -3.75 -12.75
CA GLU A 104 -0.50 -3.32 -14.05
C GLU A 104 -0.86 -4.37 -15.09
N GLU A 105 -0.68 -4.06 -16.36
CA GLU A 105 -0.98 -5.01 -17.42
C GLU A 105 0.27 -5.81 -17.80
N GLY A 106 0.12 -6.74 -18.73
CA GLY A 106 1.25 -7.57 -19.14
C GLY A 106 1.50 -7.48 -20.63
N ALA A 107 2.76 -7.63 -21.02
CA ALA A 107 3.14 -7.56 -22.42
C ALA A 107 3.37 -8.96 -22.99
N PRO A 108 3.11 -9.15 -24.30
CA PRO A 108 3.32 -10.45 -24.96
C PRO A 108 4.76 -10.93 -24.80
N GLN A 109 4.97 -12.23 -24.90
CA GLN A 109 6.29 -12.80 -24.73
C GLN A 109 7.04 -12.95 -26.05
N GLU A 110 8.37 -12.81 -25.97
CA GLU A 110 9.25 -12.94 -27.13
C GLU A 110 9.25 -14.37 -27.66
N GLY A 111 9.58 -14.51 -28.93
CA GLY A 111 9.63 -15.81 -29.56
C GLY A 111 8.37 -16.16 -30.31
N ILE A 112 7.82 -15.21 -31.04
CA ILE A 112 6.60 -15.43 -31.79
C ILE A 112 6.72 -14.92 -33.23
N LEU A 113 6.08 -15.61 -34.17
CA LEU A 113 6.09 -15.20 -35.57
C LEU A 113 4.89 -14.30 -35.83
N GLU A 114 5.13 -13.21 -36.56
CA GLU A 114 4.08 -12.23 -36.88
C GLU A 114 3.89 -11.28 -35.70
N ASP A 115 4.30 -10.03 -35.88
CA ASP A 115 4.21 -9.02 -34.83
C ASP A 115 2.79 -8.49 -34.70
N MET A 116 1.99 -9.16 -33.88
CA MET A 116 0.61 -8.77 -33.66
C MET A 116 0.44 -7.99 -32.36
N PRO A 117 0.38 -6.65 -32.44
CA PRO A 117 0.21 -5.80 -31.27
C PRO A 117 -1.24 -5.38 -31.09
N VAL A 118 -1.48 -4.48 -30.15
CA VAL A 118 -2.82 -3.98 -29.91
C VAL A 118 -3.06 -2.73 -30.75
N ASP A 119 -4.29 -2.54 -31.18
CA ASP A 119 -4.65 -1.38 -32.00
C ASP A 119 -4.37 -0.09 -31.26
N PRO A 120 -3.85 0.94 -31.97
CA PRO A 120 -3.54 2.24 -31.36
C PRO A 120 -4.79 2.98 -30.91
N ASP A 121 -5.94 2.58 -31.46
CA ASP A 121 -7.25 3.16 -31.15
C ASP A 121 -7.21 4.69 -31.10
N ASN A 122 -7.24 5.31 -32.28
CA ASN A 122 -7.18 6.75 -32.38
C ASN A 122 -8.55 7.37 -32.62
N GLU A 123 -9.15 7.90 -31.55
CA GLU A 123 -10.44 8.54 -31.67
C GLU A 123 -10.30 9.83 -32.49
N ALA A 124 -11.25 10.08 -33.37
CA ALA A 124 -11.22 11.26 -34.22
C ALA A 124 -12.59 11.94 -34.26
N TYR A 125 -12.90 12.67 -33.20
CA TYR A 125 -14.17 13.40 -33.08
C TYR A 125 -15.36 12.45 -32.94
N GLU A 126 -15.14 11.31 -32.28
CA GLU A 126 -16.20 10.33 -32.10
C GLU A 126 -17.05 10.69 -30.88
N MET A 127 -16.37 11.00 -29.78
CA MET A 127 -17.02 11.37 -28.52
C MET A 127 -17.92 10.27 -27.99
N PRO A 128 -17.32 9.20 -27.43
CA PRO A 128 -18.07 8.07 -26.88
C PRO A 128 -18.88 8.49 -25.66
N SER A 129 -19.98 7.79 -25.41
CA SER A 129 -20.83 8.09 -24.26
C SER A 129 -20.25 7.45 -22.99
N GLU A 130 -19.02 7.00 -23.09
CA GLU A 130 -18.33 6.36 -21.98
C GLU A 130 -17.05 7.13 -21.69
N GLU A 131 -17.07 7.97 -20.66
CA GLU A 131 -15.91 8.76 -20.30
C GLU A 131 -15.40 8.41 -18.91
N GLY A 132 -14.24 8.95 -18.56
CA GLY A 132 -13.66 8.69 -17.26
C GLY A 132 -12.73 7.50 -17.28
N TYR A 133 -12.03 7.28 -16.18
CA TYR A 133 -11.11 6.15 -16.06
C TYR A 133 -11.20 5.55 -14.67
N GLN A 134 -10.82 4.29 -14.56
CA GLN A 134 -10.87 3.59 -13.27
C GLN A 134 -9.54 2.89 -13.02
N ASP A 135 -9.17 2.82 -11.76
CA ASP A 135 -7.93 2.17 -11.35
C ASP A 135 -8.22 0.70 -11.02
N TYR A 136 -7.25 0.02 -10.42
CA TYR A 136 -7.41 -1.38 -10.07
C TYR A 136 -6.82 -1.66 -8.70
N GLU A 137 -7.69 -1.98 -7.75
CA GLU A 137 -7.26 -2.30 -6.39
C GLU A 137 -7.32 -3.81 -6.16
N PRO A 138 -6.17 -4.49 -6.29
CA PRO A 138 -6.09 -5.93 -6.08
C PRO A 138 -5.55 -6.27 -4.69
N GLU A 139 -5.58 -7.55 -4.34
CA GLU A 139 -5.09 -8.00 -3.05
C GLU A 139 -3.58 -7.85 -2.96
N ALA A 140 -3.13 -6.97 -2.08
CA ALA A 140 -1.70 -6.70 -1.86
C ALA A 140 -0.99 -6.37 -3.17
N HIS B 1 -10.32 -13.86 9.28
CA HIS B 1 -11.47 -13.24 9.94
C HIS B 1 -10.98 -12.19 10.95
N VAL B 2 -11.83 -11.22 11.24
CA VAL B 2 -11.49 -10.18 12.19
C VAL B 2 -12.09 -10.52 13.56
N ASN B 3 -11.33 -11.25 14.35
CA ASN B 3 -11.76 -11.69 15.68
C ASN B 3 -12.17 -10.53 16.58
N GLU B 4 -11.61 -9.36 16.32
CA GLU B 4 -11.90 -8.17 17.13
C GLU B 4 -13.30 -7.60 16.85
N LEU B 5 -14.06 -8.28 16.01
CA LEU B 5 -15.42 -7.84 15.70
C LEU B 5 -16.42 -8.77 16.38
N SER B 6 -15.92 -9.88 16.90
CA SER B 6 -16.76 -10.85 17.57
C SER B 6 -16.48 -10.91 19.07
N ARG B 7 -15.35 -10.36 19.49
CA ARG B 7 -15.00 -10.36 20.91
C ARG B 7 -15.08 -8.98 21.53
N ILE B 8 -14.43 -8.02 20.87
CA ILE B 8 -14.41 -6.62 21.33
C ILE B 8 -13.52 -6.43 22.55
N LYS B 9 -12.25 -6.13 22.30
CA LYS B 9 -11.28 -5.89 23.37
C LYS B 9 -11.40 -4.47 23.89
N LEU B 10 -11.75 -3.56 22.99
CA LEU B 10 -11.89 -2.13 23.30
C LEU B 10 -10.63 -1.58 23.97
N ARG B 11 -9.50 -1.84 23.34
CA ARG B 11 -8.22 -1.39 23.88
C ARG B 11 -7.87 0.01 23.43
N VAL B 12 -7.84 0.94 24.38
CA VAL B 12 -7.48 2.33 24.08
C VAL B 12 -5.98 2.51 24.31
N CYS B 13 -5.29 3.02 23.30
CA CYS B 13 -3.85 3.23 23.41
C CYS B 13 -3.54 4.71 23.63
N GLN B 14 -3.15 5.05 24.85
CA GLN B 14 -2.81 6.42 25.18
C GLN B 14 -1.44 6.49 25.83
N PRO B 15 -0.47 7.12 25.16
CA PRO B 15 0.89 7.26 25.68
C PRO B 15 0.98 8.37 26.73
N SER B 16 1.93 8.23 27.63
CA SER B 16 2.13 9.21 28.69
C SER B 16 2.75 10.49 28.12
N ARG B 17 3.39 10.37 26.96
CA ARG B 17 4.01 11.50 26.29
C ARG B 17 3.80 11.39 24.79
N SER B 18 2.94 12.23 24.24
CA SER B 18 2.65 12.22 22.82
C SER B 18 3.33 13.39 22.12
N GLU B 19 4.40 13.10 21.40
CA GLU B 19 5.14 14.13 20.68
C GLU B 19 5.50 13.62 19.28
N ILE B 20 6.66 12.98 19.17
CA ILE B 20 7.10 12.42 17.90
C ILE B 20 6.47 11.06 17.68
N HIS B 21 5.31 11.04 17.03
CA HIS B 21 4.61 9.79 16.76
C HIS B 21 3.67 9.97 15.56
N PHE B 22 3.20 8.84 15.03
CA PHE B 22 2.30 8.86 13.89
C PHE B 22 1.08 7.98 14.18
N LYS B 23 0.02 8.15 13.39
CA LYS B 23 -1.20 7.37 13.59
C LYS B 23 -1.96 7.24 12.27
N VAL B 24 -2.80 6.21 12.19
CA VAL B 24 -3.62 5.94 11.01
C VAL B 24 -4.49 7.14 10.65
N LYS B 25 -4.54 7.50 9.37
CA LYS B 25 -5.33 8.65 8.92
C LYS B 25 -6.75 8.25 8.52
N MET B 26 -7.30 7.25 9.20
CA MET B 26 -8.65 6.79 8.90
C MET B 26 -9.30 6.20 10.14
N THR B 27 -10.44 6.77 10.53
CA THR B 27 -11.17 6.31 11.71
C THR B 27 -11.69 4.89 11.52
N THR B 28 -11.91 4.51 10.27
CA THR B 28 -12.40 3.17 9.94
C THR B 28 -11.30 2.13 10.21
N HIS B 29 -10.06 2.53 9.98
CA HIS B 29 -8.91 1.63 10.17
C HIS B 29 -8.26 1.88 11.52
N LEU B 30 -8.79 2.84 12.26
CA LEU B 30 -8.27 3.18 13.58
C LEU B 30 -8.53 2.03 14.54
N LYS B 31 -9.50 1.22 14.21
CA LYS B 31 -9.88 0.08 15.03
C LYS B 31 -8.86 -1.06 14.90
N LYS B 32 -7.79 -0.82 14.15
CA LYS B 32 -6.74 -1.81 13.99
C LYS B 32 -5.78 -1.68 15.18
N LEU B 33 -5.86 -0.53 15.84
CA LEU B 33 -5.03 -0.25 17.00
C LEU B 33 -5.43 -1.11 18.18
N LYS B 34 -6.66 -1.61 18.15
CA LYS B 34 -7.17 -2.46 19.22
C LYS B 34 -7.06 -3.93 18.83
N GLU B 35 -6.59 -4.17 17.60
CA GLU B 35 -6.40 -5.52 17.10
C GLU B 35 -4.94 -5.91 17.32
N SER B 36 -4.07 -4.92 17.17
CA SER B 36 -2.65 -5.12 17.36
C SER B 36 -2.28 -4.72 18.79
N TYR B 37 -0.99 -4.66 19.07
CA TYR B 37 -0.52 -4.31 20.40
C TYR B 37 0.53 -3.20 20.31
N CYS B 38 0.29 -2.11 21.03
CA CYS B 38 1.21 -0.98 21.04
C CYS B 38 2.61 -1.37 21.52
N GLN B 39 3.59 -0.53 21.23
CA GLN B 39 4.97 -0.79 21.63
C GLN B 39 5.34 0.11 22.82
N ARG B 40 6.44 -0.24 23.49
CA ARG B 40 6.91 0.55 24.62
C ARG B 40 8.31 1.07 24.35
N GLN B 41 8.46 2.38 24.39
CA GLN B 41 9.75 3.02 24.15
C GLN B 41 10.58 3.05 25.44
N MET A 1 -20.44 -8.76 7.91
CA MET A 1 -19.31 -9.69 7.90
C MET A 1 -19.13 -10.29 6.52
N ASP A 2 -19.63 -9.58 5.51
CA ASP A 2 -19.54 -10.02 4.13
C ASP A 2 -18.10 -10.10 3.66
N VAL A 3 -17.76 -11.22 3.03
CA VAL A 3 -16.41 -11.49 2.50
C VAL A 3 -15.31 -11.15 3.51
N PHE A 4 -15.48 -11.62 4.75
CA PHE A 4 -14.49 -11.38 5.79
C PHE A 4 -13.45 -12.49 5.82
N MET A 5 -12.49 -12.41 4.90
CA MET A 5 -11.43 -13.41 4.82
C MET A 5 -10.07 -12.76 5.10
N LYS A 6 -9.43 -13.19 6.17
CA LYS A 6 -8.13 -12.64 6.54
C LYS A 6 -7.02 -13.68 6.39
N GLY A 7 -6.15 -13.46 5.41
CA GLY A 7 -5.05 -14.38 5.16
C GLY A 7 -3.87 -14.14 6.10
N LEU A 8 -4.17 -13.92 7.38
CA LEU A 8 -3.12 -13.70 8.38
C LEU A 8 -3.15 -14.80 9.43
N SER A 9 -4.17 -15.65 9.35
CA SER A 9 -4.31 -16.75 10.28
C SER A 9 -3.46 -17.94 9.84
N LYS A 10 -3.44 -18.18 8.53
CA LYS A 10 -2.67 -19.28 7.98
C LYS A 10 -2.61 -19.19 6.45
N ALA A 11 -1.68 -18.39 5.95
CA ALA A 11 -1.50 -18.23 4.53
C ALA A 11 -0.06 -18.50 4.16
N LYS A 12 0.15 -19.52 3.33
CA LYS A 12 1.49 -19.92 2.89
C LYS A 12 2.25 -20.61 4.02
N GLU A 13 3.57 -20.65 3.88
CA GLU A 13 4.44 -21.27 4.88
C GLU A 13 5.71 -20.44 5.03
N GLY A 14 6.65 -20.94 5.80
CA GLY A 14 7.89 -20.22 6.01
C GLY A 14 8.38 -20.31 7.43
N VAL A 15 9.56 -19.77 7.68
CA VAL A 15 10.14 -19.78 9.01
C VAL A 15 10.32 -18.35 9.51
N VAL A 16 9.65 -18.02 10.59
CA VAL A 16 9.73 -16.68 11.18
C VAL A 16 10.11 -16.77 12.64
N ALA A 17 10.65 -15.69 13.18
CA ALA A 17 11.06 -15.66 14.57
C ALA A 17 9.92 -15.20 15.47
N ALA A 18 9.57 -16.02 16.45
CA ALA A 18 8.50 -15.70 17.38
C ALA A 18 8.93 -14.62 18.36
N ALA A 19 10.18 -14.22 18.26
CA ALA A 19 10.73 -13.18 19.13
C ALA A 19 11.09 -11.94 18.30
N GLU A 20 10.60 -11.90 17.08
CA GLU A 20 10.85 -10.79 16.19
C GLU A 20 9.57 -10.41 15.46
N LYS A 21 8.97 -9.29 15.86
CA LYS A 21 7.74 -8.84 15.25
C LYS A 21 7.58 -7.33 15.35
N THR A 22 7.56 -6.67 14.19
CA THR A 22 7.40 -5.24 14.14
C THR A 22 5.91 -4.90 14.05
N LYS A 23 5.49 -3.85 14.74
CA LYS A 23 4.09 -3.46 14.73
C LYS A 23 3.93 -1.94 14.77
N GLN A 24 4.62 -1.25 13.87
CA GLN A 24 4.54 0.20 13.83
C GLN A 24 4.80 0.74 12.43
N GLY A 25 4.05 1.78 12.07
CA GLY A 25 4.21 2.39 10.76
C GLY A 25 3.80 1.48 9.62
N VAL A 26 2.60 0.91 9.71
CA VAL A 26 2.10 0.03 8.66
C VAL A 26 1.81 0.82 7.39
N ALA A 27 1.53 0.12 6.30
CA ALA A 27 1.26 0.77 5.03
C ALA A 27 -0.20 0.57 4.61
N GLU A 28 -0.77 1.63 4.05
CA GLU A 28 -2.15 1.60 3.56
C GLU A 28 -2.49 2.88 2.80
N ALA A 29 -3.25 3.78 3.42
CA ALA A 29 -3.63 5.04 2.80
C ALA A 29 -4.21 5.98 3.84
N ALA A 30 -3.34 6.61 4.60
CA ALA A 30 -3.78 7.54 5.64
C ALA A 30 -3.24 8.94 5.38
N GLY A 31 -3.06 9.27 4.11
CA GLY A 31 -2.54 10.57 3.75
C GLY A 31 -3.31 11.18 2.58
N LYS A 32 -2.67 11.23 1.42
CA LYS A 32 -3.29 11.77 0.22
C LYS A 32 -2.43 11.45 -1.00
N THR A 33 -2.70 10.30 -1.61
CA THR A 33 -1.97 9.84 -2.78
C THR A 33 -2.07 10.83 -3.94
N LYS A 34 -0.93 11.13 -4.55
CA LYS A 34 -0.87 12.07 -5.67
C LYS A 34 0.17 11.60 -6.67
N GLU A 35 0.03 12.05 -7.91
CA GLU A 35 1.00 11.71 -8.95
C GLU A 35 2.31 12.44 -8.69
N GLY A 36 2.22 13.76 -8.67
CA GLY A 36 3.40 14.58 -8.41
C GLY A 36 3.99 15.16 -9.67
N VAL A 37 5.30 15.05 -9.79
CA VAL A 37 6.03 15.57 -10.94
C VAL A 37 7.47 15.04 -10.91
N LEU A 38 8.09 14.95 -12.07
CA LEU A 38 9.46 14.47 -12.15
C LEU A 38 10.43 15.64 -12.15
N TYR A 39 11.23 15.74 -11.10
CA TYR A 39 12.19 16.81 -10.98
C TYR A 39 13.62 16.28 -11.07
N VAL A 40 14.36 16.77 -12.05
CA VAL A 40 15.75 16.37 -12.25
C VAL A 40 16.65 17.55 -11.90
N GLY A 41 17.92 17.29 -11.66
CA GLY A 41 18.83 18.37 -11.31
C GLY A 41 20.00 18.47 -12.27
N SER A 42 20.89 19.42 -12.00
CA SER A 42 22.07 19.65 -12.82
C SER A 42 23.07 18.51 -12.63
N LYS A 43 22.84 17.71 -11.60
CA LYS A 43 23.70 16.59 -11.29
C LYS A 43 22.92 15.31 -11.56
N THR A 44 23.48 14.47 -12.43
CA THR A 44 22.85 13.21 -12.80
C THR A 44 22.51 12.35 -11.60
N LYS A 45 23.54 11.97 -10.83
CA LYS A 45 23.37 11.13 -9.64
C LYS A 45 23.01 9.69 -10.06
N GLU A 46 23.61 8.70 -9.41
CA GLU A 46 23.34 7.31 -9.74
C GLU A 46 21.87 7.01 -9.51
N GLY A 47 21.35 7.46 -8.38
CA GLY A 47 19.96 7.24 -8.05
C GLY A 47 19.77 6.01 -7.20
N VAL A 48 20.90 5.35 -6.91
CA VAL A 48 20.92 4.13 -6.12
C VAL A 48 20.48 2.92 -6.94
N VAL A 49 21.26 1.84 -6.85
CA VAL A 49 20.97 0.60 -7.58
C VAL A 49 19.52 0.18 -7.43
N HIS A 50 18.78 0.26 -8.54
CA HIS A 50 17.37 -0.09 -8.56
C HIS A 50 17.20 -1.60 -8.38
N GLY A 51 16.16 -1.98 -7.67
CA GLY A 51 15.90 -3.39 -7.44
C GLY A 51 14.54 -3.83 -7.94
N VAL A 52 14.10 -4.99 -7.49
CA VAL A 52 12.82 -5.54 -7.91
C VAL A 52 11.79 -5.41 -6.78
N ALA A 53 10.54 -5.74 -7.08
CA ALA A 53 9.46 -5.66 -6.10
C ALA A 53 9.26 -6.99 -5.40
N THR A 54 9.81 -8.05 -5.97
CA THR A 54 9.68 -9.38 -5.40
C THR A 54 10.72 -9.61 -4.30
N VAL A 55 10.69 -8.72 -3.31
CA VAL A 55 11.61 -8.80 -2.18
C VAL A 55 11.14 -9.85 -1.19
N ALA A 56 12.02 -10.81 -0.90
CA ALA A 56 11.71 -11.88 0.03
C ALA A 56 11.53 -11.37 1.46
N GLU A 57 12.63 -11.09 2.13
CA GLU A 57 12.58 -10.58 3.49
C GLU A 57 12.38 -9.07 3.50
N LYS A 58 11.15 -8.63 3.74
CA LYS A 58 10.84 -7.21 3.76
C LYS A 58 10.48 -6.73 5.16
N THR A 59 11.52 -6.41 5.93
CA THR A 59 11.37 -5.93 7.29
C THR A 59 11.23 -4.40 7.31
N LYS A 60 11.11 -3.87 8.52
CA LYS A 60 11.02 -2.43 8.75
C LYS A 60 10.93 -2.14 10.25
N GLU A 61 12.06 -2.27 10.93
CA GLU A 61 12.14 -2.05 12.37
C GLU A 61 11.87 -0.60 12.76
N GLN A 62 12.53 0.33 12.07
CA GLN A 62 12.38 1.76 12.33
C GLN A 62 12.89 2.14 13.72
N VAL A 63 14.11 2.64 13.79
CA VAL A 63 14.70 3.03 15.06
C VAL A 63 13.98 4.27 15.60
N THR A 64 13.09 4.06 16.56
CA THR A 64 12.34 5.15 17.15
C THR A 64 12.81 5.44 18.57
N ASN A 65 13.99 4.91 18.91
CA ASN A 65 14.55 5.11 20.23
C ASN A 65 15.62 6.20 20.23
N VAL A 66 16.21 6.43 19.06
CA VAL A 66 17.24 7.45 18.93
C VAL A 66 16.88 8.42 17.81
N GLY A 67 16.20 9.51 18.17
CA GLY A 67 15.82 10.51 17.19
C GLY A 67 14.32 10.63 17.06
N GLY A 68 13.88 11.42 16.10
CA GLY A 68 12.46 11.60 15.89
C GLY A 68 12.18 12.60 14.78
N ALA A 69 11.05 12.44 14.12
CA ALA A 69 10.67 13.33 13.03
C ALA A 69 9.16 13.29 12.84
N VAL A 70 8.56 14.45 12.64
CA VAL A 70 7.12 14.54 12.45
C VAL A 70 6.79 15.59 11.38
N VAL A 71 6.06 15.18 10.36
CA VAL A 71 5.69 16.08 9.27
C VAL A 71 4.19 16.34 9.30
N THR A 72 3.80 17.55 8.93
CA THR A 72 2.39 17.93 8.89
C THR A 72 1.86 17.88 7.46
N GLY A 73 2.65 17.28 6.57
CA GLY A 73 2.27 17.17 5.19
C GLY A 73 2.14 15.73 4.73
N VAL A 74 1.95 15.54 3.43
CA VAL A 74 1.79 14.20 2.86
C VAL A 74 3.09 13.40 2.92
N THR A 75 4.20 14.09 3.16
CA THR A 75 5.50 13.45 3.23
C THR A 75 5.72 12.73 4.57
N ALA A 76 4.66 12.56 5.33
CA ALA A 76 4.75 11.90 6.63
C ALA A 76 4.45 10.41 6.49
N VAL A 77 3.81 10.02 5.40
CA VAL A 77 3.46 8.64 5.14
C VAL A 77 3.78 8.28 3.69
N ALA A 78 4.54 7.21 3.49
CA ALA A 78 4.91 6.78 2.15
C ALA A 78 4.67 5.30 1.95
N GLN A 79 3.75 4.97 1.05
CA GLN A 79 3.43 3.59 0.75
C GLN A 79 4.38 3.02 -0.28
N LYS A 80 4.94 1.87 0.02
CA LYS A 80 5.85 1.20 -0.88
C LYS A 80 5.26 -0.14 -1.30
N THR A 81 5.48 -0.51 -2.54
CA THR A 81 4.97 -1.77 -3.10
C THR A 81 3.45 -1.82 -3.18
N VAL A 82 2.88 -0.94 -4.00
CA VAL A 82 1.44 -0.87 -4.22
C VAL A 82 1.17 -0.81 -5.72
N GLU A 83 2.20 -1.20 -6.47
CA GLU A 83 2.15 -1.23 -7.93
C GLU A 83 2.08 -2.68 -8.39
N GLY A 84 2.30 -3.59 -7.45
CA GLY A 84 2.29 -5.01 -7.73
C GLY A 84 2.14 -5.80 -6.44
N ALA A 85 2.32 -7.12 -6.52
CA ALA A 85 2.21 -7.98 -5.35
C ALA A 85 3.22 -7.60 -4.27
N GLY A 86 2.74 -6.95 -3.22
CA GLY A 86 3.62 -6.54 -2.14
C GLY A 86 3.24 -7.19 -0.82
N SER A 87 4.24 -7.72 -0.11
CA SER A 87 3.99 -8.38 1.17
C SER A 87 3.38 -7.44 2.21
N ILE A 88 3.74 -6.16 2.13
CA ILE A 88 3.25 -5.17 3.07
C ILE A 88 1.85 -4.68 2.74
N ALA A 89 1.34 -5.05 1.56
CA ALA A 89 0.01 -4.63 1.16
C ALA A 89 -1.05 -5.49 1.83
N ALA A 90 -0.64 -6.68 2.25
CA ALA A 90 -1.54 -7.61 2.91
C ALA A 90 -1.58 -7.38 4.41
N ALA A 91 -0.54 -6.70 4.92
CA ALA A 91 -0.44 -6.39 6.34
C ALA A 91 -1.49 -5.35 6.72
N THR A 92 -2.73 -5.83 6.83
CA THR A 92 -3.86 -4.98 7.17
C THR A 92 -4.79 -5.76 8.10
N GLY A 93 -5.59 -5.05 8.86
CA GLY A 93 -6.51 -5.68 9.77
C GLY A 93 -7.85 -6.01 9.15
N PHE A 94 -8.48 -5.00 8.57
CA PHE A 94 -9.79 -5.20 7.94
C PHE A 94 -9.68 -5.20 6.42
N VAL A 95 -10.37 -6.14 5.80
CA VAL A 95 -10.36 -6.29 4.34
C VAL A 95 -11.13 -5.20 3.63
N LYS A 96 -12.06 -4.56 4.34
CA LYS A 96 -12.88 -3.49 3.75
C LYS A 96 -12.06 -2.21 3.59
N LYS A 97 -11.02 -2.33 2.80
CA LYS A 97 -10.09 -1.26 2.50
C LYS A 97 -9.16 -1.78 1.42
N ASP A 98 -9.78 -2.50 0.50
CA ASP A 98 -9.13 -3.15 -0.63
C ASP A 98 -8.62 -2.14 -1.66
N GLN A 99 -8.70 -0.87 -1.32
CA GLN A 99 -8.27 0.21 -2.20
C GLN A 99 -6.76 0.41 -2.10
N LEU A 100 -6.01 -0.57 -2.59
CA LEU A 100 -4.56 -0.51 -2.59
C LEU A 100 -3.99 -1.40 -3.69
N GLY A 101 -3.82 -0.84 -4.89
CA GLY A 101 -3.27 -1.61 -5.99
C GLY A 101 -3.39 -0.91 -7.31
N LYS A 102 -2.81 -1.50 -8.35
CA LYS A 102 -2.84 -0.94 -9.69
C LYS A 102 -2.85 -2.06 -10.73
N ASN A 103 -3.87 -2.07 -11.58
CA ASN A 103 -3.99 -3.09 -12.61
C ASN A 103 -3.84 -2.47 -14.00
N GLU A 104 -2.71 -2.75 -14.63
CA GLU A 104 -2.44 -2.25 -15.98
C GLU A 104 -2.89 -3.29 -16.99
N GLU A 105 -2.69 -3.01 -18.28
CA GLU A 105 -3.08 -3.95 -19.31
C GLU A 105 -1.88 -4.75 -19.80
N GLY A 106 -2.08 -5.57 -20.81
CA GLY A 106 -0.98 -6.39 -21.32
C GLY A 106 -0.86 -6.33 -22.82
N ALA A 107 0.37 -6.20 -23.29
CA ALA A 107 0.64 -6.12 -24.72
C ALA A 107 0.93 -7.51 -25.29
N PRO A 108 0.57 -7.74 -26.56
CA PRO A 108 0.78 -9.03 -27.24
C PRO A 108 2.26 -9.41 -27.26
N GLN A 109 2.54 -10.69 -27.49
CA GLN A 109 3.93 -11.17 -27.48
C GLN A 109 4.52 -11.27 -28.89
N GLU A 110 5.83 -11.06 -28.96
CA GLU A 110 6.60 -11.09 -30.19
C GLU A 110 6.70 -12.50 -30.78
N GLY A 111 6.96 -12.58 -32.08
CA GLY A 111 7.08 -13.86 -32.75
C GLY A 111 5.76 -14.31 -33.32
N ILE A 112 5.07 -13.41 -33.99
CA ILE A 112 3.77 -13.70 -34.56
C ILE A 112 3.70 -13.22 -36.00
N LEU A 113 2.91 -13.90 -36.81
CA LEU A 113 2.72 -13.50 -38.20
C LEU A 113 1.41 -12.75 -38.28
N GLU A 114 1.43 -11.62 -38.99
CA GLU A 114 0.28 -10.72 -39.15
C GLU A 114 0.23 -9.72 -38.00
N ASP A 115 0.45 -8.45 -38.33
CA ASP A 115 0.47 -7.37 -37.37
C ASP A 115 -0.93 -6.94 -36.98
N MET A 116 -1.60 -7.79 -36.22
CA MET A 116 -2.96 -7.52 -35.76
C MET A 116 -2.99 -6.80 -34.41
N PRO A 117 -3.40 -5.52 -34.40
CA PRO A 117 -3.48 -4.71 -33.20
C PRO A 117 -4.91 -4.48 -32.75
N VAL A 118 -5.10 -3.45 -31.92
CA VAL A 118 -6.41 -3.06 -31.44
C VAL A 118 -6.86 -1.83 -32.21
N ASP A 119 -8.15 -1.73 -32.49
CA ASP A 119 -8.69 -0.59 -33.25
C ASP A 119 -8.39 0.72 -32.55
N PRO A 120 -7.96 1.74 -33.33
CA PRO A 120 -7.64 3.06 -32.78
C PRO A 120 -8.86 3.77 -32.23
N ASP A 121 -10.04 3.28 -32.62
CA ASP A 121 -11.34 3.83 -32.18
C ASP A 121 -11.37 5.35 -32.16
N ASN A 122 -11.77 5.94 -33.27
CA ASN A 122 -11.81 7.39 -33.38
C ASN A 122 -13.22 7.92 -33.49
N GLU A 123 -13.84 8.17 -32.35
CA GLU A 123 -15.17 8.74 -32.31
C GLU A 123 -15.20 10.02 -33.12
N ALA A 124 -16.26 10.23 -33.88
CA ALA A 124 -16.37 11.42 -34.72
C ALA A 124 -17.76 12.04 -34.65
N TYR A 125 -18.08 12.64 -33.49
CA TYR A 125 -19.37 13.31 -33.27
C TYR A 125 -20.51 12.31 -33.14
N GLU A 126 -20.28 11.25 -32.38
CA GLU A 126 -21.29 10.21 -32.16
C GLU A 126 -21.96 10.43 -30.80
N MET A 127 -21.12 10.72 -29.80
CA MET A 127 -21.56 10.97 -28.43
C MET A 127 -22.32 9.78 -27.83
N PRO A 128 -21.57 8.82 -27.26
CA PRO A 128 -22.16 7.63 -26.65
C PRO A 128 -22.84 7.98 -25.34
N SER A 129 -23.83 7.18 -24.96
CA SER A 129 -24.56 7.39 -23.72
C SER A 129 -23.83 6.67 -22.58
N GLU A 130 -22.52 6.60 -22.70
CA GLU A 130 -21.66 5.94 -21.73
C GLU A 130 -20.39 6.76 -21.56
N GLU A 131 -20.45 7.74 -20.67
CA GLU A 131 -19.31 8.61 -20.42
C GLU A 131 -18.65 8.27 -19.08
N GLY A 132 -17.54 8.94 -18.80
CA GLY A 132 -16.82 8.69 -17.57
C GLY A 132 -15.75 7.64 -17.73
N TYR A 133 -14.98 7.41 -16.67
CA TYR A 133 -13.92 6.42 -16.69
C TYR A 133 -13.80 5.74 -15.34
N GLN A 134 -13.28 4.52 -15.33
CA GLN A 134 -13.13 3.77 -14.09
C GLN A 134 -11.74 3.19 -13.98
N ASP A 135 -11.21 3.15 -12.76
CA ASP A 135 -9.90 2.60 -12.50
C ASP A 135 -10.03 1.14 -12.08
N TYR A 136 -8.93 0.52 -11.69
CA TYR A 136 -8.96 -0.88 -11.30
C TYR A 136 -8.20 -1.15 -10.02
N GLU A 137 -8.92 -1.24 -8.90
CA GLU A 137 -8.30 -1.53 -7.60
C GLU A 137 -8.47 -3.03 -7.29
N PRO A 138 -7.40 -3.83 -7.43
CA PRO A 138 -7.42 -5.28 -7.19
C PRO A 138 -6.75 -5.65 -5.86
N GLU A 139 -6.45 -6.94 -5.69
CA GLU A 139 -5.80 -7.43 -4.48
C GLU A 139 -4.31 -7.07 -4.51
N ALA A 140 -3.96 -5.91 -3.95
CA ALA A 140 -2.58 -5.45 -3.91
C ALA A 140 -1.97 -5.35 -5.30
N HIS B 1 -4.69 -14.01 12.43
CA HIS B 1 -5.81 -13.08 12.38
C HIS B 1 -5.45 -11.79 13.12
N VAL B 2 -6.46 -10.98 13.40
CA VAL B 2 -6.24 -9.73 14.10
C VAL B 2 -6.41 -9.94 15.61
N ASN B 3 -5.30 -10.18 16.29
CA ASN B 3 -5.32 -10.41 17.74
C ASN B 3 -5.87 -9.20 18.47
N GLU B 4 -5.69 -8.02 17.88
CA GLU B 4 -6.16 -6.77 18.46
C GLU B 4 -7.70 -6.75 18.48
N LEU B 5 -8.29 -7.57 17.62
CA LEU B 5 -9.74 -7.67 17.53
C LEU B 5 -10.26 -8.74 18.48
N SER B 6 -9.35 -9.44 19.13
CA SER B 6 -9.71 -10.49 20.07
C SER B 6 -9.27 -10.15 21.49
N ARG B 7 -8.53 -9.06 21.64
CA ARG B 7 -8.07 -8.64 22.96
C ARG B 7 -8.60 -7.25 23.28
N ILE B 8 -9.03 -6.53 22.23
CA ILE B 8 -9.59 -5.20 22.35
C ILE B 8 -8.65 -4.22 23.05
N LYS B 9 -7.67 -3.72 22.31
CA LYS B 9 -6.70 -2.76 22.84
C LYS B 9 -7.39 -1.46 23.24
N LEU B 10 -8.47 -1.14 22.52
CA LEU B 10 -9.28 0.07 22.75
C LEU B 10 -8.45 1.29 23.11
N ARG B 11 -7.56 1.69 22.21
CA ARG B 11 -6.72 2.84 22.44
C ARG B 11 -7.15 4.00 21.55
N VAL B 12 -7.41 5.14 22.17
CA VAL B 12 -7.81 6.34 21.46
C VAL B 12 -6.58 7.20 21.18
N CYS B 13 -6.47 7.71 19.98
CA CYS B 13 -5.35 8.56 19.62
C CYS B 13 -5.79 10.01 19.45
N GLN B 14 -5.55 10.81 20.48
CA GLN B 14 -5.92 12.22 20.45
C GLN B 14 -4.73 13.09 20.82
N PRO B 15 -4.18 13.81 19.84
CA PRO B 15 -3.05 14.71 20.06
C PRO B 15 -3.49 15.97 20.78
N SER B 16 -2.55 16.61 21.47
CA SER B 16 -2.83 17.81 22.22
C SER B 16 -2.75 19.05 21.32
N ARG B 17 -2.40 18.83 20.06
CA ARG B 17 -2.28 19.92 19.08
C ARG B 17 -2.47 19.39 17.66
N SER B 18 -3.64 19.63 17.10
CA SER B 18 -3.93 19.20 15.74
C SER B 18 -4.04 20.41 14.82
N GLU B 19 -3.15 20.48 13.86
CA GLU B 19 -3.13 21.56 12.90
C GLU B 19 -3.40 21.01 11.51
N ILE B 20 -2.34 20.80 10.74
CA ILE B 20 -2.46 20.25 9.41
C ILE B 20 -2.08 18.77 9.41
N HIS B 21 -3.07 17.92 9.26
CA HIS B 21 -2.84 16.47 9.24
C HIS B 21 -3.92 15.76 8.42
N PHE B 22 -3.92 14.44 8.47
CA PHE B 22 -4.89 13.66 7.71
C PHE B 22 -5.61 12.62 8.56
N LYS B 23 -5.91 11.49 7.95
CA LYS B 23 -6.61 10.40 8.61
C LYS B 23 -6.68 9.22 7.64
N VAL B 24 -7.22 8.10 8.11
CA VAL B 24 -7.35 6.89 7.30
C VAL B 24 -8.34 7.10 6.14
N LYS B 25 -8.05 6.48 4.99
CA LYS B 25 -8.90 6.57 3.79
C LYS B 25 -10.22 5.80 3.96
N MET B 26 -10.59 5.49 5.19
CA MET B 26 -11.82 4.77 5.47
C MET B 26 -12.08 4.74 6.97
N THR B 27 -13.29 5.12 7.36
CA THR B 27 -13.68 5.13 8.75
C THR B 27 -13.86 3.72 9.30
N THR B 28 -14.33 2.81 8.45
CA THR B 28 -14.54 1.43 8.87
C THR B 28 -13.21 0.75 9.19
N HIS B 29 -12.15 1.21 8.53
CA HIS B 29 -10.82 0.68 8.75
C HIS B 29 -9.94 1.72 9.44
N LEU B 30 -10.56 2.58 10.23
CA LEU B 30 -9.83 3.59 10.98
C LEU B 30 -9.11 2.88 12.13
N LYS B 31 -9.45 1.61 12.29
CA LYS B 31 -8.89 0.78 13.33
C LYS B 31 -7.45 0.38 13.02
N LYS B 32 -6.98 0.65 11.80
CA LYS B 32 -5.60 0.32 11.44
C LYS B 32 -4.62 1.16 12.26
N LEU B 33 -5.14 2.26 12.81
CA LEU B 33 -4.34 3.13 13.64
C LEU B 33 -3.90 2.36 14.90
N LYS B 34 -4.67 1.34 15.26
CA LYS B 34 -4.35 0.52 16.42
C LYS B 34 -3.48 -0.67 16.00
N GLU B 35 -3.38 -0.88 14.70
CA GLU B 35 -2.54 -1.95 14.14
C GLU B 35 -1.09 -1.50 14.24
N SER B 36 -0.92 -0.21 14.50
CA SER B 36 0.40 0.40 14.61
C SER B 36 0.44 1.27 15.87
N TYR B 37 1.32 2.26 15.88
CA TYR B 37 1.44 3.15 17.03
C TYR B 37 1.51 4.61 16.59
N CYS B 38 0.91 5.48 17.37
CA CYS B 38 0.89 6.91 17.08
C CYS B 38 2.26 7.53 17.29
N GLN B 39 2.59 8.54 16.48
CA GLN B 39 3.87 9.22 16.59
C GLN B 39 3.82 10.30 17.64
N ARG B 40 4.99 10.75 18.09
CA ARG B 40 5.06 11.79 19.11
C ARG B 40 5.88 12.98 18.60
N GLN B 41 5.34 14.17 18.79
CA GLN B 41 6.01 15.39 18.36
C GLN B 41 6.87 15.94 19.49
N MET A 1 -20.90 -12.19 10.77
CA MET A 1 -19.53 -12.26 10.26
C MET A 1 -19.50 -12.58 8.77
N ASP A 2 -20.18 -11.74 8.01
CA ASP A 2 -20.25 -11.88 6.55
C ASP A 2 -18.86 -11.96 5.93
N VAL A 3 -18.59 -13.09 5.26
CA VAL A 3 -17.31 -13.35 4.57
C VAL A 3 -16.10 -12.82 5.35
N PHE A 4 -15.75 -13.47 6.46
CA PHE A 4 -14.62 -13.02 7.25
C PHE A 4 -13.50 -14.06 7.31
N MET A 5 -12.47 -13.85 6.50
CA MET A 5 -11.33 -14.76 6.45
C MET A 5 -10.03 -13.98 6.35
N LYS A 6 -9.14 -14.19 7.31
CA LYS A 6 -7.86 -13.51 7.33
C LYS A 6 -6.73 -14.53 7.41
N GLY A 7 -5.83 -14.48 6.44
CA GLY A 7 -4.72 -15.41 6.42
C GLY A 7 -3.57 -14.95 7.30
N LEU A 8 -3.88 -14.50 8.50
CA LEU A 8 -2.86 -14.04 9.43
C LEU A 8 -2.97 -14.79 10.76
N SER A 9 -3.49 -16.00 10.66
CA SER A 9 -3.65 -16.87 11.82
C SER A 9 -3.01 -18.22 11.52
N LYS A 10 -3.27 -18.73 10.33
CA LYS A 10 -2.72 -20.00 9.90
C LYS A 10 -2.75 -20.11 8.38
N ALA A 11 -1.76 -19.50 7.74
CA ALA A 11 -1.66 -19.52 6.29
C ALA A 11 -0.21 -19.73 5.89
N LYS A 12 0.01 -20.70 5.00
CA LYS A 12 1.36 -21.04 4.53
C LYS A 12 2.20 -21.64 5.66
N GLU A 13 3.51 -21.61 5.48
CA GLU A 13 4.44 -22.15 6.46
C GLU A 13 5.70 -21.30 6.48
N GLY A 14 6.64 -21.68 7.34
CA GLY A 14 7.88 -20.93 7.43
C GLY A 14 8.43 -20.91 8.84
N VAL A 15 9.60 -20.31 9.01
CA VAL A 15 10.24 -20.22 10.31
C VAL A 15 10.40 -18.77 10.71
N VAL A 16 9.76 -18.39 11.82
CA VAL A 16 9.82 -17.02 12.31
C VAL A 16 10.27 -17.00 13.76
N ALA A 17 10.76 -15.85 14.21
CA ALA A 17 11.21 -15.71 15.58
C ALA A 17 10.10 -15.17 16.46
N ALA A 18 9.84 -15.87 17.56
CA ALA A 18 8.79 -15.47 18.49
C ALA A 18 9.20 -14.24 19.29
N ALA A 19 10.45 -13.82 19.11
CA ALA A 19 10.98 -12.65 19.80
C ALA A 19 11.13 -11.48 18.85
N GLU A 20 10.60 -11.64 17.64
CA GLU A 20 10.68 -10.62 16.62
C GLU A 20 9.30 -10.40 16.00
N LYS A 21 8.66 -9.31 16.35
CA LYS A 21 7.34 -9.00 15.85
C LYS A 21 7.09 -7.49 15.81
N THR A 22 7.66 -6.84 14.81
CA THR A 22 7.51 -5.41 14.63
C THR A 22 6.11 -5.05 14.15
N LYS A 23 5.47 -4.13 14.85
CA LYS A 23 4.12 -3.69 14.48
C LYS A 23 4.05 -2.17 14.47
N GLN A 24 4.90 -1.52 13.69
CA GLN A 24 4.89 -0.07 13.63
C GLN A 24 5.12 0.47 12.23
N GLY A 25 4.15 1.26 11.77
CA GLY A 25 4.24 1.86 10.45
C GLY A 25 3.74 0.96 9.34
N VAL A 26 2.51 0.50 9.48
CA VAL A 26 1.89 -0.34 8.46
C VAL A 26 1.59 0.50 7.21
N ALA A 27 2.14 0.09 6.08
CA ALA A 27 1.96 0.81 4.84
C ALA A 27 0.70 0.38 4.09
N GLU A 28 -0.45 0.86 4.54
CA GLU A 28 -1.71 0.54 3.90
C GLU A 28 -2.31 1.79 3.27
N ALA A 29 -3.45 1.64 2.61
CA ALA A 29 -4.12 2.76 1.96
C ALA A 29 -4.82 3.67 2.98
N ALA A 30 -4.03 4.39 3.76
CA ALA A 30 -4.55 5.29 4.77
C ALA A 30 -4.22 6.73 4.42
N GLY A 31 -2.96 6.96 4.06
CA GLY A 31 -2.50 8.30 3.73
C GLY A 31 -3.08 8.83 2.42
N LYS A 32 -2.79 10.09 2.14
CA LYS A 32 -3.28 10.75 0.94
C LYS A 32 -2.22 10.73 -0.15
N THR A 33 -2.32 9.75 -1.04
CA THR A 33 -1.38 9.58 -2.13
C THR A 33 -1.61 10.59 -3.25
N LYS A 34 -0.56 10.90 -3.98
CA LYS A 34 -0.62 11.85 -5.10
C LYS A 34 0.42 11.43 -6.14
N GLU A 35 0.28 11.93 -7.36
CA GLU A 35 1.23 11.61 -8.43
C GLU A 35 2.54 12.34 -8.16
N GLY A 36 2.46 13.66 -8.09
CA GLY A 36 3.64 14.46 -7.83
C GLY A 36 4.23 15.06 -9.09
N VAL A 37 5.55 15.04 -9.18
CA VAL A 37 6.25 15.58 -10.32
C VAL A 37 7.68 15.09 -10.31
N LEU A 38 8.27 14.97 -11.49
CA LEU A 38 9.65 14.52 -11.60
C LEU A 38 10.61 15.70 -11.60
N TYR A 39 11.45 15.75 -10.57
CA TYR A 39 12.42 16.84 -10.45
C TYR A 39 13.84 16.32 -10.56
N VAL A 40 14.57 16.86 -11.53
CA VAL A 40 15.96 16.47 -11.75
C VAL A 40 16.86 17.65 -11.41
N GLY A 41 18.10 17.38 -11.07
CA GLY A 41 19.02 18.44 -10.71
C GLY A 41 20.14 18.59 -11.72
N SER A 42 21.04 19.54 -11.47
CA SER A 42 22.17 19.78 -12.34
C SER A 42 23.19 18.64 -12.23
N LYS A 43 23.06 17.86 -11.17
CA LYS A 43 23.94 16.73 -10.93
C LYS A 43 23.19 15.44 -11.24
N THR A 44 23.76 14.61 -12.09
CA THR A 44 23.14 13.36 -12.50
C THR A 44 22.78 12.49 -11.30
N LYS A 45 23.80 12.11 -10.53
CA LYS A 45 23.61 11.25 -9.35
C LYS A 45 23.27 9.83 -9.78
N GLU A 46 23.88 8.84 -9.13
CA GLU A 46 23.62 7.45 -9.50
C GLU A 46 22.16 7.10 -9.23
N GLY A 47 21.66 7.60 -8.11
CA GLY A 47 20.28 7.35 -7.74
C GLY A 47 20.13 6.07 -6.95
N VAL A 48 21.25 5.42 -6.65
CA VAL A 48 21.28 4.16 -5.90
C VAL A 48 20.87 2.99 -6.79
N VAL A 49 21.61 1.89 -6.67
CA VAL A 49 21.35 0.69 -7.46
C VAL A 49 19.90 0.24 -7.31
N HIS A 50 19.16 0.33 -8.40
CA HIS A 50 17.76 -0.05 -8.42
C HIS A 50 17.61 -1.55 -8.27
N GLY A 51 16.61 -1.96 -7.50
CA GLY A 51 16.38 -3.37 -7.27
C GLY A 51 15.04 -3.83 -7.81
N VAL A 52 14.59 -4.99 -7.36
CA VAL A 52 13.31 -5.53 -7.81
C VAL A 52 12.25 -5.40 -6.73
N ALA A 53 11.00 -5.63 -7.09
CA ALA A 53 9.90 -5.52 -6.14
C ALA A 53 9.74 -6.82 -5.36
N THR A 54 10.22 -7.92 -5.94
CA THR A 54 10.12 -9.22 -5.30
C THR A 54 11.23 -9.41 -4.26
N VAL A 55 11.09 -8.73 -3.14
CA VAL A 55 12.06 -8.82 -2.06
C VAL A 55 11.71 -9.97 -1.13
N ALA A 56 12.67 -10.87 -0.92
CA ALA A 56 12.46 -12.02 -0.04
C ALA A 56 12.20 -11.59 1.40
N GLU A 57 13.25 -11.20 2.10
CA GLU A 57 13.10 -10.77 3.48
C GLU A 57 13.01 -9.26 3.55
N LYS A 58 11.79 -8.75 3.58
CA LYS A 58 11.57 -7.31 3.65
C LYS A 58 11.17 -6.88 5.06
N THR A 59 12.17 -6.54 5.85
CA THR A 59 11.96 -6.10 7.22
C THR A 59 11.70 -4.58 7.29
N LYS A 60 11.41 -4.10 8.50
CA LYS A 60 11.16 -2.68 8.75
C LYS A 60 10.89 -2.47 10.24
N GLU A 61 11.95 -2.38 11.01
CA GLU A 61 11.86 -2.19 12.44
C GLU A 61 11.50 -0.76 12.79
N GLN A 62 12.28 0.18 12.26
CA GLN A 62 12.08 1.63 12.49
C GLN A 62 12.52 2.02 13.90
N VAL A 63 13.56 2.83 13.97
CA VAL A 63 14.07 3.29 15.25
C VAL A 63 13.17 4.37 15.86
N THR A 64 12.20 3.93 16.65
CA THR A 64 11.26 4.83 17.31
C THR A 64 11.80 5.29 18.65
N ASN A 65 13.11 5.31 18.78
CA ASN A 65 13.75 5.73 20.03
C ASN A 65 14.60 6.97 19.83
N VAL A 66 15.43 6.96 18.79
CA VAL A 66 16.28 8.10 18.49
C VAL A 66 16.05 8.56 17.05
N GLY A 67 15.24 9.60 16.89
CA GLY A 67 14.96 10.12 15.57
C GLY A 67 13.47 10.27 15.32
N GLY A 68 13.12 10.83 14.18
CA GLY A 68 11.73 11.02 13.82
C GLY A 68 11.40 12.47 13.54
N ALA A 69 10.17 12.74 13.12
CA ALA A 69 9.74 14.10 12.81
C ALA A 69 8.22 14.19 12.75
N VAL A 70 7.71 15.41 12.66
CA VAL A 70 6.28 15.65 12.58
C VAL A 70 5.96 16.44 11.31
N VAL A 71 4.97 15.96 10.55
CA VAL A 71 4.60 16.62 9.30
C VAL A 71 3.08 16.64 9.12
N THR A 72 2.57 17.75 8.58
CA THR A 72 1.14 17.90 8.34
C THR A 72 0.82 17.59 6.87
N GLY A 73 1.86 17.45 6.07
CA GLY A 73 1.68 17.18 4.66
C GLY A 73 1.52 15.70 4.37
N VAL A 74 1.71 15.34 3.10
CA VAL A 74 1.59 13.95 2.68
C VAL A 74 2.90 13.19 2.89
N THR A 75 3.91 13.91 3.36
CA THR A 75 5.21 13.32 3.60
C THR A 75 5.32 12.77 5.03
N ALA A 76 4.18 12.68 5.72
CA ALA A 76 4.16 12.17 7.09
C ALA A 76 3.94 10.66 7.10
N VAL A 77 3.51 10.14 5.95
CA VAL A 77 3.26 8.72 5.78
C VAL A 77 3.71 8.30 4.38
N ALA A 78 4.54 7.27 4.30
CA ALA A 78 5.03 6.82 3.02
C ALA A 78 4.94 5.30 2.88
N GLN A 79 4.11 4.85 1.95
CA GLN A 79 3.92 3.43 1.71
C GLN A 79 5.06 2.91 0.84
N LYS A 80 5.63 1.78 1.23
CA LYS A 80 6.73 1.19 0.47
C LYS A 80 6.34 -0.17 -0.08
N THR A 81 6.79 -0.44 -1.31
CA THR A 81 6.53 -1.71 -2.01
C THR A 81 5.04 -2.00 -2.21
N VAL A 82 4.36 -1.13 -2.95
CA VAL A 82 2.94 -1.29 -3.23
C VAL A 82 2.72 -1.42 -4.74
N GLU A 83 3.80 -1.79 -5.40
CA GLU A 83 3.82 -1.97 -6.84
C GLU A 83 4.21 -3.42 -7.13
N GLY A 84 4.34 -4.19 -6.05
CA GLY A 84 4.72 -5.57 -6.16
C GLY A 84 4.46 -6.33 -4.87
N ALA A 85 4.78 -7.61 -4.86
CA ALA A 85 4.57 -8.45 -3.69
C ALA A 85 5.54 -8.12 -2.57
N GLY A 86 5.03 -7.50 -1.52
CA GLY A 86 5.87 -7.14 -0.39
C GLY A 86 5.31 -7.65 0.93
N SER A 87 6.20 -8.01 1.83
CA SER A 87 5.82 -8.53 3.14
C SER A 87 5.03 -7.49 3.94
N ILE A 88 5.38 -6.21 3.77
CA ILE A 88 4.69 -5.14 4.48
C ILE A 88 3.30 -4.91 3.90
N ALA A 89 3.05 -5.45 2.72
CA ALA A 89 1.75 -5.29 2.06
C ALA A 89 0.83 -6.44 2.43
N ALA A 90 1.36 -7.40 3.20
CA ALA A 90 0.58 -8.55 3.64
C ALA A 90 0.14 -8.35 5.08
N ALA A 91 0.78 -7.40 5.76
CA ALA A 91 0.45 -7.09 7.14
C ALA A 91 -0.66 -6.05 7.21
N THR A 92 -1.81 -6.47 7.73
CA THR A 92 -2.95 -5.58 7.85
C THR A 92 -4.06 -6.20 8.69
N GLY A 93 -5.13 -5.45 8.91
CA GLY A 93 -6.22 -5.93 9.71
C GLY A 93 -7.44 -6.26 8.88
N PHE A 94 -7.82 -5.34 8.01
CA PHE A 94 -8.99 -5.53 7.17
C PHE A 94 -8.61 -6.26 5.88
N VAL A 95 -9.23 -7.42 5.66
CA VAL A 95 -8.96 -8.21 4.47
C VAL A 95 -9.75 -7.68 3.27
N LYS A 96 -10.88 -7.03 3.55
CA LYS A 96 -11.73 -6.48 2.50
C LYS A 96 -11.26 -5.08 2.11
N LYS A 97 -10.06 -4.99 1.56
CA LYS A 97 -9.51 -3.71 1.14
C LYS A 97 -8.36 -3.93 0.19
N ASP A 98 -8.69 -4.22 -1.06
CA ASP A 98 -7.70 -4.48 -2.11
C ASP A 98 -7.10 -3.18 -2.65
N GLN A 99 -7.12 -2.13 -1.84
CA GLN A 99 -6.58 -0.82 -2.23
C GLN A 99 -5.08 -0.77 -1.93
N LEU A 100 -4.37 -1.85 -2.27
CA LEU A 100 -2.94 -1.94 -2.02
C LEU A 100 -2.22 -2.65 -3.16
N GLY A 101 -2.06 -1.94 -4.27
CA GLY A 101 -1.37 -2.50 -5.42
C GLY A 101 -1.52 -1.63 -6.65
N LYS A 102 -0.78 -1.98 -7.69
CA LYS A 102 -0.82 -1.24 -8.95
C LYS A 102 -0.56 -2.19 -10.10
N ASN A 103 -1.47 -2.23 -11.04
CA ASN A 103 -1.32 -3.12 -12.18
C ASN A 103 -0.97 -2.36 -13.44
N GLU A 104 0.20 -2.67 -13.97
CA GLU A 104 0.70 -2.05 -15.20
C GLU A 104 0.51 -3.03 -16.35
N GLU A 105 0.79 -2.59 -17.56
CA GLU A 105 0.66 -3.46 -18.72
C GLU A 105 1.99 -4.09 -19.11
N GLY A 106 1.98 -4.89 -20.16
CA GLY A 106 3.19 -5.56 -20.60
C GLY A 106 3.49 -5.33 -22.06
N ALA A 107 4.77 -5.19 -22.39
CA ALA A 107 5.21 -4.98 -23.75
C ALA A 107 5.65 -6.30 -24.39
N PRO A 108 5.48 -6.43 -25.72
CA PRO A 108 5.89 -7.64 -26.45
C PRO A 108 7.37 -7.93 -26.26
N GLN A 109 7.78 -9.17 -26.51
CA GLN A 109 9.17 -9.56 -26.33
C GLN A 109 9.98 -9.49 -27.62
N GLU A 110 11.27 -9.21 -27.47
CA GLU A 110 12.20 -9.11 -28.60
C GLU A 110 12.43 -10.48 -29.25
N GLY A 111 12.88 -10.44 -30.50
CA GLY A 111 13.15 -11.66 -31.23
C GLY A 111 11.97 -12.12 -32.03
N ILE A 112 11.31 -11.19 -32.71
CA ILE A 112 10.13 -11.51 -33.51
C ILE A 112 10.21 -10.88 -34.91
N LEU A 113 9.66 -11.58 -35.90
CA LEU A 113 9.63 -11.06 -37.27
C LEU A 113 8.31 -10.36 -37.51
N GLU A 114 8.38 -9.19 -38.17
CA GLU A 114 7.22 -8.36 -38.45
C GLU A 114 6.89 -7.51 -37.22
N ASP A 115 7.09 -6.20 -37.36
CA ASP A 115 6.88 -5.26 -36.27
C ASP A 115 5.39 -4.95 -36.11
N MET A 116 4.69 -5.83 -35.42
CA MET A 116 3.26 -5.66 -35.19
C MET A 116 2.97 -5.04 -33.83
N PRO A 117 2.60 -3.75 -33.80
CA PRO A 117 2.29 -3.04 -32.57
C PRO A 117 0.79 -2.89 -32.37
N VAL A 118 0.41 -2.02 -31.44
CA VAL A 118 -0.99 -1.74 -31.17
C VAL A 118 -1.39 -0.48 -31.92
N ASP A 119 -2.63 -0.44 -32.38
CA ASP A 119 -3.14 0.72 -33.11
C ASP A 119 -3.05 1.98 -32.27
N PRO A 120 -2.63 3.11 -32.89
CA PRO A 120 -2.50 4.39 -32.20
C PRO A 120 -3.86 4.95 -31.75
N ASP A 121 -4.93 4.44 -32.38
CA ASP A 121 -6.32 4.84 -32.08
C ASP A 121 -6.47 6.35 -31.91
N ASN A 122 -6.65 7.03 -33.04
CA ASN A 122 -6.79 8.48 -33.03
C ASN A 122 -8.21 8.92 -33.30
N GLU A 123 -8.95 9.16 -32.23
CA GLU A 123 -10.32 9.63 -32.35
C GLU A 123 -10.33 10.97 -33.06
N ALA A 124 -11.28 11.17 -33.97
CA ALA A 124 -11.36 12.40 -34.73
C ALA A 124 -12.80 12.91 -34.81
N TYR A 125 -13.28 13.46 -33.69
CA TYR A 125 -14.64 14.01 -33.58
C TYR A 125 -15.69 12.90 -33.59
N GLU A 126 -15.38 11.77 -32.97
CA GLU A 126 -16.32 10.65 -32.91
C GLU A 126 -17.23 10.78 -31.69
N MET A 127 -16.61 11.05 -30.55
CA MET A 127 -17.32 11.21 -29.29
C MET A 127 -18.06 9.95 -28.87
N PRO A 128 -17.33 8.95 -28.34
CA PRO A 128 -17.91 7.68 -27.91
C PRO A 128 -18.81 7.87 -26.68
N SER A 129 -19.79 6.99 -26.53
CA SER A 129 -20.71 7.06 -25.40
C SER A 129 -20.11 6.37 -24.18
N GLU A 130 -18.80 6.23 -24.21
CA GLU A 130 -18.04 5.58 -23.15
C GLU A 130 -16.88 6.49 -22.76
N GLU A 131 -17.08 7.28 -21.71
CA GLU A 131 -16.06 8.20 -21.24
C GLU A 131 -15.57 7.81 -19.85
N GLY A 132 -14.53 8.49 -19.40
CA GLY A 132 -13.97 8.21 -18.09
C GLY A 132 -12.85 7.19 -18.17
N TYR A 133 -12.19 6.95 -17.04
CA TYR A 133 -11.09 5.99 -16.99
C TYR A 133 -11.13 5.24 -15.67
N GLN A 134 -10.54 4.06 -15.63
CA GLN A 134 -10.52 3.25 -14.42
C GLN A 134 -9.11 2.74 -14.14
N ASP A 135 -8.80 2.56 -12.87
CA ASP A 135 -7.51 2.05 -12.45
C ASP A 135 -7.60 0.54 -12.26
N TYR A 136 -6.60 -0.06 -11.65
CA TYR A 136 -6.60 -1.50 -11.42
C TYR A 136 -6.07 -1.83 -10.04
N GLU A 137 -6.94 -2.34 -9.18
CA GLU A 137 -6.55 -2.72 -7.83
C GLU A 137 -6.35 -4.23 -7.75
N PRO A 138 -5.11 -4.72 -7.83
CA PRO A 138 -4.81 -6.14 -7.76
C PRO A 138 -4.28 -6.53 -6.37
N GLU A 139 -4.13 -7.83 -6.14
CA GLU A 139 -3.63 -8.30 -4.85
C GLU A 139 -2.14 -7.95 -4.68
N ALA A 140 -1.87 -6.83 -4.01
CA ALA A 140 -0.50 -6.37 -3.75
C ALA A 140 0.31 -6.21 -5.03
N HIS B 1 -5.98 -13.77 11.21
CA HIS B 1 -7.02 -12.86 11.66
C HIS B 1 -6.42 -11.67 12.38
N VAL B 2 -7.24 -10.95 13.12
CA VAL B 2 -6.76 -9.79 13.86
C VAL B 2 -6.34 -10.21 15.26
N ASN B 3 -5.09 -10.67 15.36
CA ASN B 3 -4.52 -11.16 16.61
C ASN B 3 -4.67 -10.16 17.75
N GLU B 4 -4.43 -8.88 17.46
CA GLU B 4 -4.52 -7.82 18.46
C GLU B 4 -5.93 -7.60 18.99
N LEU B 5 -6.93 -8.13 18.27
CA LEU B 5 -8.32 -7.97 18.66
C LEU B 5 -8.72 -9.06 19.66
N SER B 6 -7.97 -10.16 19.67
CA SER B 6 -8.26 -11.28 20.56
C SER B 6 -7.59 -11.07 21.93
N ARG B 7 -6.93 -9.94 22.10
CA ARG B 7 -6.24 -9.64 23.35
C ARG B 7 -6.53 -8.21 23.81
N ILE B 8 -6.73 -7.32 22.84
CA ILE B 8 -7.03 -5.91 23.11
C ILE B 8 -5.91 -5.19 23.87
N LYS B 9 -4.98 -4.60 23.12
CA LYS B 9 -3.88 -3.88 23.73
C LYS B 9 -4.34 -2.53 24.25
N LEU B 10 -5.28 -1.93 23.52
CA LEU B 10 -5.87 -0.63 23.88
C LEU B 10 -4.80 0.44 24.09
N ARG B 11 -4.26 0.94 23.00
CA ARG B 11 -3.23 1.96 23.08
C ARG B 11 -3.75 3.30 22.59
N VAL B 12 -3.72 4.29 23.48
CA VAL B 12 -4.17 5.63 23.14
C VAL B 12 -2.96 6.46 22.70
N CYS B 13 -3.04 7.06 21.52
CA CYS B 13 -1.95 7.87 21.00
C CYS B 13 -2.26 9.35 21.18
N GLN B 14 -1.71 9.96 22.22
CA GLN B 14 -1.90 11.38 22.50
C GLN B 14 -0.56 12.07 22.63
N PRO B 15 -0.22 12.92 21.65
CA PRO B 15 1.04 13.67 21.66
C PRO B 15 0.97 14.85 22.61
N SER B 16 2.14 15.29 23.08
CA SER B 16 2.22 16.40 24.01
C SER B 16 2.03 17.74 23.29
N ARG B 17 2.14 17.71 21.96
CA ARG B 17 1.96 18.91 21.16
C ARG B 17 1.36 18.57 19.81
N SER B 18 0.07 18.88 19.63
CA SER B 18 -0.61 18.64 18.38
C SER B 18 -0.90 19.96 17.68
N GLU B 19 -0.28 20.15 16.53
CA GLU B 19 -0.46 21.36 15.76
C GLU B 19 -0.68 21.02 14.30
N ILE B 20 0.42 20.83 13.58
CA ILE B 20 0.36 20.50 12.17
C ILE B 20 0.44 18.98 11.95
N HIS B 21 -0.73 18.34 11.83
CA HIS B 21 -0.80 16.91 11.59
C HIS B 21 -2.20 16.54 11.11
N PHE B 22 -2.38 15.31 10.64
CA PHE B 22 -3.67 14.86 10.15
C PHE B 22 -4.10 13.53 10.78
N LYS B 23 -4.97 12.81 10.09
CA LYS B 23 -5.47 11.53 10.56
C LYS B 23 -5.92 10.68 9.37
N VAL B 24 -6.53 9.54 9.68
CA VAL B 24 -7.02 8.63 8.65
C VAL B 24 -8.32 9.17 8.03
N LYS B 25 -8.57 8.79 6.78
CA LYS B 25 -9.76 9.22 6.05
C LYS B 25 -11.03 8.65 6.68
N MET B 26 -10.97 7.42 7.12
CA MET B 26 -12.13 6.75 7.69
C MET B 26 -12.06 6.70 9.21
N THR B 27 -13.17 7.05 9.84
CA THR B 27 -13.28 7.04 11.29
C THR B 27 -13.33 5.59 11.78
N THR B 28 -13.79 4.71 10.91
CA THR B 28 -13.89 3.29 11.21
C THR B 28 -12.49 2.69 11.23
N HIS B 29 -11.57 3.36 10.54
CA HIS B 29 -10.18 2.93 10.45
C HIS B 29 -9.38 3.33 11.68
N LEU B 30 -10.05 3.95 12.64
CA LEU B 30 -9.42 4.39 13.87
C LEU B 30 -8.92 3.18 14.66
N LYS B 31 -9.49 2.02 14.35
CA LYS B 31 -9.12 0.78 15.02
C LYS B 31 -7.79 0.25 14.52
N LYS B 32 -7.25 0.85 13.46
CA LYS B 32 -5.98 0.45 12.91
C LYS B 32 -4.82 1.11 13.64
N LEU B 33 -5.15 2.11 14.45
CA LEU B 33 -4.15 2.85 15.20
C LEU B 33 -3.61 2.01 16.37
N LYS B 34 -4.23 0.86 16.60
CA LYS B 34 -3.80 -0.04 17.66
C LYS B 34 -3.02 -1.22 17.09
N GLU B 35 -3.04 -1.34 15.77
CA GLU B 35 -2.32 -2.40 15.08
C GLU B 35 -0.89 -1.96 14.90
N SER B 36 -0.74 -0.69 14.51
CA SER B 36 0.56 -0.08 14.30
C SER B 36 0.91 0.81 15.49
N TYR B 37 2.10 1.38 15.46
CA TYR B 37 2.53 2.26 16.53
C TYR B 37 2.96 3.61 15.99
N CYS B 38 2.62 4.66 16.73
CA CYS B 38 2.95 6.02 16.34
C CYS B 38 4.46 6.22 16.38
N GLN B 39 5.01 6.78 15.31
CA GLN B 39 6.43 7.03 15.23
C GLN B 39 6.80 8.25 16.08
N ARG B 40 7.91 8.15 16.79
CA ARG B 40 8.36 9.25 17.63
C ARG B 40 9.18 10.24 16.84
N GLN B 41 9.40 11.41 17.40
CA GLN B 41 10.18 12.45 16.74
C GLN B 41 11.50 12.67 17.46
N MET A 1 -20.38 -6.78 7.41
CA MET A 1 -19.70 -8.06 7.51
C MET A 1 -19.52 -8.68 6.13
N ASP A 2 -20.00 -7.96 5.13
CA ASP A 2 -19.91 -8.39 3.74
C ASP A 2 -18.47 -8.66 3.34
N VAL A 3 -18.23 -9.88 2.88
CA VAL A 3 -16.92 -10.34 2.43
C VAL A 3 -15.82 -10.03 3.45
N PHE A 4 -15.82 -10.75 4.57
CA PHE A 4 -14.81 -10.55 5.59
C PHE A 4 -14.09 -11.86 5.90
N MET A 5 -12.85 -11.95 5.47
CA MET A 5 -12.05 -13.15 5.70
C MET A 5 -10.61 -12.77 6.07
N LYS A 6 -10.24 -13.01 7.31
CA LYS A 6 -8.90 -12.71 7.78
C LYS A 6 -7.96 -13.87 7.48
N GLY A 7 -7.22 -13.76 6.38
CA GLY A 7 -6.29 -14.81 5.98
C GLY A 7 -5.03 -14.85 6.83
N LEU A 8 -5.01 -14.05 7.89
CA LEU A 8 -3.87 -14.00 8.79
C LEU A 8 -3.95 -15.10 9.85
N SER A 9 -4.77 -16.10 9.60
CA SER A 9 -4.93 -17.20 10.52
C SER A 9 -3.97 -18.34 10.19
N LYS A 10 -3.89 -18.69 8.92
CA LYS A 10 -3.00 -19.75 8.45
C LYS A 10 -2.96 -19.81 6.94
N ALA A 11 -2.10 -19.02 6.35
CA ALA A 11 -1.94 -18.99 4.90
C ALA A 11 -0.50 -19.29 4.51
N LYS A 12 -0.30 -20.40 3.82
CA LYS A 12 1.03 -20.83 3.37
C LYS A 12 1.86 -21.35 4.54
N GLU A 13 3.17 -21.42 4.33
CA GLU A 13 4.10 -21.88 5.34
C GLU A 13 5.34 -21.01 5.32
N GLY A 14 6.34 -21.37 6.11
CA GLY A 14 7.57 -20.60 6.16
C GLY A 14 8.13 -20.49 7.56
N VAL A 15 9.29 -19.86 7.66
CA VAL A 15 9.94 -19.67 8.95
C VAL A 15 10.06 -18.19 9.25
N VAL A 16 9.49 -17.76 10.38
CA VAL A 16 9.54 -16.36 10.78
C VAL A 16 9.99 -16.24 12.23
N ALA A 17 10.47 -15.07 12.60
CA ALA A 17 10.93 -14.84 13.96
C ALA A 17 9.77 -14.38 14.84
N ALA A 18 9.48 -15.15 15.88
CA ALA A 18 8.39 -14.82 16.81
C ALA A 18 8.72 -13.58 17.62
N ALA A 19 9.98 -13.16 17.56
CA ALA A 19 10.43 -11.98 18.27
C ALA A 19 10.56 -10.79 17.32
N GLU A 20 9.99 -10.94 16.13
CA GLU A 20 10.03 -9.90 15.12
C GLU A 20 8.63 -9.61 14.61
N LYS A 21 8.00 -8.58 15.17
CA LYS A 21 6.67 -8.20 14.76
C LYS A 21 6.50 -6.69 14.90
N THR A 22 7.32 -5.97 14.14
CA THR A 22 7.30 -4.52 14.13
C THR A 22 5.95 -3.99 13.63
N LYS A 23 5.25 -3.27 14.49
CA LYS A 23 3.94 -2.73 14.14
C LYS A 23 4.00 -1.26 13.81
N GLN A 24 5.20 -0.76 13.53
CA GLN A 24 5.38 0.65 13.20
C GLN A 24 5.89 0.84 11.79
N GLY A 25 5.29 1.80 11.08
CA GLY A 25 5.70 2.08 9.72
C GLY A 25 5.05 1.13 8.74
N VAL A 26 3.78 0.81 8.99
CA VAL A 26 3.01 -0.08 8.13
C VAL A 26 2.87 0.51 6.73
N ALA A 27 3.26 -0.24 5.73
CA ALA A 27 3.18 0.21 4.35
C ALA A 27 1.80 -0.06 3.77
N GLU A 28 0.84 0.74 4.20
CA GLU A 28 -0.53 0.62 3.72
C GLU A 28 -1.01 1.94 3.15
N ALA A 29 -2.06 1.89 2.35
CA ALA A 29 -2.60 3.10 1.76
C ALA A 29 -3.48 3.85 2.76
N ALA A 30 -2.82 4.56 3.67
CA ALA A 30 -3.53 5.34 4.68
C ALA A 30 -3.50 6.82 4.33
N GLY A 31 -2.71 7.16 3.32
CA GLY A 31 -2.60 8.54 2.91
C GLY A 31 -3.16 8.77 1.52
N LYS A 32 -3.24 10.03 1.12
CA LYS A 32 -3.77 10.40 -0.19
C LYS A 32 -2.72 10.16 -1.28
N THR A 33 -2.77 8.97 -1.84
CA THR A 33 -1.86 8.55 -2.88
C THR A 33 -2.00 9.41 -4.14
N LYS A 34 -0.87 9.78 -4.73
CA LYS A 34 -0.84 10.59 -5.93
C LYS A 34 0.28 10.11 -6.83
N GLU A 35 0.31 10.58 -8.07
CA GLU A 35 1.37 10.22 -9.00
C GLU A 35 2.62 11.03 -8.68
N GLY A 36 2.50 12.35 -8.78
CA GLY A 36 3.60 13.23 -8.47
C GLY A 36 4.18 13.87 -9.71
N VAL A 37 5.50 13.90 -9.78
CA VAL A 37 6.20 14.49 -10.91
C VAL A 37 7.67 14.08 -10.86
N LEU A 38 8.32 14.03 -12.01
CA LEU A 38 9.72 13.65 -12.08
C LEU A 38 10.61 14.88 -12.06
N TYR A 39 11.40 15.01 -11.00
CA TYR A 39 12.29 16.15 -10.88
C TYR A 39 13.75 15.70 -10.94
N VAL A 40 14.48 16.24 -11.89
CA VAL A 40 15.89 15.92 -12.07
C VAL A 40 16.72 17.17 -11.72
N GLY A 41 17.99 16.98 -11.43
CA GLY A 41 18.83 18.11 -11.08
C GLY A 41 19.99 18.29 -12.02
N SER A 42 20.83 19.28 -11.73
CA SER A 42 22.00 19.57 -12.54
C SER A 42 23.07 18.49 -12.33
N LYS A 43 22.88 17.71 -11.28
CA LYS A 43 23.80 16.62 -10.96
C LYS A 43 23.11 15.30 -11.22
N THR A 44 23.73 14.49 -12.08
CA THR A 44 23.18 13.20 -12.46
C THR A 44 22.86 12.32 -11.25
N LYS A 45 23.90 12.02 -10.46
CA LYS A 45 23.76 11.18 -9.27
C LYS A 45 23.50 9.72 -9.69
N GLU A 46 24.13 8.77 -9.01
CA GLU A 46 23.95 7.36 -9.34
C GLU A 46 22.50 6.96 -9.12
N GLY A 47 21.95 7.41 -8.01
CA GLY A 47 20.57 7.11 -7.70
C GLY A 47 20.45 5.86 -6.86
N VAL A 48 21.61 5.29 -6.53
CA VAL A 48 21.67 4.06 -5.72
C VAL A 48 21.34 2.83 -6.58
N VAL A 49 22.16 1.79 -6.43
CA VAL A 49 21.98 0.54 -7.17
C VAL A 49 20.54 0.04 -7.06
N HIS A 50 19.83 0.06 -8.18
CA HIS A 50 18.45 -0.39 -8.22
C HIS A 50 18.36 -1.90 -8.04
N GLY A 51 17.34 -2.34 -7.33
CA GLY A 51 17.16 -3.76 -7.09
C GLY A 51 15.84 -4.27 -7.61
N VAL A 52 15.49 -5.48 -7.19
CA VAL A 52 14.24 -6.10 -7.62
C VAL A 52 13.18 -6.02 -6.52
N ALA A 53 11.96 -6.38 -6.86
CA ALA A 53 10.86 -6.34 -5.90
C ALA A 53 10.73 -7.68 -5.18
N THR A 54 11.33 -8.72 -5.75
CA THR A 54 11.27 -10.04 -5.17
C THR A 54 12.32 -10.21 -4.07
N VAL A 55 12.22 -9.37 -3.04
CA VAL A 55 13.16 -9.41 -1.92
C VAL A 55 12.73 -10.48 -0.93
N ALA A 56 13.66 -11.38 -0.60
CA ALA A 56 13.38 -12.47 0.33
C ALA A 56 13.09 -11.94 1.74
N GLU A 57 14.14 -11.58 2.47
CA GLU A 57 13.97 -11.07 3.81
C GLU A 57 13.78 -9.56 3.80
N LYS A 58 12.52 -9.15 3.79
CA LYS A 58 12.19 -7.73 3.77
C LYS A 58 11.76 -7.29 5.17
N THR A 59 12.74 -6.97 5.98
CA THR A 59 12.52 -6.55 7.35
C THR A 59 12.39 -5.02 7.46
N LYS A 60 12.17 -4.54 8.69
CA LYS A 60 12.04 -3.11 8.96
C LYS A 60 11.81 -2.88 10.45
N GLU A 61 12.90 -2.74 11.20
CA GLU A 61 12.79 -2.50 12.65
C GLU A 61 12.50 -1.04 12.94
N GLN A 62 13.37 -0.15 12.44
CA GLN A 62 13.24 1.30 12.63
C GLN A 62 13.63 1.70 14.05
N VAL A 63 14.81 2.30 14.19
CA VAL A 63 15.29 2.72 15.50
C VAL A 63 14.55 3.96 16.02
N THR A 64 13.44 3.71 16.69
CA THR A 64 12.62 4.79 17.26
C THR A 64 13.08 5.13 18.67
N ASN A 65 14.29 4.71 19.03
CA ASN A 65 14.81 4.98 20.36
C ASN A 65 15.85 6.10 20.33
N VAL A 66 16.32 6.44 19.14
CA VAL A 66 17.32 7.50 18.99
C VAL A 66 16.89 8.49 17.91
N GLY A 67 15.99 9.38 18.27
CA GLY A 67 15.53 10.39 17.32
C GLY A 67 14.02 10.35 17.13
N GLY A 68 13.55 11.13 16.18
CA GLY A 68 12.12 11.17 15.91
C GLY A 68 11.79 12.24 14.89
N ALA A 69 10.73 12.03 14.13
CA ALA A 69 10.30 12.97 13.11
C ALA A 69 8.82 12.80 12.85
N VAL A 70 8.11 13.92 12.71
CA VAL A 70 6.68 13.90 12.45
C VAL A 70 6.27 15.11 11.62
N VAL A 71 5.41 14.90 10.64
CA VAL A 71 4.95 15.97 9.78
C VAL A 71 3.43 15.91 9.62
N THR A 72 2.83 17.04 9.30
CA THR A 72 1.40 17.12 9.10
C THR A 72 1.09 16.98 7.60
N GLY A 73 1.93 16.24 6.91
CA GLY A 73 1.74 16.04 5.49
C GLY A 73 1.95 14.60 5.09
N VAL A 74 1.85 14.32 3.80
CA VAL A 74 2.02 12.96 3.29
C VAL A 74 3.48 12.54 3.27
N THR A 75 4.37 13.51 3.48
CA THR A 75 5.81 13.25 3.48
C THR A 75 6.29 12.79 4.86
N ALA A 76 5.38 12.27 5.67
CA ALA A 76 5.71 11.80 7.01
C ALA A 76 5.79 10.27 7.03
N VAL A 77 5.53 9.66 5.89
CA VAL A 77 5.57 8.22 5.75
C VAL A 77 6.15 7.86 4.39
N ALA A 78 6.64 6.63 4.24
CA ALA A 78 7.22 6.20 2.98
C ALA A 78 6.93 4.73 2.72
N GLN A 79 5.83 4.46 2.03
CA GLN A 79 5.45 3.09 1.72
C GLN A 79 6.44 2.47 0.74
N LYS A 80 7.00 1.34 1.12
CA LYS A 80 7.95 0.65 0.28
C LYS A 80 7.37 -0.68 -0.19
N THR A 81 7.51 -0.94 -1.48
CA THR A 81 7.02 -2.16 -2.12
C THR A 81 5.51 -2.30 -2.18
N VAL A 82 4.90 -1.45 -2.99
CA VAL A 82 3.46 -1.49 -3.22
C VAL A 82 3.24 -1.64 -4.72
N GLU A 83 4.35 -1.90 -5.42
CA GLU A 83 4.36 -2.08 -6.85
C GLU A 83 4.16 -3.56 -7.15
N GLY A 84 4.48 -4.39 -6.16
CA GLY A 84 4.36 -5.83 -6.30
C GLY A 84 4.19 -6.48 -4.94
N ALA A 85 4.17 -7.82 -4.93
CA ALA A 85 4.01 -8.58 -3.71
C ALA A 85 5.07 -8.24 -2.67
N GLY A 86 4.67 -7.51 -1.64
CA GLY A 86 5.58 -7.14 -0.59
C GLY A 86 5.16 -7.74 0.74
N SER A 87 6.14 -8.19 1.51
CA SER A 87 5.86 -8.79 2.80
C SER A 87 5.29 -7.78 3.80
N ILE A 88 5.65 -6.52 3.61
CA ILE A 88 5.19 -5.44 4.49
C ILE A 88 3.80 -4.94 4.06
N ALA A 89 3.32 -5.46 2.94
CA ALA A 89 2.02 -5.07 2.41
C ALA A 89 0.96 -6.10 2.77
N ALA A 90 1.30 -6.99 3.70
CA ALA A 90 0.38 -8.04 4.14
C ALA A 90 0.21 -8.01 5.66
N ALA A 91 0.71 -6.95 6.29
CA ALA A 91 0.61 -6.80 7.73
C ALA A 91 -0.41 -5.76 8.12
N THR A 92 -1.65 -6.19 8.32
CA THR A 92 -2.71 -5.28 8.69
C THR A 92 -3.87 -6.02 9.36
N GLY A 93 -4.54 -5.35 10.28
CA GLY A 93 -5.67 -5.95 10.95
C GLY A 93 -6.85 -5.99 10.04
N PHE A 94 -7.21 -4.84 9.50
CA PHE A 94 -8.30 -4.77 8.56
C PHE A 94 -7.80 -5.23 7.21
N VAL A 95 -7.93 -6.54 6.98
CA VAL A 95 -7.47 -7.18 5.75
C VAL A 95 -8.15 -6.61 4.50
N LYS A 96 -9.25 -5.89 4.70
CA LYS A 96 -9.98 -5.29 3.60
C LYS A 96 -9.27 -4.04 3.10
N LYS A 97 -8.06 -4.24 2.60
CA LYS A 97 -7.24 -3.15 2.08
C LYS A 97 -6.81 -3.49 0.67
N ASP A 98 -7.79 -3.48 -0.24
CA ASP A 98 -7.56 -3.79 -1.65
C ASP A 98 -6.59 -2.79 -2.25
N GLN A 99 -6.59 -1.58 -1.69
CA GLN A 99 -5.72 -0.51 -2.14
C GLN A 99 -4.29 -0.73 -1.63
N LEU A 100 -3.62 -1.72 -2.23
CA LEU A 100 -2.25 -2.08 -1.87
C LEU A 100 -1.63 -2.94 -2.97
N GLY A 101 -1.52 -2.40 -4.17
CA GLY A 101 -0.94 -3.14 -5.27
C GLY A 101 -1.11 -2.46 -6.61
N LYS A 102 -0.59 -3.07 -7.66
CA LYS A 102 -0.69 -2.50 -8.99
C LYS A 102 -0.75 -3.62 -10.03
N ASN A 103 -1.70 -3.52 -10.95
CA ASN A 103 -1.88 -4.52 -11.99
C ASN A 103 -1.60 -3.93 -13.36
N GLU A 104 -0.52 -4.38 -13.99
CA GLU A 104 -0.15 -3.92 -15.33
C GLU A 104 -0.64 -4.96 -16.34
N GLU A 105 -0.36 -4.74 -17.61
CA GLU A 105 -0.76 -5.67 -18.64
C GLU A 105 0.40 -6.57 -19.06
N GLY A 106 0.18 -7.41 -20.07
CA GLY A 106 1.22 -8.30 -20.51
C GLY A 106 1.44 -8.25 -22.01
N ALA A 107 2.69 -8.24 -22.41
CA ALA A 107 3.05 -8.20 -23.82
C ALA A 107 3.26 -9.61 -24.37
N PRO A 108 2.96 -9.83 -25.67
CA PRO A 108 3.14 -11.13 -26.31
C PRO A 108 4.58 -11.61 -26.23
N GLN A 109 4.79 -12.90 -26.43
CA GLN A 109 6.13 -13.47 -26.34
C GLN A 109 6.79 -13.64 -27.70
N GLU A 110 8.12 -13.53 -27.68
CA GLU A 110 8.95 -13.65 -28.87
C GLU A 110 8.95 -15.08 -29.42
N GLY A 111 9.27 -15.20 -30.70
CA GLY A 111 9.32 -16.48 -31.37
C GLY A 111 8.00 -16.85 -32.00
N ILE A 112 7.41 -15.92 -32.73
CA ILE A 112 6.13 -16.14 -33.36
C ILE A 112 6.16 -15.68 -34.81
N LEU A 113 5.39 -16.34 -35.66
CA LEU A 113 5.30 -15.96 -37.05
C LEU A 113 4.06 -15.09 -37.23
N GLU A 114 4.23 -13.98 -37.94
CA GLU A 114 3.15 -13.00 -38.18
C GLU A 114 3.10 -11.98 -37.06
N ASP A 115 3.44 -10.73 -37.40
CA ASP A 115 3.47 -9.65 -36.42
C ASP A 115 2.07 -9.12 -36.13
N MET A 116 1.30 -9.90 -35.37
CA MET A 116 -0.06 -9.53 -35.01
C MET A 116 -0.11 -8.78 -33.67
N PRO A 117 -0.39 -7.47 -33.71
CA PRO A 117 -0.46 -6.63 -32.53
C PRO A 117 -1.91 -6.28 -32.18
N VAL A 118 -2.06 -5.23 -31.37
CA VAL A 118 -3.38 -4.75 -30.98
C VAL A 118 -3.70 -3.51 -31.80
N ASP A 119 -4.97 -3.32 -32.14
CA ASP A 119 -5.38 -2.17 -32.93
C ASP A 119 -5.03 -0.87 -32.23
N PRO A 120 -4.51 0.11 -32.99
CA PRO A 120 -4.12 1.42 -32.44
C PRO A 120 -5.33 2.21 -31.96
N ASP A 121 -6.52 1.81 -32.42
CA ASP A 121 -7.80 2.45 -32.06
C ASP A 121 -7.72 3.97 -32.06
N ASN A 122 -7.99 4.56 -33.20
CA ASN A 122 -7.91 6.01 -33.35
C ASN A 122 -9.28 6.62 -33.55
N GLU A 123 -9.91 7.01 -32.44
CA GLU A 123 -11.20 7.65 -32.49
C GLU A 123 -11.11 8.93 -33.31
N ALA A 124 -12.10 9.16 -34.16
CA ALA A 124 -12.10 10.34 -35.00
C ALA A 124 -13.45 11.05 -35.00
N TYR A 125 -13.76 11.71 -33.89
CA TYR A 125 -15.01 12.47 -33.74
C TYR A 125 -16.22 11.55 -33.60
N GLU A 126 -16.07 10.47 -32.85
CA GLU A 126 -17.16 9.52 -32.64
C GLU A 126 -17.89 9.84 -31.36
N MET A 127 -17.13 10.06 -30.29
CA MET A 127 -17.66 10.39 -28.97
C MET A 127 -18.51 9.27 -28.38
N PRO A 128 -17.87 8.25 -27.78
CA PRO A 128 -18.56 7.12 -27.19
C PRO A 128 -19.29 7.52 -25.91
N SER A 129 -20.36 6.82 -25.58
CA SER A 129 -21.14 7.10 -24.37
C SER A 129 -20.53 6.35 -23.19
N GLU A 130 -19.21 6.19 -23.25
CA GLU A 130 -18.46 5.49 -22.22
C GLU A 130 -17.14 6.22 -22.00
N GLU A 131 -17.17 7.20 -21.10
CA GLU A 131 -15.98 7.99 -20.81
C GLU A 131 -15.42 7.64 -19.43
N GLY A 132 -14.28 8.22 -19.11
CA GLY A 132 -13.64 7.96 -17.83
C GLY A 132 -12.66 6.82 -17.91
N TYR A 133 -11.95 6.57 -16.83
CA TYR A 133 -10.97 5.50 -16.78
C TYR A 133 -10.97 4.86 -15.40
N GLN A 134 -10.54 3.61 -15.33
CA GLN A 134 -10.50 2.88 -14.07
C GLN A 134 -9.15 2.21 -13.87
N ASP A 135 -8.71 2.14 -12.63
CA ASP A 135 -7.46 1.49 -12.29
C ASP A 135 -7.73 0.04 -11.90
N TYR A 136 -6.71 -0.64 -11.40
CA TYR A 136 -6.86 -2.04 -11.02
C TYR A 136 -6.20 -2.33 -9.68
N GLU A 137 -7.03 -2.48 -8.65
CA GLU A 137 -6.54 -2.79 -7.31
C GLU A 137 -6.66 -4.29 -7.05
N PRO A 138 -5.54 -5.02 -7.13
CA PRO A 138 -5.51 -6.47 -6.91
C PRO A 138 -4.96 -6.82 -5.52
N GLU A 139 -4.84 -8.12 -5.23
CA GLU A 139 -4.29 -8.56 -3.97
C GLU A 139 -2.76 -8.40 -3.99
N ALA A 140 -2.28 -7.31 -3.38
CA ALA A 140 -0.83 -7.01 -3.33
C ALA A 140 -0.22 -6.94 -4.73
N HIS B 1 -1.38 -13.04 13.10
CA HIS B 1 -2.64 -12.39 13.42
C HIS B 1 -2.41 -11.07 14.17
N VAL B 2 -3.48 -10.34 14.41
CA VAL B 2 -3.39 -9.06 15.10
C VAL B 2 -3.80 -9.20 16.56
N ASN B 3 -2.82 -9.22 17.44
CA ASN B 3 -3.04 -9.36 18.87
C ASN B 3 -3.68 -8.12 19.46
N GLU B 4 -3.36 -6.97 18.87
CA GLU B 4 -3.88 -5.68 19.33
C GLU B 4 -5.40 -5.65 19.21
N LEU B 5 -5.91 -6.34 18.20
CA LEU B 5 -7.33 -6.41 17.95
C LEU B 5 -8.01 -7.33 18.97
N SER B 6 -7.34 -8.43 19.29
CA SER B 6 -7.85 -9.40 20.24
C SER B 6 -7.67 -8.93 21.69
N ARG B 7 -6.95 -7.82 21.86
CA ARG B 7 -6.70 -7.27 23.18
C ARG B 7 -7.50 -5.99 23.39
N ILE B 8 -7.91 -5.37 22.27
CA ILE B 8 -8.68 -4.13 22.29
C ILE B 8 -7.94 -3.00 23.01
N LYS B 9 -6.95 -2.41 22.35
CA LYS B 9 -6.18 -1.32 22.94
C LYS B 9 -7.07 -0.12 23.24
N LEU B 10 -7.97 0.18 22.30
CA LEU B 10 -8.93 1.28 22.44
C LEU B 10 -8.24 2.63 22.65
N ARG B 11 -7.28 2.94 21.79
CA ARG B 11 -6.56 4.20 21.87
C ARG B 11 -7.09 5.17 20.82
N VAL B 12 -7.51 6.34 21.26
CA VAL B 12 -8.03 7.36 20.35
C VAL B 12 -6.97 8.41 20.08
N CYS B 13 -6.70 8.67 18.81
CA CYS B 13 -5.71 9.66 18.44
C CYS B 13 -6.40 10.98 18.09
N GLN B 14 -6.44 11.89 19.06
CA GLN B 14 -7.05 13.19 18.86
C GLN B 14 -6.01 14.30 19.02
N PRO B 15 -5.57 14.90 17.91
CA PRO B 15 -4.59 15.99 17.95
C PRO B 15 -5.22 17.27 18.48
N SER B 16 -4.43 18.08 19.17
CA SER B 16 -4.91 19.33 19.74
C SER B 16 -5.05 20.39 18.65
N ARG B 17 -4.55 20.08 17.47
CA ARG B 17 -4.63 21.00 16.33
C ARG B 17 -4.73 20.21 15.02
N SER B 18 -5.94 20.10 14.49
CA SER B 18 -6.15 19.40 13.24
C SER B 18 -6.39 20.41 12.12
N GLU B 19 -5.62 20.29 11.07
CA GLU B 19 -5.72 21.20 9.93
C GLU B 19 -5.68 20.39 8.64
N ILE B 20 -4.52 20.37 8.01
CA ILE B 20 -4.36 19.64 6.77
C ILE B 20 -3.82 18.24 7.07
N HIS B 21 -4.72 17.30 7.27
CA HIS B 21 -4.34 15.92 7.55
C HIS B 21 -5.13 14.97 6.65
N PHE B 22 -5.51 13.80 7.16
CA PHE B 22 -6.25 12.83 6.36
C PHE B 22 -6.67 11.63 7.19
N LYS B 23 -7.29 10.65 6.53
CA LYS B 23 -7.74 9.41 7.17
C LYS B 23 -7.73 8.32 6.10
N VAL B 24 -7.98 7.07 6.51
CA VAL B 24 -7.99 5.96 5.57
C VAL B 24 -9.10 6.12 4.54
N LYS B 25 -8.82 5.72 3.31
CA LYS B 25 -9.79 5.81 2.21
C LYS B 25 -10.92 4.79 2.37
N MET B 26 -10.89 4.05 3.47
CA MET B 26 -11.91 3.06 3.76
C MET B 26 -12.57 3.42 5.08
N THR B 27 -13.86 3.70 5.04
CA THR B 27 -14.62 4.09 6.22
C THR B 27 -14.67 2.97 7.26
N THR B 28 -14.43 1.74 6.83
CA THR B 28 -14.47 0.60 7.74
C THR B 28 -13.14 0.41 8.48
N HIS B 29 -12.16 1.24 8.15
CA HIS B 29 -10.85 1.16 8.80
C HIS B 29 -10.80 2.03 10.05
N LEU B 30 -11.45 1.56 11.10
CA LEU B 30 -11.50 2.31 12.35
C LEU B 30 -10.58 1.69 13.39
N LYS B 31 -10.39 0.39 13.30
CA LYS B 31 -9.54 -0.33 14.23
C LYS B 31 -8.07 -0.19 13.86
N LYS B 32 -7.80 0.30 12.65
CA LYS B 32 -6.42 0.49 12.20
C LYS B 32 -5.79 1.64 12.99
N LEU B 33 -6.64 2.46 13.60
CA LEU B 33 -6.18 3.59 14.40
C LEU B 33 -5.69 3.09 15.76
N LYS B 34 -5.91 1.80 16.01
CA LYS B 34 -5.49 1.16 17.24
C LYS B 34 -4.63 -0.07 16.91
N GLU B 35 -4.20 -0.13 15.66
CA GLU B 35 -3.34 -1.21 15.17
C GLU B 35 -2.00 -0.63 14.74
N SER B 36 -2.06 0.41 13.91
CA SER B 36 -0.87 1.08 13.43
C SER B 36 -0.56 2.26 14.35
N TYR B 37 0.71 2.44 14.67
CA TYR B 37 1.13 3.53 15.56
C TYR B 37 0.80 4.90 14.98
N CYS B 38 0.12 5.72 15.77
CA CYS B 38 -0.28 7.05 15.36
C CYS B 38 0.87 8.05 15.58
N GLN B 39 1.06 8.94 14.61
CA GLN B 39 2.13 9.94 14.69
C GLN B 39 1.69 11.11 15.58
N ARG B 40 2.59 11.53 16.47
CA ARG B 40 2.30 12.62 17.38
C ARG B 40 3.00 13.89 16.93
N GLN B 41 2.24 14.81 16.33
CA GLN B 41 2.80 16.07 15.86
C GLN B 41 3.02 17.02 17.03
N MET A 1 -20.14 -9.16 10.36
CA MET A 1 -18.75 -9.45 10.02
C MET A 1 -18.63 -9.91 8.57
N ASP A 2 -18.91 -8.99 7.66
CA ASP A 2 -18.83 -9.27 6.23
C ASP A 2 -17.38 -9.34 5.76
N VAL A 3 -16.94 -10.55 5.44
CA VAL A 3 -15.58 -10.80 4.94
C VAL A 3 -14.51 -10.21 5.86
N PHE A 4 -14.27 -10.86 6.98
CA PHE A 4 -13.27 -10.39 7.93
C PHE A 4 -12.23 -11.48 8.22
N MET A 5 -11.04 -11.28 7.71
CA MET A 5 -9.95 -12.23 7.90
C MET A 5 -8.63 -11.48 7.96
N LYS A 6 -7.66 -12.02 8.69
CA LYS A 6 -6.36 -11.39 8.80
C LYS A 6 -5.24 -12.41 8.60
N GLY A 7 -4.31 -12.10 7.71
CA GLY A 7 -3.21 -13.01 7.43
C GLY A 7 -2.09 -12.88 8.44
N LEU A 8 -2.43 -12.50 9.67
CA LEU A 8 -1.45 -12.38 10.73
C LEU A 8 -1.54 -13.54 11.70
N SER A 9 -2.48 -14.44 11.43
CA SER A 9 -2.68 -15.60 12.27
C SER A 9 -1.69 -16.70 11.87
N LYS A 10 -1.58 -16.94 10.57
CA LYS A 10 -0.67 -17.95 10.05
C LYS A 10 -0.60 -17.88 8.53
N ALA A 11 0.26 -16.99 8.02
CA ALA A 11 0.43 -16.83 6.60
C ALA A 11 1.88 -17.01 6.22
N LYS A 12 2.14 -17.99 5.35
CA LYS A 12 3.49 -18.29 4.88
C LYS A 12 4.34 -18.89 6.01
N GLU A 13 5.65 -18.89 5.80
CA GLU A 13 6.58 -19.41 6.78
C GLU A 13 7.82 -18.54 6.83
N GLY A 14 8.77 -18.89 7.68
CA GLY A 14 9.98 -18.10 7.80
C GLY A 14 10.54 -18.14 9.21
N VAL A 15 11.67 -17.49 9.41
CA VAL A 15 12.30 -17.45 10.72
C VAL A 15 12.39 -16.02 11.22
N VAL A 16 11.65 -15.72 12.29
CA VAL A 16 11.66 -14.39 12.87
C VAL A 16 12.06 -14.47 14.35
N ALA A 17 12.62 -13.38 14.87
CA ALA A 17 13.04 -13.34 16.26
C ALA A 17 11.91 -12.88 17.16
N ALA A 18 11.73 -13.58 18.28
CA ALA A 18 10.68 -13.25 19.23
C ALA A 18 10.97 -11.94 19.95
N ALA A 19 12.24 -11.56 19.97
CA ALA A 19 12.65 -10.32 20.62
C ALA A 19 12.77 -9.18 19.61
N GLU A 20 12.53 -9.50 18.35
CA GLU A 20 12.61 -8.52 17.29
C GLU A 20 11.26 -8.37 16.62
N LYS A 21 10.42 -7.51 17.17
CA LYS A 21 9.11 -7.28 16.61
C LYS A 21 8.69 -5.82 16.75
N THR A 22 8.66 -5.13 15.62
CA THR A 22 8.26 -3.74 15.60
C THR A 22 6.75 -3.64 15.54
N LYS A 23 6.22 -2.48 15.93
CA LYS A 23 4.78 -2.28 15.92
C LYS A 23 4.44 -0.87 15.43
N GLN A 24 5.38 -0.25 14.74
CA GLN A 24 5.17 1.10 14.24
C GLN A 24 5.80 1.25 12.86
N GLY A 25 5.38 2.30 12.15
CA GLY A 25 5.91 2.53 10.83
C GLY A 25 5.16 1.78 9.76
N VAL A 26 3.96 1.31 10.11
CA VAL A 26 3.12 0.58 9.18
C VAL A 26 2.72 1.49 8.02
N ALA A 27 3.00 1.05 6.80
CA ALA A 27 2.69 1.83 5.62
C ALA A 27 1.29 1.53 5.11
N GLU A 28 0.32 2.33 5.57
CA GLU A 28 -1.06 2.15 5.16
C GLU A 28 -1.59 3.44 4.54
N ALA A 29 -2.57 3.30 3.65
CA ALA A 29 -3.18 4.45 3.01
C ALA A 29 -4.02 5.27 3.98
N ALA A 30 -3.42 6.31 4.52
CA ALA A 30 -4.09 7.20 5.45
C ALA A 30 -3.77 8.64 5.10
N GLY A 31 -3.18 8.83 3.92
CA GLY A 31 -2.81 10.16 3.47
C GLY A 31 -3.36 10.46 2.10
N LYS A 32 -3.36 11.74 1.74
CA LYS A 32 -3.86 12.18 0.44
C LYS A 32 -2.81 11.98 -0.65
N THR A 33 -2.84 10.81 -1.29
CA THR A 33 -1.90 10.45 -2.34
C THR A 33 -2.04 11.35 -3.57
N LYS A 34 -0.91 11.73 -4.15
CA LYS A 34 -0.88 12.57 -5.33
C LYS A 34 0.23 12.10 -6.25
N GLU A 35 0.20 12.54 -7.51
CA GLU A 35 1.24 12.16 -8.46
C GLU A 35 2.53 12.93 -8.14
N GLY A 36 2.43 14.25 -8.15
CA GLY A 36 3.57 15.08 -7.84
C GLY A 36 4.18 15.68 -9.08
N VAL A 37 5.51 15.73 -9.11
CA VAL A 37 6.24 16.28 -10.24
C VAL A 37 7.70 15.84 -10.18
N LEU A 38 8.33 15.71 -11.34
CA LEU A 38 9.72 15.30 -11.40
C LEU A 38 10.64 16.50 -11.37
N TYR A 39 11.46 16.59 -10.34
CA TYR A 39 12.39 17.69 -10.21
C TYR A 39 13.83 17.21 -10.26
N VAL A 40 14.59 17.75 -11.21
CA VAL A 40 15.99 17.38 -11.36
C VAL A 40 16.84 18.61 -11.03
N GLY A 41 18.08 18.37 -10.61
CA GLY A 41 18.96 19.47 -10.26
C GLY A 41 20.11 19.61 -11.23
N SER A 42 20.97 20.58 -10.98
CA SER A 42 22.14 20.82 -11.82
C SER A 42 23.16 19.70 -11.66
N LYS A 43 23.05 18.97 -10.57
CA LYS A 43 23.94 17.86 -10.29
C LYS A 43 23.21 16.56 -10.59
N THR A 44 23.84 15.72 -11.40
CA THR A 44 23.26 14.44 -11.80
C THR A 44 22.87 13.59 -10.60
N LYS A 45 23.86 13.26 -9.76
CA LYS A 45 23.64 12.43 -8.57
C LYS A 45 23.37 10.98 -8.98
N GLU A 46 23.98 10.03 -8.29
CA GLU A 46 23.77 8.62 -8.62
C GLU A 46 22.31 8.26 -8.40
N GLY A 47 21.75 8.77 -7.31
CA GLY A 47 20.36 8.49 -6.98
C GLY A 47 20.22 7.22 -6.18
N VAL A 48 21.35 6.62 -5.83
CA VAL A 48 21.37 5.37 -5.05
C VAL A 48 21.05 4.17 -5.95
N VAL A 49 21.78 3.07 -5.76
CA VAL A 49 21.59 1.86 -6.54
C VAL A 49 20.15 1.38 -6.44
N HIS A 50 19.45 1.42 -7.57
CA HIS A 50 18.06 1.00 -7.63
C HIS A 50 17.93 -0.51 -7.45
N GLY A 51 16.91 -0.92 -6.70
CA GLY A 51 16.71 -2.33 -6.45
C GLY A 51 15.39 -2.82 -7.00
N VAL A 52 14.97 -4.00 -6.57
CA VAL A 52 13.72 -4.59 -7.02
C VAL A 52 12.64 -4.45 -5.96
N ALA A 53 11.40 -4.71 -6.35
CA ALA A 53 10.27 -4.61 -5.42
C ALA A 53 10.13 -5.90 -4.62
N THR A 54 10.58 -7.01 -5.19
CA THR A 54 10.50 -8.30 -4.54
C THR A 54 11.58 -8.46 -3.47
N VAL A 55 11.39 -7.78 -2.35
CA VAL A 55 12.34 -7.84 -1.25
C VAL A 55 11.95 -8.95 -0.29
N ALA A 56 12.89 -9.84 0.00
CA ALA A 56 12.63 -10.97 0.90
C ALA A 56 12.32 -10.50 2.32
N GLU A 57 13.36 -10.11 3.05
CA GLU A 57 13.18 -9.64 4.42
C GLU A 57 13.17 -8.13 4.46
N LYS A 58 11.98 -7.56 4.44
CA LYS A 58 11.83 -6.12 4.47
C LYS A 58 11.29 -5.67 5.82
N THR A 59 12.19 -5.29 6.71
CA THR A 59 11.82 -4.85 8.04
C THR A 59 11.84 -3.32 8.13
N LYS A 60 11.49 -2.80 9.30
CA LYS A 60 11.48 -1.36 9.54
C LYS A 60 11.35 -1.08 11.03
N GLU A 61 12.50 -0.99 11.72
CA GLU A 61 12.51 -0.74 13.15
C GLU A 61 12.14 0.70 13.47
N GLN A 62 12.85 1.63 12.83
CA GLN A 62 12.65 3.07 13.04
C GLN A 62 12.99 3.46 14.47
N VAL A 63 14.27 3.72 14.72
CA VAL A 63 14.73 4.09 16.05
C VAL A 63 14.04 5.36 16.58
N THR A 64 13.04 5.17 17.42
CA THR A 64 12.30 6.29 18.00
C THR A 64 12.80 6.61 19.41
N ASN A 65 13.97 6.07 19.75
CA ASN A 65 14.55 6.31 21.07
C ASN A 65 15.61 7.41 21.04
N VAL A 66 16.13 7.68 19.85
CA VAL A 66 17.14 8.72 19.68
C VAL A 66 16.72 9.71 18.61
N GLY A 67 16.03 10.77 19.02
CA GLY A 67 15.59 11.77 18.08
C GLY A 67 14.09 11.73 17.88
N GLY A 68 13.59 12.52 16.94
CA GLY A 68 12.17 12.55 16.67
C GLY A 68 11.83 13.58 15.63
N ALA A 69 10.71 13.38 14.95
CA ALA A 69 10.26 14.30 13.92
C ALA A 69 8.74 14.22 13.79
N VAL A 70 8.12 15.37 13.55
CA VAL A 70 6.68 15.44 13.40
C VAL A 70 6.30 16.55 12.43
N VAL A 71 5.40 16.25 11.50
CA VAL A 71 4.95 17.23 10.52
C VAL A 71 3.44 17.20 10.38
N THR A 72 2.83 18.35 10.15
CA THR A 72 1.40 18.44 9.97
C THR A 72 1.06 18.49 8.48
N GLY A 73 1.87 17.80 7.69
CA GLY A 73 1.66 17.78 6.26
C GLY A 73 1.73 16.37 5.71
N VAL A 74 1.67 16.25 4.38
CA VAL A 74 1.71 14.96 3.72
C VAL A 74 3.11 14.36 3.72
N THR A 75 4.11 15.18 4.03
CA THR A 75 5.49 14.74 4.05
C THR A 75 5.84 14.04 5.37
N ALA A 76 4.83 13.80 6.20
CA ALA A 76 5.03 13.16 7.48
C ALA A 76 4.77 11.66 7.40
N VAL A 77 4.18 11.23 6.29
CA VAL A 77 3.87 9.82 6.08
C VAL A 77 4.32 9.41 4.68
N ALA A 78 5.11 8.34 4.60
CA ALA A 78 5.60 7.87 3.32
C ALA A 78 5.51 6.36 3.21
N GLN A 79 4.69 5.89 2.28
CA GLN A 79 4.51 4.46 2.07
C GLN A 79 5.59 3.93 1.14
N LYS A 80 6.21 2.82 1.53
CA LYS A 80 7.26 2.22 0.74
C LYS A 80 6.82 0.88 0.20
N THR A 81 7.25 0.56 -1.01
CA THR A 81 6.91 -0.71 -1.68
C THR A 81 5.41 -0.89 -1.84
N VAL A 82 4.82 -0.01 -2.66
CA VAL A 82 3.39 -0.06 -2.93
C VAL A 82 3.18 -0.16 -4.44
N GLU A 83 4.25 -0.51 -5.14
CA GLU A 83 4.23 -0.68 -6.58
C GLU A 83 4.54 -2.14 -6.90
N GLY A 84 4.65 -2.94 -5.83
CA GLY A 84 4.95 -4.34 -5.98
C GLY A 84 4.68 -5.10 -4.70
N ALA A 85 4.84 -6.42 -4.76
CA ALA A 85 4.61 -7.28 -3.61
C ALA A 85 5.65 -7.05 -2.52
N GLY A 86 5.26 -6.32 -1.48
CA GLY A 86 6.16 -6.05 -0.38
C GLY A 86 5.64 -6.65 0.91
N SER A 87 6.56 -6.95 1.82
CA SER A 87 6.21 -7.53 3.11
C SER A 87 5.38 -6.56 3.96
N ILE A 88 5.70 -5.28 3.86
CA ILE A 88 5.00 -4.26 4.62
C ILE A 88 3.59 -3.98 4.06
N ALA A 89 3.34 -4.50 2.87
CA ALA A 89 2.04 -4.33 2.23
C ALA A 89 1.12 -5.49 2.59
N ALA A 90 1.58 -6.33 3.52
CA ALA A 90 0.80 -7.47 3.98
C ALA A 90 0.52 -7.35 5.46
N ALA A 91 0.85 -6.19 6.01
CA ALA A 91 0.64 -5.93 7.43
C ALA A 91 -0.23 -4.69 7.62
N THR A 92 -1.41 -4.89 8.19
CA THR A 92 -2.34 -3.81 8.43
C THR A 92 -3.29 -4.18 9.56
N GLY A 93 -4.11 -3.23 9.99
CA GLY A 93 -5.06 -3.48 11.05
C GLY A 93 -6.27 -4.19 10.49
N PHE A 94 -7.06 -3.49 9.71
CA PHE A 94 -8.23 -4.06 9.09
C PHE A 94 -7.88 -4.59 7.70
N VAL A 95 -8.46 -5.73 7.35
CA VAL A 95 -8.19 -6.38 6.06
C VAL A 95 -8.58 -5.50 4.87
N LYS A 96 -9.60 -4.67 5.04
CA LYS A 96 -10.08 -3.79 3.97
C LYS A 96 -9.15 -2.61 3.73
N LYS A 97 -7.91 -2.91 3.37
CA LYS A 97 -6.91 -1.89 3.09
C LYS A 97 -6.44 -2.09 1.66
N ASP A 98 -7.41 -2.38 0.80
CA ASP A 98 -7.20 -2.63 -0.62
C ASP A 98 -6.47 -1.47 -1.32
N GLN A 99 -6.65 -0.27 -0.77
CA GLN A 99 -6.04 0.93 -1.31
C GLN A 99 -4.54 1.00 -1.04
N LEU A 100 -3.81 -0.02 -1.49
CA LEU A 100 -2.36 -0.07 -1.31
C LEU A 100 -1.71 -0.86 -2.44
N GLY A 101 -1.57 -0.23 -3.60
CA GLY A 101 -0.97 -0.89 -4.73
C GLY A 101 -1.26 -0.17 -6.04
N LYS A 102 -0.64 -0.65 -7.11
CA LYS A 102 -0.83 -0.07 -8.45
C LYS A 102 -0.70 -1.14 -9.50
N ASN A 103 -1.65 -1.21 -10.42
CA ASN A 103 -1.63 -2.20 -11.49
C ASN A 103 -1.36 -1.54 -12.84
N GLU A 104 -0.22 -1.86 -13.43
CA GLU A 104 0.16 -1.31 -14.72
C GLU A 104 -0.16 -2.33 -15.82
N GLU A 105 -0.05 -1.91 -17.07
CA GLU A 105 -0.31 -2.81 -18.19
C GLU A 105 0.97 -3.47 -18.68
N GLY A 106 0.84 -4.37 -19.65
CA GLY A 106 2.00 -5.07 -20.17
C GLY A 106 2.16 -4.90 -21.66
N ALA A 107 3.40 -4.84 -22.11
CA ALA A 107 3.69 -4.69 -23.52
C ALA A 107 4.07 -6.02 -24.14
N PRO A 108 3.76 -6.21 -25.44
CA PRO A 108 4.09 -7.45 -26.17
C PRO A 108 5.58 -7.75 -26.11
N GLN A 109 5.94 -9.01 -26.30
CA GLN A 109 7.34 -9.43 -26.24
C GLN A 109 8.00 -9.44 -27.61
N GLU A 110 9.30 -9.15 -27.59
CA GLU A 110 10.12 -9.12 -28.80
C GLU A 110 10.25 -10.51 -29.42
N GLY A 111 10.55 -10.56 -30.71
CA GLY A 111 10.72 -11.81 -31.40
C GLY A 111 9.44 -12.31 -32.06
N ILE A 112 8.73 -11.42 -32.72
CA ILE A 112 7.49 -11.79 -33.38
C ILE A 112 7.46 -11.23 -34.81
N LEU A 113 6.82 -11.95 -35.72
CA LEU A 113 6.70 -11.49 -37.09
C LEU A 113 5.39 -10.73 -37.25
N GLU A 114 5.42 -9.60 -37.96
CA GLU A 114 4.25 -8.73 -38.17
C GLU A 114 4.05 -7.84 -36.95
N ASP A 115 4.27 -6.54 -37.15
CA ASP A 115 4.15 -5.56 -36.08
C ASP A 115 2.69 -5.22 -35.82
N MET A 116 2.04 -6.03 -34.99
CA MET A 116 0.63 -5.82 -34.66
C MET A 116 0.47 -5.14 -33.31
N PRO A 117 0.19 -3.83 -33.31
CA PRO A 117 0.01 -3.05 -32.10
C PRO A 117 -1.47 -2.84 -31.80
N VAL A 118 -1.75 -1.94 -30.85
CA VAL A 118 -3.11 -1.61 -30.48
C VAL A 118 -3.57 -0.38 -31.26
N ASP A 119 -4.85 -0.33 -31.60
CA ASP A 119 -5.40 0.79 -32.34
C ASP A 119 -5.21 2.10 -31.56
N PRO A 120 -4.86 3.18 -32.26
CA PRO A 120 -4.65 4.49 -31.64
C PRO A 120 -5.95 5.09 -31.09
N ASP A 121 -7.08 4.56 -31.58
CA ASP A 121 -8.42 5.00 -31.17
C ASP A 121 -8.55 6.53 -31.07
N ASN A 122 -8.77 7.15 -32.20
CA ASN A 122 -8.88 8.60 -32.26
C ASN A 122 -10.32 9.05 -32.39
N GLU A 123 -10.92 9.43 -31.27
CA GLU A 123 -12.29 9.91 -31.27
C GLU A 123 -12.36 11.23 -32.05
N ALA A 124 -13.39 11.38 -32.88
CA ALA A 124 -13.54 12.58 -33.67
C ALA A 124 -14.97 13.10 -33.62
N TYR A 125 -15.32 13.74 -32.51
CA TYR A 125 -16.66 14.31 -32.30
C TYR A 125 -17.73 13.23 -32.14
N GLU A 126 -17.35 12.12 -31.53
CA GLU A 126 -18.29 11.01 -31.32
C GLU A 126 -19.07 11.23 -30.02
N MET A 127 -18.35 11.54 -28.95
CA MET A 127 -18.94 11.79 -27.63
C MET A 127 -19.66 10.56 -27.09
N PRO A 128 -18.91 9.57 -26.60
CA PRO A 128 -19.49 8.34 -26.06
C PRO A 128 -20.25 8.61 -24.77
N SER A 129 -21.24 7.77 -24.49
CA SER A 129 -22.04 7.91 -23.28
C SER A 129 -21.33 7.27 -22.08
N GLU A 130 -20.03 7.05 -22.25
CA GLU A 130 -19.20 6.45 -21.22
C GLU A 130 -18.00 7.36 -20.99
N GLU A 131 -18.07 8.17 -19.94
CA GLU A 131 -16.99 9.09 -19.61
C GLU A 131 -16.37 8.76 -18.26
N GLY A 132 -15.28 9.44 -17.95
CA GLY A 132 -14.60 9.22 -16.70
C GLY A 132 -13.52 8.15 -16.82
N TYR A 133 -12.74 7.98 -15.76
CA TYR A 133 -11.68 7.00 -15.75
C TYR A 133 -11.59 6.35 -14.39
N GLN A 134 -11.07 5.12 -14.36
CA GLN A 134 -10.95 4.38 -13.11
C GLN A 134 -9.53 3.86 -12.95
N ASP A 135 -9.07 3.80 -11.71
CA ASP A 135 -7.74 3.29 -11.40
C ASP A 135 -7.83 1.81 -11.07
N TYR A 136 -6.73 1.24 -10.60
CA TYR A 136 -6.71 -0.17 -10.27
C TYR A 136 -6.02 -0.44 -8.94
N GLU A 137 -6.79 -0.83 -7.95
CA GLU A 137 -6.25 -1.14 -6.63
C GLU A 137 -6.17 -2.66 -6.44
N PRO A 138 -5.00 -3.26 -6.66
CA PRO A 138 -4.79 -4.69 -6.52
C PRO A 138 -4.17 -5.04 -5.17
N GLU A 139 -3.97 -6.33 -4.93
CA GLU A 139 -3.35 -6.78 -3.68
C GLU A 139 -1.85 -6.50 -3.68
N ALA A 140 -1.47 -5.42 -3.01
CA ALA A 140 -0.06 -5.01 -2.91
C ALA A 140 0.58 -4.83 -4.29
N HIS B 1 -4.24 -12.16 13.26
CA HIS B 1 -5.42 -11.30 13.24
C HIS B 1 -5.07 -9.89 13.74
N VAL B 2 -6.07 -9.17 14.20
CA VAL B 2 -5.85 -7.83 14.73
C VAL B 2 -5.56 -7.90 16.22
N ASN B 3 -4.29 -7.75 16.57
CA ASN B 3 -3.86 -7.83 17.97
C ASN B 3 -4.58 -6.82 18.86
N GLU B 4 -4.68 -5.58 18.40
CA GLU B 4 -5.33 -4.53 19.18
C GLU B 4 -6.84 -4.73 19.27
N LEU B 5 -7.38 -5.60 18.43
CA LEU B 5 -8.80 -5.90 18.44
C LEU B 5 -9.08 -6.98 19.47
N SER B 6 -8.07 -7.78 19.76
CA SER B 6 -8.19 -8.85 20.72
C SER B 6 -7.94 -8.35 22.15
N ARG B 7 -7.50 -7.10 22.27
CA ARG B 7 -7.24 -6.53 23.58
C ARG B 7 -8.02 -5.23 23.80
N ILE B 8 -8.31 -4.53 22.70
CA ILE B 8 -9.07 -3.28 22.74
C ILE B 8 -8.36 -2.21 23.56
N LYS B 9 -7.43 -1.49 22.93
CA LYS B 9 -6.69 -0.43 23.60
C LYS B 9 -7.60 0.76 23.89
N LEU B 10 -8.59 0.94 23.02
CA LEU B 10 -9.55 2.04 23.14
C LEU B 10 -8.87 3.40 23.25
N ARG B 11 -7.99 3.68 22.32
CA ARG B 11 -7.27 4.95 22.31
C ARG B 11 -7.96 5.97 21.43
N VAL B 12 -8.24 7.14 22.00
CA VAL B 12 -8.88 8.22 21.27
C VAL B 12 -7.82 9.20 20.79
N CYS B 13 -7.75 9.41 19.47
CA CYS B 13 -6.78 10.32 18.90
C CYS B 13 -7.42 11.67 18.63
N GLN B 14 -7.22 12.62 19.55
CA GLN B 14 -7.76 13.95 19.40
C GLN B 14 -6.66 14.99 19.54
N PRO B 15 -6.33 15.67 18.44
CA PRO B 15 -5.29 16.71 18.44
C PRO B 15 -5.83 18.02 19.02
N SER B 16 -4.94 18.84 19.55
CA SER B 16 -5.31 20.11 20.13
C SER B 16 -5.64 21.12 19.04
N ARG B 17 -5.14 20.85 17.83
CA ARG B 17 -5.36 21.72 16.70
C ARG B 17 -5.51 20.91 15.42
N SER B 18 -6.71 20.89 14.85
CA SER B 18 -6.97 20.17 13.62
C SER B 18 -7.29 21.13 12.51
N GLU B 19 -6.48 21.12 11.47
CA GLU B 19 -6.68 22.00 10.34
C GLU B 19 -6.38 21.26 9.04
N ILE B 20 -5.17 21.42 8.53
CA ILE B 20 -4.76 20.77 7.28
C ILE B 20 -4.38 19.31 7.53
N HIS B 21 -5.28 18.55 8.12
CA HIS B 21 -5.04 17.15 8.41
C HIS B 21 -5.81 16.26 7.44
N PHE B 22 -5.92 14.98 7.76
CA PHE B 22 -6.62 14.03 6.91
C PHE B 22 -7.17 12.87 7.74
N LYS B 23 -7.64 11.83 7.07
CA LYS B 23 -8.18 10.64 7.71
C LYS B 23 -8.21 9.52 6.68
N VAL B 24 -8.48 8.30 7.13
CA VAL B 24 -8.53 7.15 6.23
C VAL B 24 -9.75 7.24 5.30
N LYS B 25 -9.59 6.77 4.07
CA LYS B 25 -10.67 6.79 3.08
C LYS B 25 -11.67 5.65 3.33
N MET B 26 -11.73 5.18 4.57
CA MET B 26 -12.63 4.11 4.95
C MET B 26 -13.23 4.40 6.31
N THR B 27 -14.55 4.55 6.36
CA THR B 27 -15.25 4.85 7.60
C THR B 27 -15.10 3.71 8.61
N THR B 28 -14.97 2.48 8.11
CA THR B 28 -14.82 1.33 8.98
C THR B 28 -13.41 1.22 9.54
N HIS B 29 -12.53 2.13 9.13
CA HIS B 29 -11.15 2.13 9.60
C HIS B 29 -10.95 3.12 10.74
N LEU B 30 -12.05 3.45 11.42
CA LEU B 30 -12.01 4.38 12.53
C LEU B 30 -11.22 3.80 13.70
N LYS B 31 -11.25 2.47 13.82
CA LYS B 31 -10.54 1.80 14.90
C LYS B 31 -9.06 1.68 14.56
N LYS B 32 -8.76 1.73 13.26
CA LYS B 32 -7.39 1.63 12.77
C LYS B 32 -6.58 2.82 13.25
N LEU B 33 -7.27 3.92 13.52
CA LEU B 33 -6.64 5.14 13.99
C LEU B 33 -6.02 4.95 15.38
N LYS B 34 -6.51 3.95 16.12
CA LYS B 34 -6.00 3.68 17.46
C LYS B 34 -4.92 2.58 17.41
N GLU B 35 -4.72 2.04 16.21
CA GLU B 35 -3.72 1.00 16.01
C GLU B 35 -2.48 1.65 15.38
N SER B 36 -2.62 2.93 15.06
CA SER B 36 -1.54 3.70 14.46
C SER B 36 -1.07 4.75 15.46
N TYR B 37 0.19 5.15 15.35
CA TYR B 37 0.75 6.14 16.27
C TYR B 37 0.48 7.55 15.79
N CYS B 38 -0.21 8.32 16.63
CA CYS B 38 -0.55 9.69 16.33
C CYS B 38 0.64 10.61 16.52
N GLN B 39 0.84 11.52 15.57
CA GLN B 39 1.94 12.47 15.63
C GLN B 39 1.60 13.65 16.54
N ARG B 40 2.56 14.10 17.32
CA ARG B 40 2.35 15.21 18.24
C ARG B 40 3.24 16.38 17.86
N GLN B 41 2.66 17.41 17.27
CA GLN B 41 3.40 18.60 16.87
C GLN B 41 3.81 19.42 18.09
#